data_7SAC
#
_entry.id   7SAC
#
_cell.length_a   1.00
_cell.length_b   1.00
_cell.length_c   1.00
_cell.angle_alpha   90.00
_cell.angle_beta   90.00
_cell.angle_gamma   90.00
#
_symmetry.space_group_name_H-M   'P 1'
#
loop_
_entity.id
_entity.type
_entity.pdbx_description
1 polymer 'Glutamate receptor ionotropic, NMDA 1'
2 polymer 'Glutamate receptor ionotropic, NMDA 2B'
3 branched 2-acetamido-2-deoxy-beta-D-glucopyranose-(1-4)-2-acetamido-2-deoxy-beta-D-glucopyranose
4 non-polymer 2-acetamido-2-deoxy-beta-D-glucopyranose
5 non-polymer GLYCINE
6 non-polymer 'GLUTAMIC ACID'
7 non-polymer (2~{S})-2-(2-chlorophenyl)-2-(methylamino)cyclohexan-1-one
#
loop_
_entity_poly.entity_id
_entity_poly.type
_entity_poly.pdbx_seq_one_letter_code
_entity_poly.pdbx_strand_id
1 'polypeptide(L)'
;MSTMHLLTFALLFSCSFARAASDPKIVNIGAVLSTRKHEQMFREAVNQANKRHGSWKIQLQATSVTHKPNAIQMALSVCE
DLISSQVYAILVSHPPTPNDHFTPTPVSYTAGFYRIPVLGLTTRMSIYSDKSIHLSFLRTVPPYSHQSSVWFEMMRVYNW
NHIILLVSDDHEGRAAQKRLETLLEERESKAEKVLQFDPGTKNVTALLMEARELEARVIILSASEDDAATVYRAAAMLDM
TGSGYVWLVGEREISGNALRYAPDGIIGLQLINGKNESAHISDAVGVVAQAVHELLEKENITDPPRGCVGNTNIWKTGPL
FKRVLMSSKYADGVTGRVEFNEDGDRKFAQYSIMNLQNRKLVQVGIYNGTHVIPNDRKIIWPGGETEKPRGYQMSTRLKI
VTIHQEPFVYVKPTMSDGTCKEEFTVNGDPVKKVICTGPNDTSPGSPRHTVPQCCYGFCIDLLIKLARTMQFTYEVHLVA
DGKFGTQERVQNSNKKEWNGMMGELLSGQADMIVAPLTINNERAQYIEFSKPFKYQGLTILVKKEIPRSTLDSFMQPFQS
TLWLLVGLSVHVVAVMLYLLDRFSPFGRFKVNSEEEEEDALTLSSAMWFSWGVLLNSGIGEGAPRSFSARILGMVWAGFA
MIIVASYTANLAAFLVLDRPEERITGINDPRLRNPSDKFIYATVKQSSVDIYFRRQVELSTMYRHMEKHNYESAAEAIQA
VRDNKLHAFIWDSAVLEFEASQKCDLVTTGELFFRSGFGIGMRKDSPWKQQVSLSILKSHENGFMEDLDKTWVRYQECDS
RSNAPATLTFENMAGVFMLVAGGIVAGIFLIFIEIAYKRHKDANGAQ
;
A,C
2 'polypeptide(L)'
;MGTMRLFLLAVLFLFSFARATGWSHPQFEKGGGSGGGSGGSAWSHPQFEKGALVPRGRSQKSPPSIGIAVILVGTSDEVA
IKDAHEKDDFHHLSVVPRVELVAMNETDPKSIITRICDLMSDRKIQGVVFADDTDQEAIAQILDFISAQTLTPILGIHGG
SSMIMADKDESSMFFQFGPSIEQQASVMLNIMEEYDWYIFSIVTTYFPGYQDFVNKIRSTIENSFVGWELEEVLLLDMSL
DDGDSKIQNQLKKLQSPIILLYCTKEEATYIFEVANSVGLTGYGYTWIVPSLVAGDTDTVPSEFPTGLISVSYDEWDYGL
PARVRDGIAIITTAASDMLSEHSFIPEPKSSCYNTHEKRIYQSNMLNRYLINVTFEGRNLSFSEDGYQMHPKLVIILLNK
ERKWERVGKWKDKSLQMKYYVWPRMCPETEEQEDDHLSIVTLEEAPFVIVESVDPLSGTCMRNTVPCQKRIISENKTDEE
PGYIKKCCKGFCIDILKKISKSVKFTYDLYLVTNGKHGKKINGTWNGMIGEVVMKRAYMAVGSLTINEERSEVVDFSVPF
IETGISVMVSRSNGTVSPSAFLEPFSADVWVMMFVMLLIVSAVAVFVFEYFSPVGYNRCLADGREPGGPSFTIGKAIWLL
WGLVFNNSVPVQNPKGTTSKIMVSVWAFFAVIFLASYTANLAAFMIQEEYVDQVSGLSDKKFQRPNDFSPPFRFGTVPNG
STERNIRNNYAEMHAYMGKFNQRGVDDALLSLKTGKLDAFIYDAAVLNYMAGRDEGCKLVTIGSGKVFASTGYGIAIQKD
SGWKRQVDLAILQLFGDGEMEELEALWLTGICHNEKNEVMSSQLDIDNMAGVFYMLGAAMALSLITFICEHLFYWQFRHS
FMG
;
B,D
#
loop_
_chem_comp.id
_chem_comp.type
_chem_comp.name
_chem_comp.formula
JC9 non-polymer (2~{S})-2-(2-chlorophenyl)-2-(methylamino)cyclohexan-1-one 'C13 H16 Cl N O'
NAG D-saccharide, beta linking 2-acetamido-2-deoxy-beta-D-glucopyranose 'C8 H15 N O6'
#
# COMPACT_ATOMS: atom_id res chain seq x y z
N LYS A 25 39.41 -59.90 8.93
CA LYS A 25 39.48 -59.41 7.57
C LYS A 25 40.86 -58.82 7.27
N ILE A 26 41.16 -58.65 5.99
CA ILE A 26 42.43 -58.08 5.53
C ILE A 26 42.12 -56.90 4.62
N VAL A 27 42.73 -55.76 4.92
CA VAL A 27 42.55 -54.54 4.14
C VAL A 27 43.93 -54.01 3.74
N ASN A 28 44.10 -53.74 2.46
CA ASN A 28 45.38 -53.28 1.92
C ASN A 28 45.22 -51.91 1.28
N ILE A 29 46.29 -51.11 1.37
CA ILE A 29 46.33 -49.79 0.77
C ILE A 29 47.39 -49.79 -0.34
N GLY A 30 47.46 -48.67 -1.06
CA GLY A 30 48.40 -48.53 -2.15
C GLY A 30 49.06 -47.17 -2.13
N ALA A 31 50.16 -47.07 -2.88
CA ALA A 31 50.90 -45.82 -2.99
C ALA A 31 51.85 -45.92 -4.17
N VAL A 32 52.31 -44.76 -4.61
CA VAL A 32 53.34 -44.66 -5.64
C VAL A 32 54.34 -43.60 -5.20
N LEU A 33 55.63 -43.94 -5.28
CA LEU A 33 56.71 -43.05 -4.86
C LEU A 33 57.68 -42.86 -6.02
N SER A 34 58.69 -42.04 -5.78
CA SER A 34 59.64 -41.65 -6.82
C SER A 34 61.06 -42.08 -6.46
N THR A 35 61.19 -43.05 -5.56
CA THR A 35 62.50 -43.52 -5.14
C THR A 35 62.37 -44.90 -4.52
N ARG A 36 63.27 -45.81 -4.92
CA ARG A 36 63.28 -47.15 -4.31
C ARG A 36 63.60 -47.07 -2.82
N LYS A 37 64.50 -46.17 -2.43
CA LYS A 37 64.74 -45.94 -1.01
C LYS A 37 63.50 -45.41 -0.33
N HIS A 38 62.75 -44.53 -1.01
CA HIS A 38 61.47 -44.08 -0.48
C HIS A 38 60.47 -45.23 -0.37
N GLU A 39 60.51 -46.17 -1.33
CA GLU A 39 59.65 -47.35 -1.23
C GLU A 39 60.00 -48.19 -0.01
N GLN A 40 61.31 -48.37 0.25
CA GLN A 40 61.73 -49.10 1.43
C GLN A 40 61.32 -48.37 2.71
N MET A 41 61.40 -47.04 2.70
CA MET A 41 60.95 -46.26 3.85
C MET A 41 59.45 -46.42 4.08
N PHE A 42 58.66 -46.43 3.00
CA PHE A 42 57.23 -46.66 3.12
C PHE A 42 56.95 -48.06 3.66
N ARG A 43 57.71 -49.06 3.21
CA ARG A 43 57.55 -50.41 3.74
C ARG A 43 57.87 -50.46 5.23
N GLU A 44 58.94 -49.78 5.65
CA GLU A 44 59.26 -49.74 7.07
C GLU A 44 58.17 -49.03 7.86
N ALA A 45 57.61 -47.95 7.30
CA ALA A 45 56.55 -47.23 7.99
C ALA A 45 55.30 -48.09 8.15
N VAL A 46 54.92 -48.82 7.10
CA VAL A 46 53.73 -49.66 7.21
C VAL A 46 54.00 -50.84 8.15
N ASN A 47 55.23 -51.36 8.17
CA ASN A 47 55.56 -52.41 9.14
C ASN A 47 55.44 -51.89 10.56
N GLN A 48 55.90 -50.65 10.81
CA GLN A 48 55.76 -50.07 12.13
C GLN A 48 54.29 -49.84 12.48
N ALA A 49 53.49 -49.37 11.52
CA ALA A 49 52.08 -49.11 11.76
C ALA A 49 51.26 -50.38 11.88
N ASN A 50 51.81 -51.53 11.46
CA ASN A 50 51.09 -52.79 11.60
C ASN A 50 50.76 -53.08 13.07
N LYS A 51 51.59 -52.60 14.00
CA LYS A 51 51.30 -52.78 15.42
C LYS A 51 50.05 -52.02 15.86
N ARG A 52 49.62 -51.03 15.09
CA ARG A 52 48.44 -50.25 15.44
C ARG A 52 47.17 -50.90 14.89
N ILE A 58 42.71 -57.52 11.05
CA ILE A 58 42.86 -56.30 10.26
C ILE A 58 44.34 -55.98 10.08
N GLN A 59 44.95 -56.56 9.05
CA GLN A 59 46.35 -56.35 8.74
C GLN A 59 46.48 -55.61 7.42
N LEU A 60 47.43 -54.68 7.37
CA LEU A 60 47.65 -53.84 6.20
C LEU A 60 48.67 -54.50 5.27
N GLN A 61 48.98 -53.81 4.17
CA GLN A 61 49.93 -54.30 3.19
C GLN A 61 50.55 -53.10 2.48
N ALA A 62 51.65 -53.35 1.78
CA ALA A 62 52.40 -52.32 1.08
C ALA A 62 52.51 -52.65 -0.40
N THR A 63 52.09 -51.71 -1.24
CA THR A 63 52.25 -51.83 -2.69
C THR A 63 52.76 -50.51 -3.24
N SER A 64 53.81 -50.56 -4.03
CA SER A 64 54.40 -49.35 -4.58
C SER A 64 55.02 -49.64 -5.93
N VAL A 65 55.10 -48.61 -6.76
CA VAL A 65 55.68 -48.67 -8.10
C VAL A 65 56.45 -47.37 -8.34
N THR A 66 57.10 -47.29 -9.50
CA THR A 66 57.93 -46.14 -9.84
C THR A 66 57.19 -45.22 -10.80
N HIS A 67 57.89 -44.19 -11.29
CA HIS A 67 57.32 -43.21 -12.20
C HIS A 67 57.90 -43.36 -13.60
N LYS A 68 57.14 -42.93 -14.58
CA LYS A 68 57.51 -42.95 -15.99
C LYS A 68 57.42 -41.55 -16.57
N PRO A 69 58.19 -41.25 -17.62
CA PRO A 69 58.18 -39.91 -18.20
C PRO A 69 56.97 -39.58 -19.07
N ASN A 70 55.95 -40.44 -19.10
CA ASN A 70 54.75 -40.18 -19.88
C ASN A 70 53.52 -40.57 -19.07
N ALA A 71 52.42 -39.88 -19.33
CA ALA A 71 51.19 -40.04 -18.56
C ALA A 71 50.40 -41.30 -18.93
N ILE A 72 50.37 -41.67 -20.22
CA ILE A 72 49.57 -42.82 -20.63
C ILE A 72 50.10 -44.11 -20.01
N GLN A 73 51.43 -44.28 -20.00
CA GLN A 73 52.01 -45.44 -19.33
C GLN A 73 51.71 -45.41 -17.84
N MET A 74 51.71 -44.22 -17.24
CA MET A 74 51.37 -44.10 -15.82
C MET A 74 49.95 -44.60 -15.55
N ALA A 75 48.99 -44.18 -16.39
CA ALA A 75 47.61 -44.61 -16.20
C ALA A 75 47.46 -46.11 -16.42
N LEU A 76 48.10 -46.64 -17.47
CA LEU A 76 48.03 -48.07 -17.73
C LEU A 76 48.57 -48.86 -16.54
N SER A 77 49.74 -48.46 -16.04
CA SER A 77 50.32 -49.15 -14.90
C SER A 77 49.46 -49.02 -13.65
N VAL A 78 48.90 -47.83 -13.40
CA VAL A 78 48.18 -47.62 -12.15
C VAL A 78 46.88 -48.41 -12.14
N CYS A 79 46.18 -48.52 -13.27
CA CYS A 79 44.99 -49.36 -13.25
C CYS A 79 45.37 -50.83 -13.29
N GLU A 80 46.51 -51.15 -13.92
CA GLU A 80 47.03 -52.51 -13.85
C GLU A 80 47.40 -52.89 -12.41
N ASP A 81 48.05 -51.97 -11.69
CA ASP A 81 48.36 -52.20 -10.30
C ASP A 81 47.15 -52.00 -9.39
N LEU A 82 46.13 -51.30 -9.86
CA LEU A 82 44.85 -51.29 -9.14
C LEU A 82 44.23 -52.68 -9.13
N ILE A 83 44.34 -53.40 -10.25
CA ILE A 83 43.85 -54.77 -10.32
C ILE A 83 44.69 -55.70 -9.47
N SER A 84 45.93 -55.30 -9.14
CA SER A 84 46.86 -56.20 -8.47
C SER A 84 46.38 -56.56 -7.08
N SER A 85 45.86 -55.60 -6.31
CA SER A 85 45.56 -55.85 -4.91
C SER A 85 44.24 -55.25 -4.44
N GLN A 86 43.46 -54.62 -5.32
CA GLN A 86 42.18 -54.00 -4.97
C GLN A 86 42.36 -53.01 -3.81
N VAL A 87 43.13 -51.96 -4.11
CA VAL A 87 43.55 -51.02 -3.08
C VAL A 87 42.36 -50.22 -2.57
N TYR A 88 42.56 -49.57 -1.42
CA TYR A 88 41.56 -48.71 -0.80
C TYR A 88 41.94 -47.23 -0.80
N ALA A 89 43.24 -46.92 -0.90
CA ALA A 89 43.70 -45.54 -0.93
C ALA A 89 45.06 -45.52 -1.61
N ILE A 90 45.35 -44.43 -2.31
CA ILE A 90 46.57 -44.28 -3.08
C ILE A 90 47.29 -43.01 -2.63
N LEU A 91 48.59 -43.13 -2.38
CA LEU A 91 49.44 -41.99 -2.04
C LEU A 91 50.31 -41.64 -3.24
N VAL A 92 50.40 -40.36 -3.56
CA VAL A 92 51.13 -39.88 -4.72
C VAL A 92 52.13 -38.83 -4.28
N SER A 93 53.28 -38.81 -4.95
CA SER A 93 54.34 -37.84 -4.67
C SER A 93 54.90 -37.32 -5.99
N HIS A 94 55.49 -36.11 -5.93
CA HIS A 94 56.03 -35.50 -7.13
C HIS A 94 57.38 -36.12 -7.50
N PRO A 95 57.70 -36.16 -8.79
CA PRO A 95 59.00 -36.68 -9.22
C PRO A 95 60.05 -35.60 -9.13
N PRO A 96 61.33 -35.93 -9.37
CA PRO A 96 62.37 -34.89 -9.38
C PRO A 96 62.21 -33.86 -10.49
N THR A 97 61.25 -34.03 -11.39
CA THR A 97 61.04 -33.06 -12.46
C THR A 97 60.61 -31.72 -11.85
N PRO A 98 61.07 -30.60 -12.40
CA PRO A 98 60.75 -29.29 -11.80
C PRO A 98 59.27 -28.94 -11.87
N ASN A 99 58.68 -29.04 -13.06
CA ASN A 99 57.28 -28.66 -13.23
C ASN A 99 56.35 -29.68 -12.60
N ASP A 100 56.36 -30.92 -13.11
CA ASP A 100 55.56 -32.03 -12.59
C ASP A 100 54.07 -31.70 -12.54
N HIS A 101 53.61 -30.74 -13.33
CA HIS A 101 52.20 -30.35 -13.30
C HIS A 101 51.30 -31.43 -13.87
N PHE A 102 51.80 -32.27 -14.77
CA PHE A 102 50.99 -33.31 -15.39
C PHE A 102 51.17 -34.68 -14.73
N THR A 103 52.16 -34.84 -13.86
CA THR A 103 52.41 -36.14 -13.25
C THR A 103 51.26 -36.64 -12.38
N PRO A 104 50.60 -35.84 -11.54
CA PRO A 104 49.46 -36.38 -10.77
C PRO A 104 48.21 -36.61 -11.59
N THR A 105 48.13 -36.06 -12.81
CA THR A 105 46.88 -36.15 -13.58
C THR A 105 46.47 -37.57 -13.95
N PRO A 106 47.35 -38.47 -14.41
CA PRO A 106 46.86 -39.82 -14.78
C PRO A 106 46.26 -40.57 -13.59
N VAL A 107 46.95 -40.54 -12.44
CA VAL A 107 46.46 -41.25 -11.27
C VAL A 107 45.13 -40.69 -10.80
N SER A 108 45.01 -39.36 -10.79
CA SER A 108 43.77 -38.73 -10.34
C SER A 108 42.60 -39.13 -11.23
N TYR A 109 42.79 -39.06 -12.56
CA TYR A 109 41.73 -39.43 -13.49
C TYR A 109 41.36 -40.90 -13.34
N THR A 110 42.37 -41.77 -13.29
CA THR A 110 42.10 -43.21 -13.20
C THR A 110 41.37 -43.56 -11.91
N ALA A 111 41.76 -42.94 -10.79
CA ALA A 111 41.10 -43.23 -9.53
C ALA A 111 39.70 -42.67 -9.48
N GLY A 112 39.52 -41.42 -9.93
CA GLY A 112 38.20 -40.83 -9.96
C GLY A 112 37.25 -41.52 -10.91
N PHE A 113 37.78 -42.25 -11.90
CA PHE A 113 36.93 -43.09 -12.73
C PHE A 113 36.22 -44.16 -11.91
N TYR A 114 36.81 -44.54 -10.77
CA TYR A 114 36.21 -45.50 -9.86
C TYR A 114 35.79 -44.89 -8.53
N ARG A 115 35.89 -43.57 -8.39
CA ARG A 115 35.53 -42.87 -7.16
C ARG A 115 36.32 -43.39 -5.96
N ILE A 116 37.60 -43.65 -6.16
CA ILE A 116 38.48 -44.11 -5.10
C ILE A 116 39.26 -42.90 -4.57
N PRO A 117 39.15 -42.59 -3.28
CA PRO A 117 39.88 -41.43 -2.75
C PRO A 117 41.39 -41.57 -2.89
N VAL A 118 42.05 -40.45 -3.13
CA VAL A 118 43.49 -40.39 -3.31
C VAL A 118 44.04 -39.24 -2.47
N LEU A 119 45.12 -39.51 -1.74
CA LEU A 119 45.79 -38.50 -0.91
C LEU A 119 47.08 -38.07 -1.60
N GLY A 120 47.32 -36.77 -1.64
CA GLY A 120 48.51 -36.20 -2.22
C GLY A 120 49.41 -35.62 -1.14
N LEU A 121 50.72 -35.63 -1.39
CA LEU A 121 51.70 -35.18 -0.41
C LEU A 121 52.42 -33.89 -0.83
N THR A 122 52.99 -33.86 -2.03
CA THR A 122 53.82 -32.73 -2.43
C THR A 122 53.28 -32.06 -3.69
N THR A 123 51.98 -31.83 -3.74
CA THR A 123 51.34 -31.11 -4.83
C THR A 123 50.87 -29.75 -4.32
N ARG A 124 51.21 -28.68 -5.04
CA ARG A 124 50.88 -27.33 -4.63
C ARG A 124 50.06 -26.54 -5.63
N MET A 125 49.96 -27.00 -6.88
CA MET A 125 49.17 -26.28 -7.87
C MET A 125 47.69 -26.29 -7.48
N SER A 126 47.00 -25.18 -7.75
CA SER A 126 45.62 -25.01 -7.32
C SER A 126 44.62 -25.67 -8.23
N ILE A 127 45.06 -26.29 -9.33
CA ILE A 127 44.13 -26.95 -10.25
C ILE A 127 43.43 -28.11 -9.55
N TYR A 128 44.18 -28.92 -8.80
CA TYR A 128 43.62 -30.10 -8.17
C TYR A 128 42.65 -29.77 -7.04
N SER A 129 42.62 -28.52 -6.57
CA SER A 129 41.66 -28.13 -5.55
C SER A 129 40.25 -27.98 -6.10
N ASP A 130 40.08 -27.98 -7.42
CA ASP A 130 38.76 -27.86 -8.03
C ASP A 130 38.00 -29.17 -7.89
N LYS A 131 36.86 -29.11 -7.20
CA LYS A 131 36.07 -30.31 -6.95
C LYS A 131 35.38 -30.85 -8.19
N SER A 132 35.32 -30.07 -9.27
CA SER A 132 34.58 -30.49 -10.46
C SER A 132 35.37 -31.53 -11.26
N ILE A 133 36.56 -31.15 -11.75
CA ILE A 133 37.32 -32.05 -12.60
C ILE A 133 37.87 -33.22 -11.79
N HIS A 134 38.28 -32.98 -10.54
CA HIS A 134 38.89 -34.00 -9.69
C HIS A 134 37.97 -34.19 -8.48
N LEU A 135 37.06 -35.17 -8.59
CA LEU A 135 36.09 -35.40 -7.52
C LEU A 135 36.75 -35.90 -6.25
N SER A 136 37.74 -36.80 -6.38
CA SER A 136 38.39 -37.43 -5.23
C SER A 136 39.87 -37.05 -5.23
N PHE A 137 40.24 -36.18 -4.29
CA PHE A 137 41.63 -35.76 -4.12
C PHE A 137 41.80 -35.04 -2.79
N LEU A 138 42.87 -35.36 -2.07
CA LEU A 138 43.17 -34.73 -0.79
C LEU A 138 44.62 -34.26 -0.78
N ARG A 139 44.90 -33.26 0.06
CA ARG A 139 46.19 -32.62 0.10
C ARG A 139 46.83 -32.75 1.48
N THR A 140 48.14 -33.02 1.49
CA THR A 140 48.88 -33.02 2.74
C THR A 140 49.49 -31.66 3.02
N VAL A 141 49.56 -30.79 2.02
CA VAL A 141 50.10 -29.44 2.18
C VAL A 141 49.06 -28.46 1.67
N PRO A 142 49.00 -27.26 2.22
CA PRO A 142 48.01 -26.27 1.77
C PRO A 142 48.41 -25.66 0.44
N PRO A 143 47.44 -25.14 -0.32
CA PRO A 143 47.76 -24.51 -1.60
C PRO A 143 48.21 -23.07 -1.48
N TYR A 144 48.43 -22.41 -2.62
CA TYR A 144 48.93 -21.04 -2.62
C TYR A 144 47.87 -20.04 -2.16
N SER A 145 46.58 -20.41 -2.21
CA SER A 145 45.52 -19.52 -1.77
C SER A 145 45.67 -19.18 -0.29
N HIS A 146 46.07 -20.16 0.53
CA HIS A 146 46.30 -19.88 1.94
C HIS A 146 47.54 -19.03 2.14
N GLN A 147 48.50 -19.09 1.21
CA GLN A 147 49.61 -18.14 1.24
C GLN A 147 49.12 -16.72 0.99
N SER A 148 48.24 -16.55 0.01
CA SER A 148 47.64 -15.24 -0.21
C SER A 148 46.84 -14.80 1.01
N SER A 149 46.22 -15.74 1.71
CA SER A 149 45.47 -15.41 2.93
C SER A 149 46.38 -15.01 4.08
N VAL A 150 47.53 -15.67 4.25
CA VAL A 150 48.45 -15.30 5.32
C VAL A 150 49.18 -14.01 4.99
N TRP A 151 49.18 -13.59 3.73
CA TRP A 151 49.65 -12.25 3.40
C TRP A 151 48.86 -11.16 4.12
N PHE A 152 47.63 -11.49 4.55
CA PHE A 152 46.77 -10.52 5.22
C PHE A 152 47.27 -10.12 6.61
N GLU A 153 47.87 -11.06 7.35
CA GLU A 153 48.28 -10.77 8.72
C GLU A 153 49.39 -9.73 8.78
N MET A 154 50.27 -9.69 7.76
CA MET A 154 51.29 -8.66 7.74
C MET A 154 50.69 -7.27 7.68
N MET A 155 49.69 -7.09 6.81
CA MET A 155 48.98 -5.82 6.75
C MET A 155 48.25 -5.55 8.06
N ARG A 156 47.66 -6.59 8.65
CA ARG A 156 46.92 -6.40 9.89
C ARG A 156 47.82 -5.92 11.02
N VAL A 157 49.07 -6.39 11.07
CA VAL A 157 49.95 -6.07 12.18
C VAL A 157 50.85 -4.86 11.92
N TYR A 158 51.05 -4.45 10.67
CA TYR A 158 51.84 -3.26 10.40
C TYR A 158 51.02 -2.07 9.91
N ASN A 159 49.69 -2.14 9.96
CA ASN A 159 48.81 -1.03 9.60
C ASN A 159 49.07 -0.55 8.17
N TRP A 160 49.03 -1.50 7.24
CA TRP A 160 49.14 -1.23 5.82
C TRP A 160 47.76 -1.47 5.20
N ASN A 161 47.12 -0.40 4.76
CA ASN A 161 45.76 -0.47 4.26
C ASN A 161 45.65 -0.31 2.75
N HIS A 162 46.70 0.18 2.09
CA HIS A 162 46.66 0.44 0.66
C HIS A 162 47.80 -0.31 -0.01
N ILE A 163 47.45 -1.19 -0.96
CA ILE A 163 48.42 -2.09 -1.57
C ILE A 163 48.21 -2.11 -3.09
N ILE A 164 49.24 -2.53 -3.80
CA ILE A 164 49.20 -2.77 -5.23
C ILE A 164 49.64 -4.21 -5.48
N LEU A 165 48.79 -5.01 -6.11
CA LEU A 165 49.08 -6.41 -6.38
C LEU A 165 49.07 -6.67 -7.88
N LEU A 166 50.05 -7.44 -8.35
CA LEU A 166 50.13 -7.84 -9.74
C LEU A 166 50.28 -9.35 -9.82
N VAL A 167 49.47 -9.98 -10.66
CA VAL A 167 49.47 -11.43 -10.82
C VAL A 167 49.46 -11.78 -12.30
N SER A 168 49.94 -12.98 -12.61
CA SER A 168 49.99 -13.43 -13.99
C SER A 168 48.62 -13.92 -14.46
N ASP A 169 48.41 -13.90 -15.77
CA ASP A 169 47.16 -14.37 -16.37
C ASP A 169 47.10 -15.89 -16.40
N ASP A 170 46.68 -16.50 -15.30
CA ASP A 170 46.65 -17.95 -15.22
C ASP A 170 45.61 -18.35 -14.19
N HIS A 171 45.24 -19.63 -14.22
CA HIS A 171 44.30 -20.17 -13.23
C HIS A 171 44.87 -20.06 -11.82
N GLU A 172 46.20 -20.09 -11.69
CA GLU A 172 46.83 -19.98 -10.38
C GLU A 172 46.58 -18.60 -9.76
N GLY A 173 46.85 -17.54 -10.53
CA GLY A 173 46.70 -16.19 -9.99
C GLY A 173 45.25 -15.82 -9.71
N ARG A 174 44.33 -16.29 -10.54
CA ARG A 174 42.93 -15.88 -10.42
C ARG A 174 42.34 -16.33 -9.09
N ALA A 175 42.62 -17.57 -8.68
CA ALA A 175 42.10 -18.06 -7.41
C ALA A 175 42.65 -17.25 -6.24
N ALA A 176 43.95 -16.94 -6.29
CA ALA A 176 44.56 -16.15 -5.23
C ALA A 176 43.94 -14.75 -5.15
N GLN A 177 43.77 -14.11 -6.30
CA GLN A 177 43.18 -12.77 -6.32
C GLN A 177 41.75 -12.81 -5.79
N LYS A 178 40.95 -13.78 -6.23
CA LYS A 178 39.58 -13.90 -5.74
C LYS A 178 39.54 -14.12 -4.23
N ARG A 179 40.38 -15.03 -3.72
CA ARG A 179 40.40 -15.30 -2.29
C ARG A 179 40.84 -14.07 -1.50
N LEU A 180 41.86 -13.37 -1.99
CA LEU A 180 42.35 -12.17 -1.31
C LEU A 180 41.27 -11.10 -1.24
N GLU A 181 40.59 -10.83 -2.36
CA GLU A 181 39.58 -9.78 -2.37
C GLU A 181 38.34 -10.21 -1.59
N THR A 182 38.05 -11.52 -1.55
CA THR A 182 36.95 -12.00 -0.72
C THR A 182 37.26 -11.85 0.76
N LEU A 183 38.49 -12.15 1.16
CA LEU A 183 38.89 -11.97 2.56
C LEU A 183 38.88 -10.49 2.93
N LEU A 184 39.33 -9.63 2.02
CA LEU A 184 39.32 -8.19 2.27
C LEU A 184 37.91 -7.59 2.22
N GLU A 185 36.92 -8.34 1.75
CA GLU A 185 35.55 -7.82 1.70
C GLU A 185 35.01 -7.52 3.09
N GLU A 186 35.33 -8.38 4.06
CA GLU A 186 34.88 -8.15 5.43
C GLU A 186 35.43 -6.85 5.99
N ARG A 187 36.71 -6.58 5.73
CA ARG A 187 37.33 -5.34 6.20
C ARG A 187 36.84 -4.12 5.44
N GLU A 188 36.14 -4.30 4.32
CA GLU A 188 35.63 -3.20 3.50
C GLU A 188 36.74 -2.25 3.10
N SER A 189 37.88 -2.82 2.68
CA SER A 189 39.05 -2.05 2.26
C SER A 189 39.50 -2.62 0.90
N LYS A 190 39.00 -2.03 -0.17
CA LYS A 190 39.33 -2.49 -1.52
C LYS A 190 40.74 -2.05 -1.91
N ALA A 191 41.45 -2.93 -2.60
CA ALA A 191 42.76 -2.58 -3.13
C ALA A 191 42.62 -1.56 -4.25
N GLU A 192 43.58 -0.64 -4.33
CA GLU A 192 43.51 0.44 -5.32
C GLU A 192 43.58 -0.11 -6.73
N LYS A 193 44.59 -0.92 -7.03
CA LYS A 193 44.83 -1.36 -8.39
C LYS A 193 45.06 -2.85 -8.46
N VAL A 194 44.48 -3.47 -9.49
CA VAL A 194 44.76 -4.87 -9.84
C VAL A 194 45.17 -4.88 -11.31
N LEU A 195 46.41 -5.28 -11.59
CA LEU A 195 46.93 -5.28 -12.94
C LEU A 195 47.66 -6.60 -13.20
N GLN A 196 47.56 -7.06 -14.45
CA GLN A 196 48.03 -8.39 -14.82
C GLN A 196 48.87 -8.32 -16.09
N PHE A 197 49.66 -9.36 -16.31
CA PHE A 197 50.50 -9.47 -17.50
C PHE A 197 50.40 -10.89 -18.05
N ASP A 198 50.65 -11.03 -19.35
CA ASP A 198 50.56 -12.32 -19.99
C ASP A 198 51.72 -13.23 -19.56
N PRO A 199 51.46 -14.52 -19.38
CA PRO A 199 52.54 -15.44 -18.99
C PRO A 199 53.55 -15.63 -20.11
N GLY A 200 54.77 -15.96 -19.72
CA GLY A 200 55.81 -16.25 -20.69
C GLY A 200 56.19 -15.10 -21.59
N THR A 201 56.16 -13.88 -21.06
CA THR A 201 56.54 -12.70 -21.83
C THR A 201 57.99 -12.32 -21.56
N LYS A 202 58.48 -11.31 -22.28
CA LYS A 202 59.84 -10.83 -22.13
C LYS A 202 59.91 -9.33 -21.94
N ASN A 203 58.80 -8.61 -22.00
CA ASN A 203 58.78 -7.15 -21.87
C ASN A 203 57.59 -6.75 -21.01
N VAL A 204 57.87 -6.18 -19.83
CA VAL A 204 56.86 -5.66 -18.94
C VAL A 204 57.11 -4.20 -18.58
N THR A 205 57.91 -3.49 -19.38
CA THR A 205 58.24 -2.11 -19.07
C THR A 205 57.00 -1.21 -19.11
N ALA A 206 56.15 -1.38 -20.11
CA ALA A 206 54.97 -0.54 -20.23
C ALA A 206 54.02 -0.73 -19.05
N LEU A 207 53.81 -1.98 -18.63
CA LEU A 207 52.92 -2.24 -17.50
C LEU A 207 53.46 -1.65 -16.21
N LEU A 208 54.77 -1.79 -15.97
CA LEU A 208 55.36 -1.25 -14.74
C LEU A 208 55.34 0.27 -14.74
N MET A 209 55.25 0.89 -15.92
CA MET A 209 55.16 2.35 -15.98
C MET A 209 53.89 2.86 -15.33
N GLU A 210 52.76 2.17 -15.54
CA GLU A 210 51.49 2.65 -15.02
C GLU A 210 51.48 2.65 -13.50
N ALA A 211 52.05 1.62 -12.87
CA ALA A 211 52.07 1.55 -11.42
C ALA A 211 52.97 2.60 -10.79
N ARG A 212 53.96 3.11 -11.53
CA ARG A 212 54.86 4.12 -10.98
C ARG A 212 54.11 5.41 -10.69
N GLU A 213 53.17 5.78 -11.55
CA GLU A 213 52.39 7.00 -11.34
C GLU A 213 51.50 6.91 -10.10
N LEU A 214 51.14 5.70 -9.67
CA LEU A 214 50.19 5.53 -8.59
C LEU A 214 50.75 6.05 -7.27
N GLU A 215 49.92 6.01 -6.23
CA GLU A 215 50.22 6.61 -4.94
C GLU A 215 50.44 5.58 -3.84
N ALA A 216 50.57 4.30 -4.16
CA ALA A 216 50.83 3.26 -3.18
C ALA A 216 52.26 2.76 -3.34
N ARG A 217 52.84 2.31 -2.22
CA ARG A 217 54.23 1.89 -2.19
C ARG A 217 54.38 0.47 -1.64
N VAL A 218 53.37 -0.37 -1.82
CA VAL A 218 53.41 -1.77 -1.43
C VAL A 218 53.10 -2.60 -2.66
N ILE A 219 54.03 -3.48 -3.04
CA ILE A 219 53.90 -4.30 -4.24
C ILE A 219 53.86 -5.76 -3.81
N ILE A 220 52.80 -6.45 -4.20
CA ILE A 220 52.62 -7.88 -3.95
C ILE A 220 52.53 -8.58 -5.29
N LEU A 221 53.43 -9.52 -5.54
CA LEU A 221 53.47 -10.24 -6.80
C LEU A 221 53.42 -11.73 -6.56
N SER A 222 52.57 -12.42 -7.32
CA SER A 222 52.46 -13.88 -7.29
C SER A 222 52.51 -14.37 -8.72
N ALA A 223 53.73 -14.57 -9.22
CA ALA A 223 53.95 -15.00 -10.60
C ALA A 223 54.80 -16.27 -10.62
N SER A 224 55.17 -16.72 -11.81
CA SER A 224 55.98 -17.90 -11.96
C SER A 224 57.46 -17.59 -11.74
N GLU A 225 58.27 -18.64 -11.66
CA GLU A 225 59.71 -18.45 -11.45
C GLU A 225 60.34 -17.71 -12.62
N ASP A 226 59.96 -18.05 -13.85
CA ASP A 226 60.53 -17.37 -15.01
C ASP A 226 60.13 -15.89 -15.03
N ASP A 227 58.87 -15.59 -14.74
CA ASP A 227 58.42 -14.20 -14.74
C ASP A 227 59.05 -13.40 -13.61
N ALA A 228 59.50 -14.08 -12.55
CA ALA A 228 60.17 -13.38 -11.46
C ALA A 228 61.46 -12.73 -11.96
N ALA A 229 62.21 -13.43 -12.82
CA ALA A 229 63.43 -12.86 -13.36
C ALA A 229 63.15 -11.67 -14.27
N THR A 230 62.06 -11.73 -15.04
CA THR A 230 61.76 -10.64 -15.96
C THR A 230 61.35 -9.37 -15.21
N VAL A 231 60.49 -9.50 -14.21
CA VAL A 231 60.02 -8.33 -13.46
C VAL A 231 61.16 -7.71 -12.67
N TYR A 232 62.01 -8.55 -12.06
CA TYR A 232 63.08 -8.02 -11.22
C TYR A 232 64.09 -7.22 -12.05
N ARG A 233 64.40 -7.69 -13.26
CA ARG A 233 65.29 -6.94 -14.13
C ARG A 233 64.71 -5.58 -14.52
N ALA A 234 63.41 -5.54 -14.83
CA ALA A 234 62.80 -4.29 -15.26
C ALA A 234 62.65 -3.30 -14.10
N ALA A 235 62.46 -3.80 -12.88
CA ALA A 235 62.29 -2.91 -11.73
C ALA A 235 63.57 -2.14 -11.45
N ALA A 236 64.73 -2.77 -11.62
CA ALA A 236 65.99 -2.11 -11.35
C ALA A 236 66.25 -0.93 -12.29
N MET A 237 65.89 -1.08 -13.57
CA MET A 237 66.13 -0.01 -14.54
C MET A 237 65.33 1.24 -14.19
N LEU A 238 64.09 1.07 -13.74
CA LEU A 238 63.18 2.19 -13.52
C LEU A 238 63.34 2.84 -12.15
N ASP A 239 64.39 2.48 -11.40
CA ASP A 239 64.60 3.00 -10.05
C ASP A 239 63.42 2.73 -9.15
N MET A 240 62.74 1.60 -9.39
CA MET A 240 61.53 1.24 -8.69
C MET A 240 61.80 0.66 -7.30
N THR A 241 63.03 0.23 -7.03
CA THR A 241 63.37 -0.44 -5.78
C THR A 241 64.33 0.41 -4.95
N GLY A 242 64.02 1.70 -4.81
CA GLY A 242 64.80 2.57 -3.95
C GLY A 242 64.31 2.55 -2.52
N SER A 243 64.30 3.70 -1.87
CA SER A 243 63.78 3.81 -0.51
C SER A 243 62.27 4.03 -0.53
N GLY A 244 61.63 3.66 0.57
CA GLY A 244 60.20 3.82 0.71
C GLY A 244 59.35 2.82 -0.05
N TYR A 245 59.88 1.63 -0.33
CA TYR A 245 59.15 0.60 -1.05
C TYR A 245 59.16 -0.70 -0.26
N VAL A 246 58.11 -1.49 -0.44
CA VAL A 246 57.95 -2.77 0.24
C VAL A 246 57.56 -3.82 -0.79
N TRP A 247 58.26 -4.95 -0.77
CA TRP A 247 57.96 -6.08 -1.64
C TRP A 247 57.56 -7.28 -0.81
N LEU A 248 56.41 -7.86 -1.11
CA LEU A 248 55.93 -9.07 -0.48
C LEU A 248 55.82 -10.16 -1.54
N VAL A 249 56.59 -11.22 -1.39
CA VAL A 249 56.68 -12.26 -2.41
C VAL A 249 56.29 -13.62 -1.80
N GLY A 250 56.35 -14.66 -2.62
CA GLY A 250 55.99 -15.99 -2.17
C GLY A 250 57.09 -17.02 -2.30
N GLU A 251 56.71 -18.30 -2.22
CA GLU A 251 57.70 -19.37 -2.22
C GLU A 251 58.41 -19.49 -3.56
N ARG A 252 57.64 -19.47 -4.66
CA ARG A 252 58.21 -19.76 -5.97
C ARG A 252 59.22 -18.72 -6.43
N GLU A 253 58.93 -17.43 -6.25
CA GLU A 253 59.84 -16.40 -6.75
C GLU A 253 60.98 -16.08 -5.80
N ILE A 254 61.00 -16.70 -4.61
CA ILE A 254 62.15 -16.55 -3.72
C ILE A 254 63.18 -17.66 -3.91
N SER A 255 62.82 -18.74 -4.62
CA SER A 255 63.72 -19.83 -4.92
C SER A 255 64.17 -19.74 -6.38
N GLY A 256 64.88 -20.76 -6.84
CA GLY A 256 65.29 -20.83 -8.23
C GLY A 256 66.40 -19.84 -8.58
N ASN A 257 66.41 -19.44 -9.84
CA ASN A 257 67.40 -18.51 -10.36
C ASN A 257 67.00 -17.05 -10.18
N ALA A 258 65.93 -16.78 -9.42
CA ALA A 258 65.52 -15.41 -9.16
C ALA A 258 66.52 -14.68 -8.28
N LEU A 259 67.21 -15.40 -7.38
CA LEU A 259 68.16 -14.76 -6.48
C LEU A 259 69.38 -14.20 -7.21
N ARG A 260 69.62 -14.64 -8.44
CA ARG A 260 70.73 -14.07 -9.22
C ARG A 260 70.51 -12.58 -9.46
N TYR A 261 69.28 -12.20 -9.82
CA TYR A 261 68.89 -10.80 -9.99
C TYR A 261 67.76 -10.52 -9.00
N ALA A 262 68.13 -10.18 -7.77
CA ALA A 262 67.15 -9.93 -6.73
C ALA A 262 67.60 -8.79 -5.83
N PRO A 263 66.79 -7.75 -5.67
CA PRO A 263 67.15 -6.65 -4.78
C PRO A 263 67.06 -7.06 -3.32
N ASP A 264 67.75 -6.28 -2.48
CA ASP A 264 67.76 -6.55 -1.05
C ASP A 264 66.46 -6.09 -0.40
N GLY A 265 66.20 -6.63 0.79
CA GLY A 265 65.03 -6.25 1.57
C GLY A 265 63.75 -6.97 1.21
N ILE A 266 63.79 -7.95 0.31
CA ILE A 266 62.60 -8.69 -0.04
C ILE A 266 62.15 -9.55 1.12
N ILE A 267 60.85 -9.55 1.40
CA ILE A 267 60.25 -10.37 2.44
C ILE A 267 59.56 -11.55 1.77
N GLY A 268 60.03 -12.76 2.09
CA GLY A 268 59.51 -13.98 1.48
C GLY A 268 58.67 -14.80 2.44
N LEU A 269 58.47 -16.06 2.07
CA LEU A 269 57.69 -16.99 2.87
C LEU A 269 58.26 -18.39 2.70
N GLN A 270 57.97 -19.26 3.67
CA GLN A 270 58.48 -20.62 3.67
C GLN A 270 57.51 -21.51 4.44
N LEU A 271 57.77 -22.81 4.38
CA LEU A 271 57.00 -23.80 5.12
C LEU A 271 57.94 -24.60 6.02
N ILE A 272 57.44 -24.92 7.23
CA ILE A 272 58.29 -25.56 8.24
C ILE A 272 58.67 -26.96 7.80
N ASN A 273 57.70 -27.76 7.36
CA ASN A 273 57.93 -29.16 7.02
C ASN A 273 57.40 -29.47 5.64
N GLY A 274 57.54 -28.52 4.71
CA GLY A 274 57.05 -28.74 3.36
C GLY A 274 57.84 -29.79 2.60
N LYS A 275 59.16 -29.77 2.72
CA LYS A 275 60.04 -30.56 1.88
C LYS A 275 60.46 -31.88 2.51
N ASN A 276 59.96 -32.22 3.71
CA ASN A 276 60.32 -33.46 4.37
C ASN A 276 59.25 -34.51 4.04
N GLU A 277 59.49 -35.27 2.97
CA GLU A 277 58.53 -36.29 2.57
C GLU A 277 58.43 -37.42 3.58
N SER A 278 59.52 -37.72 4.30
CA SER A 278 59.47 -38.78 5.30
C SER A 278 58.58 -38.39 6.47
N ALA A 279 58.60 -37.11 6.86
CA ALA A 279 57.77 -36.66 7.96
C ALA A 279 56.28 -36.82 7.65
N HIS A 280 55.89 -36.49 6.42
CA HIS A 280 54.50 -36.67 6.01
C HIS A 280 54.12 -38.14 5.99
N ILE A 281 54.95 -38.98 5.36
CA ILE A 281 54.64 -40.39 5.20
C ILE A 281 54.53 -41.07 6.57
N SER A 282 55.39 -40.66 7.52
CA SER A 282 55.39 -41.30 8.83
C SER A 282 54.04 -41.15 9.53
N ASP A 283 53.26 -40.13 9.17
CA ASP A 283 51.94 -39.93 9.75
C ASP A 283 50.82 -39.91 8.71
N ALA A 284 51.14 -39.89 7.42
CA ALA A 284 50.09 -40.00 6.40
C ALA A 284 49.39 -41.34 6.49
N VAL A 285 50.15 -42.42 6.71
CA VAL A 285 49.53 -43.73 6.88
C VAL A 285 48.79 -43.80 8.20
N GLY A 286 49.16 -42.96 9.17
CA GLY A 286 48.47 -42.97 10.45
C GLY A 286 47.04 -42.48 10.36
N VAL A 287 46.81 -41.36 9.67
CA VAL A 287 45.49 -40.76 9.65
C VAL A 287 44.51 -41.63 8.87
N VAL A 288 44.96 -42.25 7.78
CA VAL A 288 44.09 -43.16 7.03
C VAL A 288 43.80 -44.41 7.84
N ALA A 289 44.72 -44.81 8.71
CA ALA A 289 44.52 -46.01 9.51
C ALA A 289 43.36 -45.84 10.49
N GLN A 290 43.19 -44.64 11.04
CA GLN A 290 42.07 -44.39 11.94
C GLN A 290 40.73 -44.47 11.20
N ALA A 291 40.71 -44.03 9.93
CA ALA A 291 39.46 -44.01 9.18
C ALA A 291 38.95 -45.41 8.89
N VAL A 292 39.84 -46.32 8.51
CA VAL A 292 39.41 -47.67 8.12
C VAL A 292 38.82 -48.41 9.31
N HIS A 293 39.28 -48.11 10.53
CA HIS A 293 38.74 -48.76 11.71
C HIS A 293 37.27 -48.41 11.89
N GLU A 294 36.90 -47.16 11.66
CA GLU A 294 35.51 -46.72 11.78
C GLU A 294 34.65 -47.12 10.60
N LEU A 295 35.26 -47.56 9.49
CA LEU A 295 34.51 -47.93 8.29
C LEU A 295 34.28 -49.43 8.20
N LEU A 296 35.25 -50.24 8.62
CA LEU A 296 35.14 -51.68 8.43
C LEU A 296 34.01 -52.29 9.25
N GLU A 297 33.51 -51.57 10.25
CA GLU A 297 32.47 -52.08 11.13
C GLU A 297 31.32 -51.09 11.27
N LYS A 298 30.84 -50.53 10.15
CA LYS A 298 29.71 -49.62 10.18
C LYS A 298 28.48 -50.20 9.49
N GLU A 299 28.57 -50.51 8.20
CA GLU A 299 27.50 -51.15 7.44
C GLU A 299 27.95 -51.34 5.99
N ASN A 300 27.31 -52.30 5.32
CA ASN A 300 27.35 -52.44 3.86
C ASN A 300 28.74 -52.26 3.25
N ILE A 301 29.77 -52.83 3.86
CA ILE A 301 31.11 -52.69 3.33
C ILE A 301 31.28 -53.62 2.13
N THR A 302 31.70 -53.06 1.00
CA THR A 302 31.97 -53.82 -0.22
C THR A 302 33.29 -53.35 -0.79
N ASP A 303 34.19 -54.29 -1.03
CA ASP A 303 35.51 -53.96 -1.55
C ASP A 303 35.40 -53.40 -2.96
N PRO A 304 36.06 -52.28 -3.28
CA PRO A 304 36.07 -51.80 -4.66
C PRO A 304 36.64 -52.85 -5.59
N PRO A 305 36.07 -52.99 -6.79
CA PRO A 305 36.46 -54.11 -7.66
C PRO A 305 37.92 -54.03 -8.08
N ARG A 306 38.54 -55.21 -8.17
CA ARG A 306 39.90 -55.35 -8.70
C ARG A 306 39.89 -55.63 -10.19
N GLY A 307 38.74 -55.50 -10.84
CA GLY A 307 38.63 -55.73 -12.26
C GLY A 307 38.89 -54.49 -13.09
N CYS A 308 40.16 -54.12 -13.26
CA CYS A 308 40.53 -53.07 -14.20
C CYS A 308 39.80 -53.27 -15.53
N VAL A 309 40.06 -54.40 -16.20
CA VAL A 309 39.37 -54.72 -17.44
C VAL A 309 37.91 -55.06 -17.16
N GLY A 310 37.63 -55.72 -16.05
CA GLY A 310 36.33 -56.32 -15.83
C GLY A 310 35.15 -55.39 -15.65
N ASN A 311 35.13 -54.64 -14.55
CA ASN A 311 33.97 -53.85 -14.16
C ASN A 311 34.16 -52.38 -14.56
N THR A 312 33.07 -51.75 -14.99
CA THR A 312 33.08 -50.34 -15.35
C THR A 312 32.09 -49.52 -14.52
N ASN A 313 31.61 -50.08 -13.42
CA ASN A 313 30.66 -49.39 -12.55
C ASN A 313 31.43 -48.64 -11.46
N ILE A 314 30.68 -48.10 -10.49
CA ILE A 314 31.26 -47.32 -9.39
C ILE A 314 31.12 -48.13 -8.11
N TRP A 315 32.19 -48.12 -7.30
CA TRP A 315 32.16 -48.80 -6.02
C TRP A 315 31.30 -48.02 -5.04
N LYS A 316 30.50 -48.75 -4.25
CA LYS A 316 29.66 -48.10 -3.24
C LYS A 316 30.52 -47.42 -2.18
N THR A 317 31.69 -48.00 -1.88
CA THR A 317 32.61 -47.45 -0.89
C THR A 317 33.45 -46.36 -1.51
N GLY A 318 33.37 -45.16 -0.95
CA GLY A 318 34.11 -44.02 -1.43
C GLY A 318 33.32 -42.72 -1.40
N PRO A 319 32.01 -42.77 -1.66
CA PRO A 319 31.17 -41.63 -1.29
C PRO A 319 31.07 -41.43 0.20
N LEU A 320 31.00 -42.53 0.98
CA LEU A 320 30.97 -42.40 2.44
C LEU A 320 32.38 -42.41 3.02
N PHE A 321 33.32 -43.07 2.34
CA PHE A 321 34.70 -43.11 2.82
C PHE A 321 35.32 -41.71 2.86
N LYS A 322 35.00 -40.89 1.85
CA LYS A 322 35.53 -39.53 1.82
C LYS A 322 35.01 -38.70 2.98
N ARG A 323 33.73 -38.87 3.33
CA ARG A 323 33.13 -38.06 4.39
C ARG A 323 33.77 -38.35 5.74
N VAL A 324 33.97 -39.63 6.06
CA VAL A 324 34.56 -39.97 7.36
C VAL A 324 36.04 -39.61 7.39
N LEU A 325 36.75 -39.81 6.28
CA LEU A 325 38.19 -39.53 6.25
C LEU A 325 38.47 -38.05 6.43
N MET A 326 37.68 -37.19 5.78
CA MET A 326 37.95 -35.75 5.84
C MET A 326 37.69 -35.19 7.24
N SER A 327 36.85 -35.84 8.03
CA SER A 327 36.56 -35.39 9.38
C SER A 327 37.34 -36.14 10.44
N SER A 328 38.30 -36.96 10.04
CA SER A 328 39.10 -37.76 10.98
C SER A 328 40.18 -36.87 11.59
N LYS A 329 39.88 -36.31 12.76
CA LYS A 329 40.86 -35.50 13.47
C LYS A 329 42.01 -36.38 13.97
N TYR A 330 43.23 -35.88 13.82
CA TYR A 330 44.43 -36.60 14.22
C TYR A 330 45.01 -35.93 15.46
N ALA A 331 45.24 -36.72 16.51
CA ALA A 331 45.51 -36.15 17.83
C ALA A 331 46.80 -35.35 17.85
N ASP A 332 47.90 -35.95 17.40
CA ASP A 332 49.20 -35.30 17.47
C ASP A 332 50.17 -35.99 16.53
N GLY A 333 51.05 -35.21 15.93
CA GLY A 333 52.01 -35.74 14.99
C GLY A 333 53.27 -34.89 14.94
N VAL A 334 54.21 -35.34 14.10
CA VAL A 334 55.48 -34.64 13.94
C VAL A 334 55.28 -33.24 13.36
N THR A 335 54.22 -33.03 12.58
CA THR A 335 53.91 -31.72 12.02
C THR A 335 52.76 -31.04 12.76
N GLY A 336 52.43 -31.52 13.94
CA GLY A 336 51.33 -30.96 14.72
C GLY A 336 50.01 -31.60 14.38
N ARG A 337 48.95 -31.01 14.92
CA ARG A 337 47.60 -31.50 14.68
C ARG A 337 47.24 -31.33 13.21
N VAL A 338 46.65 -32.38 12.62
CA VAL A 338 46.25 -32.39 11.22
C VAL A 338 44.74 -32.51 11.17
N GLU A 339 44.07 -31.44 10.76
CA GLU A 339 42.62 -31.43 10.64
C GLU A 339 42.25 -30.90 9.26
N PHE A 340 41.40 -31.64 8.55
CA PHE A 340 40.99 -31.27 7.21
C PHE A 340 39.69 -30.48 7.24
N ASN A 341 39.64 -29.42 6.43
CA ASN A 341 38.41 -28.66 6.24
C ASN A 341 37.52 -29.38 5.25
N GLU A 342 36.44 -28.73 4.81
CA GLU A 342 35.60 -29.30 3.77
C GLU A 342 36.07 -28.85 2.38
N ASP A 343 37.38 -28.97 2.16
CA ASP A 343 37.98 -28.68 0.87
C ASP A 343 39.06 -29.68 0.46
N GLY A 344 39.35 -30.67 1.29
CA GLY A 344 40.44 -31.60 0.99
C GLY A 344 41.82 -30.98 1.12
N ASP A 345 41.96 -29.94 1.92
CA ASP A 345 43.23 -29.24 2.10
C ASP A 345 43.57 -29.18 3.59
N ARG A 346 44.85 -29.36 3.90
CA ARG A 346 45.30 -29.32 5.29
C ARG A 346 45.16 -27.92 5.86
N LYS A 347 44.73 -27.83 7.10
CA LYS A 347 44.54 -26.56 7.80
C LYS A 347 45.54 -26.44 8.94
N PHE A 348 45.75 -25.21 9.39
CA PHE A 348 46.67 -24.87 10.49
C PHE A 348 48.10 -25.31 10.14
N ALA A 349 48.61 -24.70 9.08
CA ALA A 349 49.98 -24.94 8.66
C ALA A 349 50.92 -23.97 9.37
N GLN A 350 52.22 -24.17 9.17
CA GLN A 350 53.25 -23.33 9.78
C GLN A 350 54.00 -22.59 8.68
N TYR A 351 54.05 -21.28 8.80
CA TYR A 351 54.78 -20.42 7.86
C TYR A 351 55.84 -19.63 8.61
N SER A 352 57.01 -19.49 8.00
CA SER A 352 58.10 -18.69 8.55
C SER A 352 58.32 -17.48 7.66
N ILE A 353 58.13 -16.29 8.22
CA ILE A 353 58.29 -15.05 7.45
C ILE A 353 59.78 -14.91 7.13
N MET A 354 60.12 -15.15 5.88
CA MET A 354 61.51 -15.36 5.51
C MET A 354 62.07 -14.08 4.92
N ASN A 355 63.32 -13.76 5.26
CA ASN A 355 63.89 -12.47 4.89
C ASN A 355 65.25 -12.65 4.24
N LEU A 356 65.59 -11.72 3.35
CA LEU A 356 66.86 -11.73 2.62
C LEU A 356 67.60 -10.45 2.93
N GLN A 357 68.83 -10.57 3.42
CA GLN A 357 69.74 -9.44 3.57
C GLN A 357 71.16 -9.90 3.28
N ASN A 358 71.91 -9.07 2.55
CA ASN A 358 73.30 -9.35 2.18
C ASN A 358 73.44 -10.71 1.50
N ARG A 359 72.63 -10.90 0.46
CA ARG A 359 72.66 -12.06 -0.43
C ARG A 359 72.48 -13.39 0.29
N LYS A 360 71.86 -13.41 1.47
CA LYS A 360 71.56 -14.66 2.13
C LYS A 360 70.23 -14.53 2.87
N LEU A 361 69.62 -15.68 3.15
CA LEU A 361 68.30 -15.74 3.74
C LEU A 361 68.41 -16.08 5.22
N VAL A 362 67.71 -15.31 6.06
CA VAL A 362 67.71 -15.52 7.51
C VAL A 362 66.27 -15.46 8.01
N GLN A 363 65.92 -16.39 8.91
CA GLN A 363 64.58 -16.41 9.47
C GLN A 363 64.39 -15.27 10.46
N VAL A 364 63.21 -14.67 10.43
CA VAL A 364 62.87 -13.60 11.37
C VAL A 364 61.54 -13.82 12.08
N GLY A 365 60.75 -14.84 11.75
CA GLY A 365 59.51 -15.04 12.46
C GLY A 365 58.82 -16.31 12.04
N ILE A 366 57.69 -16.58 12.69
CA ILE A 366 56.85 -17.73 12.39
C ILE A 366 55.40 -17.27 12.34
N TYR A 367 54.57 -18.06 11.66
CA TYR A 367 53.14 -17.78 11.58
C TYR A 367 52.41 -18.77 12.48
N ASN A 368 52.00 -18.30 13.66
CA ASN A 368 51.36 -19.15 14.66
C ASN A 368 49.87 -19.25 14.33
N GLY A 369 49.57 -20.05 13.31
CA GLY A 369 48.19 -20.42 13.04
C GLY A 369 47.34 -19.30 12.49
N THR A 370 47.12 -18.27 13.29
CA THR A 370 46.32 -17.12 12.90
C THR A 370 46.98 -15.78 13.18
N HIS A 371 48.16 -15.76 13.80
CA HIS A 371 48.84 -14.52 14.14
C HIS A 371 50.35 -14.72 14.01
N VAL A 372 51.09 -13.65 14.26
CA VAL A 372 52.54 -13.63 14.07
C VAL A 372 53.21 -13.06 15.31
N ILE A 373 54.44 -13.50 15.55
CA ILE A 373 55.27 -12.98 16.64
C ILE A 373 56.62 -12.56 16.06
N PRO A 374 57.28 -11.55 16.64
CA PRO A 374 58.63 -11.18 16.17
C PRO A 374 59.70 -12.14 16.63
N ASN A 375 60.95 -11.83 16.36
CA ASN A 375 62.09 -12.64 16.78
C ASN A 375 63.24 -11.71 17.14
N ASP A 376 64.39 -12.31 17.50
CA ASP A 376 65.53 -11.51 17.95
C ASP A 376 66.09 -10.65 16.82
N ARG A 377 66.16 -11.18 15.61
CA ARG A 377 66.75 -10.44 14.50
C ARG A 377 65.85 -9.28 14.09
N LYS A 378 66.45 -8.29 13.44
CA LYS A 378 65.76 -7.11 12.94
C LYS A 378 65.78 -7.14 11.42
N ILE A 379 64.65 -6.79 10.82
CA ILE A 379 64.51 -6.82 9.36
C ILE A 379 65.06 -5.53 8.77
N ILE A 380 65.97 -5.65 7.80
CA ILE A 380 66.49 -4.49 7.09
C ILE A 380 65.67 -4.30 5.82
N TRP A 381 65.02 -3.14 5.73
CA TRP A 381 64.16 -2.85 4.59
C TRP A 381 64.99 -2.46 3.37
N PRO A 382 64.43 -2.58 2.17
CA PRO A 382 65.17 -2.21 0.97
C PRO A 382 65.56 -0.74 0.99
N GLY A 383 66.74 -0.46 0.42
CA GLY A 383 67.29 0.88 0.44
C GLY A 383 68.20 1.18 1.62
N GLY A 384 68.28 0.28 2.60
CA GLY A 384 69.15 0.46 3.74
C GLY A 384 68.53 1.19 4.92
N GLU A 385 67.35 1.78 4.75
CA GLU A 385 66.70 2.47 5.84
C GLU A 385 66.25 1.49 6.91
N THR A 386 66.34 1.92 8.16
CA THR A 386 65.96 1.11 9.32
C THR A 386 64.77 1.80 10.00
N GLU A 387 63.57 1.45 9.55
CA GLU A 387 62.34 2.02 10.10
C GLU A 387 61.18 1.13 9.66
N LYS A 388 59.96 1.65 9.82
CA LYS A 388 58.74 0.99 9.33
C LYS A 388 58.09 1.94 8.33
N PRO A 389 58.36 1.78 7.04
CA PRO A 389 57.83 2.73 6.05
C PRO A 389 56.31 2.75 6.07
N ARG A 390 55.75 3.95 5.94
CA ARG A 390 54.30 4.11 5.95
C ARG A 390 53.65 3.54 4.70
N GLY A 391 54.42 3.31 3.64
CA GLY A 391 53.85 2.82 2.40
C GLY A 391 52.84 3.76 1.80
N TYR A 392 53.13 5.06 1.84
CA TYR A 392 52.20 6.07 1.33
C TYR A 392 52.98 7.32 0.96
N GLN A 393 52.62 7.93 -0.16
CA GLN A 393 53.25 9.16 -0.63
C GLN A 393 52.13 10.09 -1.10
N MET A 394 51.86 11.14 -0.32
CA MET A 394 50.79 12.07 -0.64
C MET A 394 51.04 12.74 -1.99
N SER A 395 50.00 12.77 -2.83
CA SER A 395 50.06 13.48 -4.09
C SER A 395 49.37 14.83 -3.97
N THR A 396 49.95 15.83 -4.64
CA THR A 396 49.46 17.20 -4.58
C THR A 396 48.86 17.66 -5.90
N ARG A 397 48.53 16.71 -6.78
CA ARG A 397 47.94 17.02 -8.07
C ARG A 397 46.74 16.10 -8.30
N LEU A 398 45.63 16.68 -8.74
CA LEU A 398 44.38 15.96 -8.91
C LEU A 398 43.87 16.08 -10.35
N LYS A 399 42.75 15.43 -10.62
CA LYS A 399 42.11 15.47 -11.92
C LYS A 399 40.61 15.60 -11.75
N ILE A 400 39.95 16.26 -12.71
CA ILE A 400 38.54 16.59 -12.61
C ILE A 400 37.83 16.14 -13.90
N VAL A 401 36.53 15.88 -13.79
CA VAL A 401 35.71 15.46 -14.92
C VAL A 401 34.40 16.24 -14.90
N THR A 402 33.94 16.69 -16.07
CA THR A 402 32.70 17.46 -16.18
C THR A 402 32.04 17.20 -17.53
N ILE A 403 30.73 17.47 -17.60
CA ILE A 403 30.03 17.65 -18.86
C ILE A 403 29.69 19.13 -19.00
N HIS A 404 29.65 19.59 -20.24
CA HIS A 404 29.15 20.93 -20.55
C HIS A 404 27.67 20.99 -20.16
N GLN A 405 27.38 21.72 -19.10
CA GLN A 405 26.01 21.96 -18.66
C GLN A 405 25.75 23.46 -18.67
N GLU A 406 24.54 23.85 -19.12
CA GLU A 406 24.29 25.24 -19.43
C GLU A 406 24.46 26.18 -18.23
N PRO A 407 23.84 25.94 -17.07
CA PRO A 407 23.96 26.92 -15.98
C PRO A 407 25.24 26.77 -15.17
N PHE A 408 25.86 25.60 -15.22
CA PHE A 408 26.96 25.27 -14.32
C PHE A 408 28.34 25.37 -14.97
N VAL A 409 28.54 24.75 -16.12
CA VAL A 409 29.85 24.68 -16.76
C VAL A 409 29.70 25.07 -18.22
N TYR A 410 30.02 26.33 -18.54
CA TYR A 410 30.09 26.74 -19.93
C TYR A 410 31.41 26.30 -20.55
N VAL A 411 31.37 26.07 -21.87
CA VAL A 411 32.57 25.83 -22.65
C VAL A 411 32.49 26.67 -23.93
N LYS A 412 33.59 27.31 -24.28
CA LYS A 412 33.66 28.15 -25.47
C LYS A 412 35.02 27.94 -26.14
N PRO A 413 35.09 28.11 -27.45
CA PRO A 413 36.35 27.86 -28.16
C PRO A 413 37.44 28.85 -27.77
N THR A 414 38.67 28.38 -27.86
CA THR A 414 39.85 29.19 -27.57
C THR A 414 40.21 30.05 -28.78
N MET A 415 40.91 31.16 -28.51
CA MET A 415 41.40 32.01 -29.59
C MET A 415 42.43 31.29 -30.45
N SER A 416 42.92 31.96 -31.48
CA SER A 416 43.95 31.37 -32.33
C SER A 416 45.32 31.40 -31.66
N ASP A 417 45.52 32.31 -30.69
CA ASP A 417 46.83 32.52 -30.10
C ASP A 417 47.11 31.66 -28.88
N GLY A 418 46.11 30.94 -28.37
CA GLY A 418 46.36 30.03 -27.26
C GLY A 418 45.51 30.27 -26.02
N THR A 419 45.26 31.53 -25.68
CA THR A 419 44.39 31.86 -24.56
C THR A 419 42.99 32.17 -25.09
N CYS A 420 42.07 32.52 -24.18
CA CYS A 420 40.71 32.85 -24.57
C CYS A 420 40.32 34.21 -23.99
N LYS A 421 39.27 34.78 -24.57
CA LYS A 421 38.96 36.19 -24.38
C LYS A 421 38.52 36.50 -22.96
N GLU A 422 39.01 37.63 -22.43
CA GLU A 422 38.62 38.09 -21.11
C GLU A 422 37.21 38.67 -21.15
N GLU A 423 36.62 38.82 -19.96
CA GLU A 423 35.26 39.33 -19.86
C GLU A 423 35.15 40.26 -18.67
N PHE A 424 34.19 41.18 -18.75
CA PHE A 424 33.82 42.05 -17.64
C PHE A 424 32.33 41.92 -17.39
N THR A 425 31.95 41.85 -16.12
CA THR A 425 30.58 41.67 -15.72
C THR A 425 29.95 43.01 -15.36
N VAL A 426 28.63 43.00 -15.15
CA VAL A 426 27.93 44.21 -14.73
C VAL A 426 28.40 44.66 -13.36
N ASN A 427 28.84 43.70 -12.53
CA ASN A 427 29.37 44.04 -11.21
C ASN A 427 30.71 44.75 -11.29
N GLY A 428 31.34 44.77 -12.46
CA GLY A 428 32.65 45.36 -12.61
C GLY A 428 33.80 44.49 -12.16
N ASP A 429 33.54 43.21 -11.86
CA ASP A 429 34.57 42.28 -11.42
C ASP A 429 34.90 41.28 -12.53
N PRO A 430 36.18 41.07 -12.83
CA PRO A 430 36.54 40.10 -13.86
C PRO A 430 36.13 38.69 -13.46
N VAL A 431 35.76 37.89 -14.45
CA VAL A 431 35.36 36.50 -14.24
C VAL A 431 36.56 35.60 -14.51
N LYS A 432 36.80 34.67 -13.60
CA LYS A 432 37.97 33.79 -13.65
C LYS A 432 37.65 32.55 -14.47
N LYS A 433 38.56 32.17 -15.36
CA LYS A 433 38.41 31.02 -16.22
C LYS A 433 39.50 30.00 -15.91
N VAL A 434 39.45 28.88 -16.62
CA VAL A 434 40.45 27.82 -16.48
C VAL A 434 40.49 27.05 -17.80
N ILE A 435 41.68 26.59 -18.18
CA ILE A 435 41.89 25.95 -19.47
C ILE A 435 41.57 24.47 -19.34
N CYS A 436 40.46 24.06 -19.96
CA CYS A 436 40.09 22.65 -20.01
C CYS A 436 40.79 21.97 -21.17
N THR A 437 40.53 20.67 -21.33
CA THR A 437 41.04 19.91 -22.48
C THR A 437 40.08 18.74 -22.74
N GLY A 438 39.24 18.91 -23.76
CA GLY A 438 38.26 17.90 -24.09
C GLY A 438 38.06 17.76 -25.59
N PRO A 439 37.40 16.67 -26.00
CA PRO A 439 37.14 16.48 -27.43
C PRO A 439 36.21 17.53 -27.99
N ASN A 440 36.41 17.86 -29.26
CA ASN A 440 35.57 18.82 -29.94
C ASN A 440 34.41 18.10 -30.64
N ASP A 441 33.50 18.91 -31.20
CA ASP A 441 32.31 18.40 -31.89
C ASP A 441 31.40 17.62 -30.93
N THR A 442 30.39 16.95 -31.48
CA THR A 442 29.45 16.23 -30.63
C THR A 442 30.09 15.02 -29.98
N SER A 443 30.79 14.20 -30.76
CA SER A 443 31.40 12.98 -30.24
C SER A 443 32.77 12.80 -30.88
N PRO A 444 33.70 12.11 -30.21
CA PRO A 444 35.00 11.85 -30.82
C PRO A 444 35.00 10.60 -31.69
N GLY A 445 33.82 10.13 -32.06
CA GLY A 445 33.68 8.94 -32.88
C GLY A 445 34.33 9.07 -34.24
N SER A 446 33.75 9.90 -35.12
CA SER A 446 34.36 10.10 -36.44
C SER A 446 35.60 10.98 -36.35
N PRO A 447 35.54 12.23 -35.84
CA PRO A 447 36.78 12.99 -35.67
C PRO A 447 37.43 12.75 -34.32
N ARG A 448 38.70 12.38 -34.32
CA ARG A 448 39.44 12.10 -33.09
C ARG A 448 40.43 13.24 -32.85
N HIS A 449 39.98 14.27 -32.16
CA HIS A 449 40.81 15.44 -31.91
C HIS A 449 40.47 16.01 -30.53
N THR A 450 41.51 16.34 -29.76
CA THR A 450 41.36 17.00 -28.48
C THR A 450 42.04 18.36 -28.57
N VAL A 451 41.25 19.42 -28.47
CA VAL A 451 41.72 20.79 -28.63
C VAL A 451 41.52 21.50 -27.29
N PRO A 452 42.49 22.28 -26.81
CA PRO A 452 42.31 22.99 -25.54
C PRO A 452 41.17 23.99 -25.62
N GLN A 453 40.43 24.10 -24.52
CA GLN A 453 39.33 25.05 -24.37
C GLN A 453 39.37 25.61 -22.96
N CYS A 454 38.66 26.71 -22.75
CA CYS A 454 38.57 27.33 -21.43
C CYS A 454 37.13 27.31 -20.94
N CYS A 455 36.95 27.00 -19.66
CA CYS A 455 35.65 26.80 -19.06
C CYS A 455 35.44 27.78 -17.91
N TYR A 456 34.18 28.11 -17.66
CA TYR A 456 33.81 29.01 -16.57
C TYR A 456 32.35 28.80 -16.23
N GLY A 457 32.01 28.98 -14.97
CA GLY A 457 30.64 28.84 -14.54
C GLY A 457 30.53 28.71 -13.03
N PHE A 458 29.35 28.27 -12.60
CA PHE A 458 29.06 28.16 -11.17
C PHE A 458 29.94 27.12 -10.50
N CYS A 459 30.21 26.00 -11.18
CA CYS A 459 31.04 24.96 -10.60
C CYS A 459 32.53 25.32 -10.64
N ILE A 460 32.97 26.02 -11.69
CA ILE A 460 34.39 26.27 -11.87
C ILE A 460 34.94 27.17 -10.76
N ASP A 461 34.26 28.29 -10.50
CA ASP A 461 34.77 29.21 -9.48
C ASP A 461 34.59 28.67 -8.07
N LEU A 462 33.63 27.77 -7.85
CA LEU A 462 33.53 27.08 -6.56
C LEU A 462 34.76 26.22 -6.32
N LEU A 463 35.23 25.53 -7.36
CA LEU A 463 36.44 24.72 -7.23
C LEU A 463 37.66 25.58 -6.95
N ILE A 464 37.74 26.75 -7.58
CA ILE A 464 38.88 27.64 -7.36
C ILE A 464 38.97 28.07 -5.92
N LYS A 465 37.84 28.49 -5.34
CA LYS A 465 37.83 28.89 -3.93
C LYS A 465 38.16 27.71 -3.02
N LEU A 466 37.62 26.53 -3.33
CA LEU A 466 37.90 25.35 -2.53
C LEU A 466 39.37 24.93 -2.65
N ALA A 467 39.94 25.06 -3.85
CA ALA A 467 41.32 24.61 -4.06
C ALA A 467 42.32 25.50 -3.30
N ARG A 468 42.04 26.80 -3.21
CA ARG A 468 42.97 27.70 -2.54
C ARG A 468 43.09 27.38 -1.05
N THR A 469 42.01 26.88 -0.44
CA THR A 469 42.03 26.57 0.98
C THR A 469 42.96 25.39 1.28
N MET A 470 42.93 24.37 0.43
CA MET A 470 43.57 23.10 0.73
C MET A 470 44.98 22.96 0.16
N GLN A 471 45.47 23.98 -0.54
CA GLN A 471 46.85 23.99 -1.06
C GLN A 471 47.11 22.79 -1.96
N PHE A 472 46.37 22.72 -3.06
CA PHE A 472 46.61 21.71 -4.09
C PHE A 472 46.32 22.31 -5.46
N THR A 473 46.84 21.66 -6.49
CA THR A 473 46.64 22.11 -7.87
C THR A 473 45.70 21.14 -8.57
N TYR A 474 45.31 21.49 -9.80
CA TYR A 474 44.34 20.72 -10.54
C TYR A 474 44.61 20.85 -12.03
N GLU A 475 44.07 19.89 -12.79
CA GLU A 475 44.15 19.91 -14.25
C GLU A 475 42.88 19.26 -14.78
N VAL A 476 41.89 20.10 -15.11
CA VAL A 476 40.58 19.60 -15.50
C VAL A 476 40.62 19.06 -16.92
N HIS A 477 39.67 18.17 -17.21
CA HIS A 477 39.50 17.64 -18.56
C HIS A 477 38.08 17.07 -18.67
N LEU A 478 37.42 17.35 -19.78
CA LEU A 478 36.04 16.93 -19.97
C LEU A 478 35.98 15.42 -20.24
N VAL A 479 34.80 14.86 -20.04
CA VAL A 479 34.60 13.43 -20.27
C VAL A 479 34.50 13.17 -21.77
N ALA A 480 34.90 11.95 -22.17
CA ALA A 480 34.96 11.63 -23.59
C ALA A 480 33.59 11.20 -24.13
N ASP A 481 32.93 10.26 -23.45
CA ASP A 481 31.67 9.72 -23.96
C ASP A 481 30.56 10.77 -23.92
N GLY A 482 30.40 11.45 -22.78
CA GLY A 482 29.42 12.50 -22.65
C GLY A 482 28.12 12.12 -21.97
N LYS A 483 28.15 11.18 -21.03
CA LYS A 483 26.96 10.77 -20.29
C LYS A 483 27.27 10.73 -18.81
N PHE A 484 26.22 10.85 -18.00
CA PHE A 484 26.40 10.84 -16.54
C PHE A 484 26.78 9.45 -16.05
N GLY A 485 26.16 8.42 -16.58
CA GLY A 485 26.63 7.07 -16.30
C GLY A 485 25.63 6.19 -15.59
N THR A 486 25.40 5.00 -16.14
CA THR A 486 24.61 3.95 -15.51
C THR A 486 25.37 2.63 -15.66
N GLN A 487 24.84 1.58 -15.05
CA GLN A 487 25.41 0.25 -15.18
C GLN A 487 24.92 -0.42 -16.45
N GLU A 488 25.80 -1.19 -17.09
CA GLU A 488 25.49 -1.85 -18.35
C GLU A 488 26.05 -3.27 -18.34
N ARG A 489 25.41 -4.13 -19.12
CA ARG A 489 25.86 -5.50 -19.32
C ARG A 489 26.70 -5.56 -20.59
N VAL A 490 27.90 -6.13 -20.50
CA VAL A 490 28.86 -6.09 -21.59
C VAL A 490 29.11 -7.51 -22.10
N GLN A 491 29.06 -7.67 -23.41
CA GLN A 491 29.42 -8.92 -24.09
C GLN A 491 28.68 -10.14 -23.55
N ASN A 492 27.48 -9.93 -23.01
CA ASN A 492 26.67 -10.99 -22.42
C ASN A 492 27.47 -11.82 -21.43
N SER A 493 27.98 -11.15 -20.40
CA SER A 493 28.80 -11.77 -19.38
C SER A 493 28.25 -11.43 -18.00
N ASN A 494 28.76 -12.13 -16.99
CA ASN A 494 28.31 -11.90 -15.63
C ASN A 494 28.71 -10.52 -15.12
N LYS A 495 29.91 -10.07 -15.47
CA LYS A 495 30.41 -8.80 -14.96
C LYS A 495 29.66 -7.63 -15.58
N LYS A 496 29.54 -6.56 -14.79
CA LYS A 496 28.90 -5.31 -15.23
C LYS A 496 29.86 -4.15 -14.99
N GLU A 497 29.85 -3.19 -15.91
CA GLU A 497 30.75 -2.05 -15.83
C GLU A 497 29.97 -0.77 -16.15
N TRP A 498 30.48 0.34 -15.64
CA TRP A 498 29.86 1.64 -15.82
C TRP A 498 30.35 2.33 -17.09
N ASN A 499 29.69 3.44 -17.42
CA ASN A 499 30.13 4.34 -18.47
C ASN A 499 29.99 5.77 -17.94
N GLY A 500 30.44 6.73 -18.74
CA GLY A 500 30.46 8.11 -18.28
C GLY A 500 31.52 8.32 -17.22
N MET A 501 31.33 9.31 -16.34
CA MET A 501 32.30 9.51 -15.26
C MET A 501 32.35 8.31 -14.33
N MET A 502 31.19 7.69 -14.09
CA MET A 502 31.12 6.59 -13.14
C MET A 502 32.09 5.46 -13.48
N GLY A 503 32.43 5.28 -14.76
CA GLY A 503 33.52 4.41 -15.13
C GLY A 503 34.87 5.07 -15.23
N GLU A 504 34.95 6.38 -14.96
CA GLU A 504 36.23 7.09 -15.11
C GLU A 504 37.06 7.04 -13.84
N LEU A 505 36.52 7.57 -12.73
CA LEU A 505 37.28 7.59 -11.49
C LEU A 505 37.44 6.19 -10.90
N LEU A 506 36.57 5.25 -11.24
CA LEU A 506 36.70 3.89 -10.74
C LEU A 506 37.87 3.15 -11.36
N SER A 507 38.48 3.68 -12.43
CA SER A 507 39.67 3.08 -13.04
C SER A 507 40.75 4.15 -13.19
N GLY A 508 41.45 4.43 -12.10
CA GLY A 508 42.74 5.11 -12.10
C GLY A 508 42.96 6.34 -12.96
N GLN A 509 41.90 7.07 -13.35
CA GLN A 509 42.12 8.24 -14.18
C GLN A 509 41.23 9.41 -13.80
N ALA A 510 40.83 9.51 -12.53
CA ALA A 510 40.08 10.65 -12.04
C ALA A 510 40.03 10.58 -10.52
N ASP A 511 40.02 11.75 -9.89
CA ASP A 511 39.98 11.83 -8.44
C ASP A 511 38.81 12.64 -7.88
N MET A 512 38.11 13.43 -8.68
CA MET A 512 37.01 14.24 -8.16
C MET A 512 36.05 14.55 -9.29
N ILE A 513 34.82 14.91 -8.89
CA ILE A 513 33.76 15.30 -9.80
C ILE A 513 33.13 16.57 -9.27
N VAL A 514 33.09 17.62 -10.09
CA VAL A 514 32.51 18.88 -9.67
C VAL A 514 31.25 19.22 -10.47
N ALA A 515 30.90 18.40 -11.43
CA ALA A 515 29.68 18.60 -12.21
C ALA A 515 28.48 18.10 -11.42
N PRO A 516 27.29 18.64 -11.69
CA PRO A 516 26.12 18.24 -10.89
C PRO A 516 25.63 16.83 -11.22
N LEU A 517 25.83 15.91 -10.28
CA LEU A 517 25.34 14.55 -10.39
C LEU A 517 24.46 14.24 -9.18
N THR A 518 23.30 13.63 -9.43
CA THR A 518 22.32 13.44 -8.38
C THR A 518 22.76 12.34 -7.42
N ILE A 519 22.49 12.55 -6.13
CA ILE A 519 22.76 11.56 -5.10
C ILE A 519 21.60 10.57 -5.07
N ASN A 520 21.91 9.28 -5.19
CA ASN A 520 20.90 8.24 -5.17
C ASN A 520 21.54 6.95 -4.70
N ASN A 521 20.68 5.99 -4.34
CA ASN A 521 21.16 4.74 -3.74
C ASN A 521 21.99 3.92 -4.71
N GLU A 522 21.72 4.04 -6.01
CA GLU A 522 22.41 3.20 -6.99
C GLU A 522 23.90 3.49 -7.03
N ARG A 523 24.28 4.76 -7.00
CA ARG A 523 25.69 5.15 -7.07
C ARG A 523 26.32 5.34 -5.69
N ALA A 524 25.54 5.26 -4.62
CA ALA A 524 26.07 5.49 -3.28
C ALA A 524 26.80 4.28 -2.72
N GLN A 525 26.74 3.13 -3.38
CA GLN A 525 27.43 1.93 -2.90
C GLN A 525 28.88 1.85 -3.37
N TYR A 526 29.27 2.66 -4.34
CA TYR A 526 30.64 2.67 -4.83
C TYR A 526 31.34 4.01 -4.68
N ILE A 527 30.60 5.09 -4.45
CA ILE A 527 31.17 6.42 -4.31
C ILE A 527 30.55 7.07 -3.07
N GLU A 528 31.39 7.66 -2.23
CA GLU A 528 30.91 8.40 -1.07
C GLU A 528 30.77 9.87 -1.44
N PHE A 529 29.65 10.46 -1.05
CA PHE A 529 29.27 11.80 -1.48
C PHE A 529 29.49 12.80 -0.35
N SER A 530 29.99 13.98 -0.71
CA SER A 530 30.03 15.07 0.25
C SER A 530 28.63 15.64 0.44
N LYS A 531 28.47 16.44 1.50
CA LYS A 531 27.17 17.02 1.77
C LYS A 531 26.77 17.97 0.66
N PRO A 532 25.49 17.98 0.28
CA PRO A 532 25.07 18.74 -0.91
C PRO A 532 25.28 20.23 -0.75
N PHE A 533 25.59 20.87 -1.88
CA PHE A 533 25.72 22.32 -1.94
C PHE A 533 24.58 22.98 -2.71
N LYS A 534 23.55 22.21 -3.08
CA LYS A 534 22.41 22.73 -3.83
C LYS A 534 21.29 21.70 -3.76
N TYR A 535 20.10 22.15 -3.39
CA TYR A 535 18.93 21.29 -3.28
C TYR A 535 17.99 21.57 -4.44
N GLN A 536 17.48 20.51 -5.06
CA GLN A 536 16.65 20.66 -6.25
C GLN A 536 15.74 19.45 -6.36
N GLY A 537 15.11 19.30 -7.52
CA GLY A 537 14.20 18.19 -7.77
C GLY A 537 13.85 18.13 -9.24
N LEU A 538 13.04 17.14 -9.59
CA LEU A 538 12.59 17.00 -10.96
C LEU A 538 11.38 17.88 -11.24
N THR A 539 11.21 18.23 -12.51
CA THR A 539 10.09 19.08 -12.93
C THR A 539 9.89 18.87 -14.43
N ILE A 540 8.84 19.49 -14.96
CA ILE A 540 8.43 19.32 -16.35
C ILE A 540 8.48 20.67 -17.05
N LEU A 541 9.02 20.68 -18.27
CA LEU A 541 9.11 21.88 -19.09
C LEU A 541 8.21 21.72 -20.30
N VAL A 542 7.32 22.69 -20.52
CA VAL A 542 6.36 22.65 -21.61
C VAL A 542 6.31 24.02 -22.28
N LYS A 543 5.79 24.03 -23.51
CA LYS A 543 5.63 25.26 -24.26
C LYS A 543 4.41 26.03 -23.76
N LYS A 544 4.32 27.29 -24.15
CA LYS A 544 3.22 28.17 -23.77
C LYS A 544 2.61 28.79 -25.02
N GLU A 545 1.35 29.20 -24.90
CA GLU A 545 0.59 29.72 -26.02
C GLU A 545 0.51 31.24 -25.97
N ILE A 546 0.20 31.83 -27.12
CA ILE A 546 0.05 33.28 -27.22
C ILE A 546 -1.26 33.69 -26.56
N PRO A 547 -1.32 34.81 -25.84
CA PRO A 547 -2.60 35.27 -25.30
C PRO A 547 -3.38 36.12 -26.29
N ARG A 548 -4.55 36.60 -25.88
CA ARG A 548 -5.39 37.38 -26.77
C ARG A 548 -4.84 38.80 -26.94
N SER A 549 -5.32 39.47 -27.97
CA SER A 549 -4.91 40.84 -28.25
C SER A 549 -5.62 41.80 -27.29
N THR A 550 -5.34 43.10 -27.45
CA THR A 550 -5.95 44.10 -26.58
C THR A 550 -7.47 44.12 -26.74
N LEU A 551 -7.95 44.49 -27.91
CA LEU A 551 -9.36 44.47 -28.26
C LEU A 551 -9.52 44.97 -29.69
N ASP A 552 -10.72 44.77 -30.22
CA ASP A 552 -11.19 45.47 -31.41
C ASP A 552 -12.05 46.63 -30.90
N SER A 553 -11.49 47.84 -30.95
CA SER A 553 -12.04 48.99 -30.24
C SER A 553 -13.56 49.07 -30.36
N PHE A 554 -14.06 49.03 -31.59
CA PHE A 554 -15.50 49.13 -31.81
C PHE A 554 -16.13 47.75 -32.01
N MET A 555 -15.44 46.86 -32.71
CA MET A 555 -16.06 45.62 -33.15
C MET A 555 -16.23 44.62 -32.01
N GLN A 556 -15.35 44.64 -31.02
CA GLN A 556 -15.38 43.62 -29.97
C GLN A 556 -16.66 43.64 -29.15
N PRO A 557 -17.13 44.77 -28.60
CA PRO A 557 -18.23 44.71 -27.64
C PRO A 557 -19.61 44.47 -28.24
N PHE A 558 -19.83 44.80 -29.52
CA PHE A 558 -21.13 44.67 -30.15
C PHE A 558 -20.99 44.00 -31.51
N GLN A 559 -22.05 43.31 -31.96
CA GLN A 559 -22.07 42.81 -33.32
C GLN A 559 -22.19 43.97 -34.31
N SER A 560 -21.88 43.68 -35.57
CA SER A 560 -22.11 44.66 -36.63
C SER A 560 -23.61 44.84 -36.89
N THR A 561 -24.41 43.81 -36.65
CA THR A 561 -25.85 43.91 -36.93
C THR A 561 -26.58 44.75 -35.89
N LEU A 562 -26.06 44.82 -34.66
CA LEU A 562 -26.72 45.59 -33.62
C LEU A 562 -26.71 47.08 -33.92
N TRP A 563 -25.59 47.59 -34.44
CA TRP A 563 -25.42 49.02 -34.64
C TRP A 563 -26.44 49.58 -35.62
N LEU A 564 -26.65 48.87 -36.73
CA LEU A 564 -27.63 49.33 -37.71
C LEU A 564 -29.03 49.35 -37.10
N LEU A 565 -29.36 48.35 -36.28
CA LEU A 565 -30.64 48.36 -35.58
C LEU A 565 -30.70 49.52 -34.57
N VAL A 566 -29.61 49.77 -33.85
CA VAL A 566 -29.57 50.89 -32.92
C VAL A 566 -29.68 52.21 -33.66
N GLY A 567 -28.91 52.36 -34.75
CA GLY A 567 -28.96 53.59 -35.51
C GLY A 567 -30.32 53.83 -36.13
N LEU A 568 -30.95 52.78 -36.66
CA LEU A 568 -32.29 52.91 -37.20
C LEU A 568 -33.30 53.27 -36.11
N SER A 569 -33.16 52.65 -34.93
CA SER A 569 -34.09 52.90 -33.84
C SER A 569 -34.08 54.36 -33.40
N VAL A 570 -32.91 55.00 -33.47
CA VAL A 570 -32.83 56.43 -33.16
C VAL A 570 -33.66 57.24 -34.15
N HIS A 571 -33.62 56.86 -35.42
CA HIS A 571 -34.38 57.56 -36.44
C HIS A 571 -35.88 57.31 -36.32
N VAL A 572 -36.28 56.20 -35.69
CA VAL A 572 -37.71 55.90 -35.57
C VAL A 572 -38.41 56.91 -34.69
N VAL A 573 -37.85 57.18 -33.51
CA VAL A 573 -38.50 58.08 -32.57
C VAL A 573 -38.50 59.51 -33.10
N ALA A 574 -37.44 59.92 -33.79
CA ALA A 574 -37.37 61.29 -34.30
C ALA A 574 -38.55 61.59 -35.23
N VAL A 575 -38.96 60.61 -36.03
CA VAL A 575 -40.16 60.78 -36.84
C VAL A 575 -41.39 60.92 -35.95
N MET A 576 -41.47 60.10 -34.90
CA MET A 576 -42.63 60.13 -34.01
C MET A 576 -42.75 61.44 -33.25
N LEU A 577 -41.62 62.00 -32.80
CA LEU A 577 -41.67 63.25 -32.04
C LEU A 577 -42.26 64.39 -32.87
N TYR A 578 -41.93 64.43 -34.17
CA TYR A 578 -42.53 65.44 -35.04
C TYR A 578 -44.04 65.24 -35.16
N LEU A 579 -44.48 63.98 -35.19
CA LEU A 579 -45.90 63.69 -35.35
C LEU A 579 -46.71 64.25 -34.19
N LEU A 580 -46.22 64.12 -32.96
CA LEU A 580 -47.00 64.55 -31.80
C LEU A 580 -47.09 66.07 -31.70
N ASP A 581 -46.11 66.79 -32.24
CA ASP A 581 -46.13 68.25 -32.15
C ASP A 581 -47.24 68.85 -33.00
N ARG A 582 -47.34 68.41 -34.26
CA ARG A 582 -48.34 68.99 -35.16
C ARG A 582 -49.75 68.45 -34.87
N PHE A 583 -49.86 67.19 -34.44
CA PHE A 583 -51.17 66.59 -34.22
C PHE A 583 -51.93 67.24 -33.08
N SER A 584 -51.24 67.86 -32.12
CA SER A 584 -51.90 68.50 -31.00
C SER A 584 -51.77 70.02 -31.07
N THR A 602 -39.77 72.08 -37.41
CA THR A 602 -39.00 71.62 -36.26
C THR A 602 -38.37 70.25 -36.52
N LEU A 603 -38.31 69.88 -37.80
CA LEU A 603 -37.76 68.58 -38.16
C LEU A 603 -36.30 68.44 -37.74
N SER A 604 -35.47 69.42 -38.11
CA SER A 604 -34.06 69.38 -37.74
C SER A 604 -33.88 69.48 -36.23
N SER A 605 -34.64 70.37 -35.59
CA SER A 605 -34.51 70.54 -34.14
C SER A 605 -34.91 69.26 -33.40
N ALA A 606 -36.01 68.63 -33.82
CA ALA A 606 -36.40 67.36 -33.22
C ALA A 606 -35.38 66.27 -33.48
N MET A 607 -34.78 66.27 -34.68
CA MET A 607 -33.75 65.28 -34.99
C MET A 607 -32.52 65.44 -34.09
N TRP A 608 -32.16 66.69 -33.79
CA TRP A 608 -31.01 66.93 -32.92
C TRP A 608 -31.24 66.41 -31.51
N PHE A 609 -32.46 66.57 -30.98
CA PHE A 609 -32.74 66.22 -29.59
C PHE A 609 -32.50 64.73 -29.32
N SER A 610 -33.27 63.86 -29.98
CA SER A 610 -33.19 62.43 -29.69
C SER A 610 -31.82 61.86 -30.00
N TRP A 611 -31.24 62.29 -31.13
CA TRP A 611 -29.90 61.82 -31.48
C TRP A 611 -28.85 62.40 -30.55
N GLY A 612 -29.08 63.62 -30.06
CA GLY A 612 -28.14 64.23 -29.13
C GLY A 612 -28.10 63.56 -27.76
N VAL A 613 -29.27 63.17 -27.25
CA VAL A 613 -29.36 62.63 -25.89
C VAL A 613 -28.55 61.35 -25.76
N LEU A 614 -28.68 60.45 -26.74
CA LEU A 614 -27.95 59.18 -26.67
C LEU A 614 -26.44 59.39 -26.72
N LEU A 615 -26.00 60.47 -27.35
CA LEU A 615 -24.57 60.73 -27.49
C LEU A 615 -23.99 61.49 -26.30
N ASN A 616 -24.83 61.95 -25.38
CA ASN A 616 -24.47 62.66 -24.15
C ASN A 616 -23.92 64.06 -24.41
N SER A 617 -23.78 64.46 -25.67
CA SER A 617 -23.29 65.81 -25.97
C SER A 617 -24.42 66.83 -25.82
N GLY A 618 -24.06 68.00 -25.31
CA GLY A 618 -25.04 69.07 -25.16
C GLY A 618 -25.06 70.05 -26.32
N ILE A 619 -25.96 69.83 -27.27
CA ILE A 619 -26.18 70.74 -28.38
C ILE A 619 -27.68 70.84 -28.63
N GLY A 620 -28.15 72.07 -28.84
CA GLY A 620 -29.55 72.30 -29.16
C GLY A 620 -30.35 72.85 -28.00
N GLU A 621 -31.33 73.70 -28.31
CA GLU A 621 -32.18 74.31 -27.29
C GLU A 621 -33.64 73.88 -27.41
N GLY A 622 -34.02 73.16 -28.45
CA GLY A 622 -35.40 72.74 -28.59
C GLY A 622 -35.79 71.71 -27.56
N ALA A 623 -37.04 71.80 -27.10
CA ALA A 623 -37.59 70.90 -26.12
C ALA A 623 -39.05 70.62 -26.46
N PRO A 624 -39.56 69.45 -26.09
CA PRO A 624 -40.98 69.16 -26.33
C PRO A 624 -41.88 69.93 -25.39
N ARG A 625 -42.58 70.95 -25.91
CA ARG A 625 -43.43 71.77 -25.07
C ARG A 625 -44.72 71.05 -24.69
N SER A 626 -45.27 70.26 -25.62
CA SER A 626 -46.52 69.58 -25.37
C SER A 626 -46.33 68.43 -24.38
N PHE A 627 -47.42 68.11 -23.67
CA PHE A 627 -47.40 67.01 -22.71
C PHE A 627 -47.27 65.65 -23.38
N SER A 628 -47.51 65.58 -24.70
CA SER A 628 -47.49 64.33 -25.42
C SER A 628 -46.11 63.67 -25.38
N ALA A 629 -45.07 64.42 -25.76
CA ALA A 629 -43.73 63.86 -25.82
C ALA A 629 -43.01 63.88 -24.49
N ARG A 630 -43.56 64.55 -23.48
CA ARG A 630 -42.89 64.60 -22.17
C ARG A 630 -42.78 63.21 -21.56
N ILE A 631 -43.86 62.42 -21.64
CA ILE A 631 -43.80 61.05 -21.12
C ILE A 631 -42.89 60.19 -21.98
N LEU A 632 -42.91 60.39 -23.29
CA LEU A 632 -42.07 59.61 -24.19
C LEU A 632 -40.63 60.07 -24.14
N GLY A 633 -40.41 61.38 -23.97
CA GLY A 633 -39.05 61.89 -23.92
C GLY A 633 -38.28 61.40 -22.71
N MET A 634 -38.94 61.33 -21.56
CA MET A 634 -38.25 60.93 -20.33
C MET A 634 -37.72 59.50 -20.41
N VAL A 635 -38.55 58.58 -20.93
CA VAL A 635 -38.12 57.18 -21.02
C VAL A 635 -37.03 57.01 -22.06
N TRP A 636 -37.01 57.86 -23.08
CA TRP A 636 -35.97 57.76 -24.10
C TRP A 636 -34.59 58.05 -23.52
N ALA A 637 -34.52 58.99 -22.58
CA ALA A 637 -33.25 59.27 -21.91
C ALA A 637 -32.77 58.05 -21.12
N GLY A 638 -33.70 57.30 -20.52
CA GLY A 638 -33.31 56.10 -19.82
C GLY A 638 -32.66 55.07 -20.71
N PHE A 639 -33.19 54.90 -21.92
CA PHE A 639 -32.60 53.95 -22.86
C PHE A 639 -31.21 54.38 -23.30
N ALA A 640 -30.88 55.66 -23.22
CA ALA A 640 -29.55 56.11 -23.59
C ALA A 640 -28.49 55.62 -22.61
N MET A 641 -28.80 55.67 -21.32
CA MET A 641 -27.80 55.29 -20.32
C MET A 641 -27.64 53.78 -20.23
N ILE A 642 -28.69 53.01 -20.50
CA ILE A 642 -28.58 51.56 -20.39
C ILE A 642 -27.66 50.99 -21.45
N ILE A 643 -27.61 51.61 -22.63
CA ILE A 643 -26.72 51.14 -23.69
C ILE A 643 -25.28 51.39 -23.30
N VAL A 644 -24.97 52.60 -22.81
CA VAL A 644 -23.61 52.93 -22.44
C VAL A 644 -23.16 52.12 -21.22
N ALA A 645 -24.04 52.00 -20.23
CA ALA A 645 -23.69 51.27 -19.01
C ALA A 645 -23.37 49.82 -19.30
N SER A 646 -24.18 49.17 -20.15
CA SER A 646 -23.89 47.79 -20.53
C SER A 646 -22.58 47.68 -21.30
N TYR A 647 -22.28 48.68 -22.12
CA TYR A 647 -21.03 48.66 -22.88
C TYR A 647 -19.82 48.68 -21.94
N THR A 648 -19.87 49.53 -20.90
CA THR A 648 -18.76 49.61 -19.97
C THR A 648 -18.55 48.30 -19.21
N ALA A 649 -19.64 47.67 -18.77
CA ALA A 649 -19.53 46.42 -18.04
C ALA A 649 -18.96 45.32 -18.93
N ASN A 650 -19.41 45.26 -20.19
CA ASN A 650 -18.95 44.21 -21.10
C ASN A 650 -17.45 44.31 -21.35
N LEU A 651 -16.94 45.54 -21.57
CA LEU A 651 -15.52 45.71 -21.82
C LEU A 651 -14.70 45.27 -20.61
N ALA A 652 -15.20 45.52 -19.40
CA ALA A 652 -14.52 45.04 -18.21
C ALA A 652 -14.51 43.52 -18.15
N ALA A 653 -15.61 42.88 -18.53
CA ALA A 653 -15.68 41.43 -18.49
C ALA A 653 -14.73 40.79 -19.49
N PHE A 654 -14.55 41.40 -20.66
CA PHE A 654 -13.65 40.85 -21.67
C PHE A 654 -12.19 41.02 -21.32
N LEU A 655 -11.84 42.05 -20.55
CA LEU A 655 -10.45 42.32 -20.19
C LEU A 655 -9.98 41.59 -18.95
N VAL A 656 -10.85 40.83 -18.28
CA VAL A 656 -10.48 40.13 -17.05
C VAL A 656 -10.46 38.62 -17.21
N LEU A 657 -11.43 38.02 -17.88
CA LEU A 657 -11.51 36.58 -18.00
C LEU A 657 -10.45 36.07 -18.98
N ASP A 658 -10.32 34.75 -19.08
CA ASP A 658 -9.36 34.14 -19.98
C ASP A 658 -9.88 32.77 -20.40
N ARG A 659 -9.44 32.31 -21.57
CA ARG A 659 -9.85 31.02 -22.07
C ARG A 659 -9.29 29.91 -21.17
N PRO A 660 -10.09 28.88 -20.90
CA PRO A 660 -9.60 27.78 -20.06
C PRO A 660 -8.49 27.00 -20.75
N GLU A 661 -7.60 26.44 -19.94
CA GLU A 661 -6.48 25.66 -20.45
C GLU A 661 -6.06 24.66 -19.38
N GLU A 662 -5.30 23.66 -19.79
CA GLU A 662 -4.85 22.60 -18.91
C GLU A 662 -3.33 22.61 -18.81
N ARG A 663 -2.82 22.70 -17.59
CA ARG A 663 -1.40 22.67 -17.31
C ARG A 663 -1.11 21.37 -16.55
N ILE A 664 -0.04 20.67 -16.93
CA ILE A 664 0.32 19.42 -16.30
C ILE A 664 0.53 19.63 -14.81
N THR A 665 -0.30 18.97 -13.99
CA THR A 665 -0.23 19.17 -12.55
C THR A 665 0.99 18.49 -11.95
N GLY A 666 1.56 17.51 -12.65
CA GLY A 666 2.73 16.81 -12.13
C GLY A 666 2.91 15.47 -12.79
N ILE A 667 3.38 14.51 -11.99
CA ILE A 667 3.61 13.15 -12.49
C ILE A 667 2.36 12.29 -12.41
N ASN A 668 1.31 12.74 -11.72
CA ASN A 668 0.08 11.99 -11.58
C ASN A 668 -1.02 12.46 -12.52
N ASP A 669 -0.68 13.29 -13.50
CA ASP A 669 -1.68 13.77 -14.44
C ASP A 669 -2.15 12.62 -15.33
N PRO A 670 -3.42 12.57 -15.69
CA PRO A 670 -3.93 11.45 -16.51
C PRO A 670 -3.24 11.32 -17.86
N ARG A 671 -2.79 12.42 -18.46
CA ARG A 671 -2.15 12.33 -19.77
C ARG A 671 -0.85 11.52 -19.69
N LEU A 672 -0.06 11.73 -18.65
CA LEU A 672 1.21 11.02 -18.52
C LEU A 672 0.99 9.57 -18.06
N ARG A 673 -0.02 9.35 -17.19
CA ARG A 673 -0.21 8.03 -16.62
C ARG A 673 -0.70 7.03 -17.67
N ASN A 674 -1.52 7.48 -18.61
CA ASN A 674 -2.05 6.64 -19.68
C ASN A 674 -1.70 7.29 -21.00
N PRO A 675 -0.49 7.06 -21.51
CA PRO A 675 -0.04 7.77 -22.72
C PRO A 675 -0.91 7.44 -23.92
N SER A 676 -1.21 8.48 -24.71
CA SER A 676 -1.95 8.33 -25.95
C SER A 676 -0.96 8.23 -27.12
N ASP A 677 -1.48 8.32 -28.35
CA ASP A 677 -0.65 8.28 -29.53
C ASP A 677 -0.24 9.66 -30.03
N LYS A 678 -0.65 10.73 -29.34
CA LYS A 678 -0.36 12.09 -29.78
C LYS A 678 0.38 12.90 -28.72
N PHE A 679 0.77 12.30 -27.61
CA PHE A 679 1.51 12.97 -26.56
C PHE A 679 2.87 12.32 -26.44
N ILE A 680 3.94 13.10 -26.61
CA ILE A 680 5.30 12.59 -26.64
C ILE A 680 6.13 13.33 -25.60
N TYR A 681 6.87 12.59 -24.78
CA TYR A 681 7.78 13.17 -23.80
C TYR A 681 8.96 12.23 -23.62
N ALA A 682 10.11 12.81 -23.28
CA ALA A 682 11.34 12.03 -23.16
C ALA A 682 12.34 12.76 -22.30
N THR A 683 13.38 12.03 -21.89
CA THR A 683 14.46 12.59 -21.09
C THR A 683 15.82 12.31 -21.73
N VAL A 684 16.90 12.58 -21.01
CA VAL A 684 18.25 12.36 -21.50
C VAL A 684 18.64 10.92 -21.23
N LYS A 685 19.20 10.26 -22.25
CA LYS A 685 19.58 8.86 -22.13
C LYS A 685 20.70 8.68 -21.11
N GLN A 686 20.64 7.58 -20.37
CA GLN A 686 21.64 7.21 -19.37
C GLN A 686 21.86 8.34 -18.36
N SER A 687 20.79 8.65 -17.63
CA SER A 687 20.81 9.66 -16.60
C SER A 687 20.19 9.10 -15.32
N SER A 688 20.15 9.93 -14.28
CA SER A 688 19.55 9.51 -13.02
C SER A 688 18.04 9.37 -13.12
N VAL A 689 17.40 10.07 -14.06
CA VAL A 689 15.97 9.94 -14.26
C VAL A 689 15.62 8.53 -14.73
N ASP A 690 16.43 7.97 -15.64
CA ASP A 690 16.16 6.63 -16.14
C ASP A 690 16.26 5.60 -15.03
N ILE A 691 17.17 5.81 -14.07
CA ILE A 691 17.29 4.89 -12.94
C ILE A 691 16.04 4.96 -12.08
N TYR A 692 15.50 6.16 -11.86
CA TYR A 692 14.34 6.34 -11.00
C TYR A 692 13.11 5.62 -11.56
N PHE A 693 12.89 5.72 -12.87
CA PHE A 693 11.69 5.14 -13.46
C PHE A 693 11.81 3.62 -13.61
N ARG A 694 13.03 3.13 -13.88
CA ARG A 694 13.21 1.70 -14.11
C ARG A 694 12.94 0.89 -12.83
N ARG A 695 13.43 1.38 -11.69
CA ARG A 695 13.32 0.61 -10.45
C ARG A 695 11.87 0.45 -10.02
N GLN A 696 11.08 1.51 -10.08
CA GLN A 696 9.71 1.44 -9.62
C GLN A 696 8.85 0.61 -10.58
N VAL A 697 7.86 -0.08 -10.02
CA VAL A 697 7.00 -0.98 -10.78
C VAL A 697 5.74 -0.27 -11.26
N GLU A 698 5.16 0.59 -10.41
CA GLU A 698 3.90 1.25 -10.76
C GLU A 698 4.01 2.13 -12.00
N LEU A 699 5.23 2.56 -12.36
CA LEU A 699 5.45 3.36 -13.56
C LEU A 699 6.02 2.54 -14.71
N SER A 700 5.77 1.23 -14.71
CA SER A 700 6.28 0.39 -15.80
C SER A 700 5.68 0.79 -17.14
N THR A 701 4.37 1.10 -17.15
CA THR A 701 3.73 1.51 -18.39
C THR A 701 4.23 2.84 -18.91
N MET A 702 4.86 3.65 -18.05
CA MET A 702 5.40 4.94 -18.46
C MET A 702 6.79 4.82 -19.05
N TYR A 703 7.60 3.88 -18.57
CA TYR A 703 8.97 3.75 -19.06
C TYR A 703 9.00 3.36 -20.54
N ARG A 704 8.10 2.48 -20.96
CA ARG A 704 8.12 1.98 -22.33
C ARG A 704 7.95 3.11 -23.34
N HIS A 705 7.03 4.03 -23.06
CA HIS A 705 6.82 5.16 -23.97
C HIS A 705 8.04 6.08 -24.02
N MET A 706 8.74 6.24 -22.90
CA MET A 706 9.84 7.19 -22.82
C MET A 706 11.09 6.69 -23.53
N GLU A 707 11.39 5.40 -23.42
CA GLU A 707 12.65 4.88 -23.94
C GLU A 707 12.73 4.89 -25.46
N LYS A 708 11.61 5.14 -26.15
CA LYS A 708 11.60 5.14 -27.61
C LYS A 708 11.96 6.51 -28.19
N HIS A 709 11.87 7.58 -27.40
CA HIS A 709 12.08 8.94 -27.90
C HIS A 709 13.16 9.69 -27.15
N ASN A 710 13.96 9.01 -26.32
CA ASN A 710 14.95 9.70 -25.51
C ASN A 710 16.03 10.33 -26.38
N TYR A 711 16.56 11.46 -25.92
CA TYR A 711 17.54 12.25 -26.64
C TYR A 711 18.94 11.95 -26.12
N GLU A 712 19.92 12.72 -26.60
CA GLU A 712 21.32 12.51 -26.26
C GLU A 712 21.88 13.51 -25.25
N SER A 713 21.42 14.75 -25.27
CA SER A 713 21.94 15.77 -24.38
C SER A 713 20.82 16.72 -23.98
N ALA A 714 21.01 17.36 -22.82
CA ALA A 714 20.00 18.29 -22.31
C ALA A 714 19.87 19.51 -23.21
N ALA A 715 20.99 20.03 -23.70
CA ALA A 715 20.95 21.22 -24.55
C ALA A 715 20.21 20.95 -25.85
N GLU A 716 20.43 19.77 -26.44
CA GLU A 716 19.76 19.44 -27.69
C GLU A 716 18.26 19.24 -27.48
N ALA A 717 17.87 18.67 -26.34
CA ALA A 717 16.46 18.38 -26.09
C ALA A 717 15.63 19.65 -25.96
N ILE A 718 16.19 20.71 -25.36
CA ILE A 718 15.43 21.95 -25.19
C ILE A 718 15.10 22.55 -26.55
N GLN A 719 16.02 22.45 -27.51
CA GLN A 719 15.75 22.96 -28.85
C GLN A 719 14.58 22.25 -29.51
N ALA A 720 14.37 20.98 -29.17
CA ALA A 720 13.27 20.22 -29.77
C ALA A 720 11.92 20.72 -29.32
N VAL A 721 11.82 21.21 -28.08
CA VAL A 721 10.54 21.72 -27.58
C VAL A 721 10.12 22.96 -28.35
N ARG A 722 11.09 23.79 -28.75
CA ARG A 722 10.78 25.02 -29.48
C ARG A 722 10.17 24.71 -30.84
N ASP A 723 10.63 23.64 -31.48
CA ASP A 723 10.20 23.29 -32.83
C ASP A 723 8.96 22.41 -32.86
N ASN A 724 8.33 22.18 -31.71
CA ASN A 724 7.10 21.39 -31.61
C ASN A 724 7.30 19.96 -32.11
N LYS A 725 8.48 19.40 -31.85
CA LYS A 725 8.71 17.97 -32.04
C LYS A 725 8.64 17.21 -30.72
N LEU A 726 8.30 17.89 -29.63
CA LEU A 726 8.23 17.27 -28.31
C LEU A 726 7.35 18.13 -27.43
N HIS A 727 6.47 17.50 -26.65
CA HIS A 727 5.50 18.22 -25.84
C HIS A 727 5.99 18.47 -24.42
N ALA A 728 6.69 17.51 -23.82
CA ALA A 728 7.17 17.65 -22.45
C ALA A 728 8.61 17.16 -22.35
N PHE A 729 9.32 17.69 -21.36
CA PHE A 729 10.71 17.31 -21.10
C PHE A 729 10.93 17.29 -19.60
N ILE A 730 11.42 16.16 -19.09
CA ILE A 730 11.62 15.97 -17.66
C ILE A 730 13.12 16.04 -17.37
N TRP A 731 13.50 16.91 -16.44
CA TRP A 731 14.90 17.12 -16.10
C TRP A 731 14.93 17.82 -14.75
N ASP A 732 16.15 18.05 -14.25
CA ASP A 732 16.32 18.69 -12.96
C ASP A 732 15.77 20.11 -12.99
N SER A 733 15.17 20.54 -11.87
CA SER A 733 14.54 21.85 -11.82
C SER A 733 15.56 22.98 -11.85
N ALA A 734 16.76 22.76 -11.29
CA ALA A 734 17.77 23.81 -11.24
C ALA A 734 18.16 24.26 -12.64
N VAL A 735 18.36 23.31 -13.56
CA VAL A 735 18.72 23.65 -14.92
C VAL A 735 17.53 24.27 -15.65
N LEU A 736 16.34 23.70 -15.48
CA LEU A 736 15.18 24.16 -16.24
C LEU A 736 14.70 25.53 -15.76
N GLU A 737 14.79 25.80 -14.46
CA GLU A 737 14.35 27.10 -13.95
C GLU A 737 15.18 28.23 -14.54
N PHE A 738 16.49 28.02 -14.68
CA PHE A 738 17.34 29.01 -15.34
C PHE A 738 16.96 29.18 -16.81
N GLU A 739 16.58 28.10 -17.48
CA GLU A 739 16.27 28.15 -18.91
C GLU A 739 15.00 28.93 -19.19
N ALA A 740 14.01 28.85 -18.30
CA ALA A 740 12.74 29.53 -18.54
C ALA A 740 12.92 31.05 -18.57
N SER A 741 13.76 31.57 -17.67
CA SER A 741 13.93 33.02 -17.59
C SER A 741 14.58 33.58 -18.86
N GLN A 742 15.58 32.87 -19.41
CA GLN A 742 16.28 33.37 -20.57
C GLN A 742 15.35 33.49 -21.77
N LYS A 743 14.53 32.48 -22.00
CA LYS A 743 13.53 32.48 -23.07
C LYS A 743 12.19 32.12 -22.47
N CYS A 744 11.30 33.10 -22.36
CA CYS A 744 10.03 32.94 -21.66
C CYS A 744 8.90 32.62 -22.63
N ASP A 745 9.21 31.88 -23.70
CA ASP A 745 8.20 31.17 -24.47
C ASP A 745 8.02 29.74 -23.97
N LEU A 746 8.76 29.36 -22.94
CA LEU A 746 8.60 28.09 -22.23
C LEU A 746 8.16 28.38 -20.80
N VAL A 747 7.76 27.32 -20.10
CA VAL A 747 7.29 27.46 -18.72
C VAL A 747 7.41 26.12 -18.03
N THR A 748 7.55 26.15 -16.71
CA THR A 748 7.63 24.95 -15.89
C THR A 748 6.35 24.80 -15.07
N THR A 749 5.81 23.58 -15.05
CA THR A 749 4.56 23.30 -14.36
C THR A 749 4.73 22.10 -13.44
N GLY A 750 3.86 22.03 -12.43
CA GLY A 750 3.86 20.92 -11.50
C GLY A 750 4.81 21.12 -10.33
N GLU A 751 4.67 20.23 -9.35
CA GLU A 751 5.50 20.26 -8.16
C GLU A 751 6.75 19.41 -8.37
N LEU A 752 7.63 19.42 -7.36
CA LEU A 752 8.91 18.73 -7.43
C LEU A 752 8.78 17.36 -6.77
N PHE A 753 9.31 16.34 -7.45
CA PHE A 753 9.34 14.99 -6.94
C PHE A 753 10.77 14.45 -7.03
N PHE A 754 11.06 13.46 -6.17
CA PHE A 754 12.40 12.88 -6.04
C PHE A 754 13.42 13.97 -5.69
N ARG A 755 13.21 14.56 -4.51
CA ARG A 755 14.03 15.67 -4.05
C ARG A 755 15.39 15.15 -3.58
N SER A 756 16.44 15.48 -4.33
CA SER A 756 17.82 15.16 -3.97
C SER A 756 18.69 16.35 -4.32
N GLY A 757 19.96 16.29 -3.91
CA GLY A 757 20.89 17.38 -4.08
C GLY A 757 22.07 17.02 -4.98
N PHE A 758 22.87 18.03 -5.25
CA PHE A 758 24.10 17.88 -6.02
C PHE A 758 25.28 17.79 -5.05
N GLY A 759 26.19 16.84 -5.32
CA GLY A 759 27.33 16.62 -4.46
C GLY A 759 28.61 16.52 -5.28
N ILE A 760 29.72 16.43 -4.55
CA ILE A 760 31.05 16.25 -5.14
C ILE A 760 31.50 14.84 -4.80
N GLY A 761 31.62 13.99 -5.81
CA GLY A 761 31.90 12.58 -5.62
C GLY A 761 33.39 12.28 -5.71
N MET A 762 33.83 11.31 -4.90
CA MET A 762 35.20 10.84 -4.92
C MET A 762 35.25 9.45 -4.30
N ARG A 763 36.37 8.77 -4.53
CA ARG A 763 36.51 7.38 -4.12
C ARG A 763 36.41 7.22 -2.61
N LYS A 764 36.11 6.00 -2.18
CA LYS A 764 35.92 5.72 -0.76
C LYS A 764 37.20 5.97 0.03
N ASP A 765 38.33 5.53 -0.50
CA ASP A 765 39.62 5.76 0.15
C ASP A 765 40.21 7.06 -0.37
N SER A 766 40.23 8.08 0.48
CA SER A 766 40.75 9.38 0.09
C SER A 766 41.08 10.21 1.33
N PRO A 767 42.27 10.80 1.42
CA PRO A 767 42.57 11.70 2.53
C PRO A 767 41.73 12.97 2.51
N TRP A 768 41.14 13.32 1.38
CA TRP A 768 40.34 14.53 1.25
C TRP A 768 38.88 14.33 1.64
N LYS A 769 38.49 13.11 2.03
CA LYS A 769 37.09 12.84 2.31
C LYS A 769 36.55 13.70 3.45
N GLN A 770 37.32 13.79 4.53
CA GLN A 770 36.82 14.49 5.72
C GLN A 770 36.82 16.00 5.53
N GLN A 771 37.88 16.54 4.92
CA GLN A 771 38.07 17.98 4.86
C GLN A 771 37.16 18.66 3.83
N VAL A 772 36.84 17.98 2.72
CA VAL A 772 36.03 18.60 1.68
C VAL A 772 34.62 18.90 2.19
N SER A 773 34.04 17.96 2.94
CA SER A 773 32.68 18.14 3.43
C SER A 773 32.58 19.34 4.37
N LEU A 774 33.58 19.53 5.22
CA LEU A 774 33.55 20.66 6.16
C LEU A 774 33.69 21.99 5.43
N SER A 775 34.47 22.03 4.35
CA SER A 775 34.69 23.28 3.63
C SER A 775 33.39 23.79 3.01
N ILE A 776 32.58 22.89 2.44
CA ILE A 776 31.32 23.30 1.85
C ILE A 776 30.36 23.79 2.93
N LEU A 777 30.33 23.13 4.09
CA LEU A 777 29.46 23.56 5.17
C LEU A 777 29.85 24.95 5.67
N LYS A 778 31.15 25.25 5.70
CA LYS A 778 31.60 26.59 6.08
C LYS A 778 31.08 27.64 5.09
N SER A 779 30.97 27.29 3.81
CA SER A 779 30.57 28.26 2.80
C SER A 779 29.13 28.73 3.00
N HIS A 780 28.23 27.85 3.44
CA HIS A 780 26.84 28.24 3.63
C HIS A 780 26.70 29.32 4.69
N GLU A 781 27.42 29.19 5.80
CA GLU A 781 27.34 30.20 6.85
C GLU A 781 27.97 31.51 6.41
N ASN A 782 29.08 31.46 5.68
CA ASN A 782 29.76 32.67 5.25
C ASN A 782 29.01 33.44 4.18
N GLY A 783 27.96 32.87 3.60
CA GLY A 783 27.21 33.55 2.57
C GLY A 783 27.82 33.50 1.19
N PHE A 784 28.85 32.67 0.98
CA PHE A 784 29.49 32.58 -0.33
C PHE A 784 28.52 32.03 -1.37
N MET A 785 27.70 31.05 -0.99
CA MET A 785 26.77 30.45 -1.94
C MET A 785 25.73 31.45 -2.44
N GLU A 786 25.28 32.35 -1.57
CA GLU A 786 24.31 33.36 -1.97
C GLU A 786 24.90 34.30 -3.02
N ASP A 787 26.17 34.69 -2.85
CA ASP A 787 26.82 35.56 -3.81
C ASP A 787 26.93 34.88 -5.17
N LEU A 788 27.28 33.59 -5.19
CA LEU A 788 27.40 32.87 -6.45
C LEU A 788 26.05 32.73 -7.14
N ASP A 789 24.98 32.52 -6.37
CA ASP A 789 23.66 32.33 -6.95
C ASP A 789 23.20 33.57 -7.70
N LYS A 790 23.39 34.75 -7.10
CA LYS A 790 22.89 35.98 -7.71
C LYS A 790 23.63 36.30 -9.00
N THR A 791 24.92 36.01 -9.06
CA THR A 791 25.72 36.39 -10.23
C THR A 791 25.41 35.52 -11.44
N TRP A 792 25.23 34.22 -11.23
CA TRP A 792 25.18 33.27 -12.34
C TRP A 792 23.80 32.72 -12.65
N VAL A 793 22.92 32.59 -11.64
CA VAL A 793 21.70 31.83 -11.81
C VAL A 793 20.43 32.68 -11.69
N ARG A 794 20.46 33.77 -10.94
CA ARG A 794 19.23 34.43 -10.50
C ARG A 794 19.23 35.91 -10.89
N TYR A 795 19.52 36.21 -12.15
CA TYR A 795 19.31 37.57 -12.64
C TYR A 795 17.99 37.74 -13.38
N GLN A 796 17.57 36.75 -14.17
CA GLN A 796 16.22 36.68 -14.75
C GLN A 796 15.95 37.78 -15.78
N GLU A 797 15.13 37.49 -16.79
CA GLU A 797 14.81 38.50 -17.79
C GLU A 797 13.30 38.72 -17.90
N CYS A 798 12.53 37.63 -18.02
CA CYS A 798 11.07 37.75 -18.08
C CYS A 798 10.46 37.56 -16.70
N ASP A 799 9.42 38.36 -16.40
CA ASP A 799 8.71 38.22 -15.14
C ASP A 799 7.20 38.42 -15.24
N SER A 800 6.56 38.08 -16.36
CA SER A 800 5.16 38.42 -16.61
C SER A 800 4.18 37.47 -15.93
N ARG A 801 4.66 36.37 -15.34
CA ARG A 801 3.82 35.36 -14.68
C ARG A 801 2.80 34.85 -15.71
N SER A 802 1.51 34.79 -15.38
CA SER A 802 0.50 34.28 -16.30
C SER A 802 -0.69 35.21 -16.52
N ASN A 803 -1.14 35.92 -15.48
CA ASN A 803 -2.29 36.80 -15.63
C ASN A 803 -1.94 37.97 -16.55
N ALA A 804 -0.90 38.74 -16.20
CA ALA A 804 -0.35 39.81 -17.02
C ALA A 804 -1.42 40.80 -17.45
N PRO A 805 -1.93 41.65 -16.55
CA PRO A 805 -2.85 42.70 -16.99
C PRO A 805 -2.18 43.60 -18.02
N ALA A 806 -2.94 43.96 -19.05
CA ALA A 806 -2.39 44.58 -20.24
C ALA A 806 -2.69 46.08 -20.22
N THR A 807 -1.62 46.88 -20.20
CA THR A 807 -1.75 48.31 -20.43
C THR A 807 -1.93 48.55 -21.93
N LEU A 808 -3.14 48.93 -22.34
CA LEU A 808 -3.46 48.99 -23.76
C LEU A 808 -2.66 50.09 -24.45
N THR A 809 -2.06 49.75 -25.58
CA THR A 809 -1.20 50.62 -26.34
C THR A 809 -1.98 51.27 -27.48
N PHE A 810 -1.24 51.77 -28.45
CA PHE A 810 -1.82 52.47 -29.56
C PHE A 810 -2.63 51.64 -30.47
N GLU A 811 -2.58 50.39 -30.20
CA GLU A 811 -3.29 49.44 -31.05
C GLU A 811 -4.78 49.76 -31.10
N ASN A 812 -5.38 50.08 -29.95
CA ASN A 812 -6.79 50.46 -29.94
C ASN A 812 -7.00 51.85 -30.53
N MET A 813 -5.98 52.71 -30.48
CA MET A 813 -6.13 54.07 -30.97
C MET A 813 -6.34 54.14 -32.48
N ALA A 814 -5.80 53.18 -33.23
CA ALA A 814 -5.98 53.19 -34.68
C ALA A 814 -7.44 53.03 -35.07
N GLY A 815 -8.16 52.14 -34.37
CA GLY A 815 -9.54 51.87 -34.70
C GLY A 815 -10.51 52.95 -34.29
N VAL A 816 -10.07 53.90 -33.46
CA VAL A 816 -10.94 54.96 -32.96
C VAL A 816 -10.54 56.32 -33.49
N PHE A 817 -9.24 56.60 -33.60
CA PHE A 817 -8.82 57.91 -34.08
C PHE A 817 -9.02 58.06 -35.57
N MET A 818 -9.09 56.95 -36.31
CA MET A 818 -9.34 57.04 -37.75
C MET A 818 -10.71 57.60 -38.05
N LEU A 819 -11.72 57.21 -37.27
CA LEU A 819 -13.08 57.68 -37.51
C LEU A 819 -13.17 59.19 -37.27
N VAL A 820 -12.64 59.66 -36.14
CA VAL A 820 -12.71 61.08 -35.82
C VAL A 820 -11.83 61.90 -36.76
N ALA A 821 -10.66 61.36 -37.13
CA ALA A 821 -9.83 62.05 -38.11
C ALA A 821 -10.47 62.01 -39.50
N GLY A 822 -11.17 60.91 -39.81
CA GLY A 822 -11.84 60.81 -41.10
C GLY A 822 -12.90 61.87 -41.31
N GLY A 823 -13.57 62.28 -40.22
CA GLY A 823 -14.56 63.33 -40.34
C GLY A 823 -13.99 64.66 -40.79
N ILE A 824 -12.71 64.91 -40.52
CA ILE A 824 -12.08 66.17 -40.92
C ILE A 824 -12.06 66.29 -42.43
N VAL A 825 -11.60 65.25 -43.12
CA VAL A 825 -11.61 65.28 -44.58
C VAL A 825 -13.01 65.06 -45.14
N ALA A 826 -13.91 64.48 -44.35
CA ALA A 826 -15.31 64.33 -44.74
C ALA A 826 -16.15 65.54 -44.34
N GLY A 827 -15.61 66.45 -43.54
CA GLY A 827 -16.34 67.64 -43.16
C GLY A 827 -16.08 68.81 -44.10
N ILE A 828 -14.87 68.87 -44.64
CA ILE A 828 -14.55 69.93 -45.60
C ILE A 828 -15.36 69.76 -46.87
N PHE A 829 -15.63 68.51 -47.27
CA PHE A 829 -16.43 68.26 -48.46
C PHE A 829 -17.85 68.78 -48.27
N LEU A 830 -18.44 68.58 -47.09
CA LEU A 830 -19.80 69.04 -46.85
C LEU A 830 -19.88 70.54 -46.62
N ILE A 831 -18.73 71.23 -46.51
CA ILE A 831 -18.75 72.68 -46.51
C ILE A 831 -19.21 73.20 -47.87
N PHE A 832 -18.74 72.58 -48.96
CA PHE A 832 -19.08 73.04 -50.30
C PHE A 832 -20.58 72.97 -50.55
N ILE A 833 -21.22 71.87 -50.16
CA ILE A 833 -22.67 71.77 -50.33
C ILE A 833 -23.38 72.75 -49.41
N GLU A 834 -22.80 73.01 -48.23
CA GLU A 834 -23.42 73.93 -47.28
C GLU A 834 -23.42 75.35 -47.82
N ILE A 835 -22.28 75.80 -48.36
CA ILE A 835 -22.22 77.15 -48.93
C ILE A 835 -23.02 77.23 -50.23
N ALA A 836 -23.06 76.14 -51.01
CA ALA A 836 -23.86 76.14 -52.22
C ALA A 836 -25.35 76.19 -51.91
N TYR A 837 -25.78 75.46 -50.88
CA TYR A 837 -27.20 75.46 -50.52
C TYR A 837 -27.66 76.83 -50.03
N LYS A 838 -26.79 77.55 -49.32
CA LYS A 838 -27.13 78.90 -48.88
C LYS A 838 -27.35 79.82 -50.08
N ARG A 839 -26.49 79.74 -51.09
CA ARG A 839 -26.67 80.55 -52.28
C ARG A 839 -27.82 80.04 -53.14
N HIS A 840 -27.99 78.73 -53.23
CA HIS A 840 -29.08 78.16 -54.02
C HIS A 840 -30.44 78.49 -53.44
N LYS A 841 -30.60 78.43 -52.12
CA LYS A 841 -31.87 78.74 -51.47
C LYS A 841 -31.71 79.83 -50.43
N SER B 65 46.78 -38.06 -48.76
CA SER B 65 46.63 -39.35 -48.09
C SER B 65 46.56 -39.17 -46.57
N ILE B 66 45.35 -39.00 -46.06
CA ILE B 66 45.11 -38.81 -44.64
C ILE B 66 44.20 -39.95 -44.15
N GLY B 67 44.65 -40.68 -43.13
CA GLY B 67 43.90 -41.79 -42.61
C GLY B 67 42.99 -41.36 -41.47
N ILE B 68 41.75 -41.83 -41.51
CA ILE B 68 40.74 -41.52 -40.50
C ILE B 68 40.13 -42.83 -40.01
N ALA B 69 40.04 -43.00 -38.70
CA ALA B 69 39.50 -44.19 -38.09
C ALA B 69 38.18 -43.88 -37.39
N VAL B 70 37.35 -44.91 -37.28
CA VAL B 70 36.05 -44.82 -36.62
C VAL B 70 35.91 -45.98 -35.66
N ILE B 71 35.47 -45.68 -34.44
CA ILE B 71 35.35 -46.67 -33.37
C ILE B 71 33.90 -46.77 -32.94
N LEU B 72 33.39 -48.00 -32.89
CA LEU B 72 32.02 -48.27 -32.46
C LEU B 72 32.02 -49.09 -31.18
N VAL B 73 31.08 -48.78 -30.30
CA VAL B 73 30.90 -49.49 -29.04
C VAL B 73 29.47 -50.00 -28.99
N GLY B 74 29.31 -51.30 -28.70
CA GLY B 74 27.99 -51.89 -28.65
C GLY B 74 27.46 -52.25 -30.03
N THR B 75 26.17 -52.58 -30.07
CA THR B 75 25.53 -52.98 -31.31
C THR B 75 25.38 -51.80 -32.25
N SER B 76 25.56 -52.07 -33.54
CA SER B 76 25.42 -51.05 -34.58
C SER B 76 25.37 -51.76 -35.93
N ASP B 77 24.76 -51.09 -36.90
CA ASP B 77 24.66 -51.63 -38.26
C ASP B 77 25.99 -51.39 -38.97
N GLU B 78 26.89 -52.37 -38.84
CA GLU B 78 28.23 -52.23 -39.41
C GLU B 78 28.18 -52.11 -40.93
N VAL B 79 27.33 -52.90 -41.58
CA VAL B 79 27.23 -52.83 -43.04
C VAL B 79 26.69 -51.48 -43.48
N ALA B 80 25.77 -50.90 -42.71
CA ALA B 80 25.24 -49.58 -43.05
C ALA B 80 26.34 -48.52 -43.00
N ILE B 81 27.23 -48.61 -42.02
CA ILE B 81 28.34 -47.66 -41.93
C ILE B 81 29.25 -47.79 -43.15
N LYS B 82 29.55 -49.03 -43.55
CA LYS B 82 30.39 -49.25 -44.72
C LYS B 82 29.73 -48.71 -45.98
N ASP B 83 28.41 -48.90 -46.11
CA ASP B 83 27.71 -48.39 -47.28
C ASP B 83 27.67 -46.86 -47.30
N ALA B 84 27.48 -46.25 -46.13
CA ALA B 84 27.33 -44.80 -46.04
C ALA B 84 28.65 -44.05 -45.94
N HIS B 85 29.78 -44.77 -45.81
CA HIS B 85 31.08 -44.10 -45.78
C HIS B 85 31.30 -43.28 -47.05
N GLU B 86 31.08 -43.88 -48.22
CA GLU B 86 31.19 -43.17 -49.49
C GLU B 86 29.79 -42.76 -49.96
N LYS B 87 29.26 -41.73 -49.29
CA LYS B 87 27.92 -41.25 -49.57
C LYS B 87 27.85 -39.80 -50.03
N ASP B 88 28.97 -39.07 -49.99
CA ASP B 88 28.98 -37.67 -50.37
C ASP B 88 29.96 -37.43 -51.52
N ASP B 89 29.97 -36.19 -52.01
CA ASP B 89 30.85 -35.78 -53.10
C ASP B 89 32.13 -35.21 -52.50
N PHE B 90 33.25 -35.89 -52.73
CA PHE B 90 34.56 -35.49 -52.20
C PHE B 90 35.61 -35.56 -53.29
N HIS B 91 35.29 -34.99 -54.46
CA HIS B 91 36.19 -35.04 -55.60
C HIS B 91 37.03 -33.78 -55.77
N HIS B 92 36.42 -32.60 -55.61
CA HIS B 92 37.11 -31.33 -55.82
C HIS B 92 38.02 -30.94 -54.66
N LEU B 93 38.24 -31.84 -53.69
CA LEU B 93 39.11 -31.57 -52.56
C LEU B 93 40.17 -32.65 -52.49
N SER B 94 41.44 -32.24 -52.41
CA SER B 94 42.57 -33.15 -52.46
C SER B 94 42.80 -33.72 -51.07
N VAL B 95 41.99 -34.72 -50.71
CA VAL B 95 42.11 -35.42 -49.44
C VAL B 95 42.48 -36.89 -49.62
N VAL B 96 41.94 -37.53 -50.67
CA VAL B 96 42.02 -38.97 -50.92
C VAL B 96 42.02 -39.75 -49.62
N PRO B 97 40.96 -39.67 -48.82
CA PRO B 97 40.99 -40.29 -47.49
C PRO B 97 40.75 -41.79 -47.55
N ARG B 98 41.14 -42.45 -46.48
CA ARG B 98 40.89 -43.87 -46.28
C ARG B 98 40.14 -44.07 -44.97
N VAL B 99 39.17 -44.98 -44.98
CA VAL B 99 38.32 -45.24 -43.83
C VAL B 99 38.72 -46.57 -43.21
N GLU B 100 38.95 -46.57 -41.90
CA GLU B 100 39.29 -47.76 -41.15
C GLU B 100 38.31 -47.92 -40.00
N LEU B 101 37.65 -49.08 -39.94
CA LEU B 101 36.64 -49.34 -38.92
C LEU B 101 37.10 -50.47 -38.03
N VAL B 102 37.05 -50.23 -36.71
CA VAL B 102 37.43 -51.21 -35.72
C VAL B 102 36.35 -51.24 -34.64
N ALA B 103 35.98 -52.45 -34.21
CA ALA B 103 34.97 -52.65 -33.20
C ALA B 103 35.58 -53.26 -31.95
N MET B 104 35.05 -52.85 -30.80
CA MET B 104 35.55 -53.34 -29.52
C MET B 104 34.45 -53.16 -28.48
N ASN B 105 34.64 -53.81 -27.33
CA ASN B 105 33.67 -53.75 -26.24
C ASN B 105 34.00 -52.56 -25.34
N GLU B 106 33.34 -52.50 -24.19
CA GLU B 106 33.52 -51.42 -23.22
C GLU B 106 34.35 -51.86 -22.03
N THR B 107 35.42 -52.62 -22.28
CA THR B 107 36.16 -53.28 -21.21
C THR B 107 36.67 -52.28 -20.17
N ASP B 108 37.57 -51.39 -20.58
CA ASP B 108 38.14 -50.43 -19.62
C ASP B 108 38.92 -49.32 -20.30
N PRO B 109 39.30 -48.26 -19.57
CA PRO B 109 40.17 -47.24 -20.17
C PRO B 109 41.47 -47.81 -20.73
N LYS B 110 42.04 -48.83 -20.07
CA LYS B 110 43.29 -49.39 -20.56
C LYS B 110 43.11 -50.01 -21.94
N SER B 111 42.01 -50.74 -22.15
CA SER B 111 41.76 -51.31 -23.47
C SER B 111 41.56 -50.23 -24.52
N ILE B 112 40.85 -49.16 -24.18
CA ILE B 112 40.63 -48.06 -25.12
C ILE B 112 41.97 -47.42 -25.50
N ILE B 113 42.81 -47.17 -24.50
CA ILE B 113 44.11 -46.56 -24.77
C ILE B 113 44.98 -47.48 -25.63
N THR B 114 44.98 -48.78 -25.31
CA THR B 114 45.77 -49.72 -26.09
C THR B 114 45.29 -49.80 -27.53
N ARG B 115 43.96 -49.83 -27.73
CA ARG B 115 43.42 -49.90 -29.09
C ARG B 115 43.77 -48.63 -29.87
N ILE B 116 43.62 -47.47 -29.24
CA ILE B 116 43.94 -46.22 -29.92
C ILE B 116 45.42 -46.17 -30.28
N CYS B 117 46.28 -46.60 -29.35
CA CYS B 117 47.72 -46.64 -29.60
C CYS B 117 48.05 -47.56 -30.76
N ASP B 118 47.49 -48.78 -30.77
CA ASP B 118 47.77 -49.72 -31.83
C ASP B 118 47.30 -49.19 -33.17
N LEU B 119 46.09 -48.60 -33.23
CA LEU B 119 45.59 -48.07 -34.48
C LEU B 119 46.45 -46.92 -34.99
N MET B 120 46.77 -45.96 -34.12
CA MET B 120 47.54 -44.80 -34.58
C MET B 120 48.96 -45.19 -34.95
N SER B 121 49.48 -46.29 -34.38
CA SER B 121 50.78 -46.80 -34.81
C SER B 121 50.67 -47.59 -36.11
N ASP B 122 49.50 -48.13 -36.42
CA ASP B 122 49.40 -49.05 -37.56
C ASP B 122 49.53 -48.31 -38.89
N ARG B 123 48.58 -47.41 -39.21
CA ARG B 123 48.56 -46.83 -40.54
C ARG B 123 48.09 -45.37 -40.46
N LYS B 124 49.06 -44.47 -40.30
CA LYS B 124 48.94 -43.05 -40.63
C LYS B 124 47.58 -42.46 -40.28
N ILE B 125 47.20 -42.56 -39.01
CA ILE B 125 45.96 -41.96 -38.53
C ILE B 125 46.27 -40.59 -37.94
N GLN B 126 45.57 -39.57 -38.43
CA GLN B 126 45.70 -38.21 -37.92
C GLN B 126 44.45 -37.74 -37.19
N GLY B 127 43.43 -38.56 -37.09
CA GLY B 127 42.22 -38.19 -36.39
C GLY B 127 41.32 -39.38 -36.20
N VAL B 128 40.49 -39.31 -35.16
CA VAL B 128 39.62 -40.41 -34.77
C VAL B 128 38.21 -39.88 -34.59
N VAL B 129 37.23 -40.59 -35.15
CA VAL B 129 35.81 -40.30 -34.93
C VAL B 129 35.27 -41.38 -34.02
N PHE B 130 34.83 -41.00 -32.83
CA PHE B 130 34.49 -41.93 -31.77
C PHE B 130 32.98 -41.99 -31.59
N ALA B 131 32.44 -43.20 -31.61
CA ALA B 131 31.04 -43.46 -31.31
C ALA B 131 30.94 -44.31 -30.05
N ASP B 132 29.76 -44.26 -29.43
CA ASP B 132 29.56 -44.96 -28.16
C ASP B 132 28.06 -45.17 -28.01
N ASP B 133 27.71 -46.15 -27.18
CA ASP B 133 26.31 -46.49 -26.92
C ASP B 133 25.90 -46.39 -25.45
N THR B 134 26.84 -46.52 -24.51
CA THR B 134 26.49 -46.44 -23.10
C THR B 134 26.26 -44.98 -22.70
N ASP B 135 25.71 -44.80 -21.49
CA ASP B 135 25.39 -43.48 -20.97
C ASP B 135 26.43 -42.98 -19.96
N GLN B 136 27.58 -43.64 -19.90
CA GLN B 136 28.64 -43.21 -19.00
C GLN B 136 29.19 -41.85 -19.42
N GLU B 137 29.58 -41.05 -18.43
CA GLU B 137 30.05 -39.70 -18.66
C GLU B 137 31.56 -39.54 -18.58
N ALA B 138 32.24 -40.31 -17.73
CA ALA B 138 33.68 -40.18 -17.57
C ALA B 138 34.47 -40.59 -18.80
N ILE B 139 33.83 -41.27 -19.76
CA ILE B 139 34.52 -41.60 -21.00
C ILE B 139 34.91 -40.33 -21.74
N ALA B 140 34.07 -39.30 -21.67
CA ALA B 140 34.40 -38.01 -22.28
C ALA B 140 35.64 -37.41 -21.62
N GLN B 141 35.73 -37.49 -20.29
CA GLN B 141 36.90 -36.96 -19.60
C GLN B 141 38.16 -37.72 -19.97
N ILE B 142 38.06 -39.05 -20.07
CA ILE B 142 39.21 -39.86 -20.45
C ILE B 142 39.65 -39.52 -21.87
N LEU B 143 38.69 -39.37 -22.79
CA LEU B 143 39.03 -39.01 -24.16
C LEU B 143 39.66 -37.62 -24.22
N ASP B 144 39.17 -36.69 -23.40
CA ASP B 144 39.77 -35.36 -23.33
C ASP B 144 41.20 -35.44 -22.81
N PHE B 145 41.46 -36.29 -21.82
CA PHE B 145 42.82 -36.49 -21.32
C PHE B 145 43.73 -37.01 -22.42
N ILE B 146 43.25 -38.00 -23.18
CA ILE B 146 44.05 -38.54 -24.28
C ILE B 146 44.32 -37.46 -25.33
N SER B 147 43.30 -36.67 -25.66
CA SER B 147 43.46 -35.62 -26.66
C SER B 147 44.41 -34.53 -26.18
N ALA B 148 44.43 -34.28 -24.87
CA ALA B 148 45.40 -33.34 -24.32
C ALA B 148 46.81 -33.89 -24.43
N GLN B 149 46.98 -35.19 -24.18
CA GLN B 149 48.31 -35.79 -24.24
C GLN B 149 48.86 -35.88 -25.66
N THR B 150 48.05 -36.30 -26.63
CA THR B 150 48.49 -36.39 -28.01
C THR B 150 47.73 -35.38 -28.87
N LEU B 151 48.47 -34.67 -29.73
CA LEU B 151 47.96 -33.52 -30.44
C LEU B 151 46.93 -33.87 -31.51
N THR B 152 46.71 -35.16 -31.79
CA THR B 152 45.72 -35.51 -32.81
C THR B 152 44.31 -35.17 -32.32
N PRO B 153 43.44 -34.70 -33.21
CA PRO B 153 42.06 -34.39 -32.83
C PRO B 153 41.16 -35.61 -32.88
N ILE B 154 40.15 -35.61 -32.01
CA ILE B 154 39.14 -36.65 -31.97
C ILE B 154 37.77 -35.99 -31.90
N LEU B 155 36.76 -36.74 -32.35
CA LEU B 155 35.39 -36.25 -32.41
C LEU B 155 34.47 -37.22 -31.70
N GLY B 156 33.53 -36.69 -30.90
CA GLY B 156 32.49 -37.49 -30.30
C GLY B 156 31.15 -37.25 -30.97
N ILE B 157 30.57 -38.30 -31.55
CA ILE B 157 29.39 -38.12 -32.39
C ILE B 157 28.12 -38.63 -31.69
N HIS B 158 28.25 -39.62 -30.82
CA HIS B 158 27.07 -40.23 -30.22
C HIS B 158 27.48 -40.95 -28.94
N GLY B 159 26.48 -41.18 -28.08
CA GLY B 159 26.71 -41.91 -26.85
C GLY B 159 27.23 -41.01 -25.73
N GLY B 160 28.05 -41.62 -24.86
CA GLY B 160 28.61 -40.86 -23.76
C GLY B 160 29.52 -39.73 -24.21
N SER B 161 30.11 -39.86 -25.40
CA SER B 161 30.96 -38.79 -25.93
C SER B 161 30.19 -37.51 -26.18
N SER B 162 28.86 -37.59 -26.33
CA SER B 162 28.06 -36.39 -26.57
C SER B 162 27.80 -35.59 -25.30
N MET B 163 28.09 -36.14 -24.12
CA MET B 163 27.93 -35.41 -22.89
C MET B 163 28.93 -34.27 -22.82
N ILE B 164 28.48 -33.12 -22.31
CA ILE B 164 29.33 -31.94 -22.23
C ILE B 164 30.22 -32.03 -21.00
N MET B 165 31.48 -31.65 -21.15
CA MET B 165 32.45 -31.70 -20.07
C MET B 165 32.55 -30.34 -19.39
N ALA B 166 33.20 -30.32 -18.22
CA ALA B 166 33.28 -29.10 -17.42
C ALA B 166 34.04 -28.00 -18.16
N ASP B 167 35.33 -28.23 -18.41
CA ASP B 167 36.17 -27.22 -19.04
C ASP B 167 37.39 -27.90 -19.62
N LYS B 168 37.46 -27.97 -20.95
CA LYS B 168 38.65 -28.49 -21.60
C LYS B 168 39.82 -27.52 -21.43
N ASP B 169 41.00 -28.07 -21.19
CA ASP B 169 42.18 -27.22 -20.99
C ASP B 169 42.58 -26.54 -22.30
N GLU B 170 43.55 -25.64 -22.19
CA GLU B 170 43.92 -24.81 -23.32
C GLU B 170 44.61 -25.59 -24.43
N SER B 171 45.02 -26.83 -24.16
CA SER B 171 45.76 -27.63 -25.12
C SER B 171 45.08 -28.96 -25.43
N SER B 172 43.77 -28.96 -25.65
CA SER B 172 43.02 -30.16 -25.99
C SER B 172 42.44 -30.02 -27.40
N MET B 173 42.57 -31.08 -28.19
CA MET B 173 41.98 -31.17 -29.53
C MET B 173 40.82 -32.15 -29.42
N PHE B 174 39.66 -31.64 -29.01
CA PHE B 174 38.51 -32.49 -28.75
C PHE B 174 37.24 -31.69 -28.93
N PHE B 175 36.27 -32.25 -29.65
CA PHE B 175 35.01 -31.58 -29.92
C PHE B 175 33.87 -32.57 -29.73
N GLN B 176 32.67 -32.03 -29.47
CA GLN B 176 31.49 -32.83 -29.23
C GLN B 176 30.32 -32.30 -30.04
N PHE B 177 29.38 -33.19 -30.34
CA PHE B 177 28.12 -32.82 -30.99
C PHE B 177 27.03 -32.74 -29.94
N GLY B 178 26.32 -31.62 -29.92
CA GLY B 178 25.24 -31.41 -28.97
C GLY B 178 25.31 -30.05 -28.32
N PRO B 179 24.17 -29.56 -27.86
CA PRO B 179 24.12 -28.24 -27.24
C PRO B 179 24.76 -28.23 -25.86
N SER B 180 25.18 -27.04 -25.44
CA SER B 180 25.75 -26.85 -24.12
C SER B 180 24.65 -26.58 -23.11
N ILE B 181 25.05 -26.24 -21.88
CA ILE B 181 24.08 -25.93 -20.83
C ILE B 181 23.42 -24.59 -21.10
N GLU B 182 24.16 -23.64 -21.67
CA GLU B 182 23.63 -22.28 -21.83
C GLU B 182 22.53 -22.23 -22.87
N GLN B 183 22.70 -22.96 -23.99
CA GLN B 183 21.66 -22.95 -25.02
C GLN B 183 20.40 -23.68 -24.55
N GLN B 184 20.57 -24.76 -23.80
CA GLN B 184 19.42 -25.44 -23.22
C GLN B 184 18.71 -24.54 -22.20
N ALA B 185 19.47 -23.79 -21.40
CA ALA B 185 18.87 -22.81 -20.51
C ALA B 185 18.08 -21.77 -21.27
N SER B 186 18.63 -21.30 -22.41
CA SER B 186 17.92 -20.32 -23.23
C SER B 186 16.62 -20.90 -23.78
N VAL B 187 16.65 -22.14 -24.26
CA VAL B 187 15.43 -22.72 -24.82
C VAL B 187 14.40 -23.02 -23.74
N MET B 188 14.83 -23.32 -22.51
CA MET B 188 13.87 -23.49 -21.42
C MET B 188 13.07 -22.24 -21.15
N LEU B 189 13.60 -21.05 -21.47
CA LEU B 189 12.86 -19.81 -21.32
C LEU B 189 12.06 -19.44 -22.56
N ASN B 190 12.51 -19.86 -23.75
CA ASN B 190 11.70 -19.68 -24.94
C ASN B 190 10.45 -20.55 -24.91
N ILE B 191 10.55 -21.76 -24.32
CA ILE B 191 9.38 -22.59 -24.14
C ILE B 191 8.40 -21.94 -23.16
N MET B 192 8.92 -21.35 -22.08
CA MET B 192 8.07 -20.76 -21.05
C MET B 192 7.21 -19.62 -21.57
N GLU B 193 7.77 -18.74 -22.40
CA GLU B 193 7.08 -17.52 -22.82
C GLU B 193 6.11 -17.76 -23.98
N GLU B 194 5.74 -19.02 -24.23
CA GLU B 194 4.75 -19.34 -25.25
C GLU B 194 3.45 -19.85 -24.68
N TYR B 195 3.49 -20.63 -23.60
CA TYR B 195 2.29 -21.04 -22.88
C TYR B 195 2.05 -20.21 -21.62
N ASP B 196 2.81 -19.11 -21.50
CA ASP B 196 2.59 -18.10 -20.46
C ASP B 196 2.73 -18.66 -19.05
N TRP B 197 3.88 -19.23 -18.73
CA TRP B 197 4.22 -19.63 -17.36
C TRP B 197 5.27 -18.67 -16.86
N TYR B 198 4.82 -17.54 -16.31
CA TYR B 198 5.70 -16.46 -15.89
C TYR B 198 6.16 -16.61 -14.43
N ILE B 199 5.68 -17.63 -13.73
CA ILE B 199 6.09 -17.90 -12.35
C ILE B 199 6.79 -19.24 -12.32
N PHE B 200 8.00 -19.28 -11.78
CA PHE B 200 8.75 -20.51 -11.72
C PHE B 200 9.80 -20.42 -10.62
N SER B 201 10.35 -21.58 -10.26
CA SER B 201 11.46 -21.68 -9.33
C SER B 201 12.44 -22.73 -9.84
N ILE B 202 13.69 -22.62 -9.40
CA ILE B 202 14.76 -23.46 -9.91
C ILE B 202 15.40 -24.22 -8.75
N VAL B 203 15.68 -25.50 -8.97
CA VAL B 203 16.38 -26.34 -8.02
C VAL B 203 17.46 -27.10 -8.75
N THR B 204 18.64 -27.19 -8.15
CA THR B 204 19.78 -27.85 -8.78
C THR B 204 20.75 -28.31 -7.70
N THR B 205 21.61 -29.26 -8.08
CA THR B 205 22.63 -29.79 -7.19
C THR B 205 24.01 -29.43 -7.72
N TYR B 206 25.05 -29.95 -7.07
CA TYR B 206 26.43 -29.65 -7.44
C TYR B 206 26.82 -30.46 -8.65
N PHE B 207 26.93 -29.81 -9.80
CA PHE B 207 27.38 -30.42 -11.04
C PHE B 207 28.27 -29.42 -11.77
N PRO B 208 29.22 -29.90 -12.57
CA PRO B 208 30.06 -28.96 -13.35
C PRO B 208 29.21 -28.06 -14.24
N GLY B 209 29.43 -26.76 -14.10
CA GLY B 209 28.68 -25.77 -14.86
C GLY B 209 27.40 -25.30 -14.21
N TYR B 210 27.13 -25.69 -12.96
CA TYR B 210 25.88 -25.31 -12.32
C TYR B 210 25.76 -23.80 -12.14
N GLN B 211 26.89 -23.12 -11.92
CA GLN B 211 26.86 -21.67 -11.76
C GLN B 211 26.46 -20.98 -13.06
N ASP B 212 26.95 -21.49 -14.20
CA ASP B 212 26.64 -20.86 -15.48
C ASP B 212 25.15 -20.92 -15.78
N PHE B 213 24.50 -22.04 -15.47
CA PHE B 213 23.08 -22.18 -15.75
C PHE B 213 22.26 -21.12 -15.04
N VAL B 214 22.43 -21.01 -13.72
CA VAL B 214 21.66 -20.04 -12.95
C VAL B 214 22.07 -18.62 -13.31
N ASN B 215 23.36 -18.41 -13.61
CA ASN B 215 23.82 -17.07 -13.96
C ASN B 215 23.16 -16.58 -15.24
N LYS B 216 23.14 -17.43 -16.28
CA LYS B 216 22.48 -17.04 -17.53
C LYS B 216 20.98 -16.90 -17.34
N ILE B 217 20.37 -17.79 -16.56
CA ILE B 217 18.92 -17.71 -16.34
C ILE B 217 18.55 -16.39 -15.67
N ARG B 218 19.32 -16.00 -14.65
CA ARG B 218 19.05 -14.72 -13.99
C ARG B 218 19.38 -13.53 -14.88
N SER B 219 20.44 -13.63 -15.68
CA SER B 219 20.79 -12.52 -16.56
C SER B 219 19.72 -12.26 -17.61
N THR B 220 19.15 -13.33 -18.17
CA THR B 220 18.17 -13.17 -19.25
C THR B 220 16.91 -12.46 -18.77
N ILE B 221 16.42 -12.82 -17.57
CA ILE B 221 15.09 -12.38 -17.15
C ILE B 221 15.05 -10.97 -16.56
N GLU B 222 16.20 -10.36 -16.30
CA GLU B 222 16.22 -9.02 -15.71
C GLU B 222 16.42 -7.91 -16.74
N ASN B 223 16.39 -8.23 -18.03
CA ASN B 223 16.57 -7.24 -19.09
C ASN B 223 15.49 -7.41 -20.16
N SER B 224 14.24 -7.54 -19.72
CA SER B 224 13.12 -7.67 -20.63
C SER B 224 11.90 -6.98 -20.04
N PHE B 225 10.99 -6.57 -20.92
CA PHE B 225 9.79 -5.87 -20.47
C PHE B 225 8.82 -6.82 -19.78
N VAL B 226 8.72 -8.06 -20.26
CA VAL B 226 7.84 -9.04 -19.65
C VAL B 226 8.32 -9.35 -18.24
N GLY B 227 7.40 -9.64 -17.34
CA GLY B 227 7.72 -9.79 -15.94
C GLY B 227 7.89 -11.22 -15.46
N TRP B 228 9.14 -11.66 -15.30
CA TRP B 228 9.43 -12.94 -14.69
C TRP B 228 9.66 -12.74 -13.19
N GLU B 229 8.78 -13.29 -12.38
CA GLU B 229 8.90 -13.21 -10.92
C GLU B 229 9.45 -14.54 -10.43
N LEU B 230 10.75 -14.58 -10.18
CA LEU B 230 11.43 -15.80 -9.74
C LEU B 230 11.24 -15.95 -8.23
N GLU B 231 10.70 -17.09 -7.82
CA GLU B 231 10.35 -17.34 -6.42
C GLU B 231 11.38 -18.31 -5.83
N GLU B 232 12.46 -17.75 -5.29
CA GLU B 232 13.45 -18.49 -4.50
C GLU B 232 14.28 -19.45 -5.35
N VAL B 233 15.52 -19.70 -4.92
CA VAL B 233 16.41 -20.65 -5.58
C VAL B 233 16.85 -21.68 -4.56
N LEU B 234 17.00 -22.92 -5.01
CA LEU B 234 17.46 -24.03 -4.17
C LEU B 234 18.71 -24.64 -4.78
N LEU B 235 19.75 -24.79 -3.97
CA LEU B 235 21.00 -25.38 -4.43
C LEU B 235 21.37 -26.47 -3.42
N LEU B 236 20.41 -27.32 -3.09
CA LEU B 236 20.61 -28.34 -2.07
C LEU B 236 21.64 -29.37 -2.53
N ASP B 237 22.35 -29.95 -1.56
CA ASP B 237 23.33 -30.99 -1.82
C ASP B 237 22.83 -32.30 -1.23
N MET B 238 22.72 -33.33 -2.06
CA MET B 238 22.24 -34.63 -1.64
C MET B 238 23.37 -35.59 -1.25
N SER B 239 24.63 -35.17 -1.36
CA SER B 239 25.74 -36.03 -1.02
C SER B 239 26.03 -36.07 0.48
N LEU B 240 25.40 -35.20 1.26
CA LEU B 240 25.62 -35.18 2.70
C LEU B 240 25.00 -36.42 3.35
N ASP B 241 25.56 -36.79 4.50
CA ASP B 241 25.07 -37.93 5.26
C ASP B 241 24.01 -37.49 6.25
N ASP B 242 22.92 -38.27 6.34
CA ASP B 242 21.78 -38.03 7.22
C ASP B 242 21.08 -36.72 6.92
N GLY B 243 21.34 -36.10 5.78
CA GLY B 243 20.70 -34.85 5.37
C GLY B 243 19.40 -35.00 4.63
N ASP B 244 18.87 -36.22 4.51
CA ASP B 244 17.62 -36.43 3.80
C ASP B 244 16.47 -35.70 4.48
N SER B 245 16.45 -35.68 5.81
CA SER B 245 15.40 -34.96 6.53
C SER B 245 15.47 -33.46 6.23
N LYS B 246 16.68 -32.91 6.21
CA LYS B 246 16.84 -31.49 5.89
C LYS B 246 16.40 -31.20 4.46
N ILE B 247 16.74 -32.10 3.53
CA ILE B 247 16.33 -31.90 2.13
C ILE B 247 14.81 -31.94 2.02
N GLN B 248 14.18 -32.88 2.70
CA GLN B 248 12.72 -32.98 2.66
C GLN B 248 12.07 -31.75 3.27
N ASN B 249 12.63 -31.24 4.37
CA ASN B 249 12.10 -30.03 4.98
C ASN B 249 12.26 -28.83 4.05
N GLN B 250 13.40 -28.73 3.37
CA GLN B 250 13.63 -27.61 2.47
C GLN B 250 12.74 -27.67 1.24
N LEU B 251 12.43 -28.88 0.75
CA LEU B 251 11.63 -29.01 -0.46
C LEU B 251 10.23 -28.46 -0.28
N LYS B 252 9.77 -28.33 0.97
CA LYS B 252 8.43 -27.80 1.23
C LYS B 252 8.34 -26.30 0.93
N LYS B 253 9.47 -25.62 0.73
CA LYS B 253 9.44 -24.19 0.46
C LYS B 253 9.02 -23.87 -0.97
N LEU B 254 9.00 -24.86 -1.86
CA LEU B 254 8.61 -24.62 -3.24
C LEU B 254 7.11 -24.32 -3.33
N GLN B 255 6.77 -23.26 -4.06
CA GLN B 255 5.38 -22.86 -4.24
C GLN B 255 5.01 -22.54 -5.68
N SER B 256 5.96 -22.23 -6.55
CA SER B 256 5.65 -21.91 -7.93
C SER B 256 5.14 -23.15 -8.66
N PRO B 257 4.22 -22.98 -9.62
CA PRO B 257 3.68 -24.13 -10.35
C PRO B 257 4.62 -24.70 -11.41
N ILE B 258 5.77 -24.08 -11.63
CA ILE B 258 6.75 -24.55 -12.61
C ILE B 258 8.08 -24.75 -11.91
N ILE B 259 8.68 -25.92 -12.08
CA ILE B 259 9.92 -26.30 -11.41
C ILE B 259 10.96 -26.63 -12.46
N LEU B 260 12.16 -26.06 -12.33
CA LEU B 260 13.29 -26.38 -13.18
C LEU B 260 14.29 -27.21 -12.39
N LEU B 261 14.80 -28.27 -13.02
CA LEU B 261 15.69 -29.22 -12.37
C LEU B 261 16.97 -29.36 -13.16
N TYR B 262 18.07 -29.66 -12.45
CA TYR B 262 19.37 -29.88 -13.08
C TYR B 262 20.10 -30.91 -12.21
N CYS B 263 19.98 -32.19 -12.60
CA CYS B 263 20.53 -33.27 -11.81
C CYS B 263 20.85 -34.45 -12.70
N THR B 264 21.68 -35.36 -12.19
CA THR B 264 22.00 -36.60 -12.86
C THR B 264 20.81 -37.56 -12.76
N LYS B 265 20.84 -38.61 -13.59
CA LYS B 265 19.71 -39.53 -13.68
C LYS B 265 19.38 -40.16 -12.33
N GLU B 266 20.39 -40.70 -11.64
CA GLU B 266 20.14 -41.30 -10.33
C GLU B 266 19.75 -40.25 -9.30
N GLU B 267 20.38 -39.07 -9.37
CA GLU B 267 19.97 -37.97 -8.50
C GLU B 267 18.54 -37.55 -8.79
N ALA B 268 18.17 -37.50 -10.07
CA ALA B 268 16.81 -37.14 -10.44
C ALA B 268 15.81 -38.17 -9.90
N THR B 269 16.14 -39.45 -10.01
CA THR B 269 15.25 -40.49 -9.50
C THR B 269 15.08 -40.36 -7.99
N TYR B 270 16.18 -40.16 -7.27
CA TYR B 270 16.09 -40.02 -5.82
C TYR B 270 15.26 -38.81 -5.43
N ILE B 271 15.49 -37.67 -6.10
CA ILE B 271 14.76 -36.46 -5.78
C ILE B 271 13.27 -36.62 -6.11
N PHE B 272 12.97 -37.29 -7.22
CA PHE B 272 11.56 -37.49 -7.58
C PHE B 272 10.86 -38.42 -6.60
N GLU B 273 11.56 -39.46 -6.12
CA GLU B 273 10.98 -40.31 -5.08
C GLU B 273 10.72 -39.52 -3.81
N VAL B 274 11.68 -38.67 -3.41
CA VAL B 274 11.50 -37.86 -2.21
C VAL B 274 10.31 -36.91 -2.38
N ALA B 275 10.20 -36.27 -3.55
CA ALA B 275 9.10 -35.36 -3.80
C ALA B 275 7.76 -36.08 -3.81
N ASN B 276 7.71 -37.27 -4.41
CA ASN B 276 6.48 -38.06 -4.38
C ASN B 276 6.12 -38.48 -2.97
N SER B 277 7.12 -38.68 -2.11
CA SER B 277 6.83 -38.89 -0.69
C SER B 277 6.16 -37.67 -0.09
N VAL B 278 6.64 -36.47 -0.43
CA VAL B 278 5.99 -35.24 0.03
C VAL B 278 4.62 -35.09 -0.61
N GLY B 279 4.54 -35.31 -1.92
CA GLY B 279 3.27 -35.30 -2.63
C GLY B 279 3.05 -34.13 -3.55
N LEU B 280 4.04 -33.27 -3.77
CA LEU B 280 3.89 -32.12 -4.65
C LEU B 280 4.24 -32.46 -6.10
N THR B 281 3.66 -33.57 -6.60
CA THR B 281 3.95 -34.01 -7.96
C THR B 281 2.71 -34.52 -8.69
N GLY B 282 1.51 -34.29 -8.18
CA GLY B 282 0.35 -34.99 -8.70
C GLY B 282 -0.43 -34.33 -9.83
N TYR B 283 -0.91 -33.10 -9.62
CA TYR B 283 -1.83 -32.51 -10.57
C TYR B 283 -1.33 -31.20 -11.17
N GLY B 284 -0.97 -30.22 -10.35
CA GLY B 284 -0.77 -28.86 -10.83
C GLY B 284 0.65 -28.40 -11.03
N TYR B 285 1.65 -29.23 -10.72
CA TYR B 285 3.05 -28.84 -10.84
C TYR B 285 3.68 -29.56 -12.03
N THR B 286 4.39 -28.79 -12.85
CA THR B 286 5.01 -29.30 -14.07
C THR B 286 6.52 -29.12 -13.98
N TRP B 287 7.26 -30.16 -14.34
CA TRP B 287 8.72 -30.17 -14.23
C TRP B 287 9.34 -30.10 -15.62
N ILE B 288 10.44 -29.35 -15.73
CA ILE B 288 11.20 -29.23 -16.96
C ILE B 288 12.65 -29.61 -16.66
N VAL B 289 13.21 -30.50 -17.46
CA VAL B 289 14.51 -31.10 -17.17
C VAL B 289 15.44 -31.00 -18.37
N PRO B 290 16.76 -31.01 -18.19
CA PRO B 290 17.68 -30.87 -19.33
C PRO B 290 17.85 -32.16 -20.11
N SER B 291 18.81 -32.17 -21.04
CA SER B 291 19.01 -33.33 -21.90
C SER B 291 19.65 -34.49 -21.15
N LEU B 292 20.61 -34.20 -20.27
CA LEU B 292 21.42 -35.26 -19.68
C LEU B 292 20.64 -36.15 -18.72
N VAL B 293 19.47 -35.71 -18.24
CA VAL B 293 18.70 -36.54 -17.33
C VAL B 293 18.13 -37.76 -18.05
N ALA B 294 17.77 -37.60 -19.33
CA ALA B 294 17.22 -38.73 -20.08
C ALA B 294 18.32 -39.73 -20.44
N GLY B 295 19.33 -39.29 -21.18
CA GLY B 295 20.43 -40.15 -21.54
C GLY B 295 20.06 -41.17 -22.60
N ASP B 296 19.20 -42.11 -22.22
CA ASP B 296 18.68 -43.12 -23.13
C ASP B 296 17.16 -43.05 -23.11
N THR B 297 16.56 -42.88 -24.29
CA THR B 297 15.10 -42.77 -24.37
C THR B 297 14.41 -44.05 -23.94
N ASP B 298 14.95 -45.20 -24.34
CA ASP B 298 14.29 -46.48 -24.06
C ASP B 298 14.24 -46.76 -22.56
N THR B 299 15.33 -46.48 -21.85
CA THR B 299 15.42 -46.80 -20.42
C THR B 299 14.62 -45.79 -19.61
N VAL B 300 13.39 -46.16 -19.30
CA VAL B 300 12.52 -45.33 -18.47
C VAL B 300 12.65 -45.79 -17.02
N PRO B 301 13.07 -44.90 -16.10
CA PRO B 301 13.26 -45.33 -14.71
C PRO B 301 11.96 -45.68 -14.00
N SER B 302 10.80 -45.32 -14.58
CA SER B 302 9.48 -45.59 -14.01
C SER B 302 9.23 -44.81 -12.73
N GLU B 303 10.21 -44.02 -12.30
CA GLU B 303 10.05 -43.11 -11.17
C GLU B 303 9.69 -41.70 -11.60
N PHE B 304 9.71 -41.41 -12.90
CA PHE B 304 9.41 -40.07 -13.39
C PHE B 304 7.90 -39.87 -13.43
N PRO B 305 7.38 -38.81 -12.80
CA PRO B 305 5.93 -38.57 -12.85
C PRO B 305 5.47 -38.22 -14.25
N THR B 306 4.20 -38.53 -14.52
CA THR B 306 3.62 -38.25 -15.82
C THR B 306 3.55 -36.74 -16.07
N GLY B 307 3.82 -36.36 -17.31
CA GLY B 307 3.80 -34.97 -17.71
C GLY B 307 5.14 -34.28 -17.72
N LEU B 308 6.23 -35.02 -17.60
CA LEU B 308 7.57 -34.42 -17.62
C LEU B 308 7.88 -33.86 -18.99
N ILE B 309 8.52 -32.69 -19.01
CA ILE B 309 8.95 -32.03 -20.24
C ILE B 309 10.47 -32.05 -20.29
N SER B 310 11.03 -32.45 -21.43
CA SER B 310 12.48 -32.54 -21.56
C SER B 310 12.88 -32.08 -22.95
N VAL B 311 14.13 -31.63 -23.05
CA VAL B 311 14.73 -31.21 -24.32
C VAL B 311 15.84 -32.21 -24.65
N SER B 312 15.84 -32.69 -25.89
CA SER B 312 16.80 -33.71 -26.29
C SER B 312 17.24 -33.48 -27.72
N TYR B 313 18.41 -34.00 -28.06
CA TYR B 313 18.93 -33.93 -29.42
C TYR B 313 18.09 -34.82 -30.33
N ASP B 314 17.93 -34.38 -31.58
CA ASP B 314 17.07 -35.07 -32.54
C ASP B 314 17.81 -36.31 -33.05
N GLU B 315 17.68 -37.40 -32.29
CA GLU B 315 18.24 -38.68 -32.70
C GLU B 315 17.25 -39.53 -33.48
N TRP B 316 15.98 -39.12 -33.56
CA TRP B 316 14.98 -39.93 -34.25
C TRP B 316 15.13 -39.82 -35.76
N ASP B 317 15.39 -38.61 -36.27
CA ASP B 317 15.50 -38.34 -37.70
C ASP B 317 16.97 -38.28 -38.12
N TYR B 318 17.89 -38.41 -37.15
CA TYR B 318 19.32 -38.26 -37.40
C TYR B 318 20.01 -39.40 -36.65
N GLY B 319 20.18 -40.52 -37.33
CA GLY B 319 20.57 -41.75 -36.67
C GLY B 319 22.04 -41.92 -36.33
N LEU B 320 22.89 -42.05 -37.36
CA LEU B 320 24.29 -42.42 -37.17
C LEU B 320 25.04 -42.55 -38.49
N PRO B 321 24.50 -43.24 -39.52
CA PRO B 321 25.24 -43.28 -40.79
C PRO B 321 25.54 -41.90 -41.37
N ALA B 322 24.62 -40.95 -41.20
CA ALA B 322 24.89 -39.59 -41.64
C ALA B 322 25.93 -38.90 -40.78
N ARG B 323 25.94 -39.20 -39.47
CA ARG B 323 26.90 -38.55 -38.57
C ARG B 323 28.33 -38.95 -38.90
N VAL B 324 28.55 -40.20 -39.31
CA VAL B 324 29.90 -40.64 -39.67
C VAL B 324 30.41 -39.84 -40.87
N ARG B 325 29.55 -39.71 -41.90
CA ARG B 325 29.93 -38.94 -43.07
C ARG B 325 30.16 -37.47 -42.71
N ASP B 326 29.31 -36.91 -41.85
CA ASP B 326 29.48 -35.51 -41.46
C ASP B 326 30.79 -35.29 -40.70
N GLY B 327 31.14 -36.22 -39.80
CA GLY B 327 32.39 -36.10 -39.09
C GLY B 327 33.60 -36.25 -40.00
N ILE B 328 33.55 -37.19 -40.93
CA ILE B 328 34.65 -37.36 -41.88
C ILE B 328 34.80 -36.11 -42.75
N ALA B 329 33.67 -35.54 -43.17
CA ALA B 329 33.69 -34.36 -44.03
C ALA B 329 34.36 -33.18 -43.35
N ILE B 330 34.13 -33.03 -42.03
CA ILE B 330 34.75 -31.92 -41.31
C ILE B 330 36.27 -31.99 -41.42
N ILE B 331 36.84 -33.17 -41.15
CA ILE B 331 38.28 -33.33 -41.20
C ILE B 331 38.80 -33.14 -42.63
N THR B 332 38.10 -33.73 -43.60
CA THR B 332 38.56 -33.63 -44.99
C THR B 332 38.56 -32.18 -45.47
N THR B 333 37.46 -31.46 -45.24
CA THR B 333 37.39 -30.07 -45.67
C THR B 333 38.40 -29.19 -44.93
N ALA B 334 38.59 -29.41 -43.63
CA ALA B 334 39.56 -28.62 -42.89
C ALA B 334 40.97 -28.87 -43.42
N ALA B 335 41.32 -30.13 -43.68
CA ALA B 335 42.64 -30.45 -44.21
C ALA B 335 42.83 -29.84 -45.59
N SER B 336 41.80 -29.89 -46.44
CA SER B 336 41.91 -29.28 -47.76
C SER B 336 42.11 -27.78 -47.65
N ASP B 337 41.35 -27.13 -46.76
CA ASP B 337 41.45 -25.67 -46.63
C ASP B 337 42.81 -25.25 -46.11
N MET B 338 43.32 -25.95 -45.09
CA MET B 338 44.59 -25.51 -44.50
C MET B 338 45.77 -25.86 -45.39
N LEU B 339 45.61 -26.86 -46.27
CA LEU B 339 46.70 -27.26 -47.15
C LEU B 339 46.95 -26.23 -48.24
N SER B 340 45.88 -25.70 -48.85
CA SER B 340 46.03 -24.87 -50.04
C SER B 340 46.73 -23.56 -49.72
N GLU B 341 46.25 -22.83 -48.70
CA GLU B 341 46.79 -21.50 -48.43
C GLU B 341 48.16 -21.58 -47.79
N HIS B 342 48.35 -22.46 -46.82
CA HIS B 342 49.59 -22.52 -46.04
C HIS B 342 50.67 -23.36 -46.71
N SER B 343 50.32 -24.16 -47.72
CA SER B 343 51.28 -25.04 -48.41
C SER B 343 51.99 -25.98 -47.45
N PHE B 344 51.29 -26.37 -46.38
CA PHE B 344 51.85 -27.25 -45.36
C PHE B 344 50.78 -28.21 -44.88
N ILE B 345 51.23 -29.27 -44.23
CA ILE B 345 50.32 -30.26 -43.64
C ILE B 345 51.02 -30.97 -42.49
N PRO B 346 50.38 -31.12 -41.33
CA PRO B 346 51.01 -31.85 -40.23
C PRO B 346 51.00 -33.35 -40.44
N GLU B 347 52.17 -33.93 -40.73
CA GLU B 347 52.31 -35.38 -40.88
C GLU B 347 53.49 -35.88 -40.05
N PRO B 348 53.38 -35.82 -38.72
CA PRO B 348 54.47 -36.31 -37.88
C PRO B 348 54.41 -37.82 -37.71
N LYS B 349 55.52 -38.38 -37.23
CA LYS B 349 55.55 -39.79 -36.86
C LYS B 349 54.78 -39.95 -35.56
N SER B 350 53.51 -40.35 -35.67
CA SER B 350 52.60 -40.38 -34.52
C SER B 350 52.99 -41.56 -33.63
N SER B 351 54.03 -41.35 -32.84
CA SER B 351 54.49 -42.37 -31.90
C SER B 351 53.53 -42.49 -30.73
N CYS B 352 53.72 -43.54 -29.94
CA CYS B 352 52.88 -43.82 -28.78
C CYS B 352 53.64 -43.59 -27.48
N TYR B 353 54.81 -44.22 -27.32
CA TYR B 353 55.66 -43.96 -26.17
C TYR B 353 56.66 -42.87 -26.50
N ASN B 354 57.05 -42.11 -25.48
CA ASN B 354 57.97 -40.98 -25.62
C ASN B 354 57.42 -39.97 -26.62
N THR B 355 56.27 -39.40 -26.27
CA THR B 355 55.61 -38.41 -27.11
C THR B 355 55.87 -36.98 -26.67
N HIS B 356 56.62 -36.77 -25.58
CA HIS B 356 56.92 -35.41 -25.14
C HIS B 356 57.78 -34.67 -26.17
N GLU B 357 58.70 -35.38 -26.83
CA GLU B 357 59.53 -34.77 -27.86
C GLU B 357 58.85 -34.72 -29.22
N LYS B 358 57.68 -35.35 -29.36
CA LYS B 358 56.96 -35.34 -30.62
C LYS B 358 56.10 -34.11 -30.81
N ARG B 359 56.03 -33.21 -29.82
CA ARG B 359 55.28 -31.97 -29.91
C ARG B 359 56.04 -30.86 -30.63
N ILE B 360 57.08 -31.21 -31.38
CA ILE B 360 57.88 -30.18 -32.07
C ILE B 360 57.04 -29.43 -33.10
N TYR B 361 56.20 -30.15 -33.84
CA TYR B 361 55.37 -29.56 -34.89
C TYR B 361 54.04 -29.15 -34.27
N GLN B 362 53.84 -27.84 -34.15
CA GLN B 362 52.60 -27.33 -33.57
C GLN B 362 51.44 -27.49 -34.55
N SER B 363 50.31 -27.99 -34.04
CA SER B 363 49.10 -28.15 -34.83
C SER B 363 48.02 -27.14 -34.45
N ASN B 364 48.42 -26.01 -33.85
CA ASN B 364 47.44 -25.02 -33.42
C ASN B 364 46.71 -24.38 -34.60
N MET B 365 47.40 -24.20 -35.74
CA MET B 365 46.74 -23.65 -36.92
C MET B 365 45.64 -24.58 -37.41
N LEU B 366 45.89 -25.89 -37.39
CA LEU B 366 44.86 -26.86 -37.75
C LEU B 366 43.65 -26.73 -36.83
N ASN B 367 43.88 -26.43 -35.55
CA ASN B 367 42.78 -26.16 -34.64
C ASN B 367 42.02 -24.91 -35.06
N ARG B 368 42.75 -23.87 -35.47
CA ARG B 368 42.10 -22.64 -35.93
C ARG B 368 41.25 -22.89 -37.18
N TYR B 369 41.67 -23.83 -38.02
CA TYR B 369 40.90 -24.18 -39.21
C TYR B 369 39.85 -25.25 -38.94
N LEU B 370 39.82 -25.82 -37.74
CA LEU B 370 38.80 -26.80 -37.38
C LEU B 370 37.52 -26.16 -36.87
N ILE B 371 37.53 -24.86 -36.57
CA ILE B 371 36.38 -24.20 -35.96
C ILE B 371 35.51 -23.46 -36.97
N ASN B 372 35.85 -23.49 -38.26
CA ASN B 372 35.06 -22.78 -39.26
C ASN B 372 35.11 -23.59 -40.55
N VAL B 373 34.09 -24.44 -40.75
CA VAL B 373 33.96 -25.24 -41.95
C VAL B 373 32.48 -25.32 -42.33
N THR B 374 32.22 -25.68 -43.59
CA THR B 374 30.86 -25.88 -44.07
C THR B 374 30.89 -26.83 -45.25
N PHE B 375 29.75 -27.48 -45.49
CA PHE B 375 29.65 -28.44 -46.58
C PHE B 375 28.18 -28.76 -46.82
N GLU B 376 27.83 -28.86 -48.11
CA GLU B 376 26.49 -29.28 -48.54
C GLU B 376 25.40 -28.38 -47.95
N GLY B 377 25.67 -27.09 -47.93
CA GLY B 377 24.68 -26.12 -47.45
C GLY B 377 24.31 -26.30 -45.99
N ARG B 378 25.30 -26.58 -45.16
CA ARG B 378 25.11 -26.71 -43.73
C ARG B 378 26.14 -25.91 -42.98
N ASN B 379 25.82 -25.48 -41.77
CA ASN B 379 26.73 -24.69 -40.95
C ASN B 379 27.19 -25.55 -39.77
N LEU B 380 28.50 -25.72 -39.66
CA LEU B 380 29.13 -26.49 -38.58
C LEU B 380 30.21 -25.66 -37.90
N SER B 381 29.99 -24.35 -37.82
CA SER B 381 30.98 -23.46 -37.22
C SER B 381 30.98 -23.62 -35.71
N PHE B 382 32.10 -24.11 -35.17
CA PHE B 382 32.21 -24.37 -33.74
C PHE B 382 32.56 -23.09 -32.98
N SER B 383 32.79 -23.25 -31.68
CA SER B 383 33.10 -22.14 -30.78
C SER B 383 34.37 -22.46 -30.00
N GLU B 384 34.69 -21.60 -29.03
CA GLU B 384 35.88 -21.78 -28.22
C GLU B 384 35.77 -22.98 -27.28
N ASP B 385 34.57 -23.27 -26.76
CA ASP B 385 34.39 -24.38 -25.85
C ASP B 385 34.21 -25.72 -26.55
N GLY B 386 34.02 -25.71 -27.87
CA GLY B 386 33.95 -26.95 -28.62
C GLY B 386 32.57 -27.55 -28.76
N TYR B 387 31.61 -26.76 -29.24
CA TYR B 387 30.27 -27.27 -29.47
C TYR B 387 29.59 -26.46 -30.58
N GLN B 388 28.33 -26.78 -30.83
CA GLN B 388 27.74 -26.63 -32.16
C GLN B 388 27.69 -25.18 -32.63
N MET B 389 27.10 -24.29 -31.82
CA MET B 389 26.63 -22.96 -32.20
C MET B 389 25.38 -22.99 -33.06
N HIS B 390 24.94 -24.15 -33.54
CA HIS B 390 23.75 -24.30 -34.38
C HIS B 390 23.24 -25.72 -34.37
N PRO B 391 22.76 -26.25 -33.23
CA PRO B 391 22.25 -27.62 -33.22
C PRO B 391 20.82 -27.72 -33.73
N LYS B 392 20.29 -28.94 -33.78
CA LYS B 392 18.90 -29.19 -34.19
C LYS B 392 18.23 -30.00 -33.08
N LEU B 393 17.45 -29.32 -32.26
CA LEU B 393 16.85 -29.93 -31.08
C LEU B 393 15.39 -30.29 -31.31
N VAL B 394 14.86 -31.12 -30.41
CA VAL B 394 13.45 -31.46 -30.38
C VAL B 394 12.98 -31.37 -28.93
N ILE B 395 11.66 -31.31 -28.76
CA ILE B 395 11.04 -31.26 -27.44
C ILE B 395 10.21 -32.51 -27.26
N ILE B 396 10.46 -33.24 -26.18
CA ILE B 396 9.84 -34.53 -25.92
C ILE B 396 9.02 -34.44 -24.63
N LEU B 397 7.85 -35.06 -24.65
CA LEU B 397 6.94 -35.09 -23.51
C LEU B 397 6.61 -36.54 -23.16
N LEU B 398 6.59 -36.84 -21.87
CA LEU B 398 6.25 -38.19 -21.40
C LEU B 398 4.74 -38.26 -21.20
N ASN B 399 4.08 -39.11 -21.99
CA ASN B 399 2.63 -39.21 -21.99
C ASN B 399 2.17 -40.04 -20.79
N LYS B 400 0.90 -40.45 -20.82
CA LYS B 400 0.29 -41.10 -19.66
C LYS B 400 1.06 -42.35 -19.24
N GLU B 401 1.36 -43.22 -20.19
CA GLU B 401 2.19 -44.39 -19.94
C GLU B 401 3.65 -44.05 -20.17
N ARG B 402 4.52 -44.99 -19.82
CA ARG B 402 5.96 -44.76 -19.93
C ARG B 402 6.40 -44.78 -21.39
N LYS B 403 6.52 -43.60 -22.00
CA LYS B 403 6.90 -43.46 -23.40
C LYS B 403 7.17 -41.99 -23.67
N TRP B 404 7.95 -41.73 -24.72
CA TRP B 404 8.31 -40.38 -25.12
C TRP B 404 7.77 -40.09 -26.51
N GLU B 405 7.26 -38.88 -26.71
CA GLU B 405 6.69 -38.47 -27.99
C GLU B 405 7.23 -37.10 -28.38
N ARG B 406 7.29 -36.87 -29.69
CA ARG B 406 7.78 -35.61 -30.24
C ARG B 406 6.66 -34.58 -30.18
N VAL B 407 6.94 -33.42 -29.58
CA VAL B 407 5.96 -32.35 -29.50
C VAL B 407 6.31 -31.21 -30.44
N GLY B 408 7.58 -30.83 -30.51
CA GLY B 408 7.98 -29.74 -31.38
C GLY B 408 9.49 -29.62 -31.57
N LYS B 409 9.90 -29.33 -32.79
CA LYS B 409 11.31 -29.15 -33.13
C LYS B 409 11.51 -27.76 -33.71
N TRP B 410 12.57 -27.08 -33.28
CA TRP B 410 12.85 -25.72 -33.70
C TRP B 410 14.27 -25.63 -34.26
N LYS B 411 14.42 -24.89 -35.35
CA LYS B 411 15.72 -24.69 -36.00
C LYS B 411 15.91 -23.22 -36.31
N ASP B 412 17.17 -22.78 -36.24
CA ASP B 412 17.55 -21.39 -36.55
C ASP B 412 16.79 -20.40 -35.68
N LYS B 413 16.61 -20.76 -34.40
CA LYS B 413 15.99 -19.89 -33.41
C LYS B 413 14.58 -19.48 -33.84
N SER B 414 13.71 -20.49 -33.98
CA SER B 414 12.30 -20.25 -34.32
C SER B 414 11.49 -21.40 -33.74
N LEU B 415 10.87 -21.16 -32.58
CA LEU B 415 10.12 -22.21 -31.89
C LEU B 415 8.86 -22.55 -32.67
N GLN B 416 8.61 -23.85 -32.84
CA GLN B 416 7.43 -24.34 -33.57
C GLN B 416 6.93 -25.59 -32.84
N MET B 417 5.82 -25.45 -32.13
CA MET B 417 5.20 -26.56 -31.43
C MET B 417 3.97 -27.05 -32.19
N LYS B 418 3.69 -28.34 -32.04
CA LYS B 418 2.54 -28.94 -32.71
C LYS B 418 1.24 -28.74 -31.96
N TYR B 419 1.29 -28.18 -30.75
CA TYR B 419 0.10 -27.86 -29.98
C TYR B 419 -0.02 -26.35 -29.81
N TYR B 420 -1.26 -25.88 -29.67
CA TYR B 420 -1.53 -24.48 -29.41
C TYR B 420 -1.92 -24.21 -27.97
N VAL B 421 -2.62 -25.13 -27.32
CA VAL B 421 -2.98 -25.03 -25.91
C VAL B 421 -2.51 -26.29 -25.22
N TRP B 422 -1.96 -26.13 -24.02
CA TRP B 422 -1.40 -27.26 -23.29
C TRP B 422 -2.52 -28.20 -22.86
N PRO B 423 -2.43 -29.49 -23.19
CA PRO B 423 -3.45 -30.45 -22.72
C PRO B 423 -3.35 -30.63 -21.21
N ARG B 424 -4.46 -30.39 -20.53
CA ARG B 424 -4.49 -30.48 -19.07
C ARG B 424 -4.33 -31.95 -18.66
N MET B 425 -3.37 -32.20 -17.77
CA MET B 425 -3.10 -33.56 -17.29
C MET B 425 -2.32 -33.52 -15.99
N ASP B 434 -13.37 -29.27 -10.22
CA ASP B 434 -12.57 -28.49 -11.16
C ASP B 434 -12.72 -27.00 -10.89
N ASP B 435 -11.60 -26.27 -10.95
CA ASP B 435 -11.61 -24.83 -10.73
C ASP B 435 -10.82 -24.13 -11.84
N HIS B 436 -10.96 -24.63 -13.06
CA HIS B 436 -10.39 -24.00 -14.25
C HIS B 436 -11.55 -23.48 -15.10
N LEU B 437 -11.68 -22.17 -15.18
CA LEU B 437 -12.86 -21.55 -15.76
C LEU B 437 -12.51 -20.85 -17.08
N SER B 438 -13.57 -20.53 -17.83
CA SER B 438 -13.44 -19.78 -19.08
C SER B 438 -14.17 -18.45 -18.93
N ILE B 439 -13.62 -17.41 -19.56
CA ILE B 439 -14.18 -16.06 -19.49
C ILE B 439 -14.36 -15.53 -20.90
N VAL B 440 -15.56 -15.06 -21.22
CA VAL B 440 -15.81 -14.40 -22.48
C VAL B 440 -15.92 -12.90 -22.22
N THR B 441 -15.51 -12.11 -23.19
CA THR B 441 -15.48 -10.66 -23.04
C THR B 441 -15.52 -10.02 -24.41
N LEU B 442 -15.48 -8.68 -24.42
CA LEU B 442 -15.54 -7.90 -25.65
C LEU B 442 -14.92 -6.54 -25.37
N GLU B 443 -14.06 -6.09 -26.29
CA GLU B 443 -13.43 -4.78 -26.12
C GLU B 443 -14.49 -3.68 -26.21
N GLU B 444 -14.43 -2.75 -25.26
CA GLU B 444 -15.39 -1.66 -25.17
C GLU B 444 -14.93 -0.68 -24.11
N ALA B 445 -15.01 0.62 -24.42
CA ALA B 445 -14.85 1.69 -23.45
C ALA B 445 -13.45 1.64 -22.84
N PRO B 446 -13.17 2.37 -21.75
CA PRO B 446 -11.95 2.08 -20.97
C PRO B 446 -12.07 0.91 -20.02
N PHE B 447 -13.10 0.06 -20.16
CA PHE B 447 -13.22 -1.12 -19.33
C PHE B 447 -12.32 -2.25 -19.83
N VAL B 448 -12.28 -2.45 -21.14
CA VAL B 448 -11.41 -3.45 -21.76
C VAL B 448 -10.75 -2.80 -22.97
N ILE B 449 -9.42 -2.79 -22.97
CA ILE B 449 -8.63 -2.23 -24.07
C ILE B 449 -7.77 -3.34 -24.64
N VAL B 450 -7.90 -3.59 -25.94
CA VAL B 450 -7.17 -4.66 -26.61
C VAL B 450 -5.92 -4.07 -27.25
N GLU B 451 -4.77 -4.67 -26.94
CA GLU B 451 -3.47 -4.20 -27.42
C GLU B 451 -2.92 -5.19 -28.44
N SER B 452 -1.70 -4.94 -28.91
CA SER B 452 -1.03 -5.78 -29.87
C SER B 452 0.24 -6.38 -29.26
N VAL B 453 0.64 -7.53 -29.78
CA VAL B 453 1.77 -8.25 -29.20
C VAL B 453 3.08 -7.53 -29.51
N ASP B 454 3.99 -7.54 -28.55
CA ASP B 454 5.33 -7.01 -28.75
C ASP B 454 6.03 -7.79 -29.87
N PRO B 455 6.52 -7.14 -30.92
CA PRO B 455 7.09 -7.89 -32.05
C PRO B 455 8.36 -8.65 -31.72
N LEU B 456 9.02 -8.35 -30.59
CA LEU B 456 10.32 -8.95 -30.32
C LEU B 456 10.19 -10.37 -29.79
N SER B 457 9.54 -10.53 -28.63
CA SER B 457 9.52 -11.80 -27.91
C SER B 457 8.29 -12.65 -28.20
N GLY B 458 7.40 -12.21 -29.08
CA GLY B 458 6.19 -12.96 -29.34
C GLY B 458 5.26 -13.07 -28.16
N THR B 459 5.28 -12.08 -27.27
CA THR B 459 4.41 -12.04 -26.09
C THR B 459 4.25 -10.58 -25.70
N CYS B 460 3.72 -10.32 -24.51
CA CYS B 460 3.54 -8.94 -24.08
C CYS B 460 3.83 -8.82 -22.60
N MET B 461 3.96 -7.56 -22.16
CA MET B 461 4.62 -7.20 -20.92
C MET B 461 3.73 -7.51 -19.70
N ARG B 462 4.20 -7.06 -18.54
CA ARG B 462 3.50 -7.28 -17.28
C ARG B 462 2.26 -6.38 -17.19
N ASN B 463 1.49 -6.58 -16.12
CA ASN B 463 0.23 -5.87 -15.89
C ASN B 463 -0.74 -6.04 -17.06
N THR B 464 -0.74 -7.22 -17.66
CA THR B 464 -1.62 -7.52 -18.77
C THR B 464 -1.92 -9.02 -18.76
N VAL B 465 -3.10 -9.37 -19.27
CA VAL B 465 -3.56 -10.75 -19.31
C VAL B 465 -3.64 -11.17 -20.77
N PRO B 466 -3.01 -12.27 -21.16
CA PRO B 466 -3.08 -12.72 -22.58
C PRO B 466 -4.46 -13.23 -22.92
N CYS B 467 -5.04 -12.74 -24.00
CA CYS B 467 -6.32 -13.29 -24.43
C CYS B 467 -6.31 -13.59 -25.88
N GLN B 468 -6.94 -14.64 -26.38
CA GLN B 468 -6.84 -15.06 -27.80
C GLN B 468 -8.07 -14.89 -28.62
N LYS B 469 -8.07 -14.08 -29.66
CA LYS B 469 -9.23 -13.74 -30.45
C LYS B 469 -9.33 -14.52 -31.70
N ARG B 470 -10.40 -15.23 -31.96
CA ARG B 470 -10.55 -16.13 -33.09
C ARG B 470 -10.87 -15.33 -34.36
N ILE B 471 -10.31 -15.77 -35.48
CA ILE B 471 -10.54 -15.14 -36.77
C ILE B 471 -11.00 -16.23 -37.75
N ILE B 472 -11.96 -15.89 -38.60
CA ILE B 472 -12.42 -16.78 -39.67
C ILE B 472 -12.03 -16.15 -41.00
N SER B 473 -11.33 -16.92 -41.83
CA SER B 473 -10.78 -16.42 -43.08
C SER B 473 -11.53 -16.93 -44.31
N GLU B 474 -11.67 -18.25 -44.44
CA GLU B 474 -12.24 -18.85 -45.64
C GLU B 474 -13.67 -19.31 -45.39
N ASN B 475 -14.55 -19.01 -46.34
CA ASN B 475 -15.95 -19.42 -46.29
C ASN B 475 -16.23 -20.70 -47.05
N LYS B 476 -15.54 -20.92 -48.18
CA LYS B 476 -15.72 -22.16 -48.93
C LYS B 476 -15.29 -23.38 -48.10
N THR B 477 -14.16 -23.27 -47.42
CA THR B 477 -13.66 -24.32 -46.54
C THR B 477 -13.27 -23.67 -45.21
N ASP B 478 -14.07 -23.90 -44.18
CA ASP B 478 -13.84 -23.27 -42.87
C ASP B 478 -12.54 -23.79 -42.27
N GLU B 479 -11.87 -22.93 -41.50
CA GLU B 479 -10.59 -23.25 -40.89
C GLU B 479 -10.83 -23.69 -39.45
N GLU B 480 -10.26 -24.83 -39.08
CA GLU B 480 -10.41 -25.41 -37.75
C GLU B 480 -9.31 -24.90 -36.83
N PRO B 481 -9.60 -24.72 -35.51
CA PRO B 481 -8.64 -24.08 -34.59
C PRO B 481 -7.56 -23.18 -35.18
N GLY B 482 -7.96 -22.14 -35.91
CA GLY B 482 -7.03 -21.13 -36.37
C GLY B 482 -7.25 -19.82 -35.64
N TYR B 483 -6.31 -19.44 -34.77
CA TYR B 483 -6.47 -18.30 -33.89
C TYR B 483 -5.32 -17.32 -34.09
N ILE B 484 -5.46 -16.16 -33.47
CA ILE B 484 -4.36 -15.20 -33.31
C ILE B 484 -4.22 -14.94 -31.82
N LYS B 485 -3.05 -14.49 -31.40
CA LYS B 485 -2.79 -14.23 -29.98
C LYS B 485 -2.66 -12.74 -29.75
N LYS B 486 -3.37 -12.25 -28.74
CA LYS B 486 -3.27 -10.86 -28.30
C LYS B 486 -3.28 -10.83 -26.78
N CYS B 487 -3.26 -9.63 -26.22
CA CYS B 487 -3.43 -9.46 -24.79
C CYS B 487 -4.07 -8.10 -24.53
N CYS B 488 -4.94 -8.06 -23.52
CA CYS B 488 -5.79 -6.92 -23.26
C CYS B 488 -5.78 -6.58 -21.78
N LYS B 489 -6.05 -5.30 -21.48
CA LYS B 489 -6.01 -4.80 -20.11
C LYS B 489 -7.11 -3.78 -19.92
N GLY B 490 -7.46 -3.53 -18.67
CA GLY B 490 -8.46 -2.53 -18.36
C GLY B 490 -8.96 -2.65 -16.93
N PHE B 491 -10.04 -1.92 -16.66
CA PHE B 491 -10.63 -1.87 -15.32
C PHE B 491 -11.21 -3.23 -14.92
N CYS B 492 -12.03 -3.81 -15.80
CA CYS B 492 -12.61 -5.13 -15.51
C CYS B 492 -11.53 -6.20 -15.41
N ILE B 493 -10.44 -6.04 -16.16
CA ILE B 493 -9.34 -6.99 -16.06
C ILE B 493 -8.70 -6.92 -14.67
N ASP B 494 -8.49 -5.72 -14.15
CA ASP B 494 -7.96 -5.58 -12.79
C ASP B 494 -8.93 -6.16 -11.76
N ILE B 495 -10.22 -5.91 -11.94
CA ILE B 495 -11.22 -6.47 -11.02
C ILE B 495 -11.16 -7.99 -11.04
N LEU B 496 -11.07 -8.58 -12.23
CA LEU B 496 -11.00 -10.03 -12.35
C LEU B 496 -9.72 -10.57 -11.71
N LYS B 497 -8.60 -9.85 -11.90
CA LYS B 497 -7.35 -10.27 -11.28
C LYS B 497 -7.47 -10.28 -9.77
N LYS B 498 -8.05 -9.24 -9.19
CA LYS B 498 -8.20 -9.20 -7.74
C LYS B 498 -9.16 -10.28 -7.24
N ILE B 499 -10.24 -10.54 -7.97
CA ILE B 499 -11.16 -11.61 -7.58
C ILE B 499 -10.46 -12.96 -7.62
N SER B 500 -9.67 -13.21 -8.68
CA SER B 500 -8.95 -14.47 -8.78
C SER B 500 -7.89 -14.60 -7.69
N LYS B 501 -7.26 -13.50 -7.30
CA LYS B 501 -6.30 -13.55 -6.20
C LYS B 501 -7.01 -13.82 -4.87
N SER B 502 -8.21 -13.28 -4.69
CA SER B 502 -8.93 -13.48 -3.43
C SER B 502 -9.47 -14.90 -3.34
N VAL B 503 -10.38 -15.27 -4.25
CA VAL B 503 -10.90 -16.64 -4.32
C VAL B 503 -10.15 -17.38 -5.41
N LYS B 504 -9.67 -18.58 -5.09
CA LYS B 504 -8.70 -19.28 -5.93
C LYS B 504 -9.39 -19.99 -7.08
N PHE B 505 -9.11 -19.54 -8.30
CA PHE B 505 -9.53 -20.24 -9.51
C PHE B 505 -8.65 -19.75 -10.66
N THR B 506 -8.63 -20.52 -11.74
CA THR B 506 -7.86 -20.17 -12.92
C THR B 506 -8.79 -19.83 -14.06
N TYR B 507 -8.32 -18.98 -14.97
CA TYR B 507 -9.16 -18.47 -16.04
C TYR B 507 -8.35 -18.35 -17.31
N ASP B 508 -9.06 -18.20 -18.42
CA ASP B 508 -8.43 -17.97 -19.72
C ASP B 508 -9.38 -17.19 -20.64
N LEU B 509 -9.13 -15.89 -20.78
CA LEU B 509 -10.02 -15.04 -21.56
C LEU B 509 -9.98 -15.42 -23.03
N TYR B 510 -11.09 -15.15 -23.72
CA TYR B 510 -11.13 -15.25 -25.18
C TYR B 510 -12.21 -14.32 -25.69
N LEU B 511 -11.89 -13.54 -26.72
CA LEU B 511 -12.78 -12.50 -27.19
C LEU B 511 -14.02 -13.10 -27.85
N VAL B 512 -15.07 -12.28 -27.92
CA VAL B 512 -16.33 -12.73 -28.49
C VAL B 512 -16.20 -12.89 -30.00
N THR B 513 -17.02 -13.77 -30.56
CA THR B 513 -16.99 -14.05 -31.99
C THR B 513 -17.76 -13.01 -32.80
N ASN B 514 -19.00 -12.73 -32.41
CA ASN B 514 -19.84 -11.84 -33.21
C ASN B 514 -21.00 -11.33 -32.37
N GLY B 515 -21.64 -10.28 -32.88
CA GLY B 515 -22.91 -9.80 -32.35
C GLY B 515 -22.84 -8.88 -31.14
N LYS B 516 -21.70 -8.25 -30.91
CA LYS B 516 -21.54 -7.25 -29.84
C LYS B 516 -21.93 -7.89 -28.51
N HIS B 517 -22.66 -7.18 -27.65
CA HIS B 517 -22.97 -7.70 -26.31
C HIS B 517 -24.00 -8.82 -26.37
N GLY B 518 -25.19 -8.51 -26.87
CA GLY B 518 -26.25 -9.50 -26.92
C GLY B 518 -27.60 -8.94 -27.32
N LYS B 519 -28.37 -9.70 -28.08
CA LYS B 519 -29.69 -9.25 -28.52
C LYS B 519 -30.49 -10.47 -28.94
N LYS B 520 -31.68 -10.60 -28.37
CA LYS B 520 -32.58 -11.71 -28.73
C LYS B 520 -33.11 -11.50 -30.14
N ILE B 521 -32.63 -12.30 -31.07
CA ILE B 521 -33.00 -12.19 -32.49
C ILE B 521 -33.80 -13.42 -32.89
N ASN B 522 -35.10 -13.21 -33.10
CA ASN B 522 -36.02 -14.24 -33.61
C ASN B 522 -35.98 -15.49 -32.72
N GLY B 523 -36.02 -15.29 -31.41
CA GLY B 523 -36.00 -16.44 -30.51
C GLY B 523 -34.69 -17.22 -30.48
N THR B 524 -33.57 -16.51 -30.47
CA THR B 524 -32.27 -17.12 -30.19
C THR B 524 -31.28 -16.01 -29.87
N TRP B 525 -30.60 -16.13 -28.73
CA TRP B 525 -29.61 -15.14 -28.36
C TRP B 525 -28.33 -15.28 -29.20
N ASN B 526 -27.60 -14.18 -29.30
CA ASN B 526 -26.27 -14.17 -29.88
C ASN B 526 -25.40 -13.18 -29.10
N GLY B 527 -24.08 -13.36 -29.18
CA GLY B 527 -23.17 -12.47 -28.49
C GLY B 527 -22.65 -13.03 -27.19
N MET B 528 -22.31 -12.16 -26.23
CA MET B 528 -21.81 -12.63 -24.94
C MET B 528 -22.87 -13.40 -24.18
N ILE B 529 -24.10 -12.88 -24.16
CA ILE B 529 -25.19 -13.59 -23.50
C ILE B 529 -25.48 -14.90 -24.22
N GLY B 530 -25.45 -14.89 -25.56
CA GLY B 530 -25.62 -16.12 -26.30
C GLY B 530 -24.55 -17.15 -25.99
N GLU B 531 -23.32 -16.69 -25.76
CA GLU B 531 -22.25 -17.61 -25.38
C GLU B 531 -22.51 -18.20 -24.00
N VAL B 532 -22.81 -17.35 -23.02
CA VAL B 532 -22.93 -17.85 -21.64
C VAL B 532 -24.18 -18.72 -21.50
N VAL B 533 -25.24 -18.44 -22.25
CA VAL B 533 -26.48 -19.20 -22.08
C VAL B 533 -26.37 -20.58 -22.73
N MET B 534 -25.46 -20.74 -23.68
CA MET B 534 -25.28 -21.99 -24.41
C MET B 534 -24.05 -22.76 -23.95
N LYS B 535 -23.78 -22.75 -22.65
CA LYS B 535 -22.63 -23.43 -22.05
C LYS B 535 -21.32 -22.90 -22.63
N ARG B 536 -20.23 -23.61 -22.39
CA ARG B 536 -18.89 -23.39 -22.94
C ARG B 536 -18.36 -21.98 -22.69
N ALA B 537 -19.08 -21.16 -21.95
CA ALA B 537 -18.55 -19.87 -21.49
C ALA B 537 -18.53 -19.74 -19.98
N TYR B 538 -19.65 -20.04 -19.32
CA TYR B 538 -19.76 -20.12 -17.86
C TYR B 538 -19.64 -18.78 -17.16
N MET B 539 -19.22 -17.73 -17.88
CA MET B 539 -19.04 -16.42 -17.26
C MET B 539 -18.89 -15.38 -18.36
N ALA B 540 -18.93 -14.11 -17.95
CA ALA B 540 -18.84 -13.00 -18.89
C ALA B 540 -18.53 -11.73 -18.11
N VAL B 541 -17.54 -10.98 -18.60
CA VAL B 541 -17.11 -9.73 -17.96
C VAL B 541 -17.10 -8.63 -19.00
N GLY B 542 -17.02 -7.39 -18.51
CA GLY B 542 -16.98 -6.22 -19.37
C GLY B 542 -18.17 -5.32 -19.12
N SER B 543 -18.56 -4.60 -20.17
CA SER B 543 -19.71 -3.69 -20.10
C SER B 543 -20.98 -4.49 -20.45
N LEU B 544 -21.81 -4.72 -19.44
CA LEU B 544 -23.06 -5.47 -19.65
C LEU B 544 -24.04 -5.01 -18.58
N THR B 545 -25.03 -4.23 -19.00
CA THR B 545 -26.00 -3.66 -18.06
C THR B 545 -26.91 -4.75 -17.49
N ILE B 546 -27.67 -4.37 -16.47
CA ILE B 546 -28.61 -5.26 -15.81
C ILE B 546 -30.02 -4.77 -16.11
N ASN B 547 -30.86 -5.66 -16.64
CA ASN B 547 -32.25 -5.32 -16.93
C ASN B 547 -33.08 -6.58 -16.79
N GLU B 548 -34.41 -6.39 -16.72
CA GLU B 548 -35.32 -7.49 -16.41
C GLU B 548 -35.25 -8.58 -17.47
N GLU B 549 -35.29 -8.21 -18.75
CA GLU B 549 -35.36 -9.20 -19.82
C GLU B 549 -34.09 -10.05 -19.86
N ARG B 550 -32.93 -9.43 -19.69
CA ARG B 550 -31.66 -10.13 -19.77
C ARG B 550 -31.33 -10.91 -18.50
N SER B 551 -32.01 -10.64 -17.39
CA SER B 551 -31.71 -11.27 -16.10
C SER B 551 -32.66 -12.41 -15.79
N GLU B 552 -33.21 -13.07 -16.81
CA GLU B 552 -34.09 -14.22 -16.61
C GLU B 552 -33.46 -15.51 -17.11
N VAL B 553 -32.32 -15.43 -17.79
CA VAL B 553 -31.60 -16.62 -18.26
C VAL B 553 -30.20 -16.72 -17.66
N VAL B 554 -29.76 -15.72 -16.90
CA VAL B 554 -28.46 -15.73 -16.25
C VAL B 554 -28.62 -15.17 -14.83
N ASP B 555 -27.55 -15.29 -14.05
CA ASP B 555 -27.53 -14.79 -12.67
C ASP B 555 -26.48 -13.69 -12.59
N PHE B 556 -26.88 -12.54 -12.07
CA PHE B 556 -26.01 -11.38 -11.98
C PHE B 556 -25.46 -11.22 -10.56
N SER B 557 -24.29 -10.60 -10.48
CA SER B 557 -23.64 -10.34 -9.20
C SER B 557 -24.00 -8.93 -8.73
N VAL B 558 -23.42 -8.50 -7.61
CA VAL B 558 -23.67 -7.15 -7.11
C VAL B 558 -22.99 -6.14 -8.01
N PRO B 559 -23.69 -5.10 -8.48
CA PRO B 559 -23.05 -4.10 -9.33
C PRO B 559 -21.91 -3.39 -8.62
N PHE B 560 -20.86 -3.10 -9.38
CA PHE B 560 -19.69 -2.40 -8.86
C PHE B 560 -19.48 -1.03 -9.49
N ILE B 561 -20.51 -0.51 -10.16
CA ILE B 561 -20.47 0.82 -10.74
C ILE B 561 -21.90 1.24 -11.06
N GLU B 562 -22.14 2.54 -11.07
CA GLU B 562 -23.46 3.08 -11.37
C GLU B 562 -23.46 3.67 -12.78
N THR B 563 -24.46 3.29 -13.57
CA THR B 563 -24.56 3.74 -14.95
C THR B 563 -26.02 4.13 -15.23
N GLY B 564 -26.31 4.38 -16.49
CA GLY B 564 -27.65 4.78 -16.88
C GLY B 564 -27.67 5.32 -18.29
N ILE B 565 -28.70 6.09 -18.60
CA ILE B 565 -28.88 6.72 -19.90
C ILE B 565 -28.67 8.21 -19.74
N SER B 566 -27.85 8.79 -20.61
CA SER B 566 -27.52 10.21 -20.53
C SER B 566 -27.59 10.83 -21.92
N VAL B 567 -27.80 12.14 -21.94
CA VAL B 567 -27.86 12.93 -23.16
C VAL B 567 -26.57 13.72 -23.28
N MET B 568 -25.95 13.67 -24.45
CA MET B 568 -24.67 14.33 -24.69
C MET B 568 -24.81 15.29 -25.85
N VAL B 569 -24.48 16.56 -25.63
CA VAL B 569 -24.58 17.61 -26.63
C VAL B 569 -23.30 18.41 -26.65
N SER B 570 -23.09 19.15 -27.74
CA SER B 570 -21.92 20.00 -27.89
C SER B 570 -22.19 21.36 -27.25
N ARG B 571 -21.28 21.78 -26.38
CA ARG B 571 -21.45 23.05 -25.68
C ARG B 571 -21.40 24.22 -26.66
N SER B 572 -22.33 25.15 -26.49
CA SER B 572 -22.38 26.36 -27.32
C SER B 572 -21.53 27.45 -26.70
N ASN B 573 -20.82 28.20 -27.56
CA ASN B 573 -19.93 29.26 -27.11
C ASN B 573 -20.71 30.56 -26.83
N GLY B 574 -21.66 30.44 -25.90
CA GLY B 574 -22.48 31.56 -25.49
C GLY B 574 -23.03 31.35 -24.09
N THR B 575 -23.65 32.41 -23.56
CA THR B 575 -24.28 32.35 -22.24
C THR B 575 -25.73 32.79 -22.32
N VAL B 576 -26.37 32.93 -21.16
CA VAL B 576 -27.78 33.30 -21.07
C VAL B 576 -27.91 34.57 -20.24
N SER B 577 -28.62 35.56 -20.77
CA SER B 577 -28.88 36.82 -20.08
C SER B 577 -30.06 37.53 -20.71
N PRO B 578 -31.29 37.04 -20.52
CA PRO B 578 -32.44 37.67 -21.20
C PRO B 578 -32.87 38.98 -20.57
N SER B 579 -32.70 39.14 -19.26
CA SER B 579 -33.12 40.35 -18.55
C SER B 579 -32.03 40.78 -17.57
N ALA B 580 -30.78 40.77 -18.04
CA ALA B 580 -29.66 41.12 -17.17
C ALA B 580 -29.70 42.59 -16.75
N PHE B 581 -30.34 43.45 -17.55
CA PHE B 581 -30.43 44.86 -17.21
C PHE B 581 -31.22 45.08 -15.92
N LEU B 582 -32.32 44.34 -15.75
CA LEU B 582 -33.17 44.47 -14.58
C LEU B 582 -32.71 43.58 -13.43
N GLU B 583 -31.74 42.69 -13.69
CA GLU B 583 -31.25 41.80 -12.63
C GLU B 583 -30.77 42.54 -11.39
N PRO B 584 -29.91 43.58 -11.48
CA PRO B 584 -29.48 44.26 -10.25
C PRO B 584 -30.60 45.04 -9.59
N PHE B 585 -30.30 45.66 -8.45
CA PHE B 585 -31.26 46.44 -7.67
C PHE B 585 -32.44 45.59 -7.20
N SER B 586 -33.44 46.23 -6.63
CA SER B 586 -34.66 45.57 -6.18
C SER B 586 -35.87 46.35 -6.66
N ALA B 587 -37.02 45.67 -6.72
CA ALA B 587 -38.23 46.26 -7.25
C ALA B 587 -38.81 47.36 -6.38
N ASP B 588 -38.33 47.51 -5.14
CA ASP B 588 -38.92 48.48 -4.23
C ASP B 588 -38.16 49.81 -4.18
N VAL B 589 -36.87 49.81 -4.52
CA VAL B 589 -36.09 51.04 -4.42
C VAL B 589 -36.46 52.05 -5.49
N TRP B 590 -37.00 51.59 -6.63
CA TRP B 590 -37.36 52.52 -7.70
C TRP B 590 -38.54 53.39 -7.30
N VAL B 591 -39.61 52.78 -6.78
CA VAL B 591 -40.73 53.57 -6.28
C VAL B 591 -40.31 54.36 -5.04
N MET B 592 -39.32 53.86 -4.29
CA MET B 592 -38.79 54.64 -3.18
C MET B 592 -38.12 55.91 -3.66
N MET B 593 -37.41 55.86 -4.79
CA MET B 593 -36.89 57.08 -5.39
C MET B 593 -38.02 57.96 -5.92
N PHE B 594 -39.04 57.34 -6.50
CA PHE B 594 -40.14 58.10 -7.10
C PHE B 594 -40.90 58.91 -6.05
N VAL B 595 -41.17 58.30 -4.89
CA VAL B 595 -41.95 59.00 -3.86
C VAL B 595 -41.19 60.21 -3.34
N MET B 596 -39.89 60.07 -3.07
CA MET B 596 -39.14 61.23 -2.60
C MET B 596 -38.89 62.22 -3.73
N LEU B 597 -38.93 61.78 -4.99
CA LEU B 597 -38.90 62.70 -6.10
C LEU B 597 -40.13 63.60 -6.09
N LEU B 598 -41.31 63.01 -5.89
CA LEU B 598 -42.52 63.82 -5.73
C LEU B 598 -42.44 64.70 -4.49
N ILE B 599 -41.79 64.21 -3.44
CA ILE B 599 -41.59 65.03 -2.25
C ILE B 599 -40.75 66.27 -2.58
N VAL B 600 -39.69 66.07 -3.35
CA VAL B 600 -38.84 67.19 -3.77
C VAL B 600 -39.61 68.15 -4.66
N SER B 601 -40.49 67.63 -5.54
CA SER B 601 -41.30 68.51 -6.36
C SER B 601 -42.24 69.36 -5.50
N ALA B 602 -42.85 68.75 -4.48
CA ALA B 602 -43.70 69.50 -3.57
C ALA B 602 -42.89 70.56 -2.80
N VAL B 603 -41.67 70.21 -2.40
CA VAL B 603 -40.80 71.18 -1.73
C VAL B 603 -40.50 72.35 -2.66
N ALA B 604 -40.21 72.05 -3.94
CA ALA B 604 -39.96 73.10 -4.91
C ALA B 604 -41.18 74.00 -5.10
N VAL B 605 -42.37 73.41 -5.08
CA VAL B 605 -43.60 74.20 -5.13
C VAL B 605 -43.67 75.12 -3.91
N PHE B 606 -43.35 74.58 -2.72
CA PHE B 606 -43.37 75.41 -1.52
C PHE B 606 -42.33 76.51 -1.57
N VAL B 607 -41.24 76.29 -2.32
CA VAL B 607 -40.16 77.27 -2.39
C VAL B 607 -40.64 78.59 -3.01
N PHE B 608 -41.45 78.50 -4.06
CA PHE B 608 -41.81 79.70 -4.83
C PHE B 608 -42.53 80.74 -4.00
N GLU B 609 -43.15 80.34 -2.88
CA GLU B 609 -43.83 81.32 -2.03
C GLU B 609 -42.86 82.33 -1.44
N TYR B 610 -41.70 81.85 -0.98
CA TYR B 610 -40.69 82.73 -0.38
C TYR B 610 -39.78 83.32 -1.46
N SER B 630 -41.81 81.75 -13.79
CA SER B 630 -42.07 80.86 -14.91
C SER B 630 -41.70 79.42 -14.56
N PHE B 631 -41.36 79.20 -13.30
CA PHE B 631 -40.95 77.87 -12.82
C PHE B 631 -42.21 77.07 -12.48
N THR B 632 -42.64 76.24 -13.42
CA THR B 632 -43.83 75.42 -13.22
C THR B 632 -43.42 74.06 -12.64
N ILE B 633 -44.37 73.13 -12.60
CA ILE B 633 -44.08 71.79 -12.10
C ILE B 633 -43.52 70.90 -13.20
N GLY B 634 -43.96 71.11 -14.44
CA GLY B 634 -43.37 70.40 -15.56
C GLY B 634 -41.89 70.70 -15.73
N LYS B 635 -41.50 71.96 -15.56
CA LYS B 635 -40.09 72.31 -15.61
C LYS B 635 -39.31 71.58 -14.53
N ALA B 636 -39.85 71.52 -13.31
CA ALA B 636 -39.15 70.84 -12.22
C ALA B 636 -39.01 69.35 -12.49
N ILE B 637 -40.10 68.70 -12.94
CA ILE B 637 -40.03 67.27 -13.19
C ILE B 637 -39.06 66.96 -14.32
N TRP B 638 -39.09 67.75 -15.40
CA TRP B 638 -38.15 67.54 -16.50
C TRP B 638 -36.72 67.73 -16.03
N LEU B 639 -36.47 68.80 -15.27
CA LEU B 639 -35.12 69.09 -14.80
C LEU B 639 -34.58 67.96 -13.94
N LEU B 640 -35.39 67.52 -12.96
CA LEU B 640 -34.90 66.49 -12.05
C LEU B 640 -34.72 65.16 -12.75
N TRP B 641 -35.65 64.77 -13.62
CA TRP B 641 -35.53 63.47 -14.28
C TRP B 641 -34.39 63.47 -15.28
N GLY B 642 -34.12 64.60 -15.94
CA GLY B 642 -32.94 64.69 -16.79
C GLY B 642 -31.65 64.68 -15.99
N LEU B 643 -31.63 65.38 -14.86
CA LEU B 643 -30.42 65.49 -14.07
C LEU B 643 -30.03 64.16 -13.44
N VAL B 644 -31.02 63.39 -12.99
CA VAL B 644 -30.71 62.11 -12.35
C VAL B 644 -30.10 61.14 -13.37
N PHE B 645 -30.63 61.10 -14.56
CA PHE B 645 -30.12 60.12 -15.50
C PHE B 645 -28.96 60.57 -16.33
N ASN B 646 -27.92 60.93 -15.64
CA ASN B 646 -26.75 61.43 -16.27
C ASN B 646 -26.95 62.51 -17.28
N ASN B 647 -27.57 63.61 -16.87
CA ASN B 647 -27.38 64.98 -17.39
C ASN B 647 -27.54 65.22 -18.85
N SER B 648 -28.63 64.78 -19.38
CA SER B 648 -28.78 64.87 -20.77
C SER B 648 -29.63 65.97 -21.29
N VAL B 649 -30.89 65.95 -20.98
CA VAL B 649 -31.77 66.88 -21.70
C VAL B 649 -31.50 68.31 -21.25
N PRO B 650 -31.57 69.30 -22.14
CA PRO B 650 -31.49 70.70 -21.71
C PRO B 650 -32.71 71.10 -20.90
N VAL B 651 -32.52 72.05 -19.98
CA VAL B 651 -33.59 72.56 -19.13
C VAL B 651 -33.15 73.89 -18.54
N GLN B 652 -34.12 74.71 -18.16
CA GLN B 652 -33.88 76.01 -17.54
C GLN B 652 -33.84 75.84 -16.02
N ASN B 653 -32.72 76.18 -15.41
CA ASN B 653 -32.55 76.00 -13.98
C ASN B 653 -33.34 77.06 -13.20
N PRO B 654 -33.69 76.76 -11.94
CA PRO B 654 -34.40 77.73 -11.13
C PRO B 654 -33.55 78.95 -10.79
N LYS B 655 -34.21 80.09 -10.57
CA LYS B 655 -33.50 81.32 -10.28
C LYS B 655 -33.15 81.42 -8.80
N GLY B 656 -33.96 80.81 -7.92
CA GLY B 656 -33.80 80.94 -6.49
C GLY B 656 -32.55 80.26 -5.96
N THR B 657 -32.20 80.62 -4.72
CA THR B 657 -30.96 80.11 -4.14
C THR B 657 -31.18 78.78 -3.42
N THR B 658 -32.29 78.64 -2.67
CA THR B 658 -32.55 77.39 -1.98
C THR B 658 -32.91 76.28 -2.97
N SER B 659 -33.55 76.65 -4.08
CA SER B 659 -33.76 75.68 -5.15
C SER B 659 -32.44 75.21 -5.72
N LYS B 660 -31.48 76.12 -5.86
CA LYS B 660 -30.14 75.72 -6.30
C LYS B 660 -29.46 74.83 -5.27
N ILE B 661 -29.74 75.07 -3.99
CA ILE B 661 -29.14 74.24 -2.94
C ILE B 661 -29.68 72.82 -2.97
N MET B 662 -30.99 72.65 -3.10
CA MET B 662 -31.58 71.32 -3.04
C MET B 662 -31.11 70.45 -4.22
N VAL B 663 -31.05 71.03 -5.41
CA VAL B 663 -30.65 70.24 -6.59
C VAL B 663 -29.21 69.76 -6.46
N SER B 664 -28.39 70.46 -5.66
CA SER B 664 -27.01 70.02 -5.48
C SER B 664 -26.94 68.67 -4.76
N VAL B 665 -27.65 68.56 -3.63
CA VAL B 665 -27.66 67.28 -2.91
C VAL B 665 -28.39 66.22 -3.72
N TRP B 666 -29.42 66.61 -4.48
CA TRP B 666 -30.07 65.64 -5.35
C TRP B 666 -29.11 65.12 -6.41
N ALA B 667 -28.26 66.00 -6.95
CA ALA B 667 -27.25 65.57 -7.92
C ALA B 667 -26.21 64.66 -7.29
N PHE B 668 -25.79 64.96 -6.06
CA PHE B 668 -24.87 64.07 -5.36
C PHE B 668 -25.47 62.67 -5.22
N PHE B 669 -26.75 62.61 -4.80
CA PHE B 669 -27.44 61.34 -4.70
C PHE B 669 -27.49 60.63 -6.06
N ALA B 670 -27.79 61.38 -7.12
CA ALA B 670 -27.88 60.78 -8.45
C ALA B 670 -26.56 60.20 -8.90
N VAL B 671 -25.45 60.91 -8.63
CA VAL B 671 -24.13 60.41 -9.00
C VAL B 671 -23.83 59.11 -8.25
N ILE B 672 -24.11 59.09 -6.94
CA ILE B 672 -23.86 57.88 -6.17
C ILE B 672 -24.70 56.72 -6.71
N PHE B 673 -25.91 57.05 -7.02
CA PHE B 673 -26.77 56.06 -7.48
C PHE B 673 -26.24 55.53 -8.69
N LEU B 674 -25.97 56.33 -9.65
CA LEU B 674 -25.56 55.73 -10.89
C LEU B 674 -24.34 54.93 -10.86
N ALA B 675 -23.35 55.34 -10.12
CA ALA B 675 -22.14 54.59 -10.11
C ALA B 675 -22.34 53.26 -9.58
N SER B 676 -23.08 53.10 -8.53
CA SER B 676 -23.30 51.81 -7.99
C SER B 676 -23.97 50.90 -8.94
N TYR B 677 -24.94 51.36 -9.67
CA TYR B 677 -25.60 50.51 -10.59
C TYR B 677 -24.69 50.06 -11.60
N THR B 678 -23.83 50.86 -12.13
CA THR B 678 -23.00 50.30 -13.11
C THR B 678 -22.19 49.23 -12.59
N ALA B 679 -21.60 49.34 -11.42
CA ALA B 679 -20.73 48.27 -11.02
C ALA B 679 -21.51 47.04 -10.87
N ASN B 680 -22.55 47.23 -10.20
CA ASN B 680 -23.26 46.02 -9.89
C ASN B 680 -23.51 45.18 -11.06
N LEU B 681 -23.84 45.80 -12.15
CA LEU B 681 -24.04 45.12 -13.36
C LEU B 681 -22.77 44.50 -13.76
N ALA B 682 -21.61 45.12 -13.62
CA ALA B 682 -20.40 44.45 -13.99
C ALA B 682 -20.20 43.23 -13.17
N ALA B 683 -20.45 43.27 -11.88
CA ALA B 683 -20.32 42.05 -11.12
C ALA B 683 -21.26 40.98 -11.58
N PHE B 684 -22.52 41.27 -11.86
CA PHE B 684 -23.41 40.20 -12.33
C PHE B 684 -22.98 39.65 -13.61
N MET B 685 -22.52 40.49 -14.51
CA MET B 685 -22.10 39.97 -15.76
C MET B 685 -20.81 39.24 -15.70
N ILE B 686 -19.92 39.58 -14.81
CA ILE B 686 -18.64 38.92 -14.83
C ILE B 686 -18.73 37.49 -14.57
N GLN B 687 -19.56 37.13 -13.65
CA GLN B 687 -19.67 35.71 -13.33
C GLN B 687 -21.13 35.28 -13.43
N GLU B 688 -21.50 34.70 -14.56
CA GLU B 688 -22.85 34.19 -14.79
C GLU B 688 -22.77 32.75 -15.27
N GLU B 689 -23.54 31.88 -14.64
CA GLU B 689 -23.56 30.47 -15.01
C GLU B 689 -24.33 30.25 -16.30
N TYR B 690 -23.88 29.29 -17.10
CA TYR B 690 -24.52 28.95 -18.35
C TYR B 690 -25.58 27.86 -18.13
N VAL B 691 -26.52 27.79 -19.06
CA VAL B 691 -27.61 26.83 -19.01
C VAL B 691 -27.68 26.10 -20.34
N ASP B 692 -27.69 24.77 -20.29
CA ASP B 692 -27.87 23.97 -21.49
C ASP B 692 -29.29 24.15 -22.03
N GLN B 693 -29.41 24.24 -23.34
CA GLN B 693 -30.71 24.50 -23.97
C GLN B 693 -31.46 23.21 -24.28
N VAL B 694 -31.56 22.34 -23.27
CA VAL B 694 -32.37 21.13 -23.32
C VAL B 694 -32.48 20.58 -21.91
N SER B 695 -33.65 20.04 -21.56
CA SER B 695 -33.91 19.57 -20.20
C SER B 695 -33.66 18.08 -20.05
N GLY B 696 -34.36 17.24 -20.80
CA GLY B 696 -34.21 15.81 -20.68
C GLY B 696 -34.91 15.03 -21.77
N LEU B 697 -35.56 13.92 -21.40
CA LEU B 697 -36.29 13.08 -22.34
C LEU B 697 -37.77 13.43 -22.38
N SER B 698 -38.18 14.48 -21.67
CA SER B 698 -39.56 14.97 -21.68
C SER B 698 -39.49 16.46 -21.99
N ASP B 699 -39.45 16.78 -23.28
CA ASP B 699 -39.30 18.17 -23.71
C ASP B 699 -39.94 18.32 -25.07
N LYS B 700 -40.30 19.57 -25.41
CA LYS B 700 -40.90 19.85 -26.70
C LYS B 700 -39.94 19.52 -27.85
N LYS B 701 -38.64 19.68 -27.62
CA LYS B 701 -37.66 19.36 -28.66
C LYS B 701 -37.69 17.87 -29.02
N PHE B 702 -37.88 17.02 -28.02
CA PHE B 702 -37.86 15.57 -28.26
C PHE B 702 -39.25 15.04 -28.61
N GLN B 703 -40.27 15.47 -27.87
CA GLN B 703 -41.62 14.98 -28.13
C GLN B 703 -42.13 15.41 -29.50
N ARG B 704 -41.86 16.64 -29.89
CA ARG B 704 -42.27 17.15 -31.20
C ARG B 704 -41.04 17.60 -31.97
N PRO B 705 -40.41 16.71 -32.74
CA PRO B 705 -39.16 17.09 -33.42
C PRO B 705 -39.38 18.05 -34.57
N ASN B 706 -40.37 17.78 -35.43
CA ASN B 706 -40.56 18.63 -36.61
C ASN B 706 -41.16 19.98 -36.25
N ASP B 707 -42.00 20.02 -35.21
CA ASP B 707 -42.66 21.25 -34.79
C ASP B 707 -41.64 22.13 -34.05
N PHE B 708 -40.66 22.63 -34.79
CA PHE B 708 -39.62 23.48 -34.23
C PHE B 708 -38.91 24.20 -35.38
N SER B 709 -37.99 25.09 -35.02
CA SER B 709 -37.21 25.83 -36.00
C SER B 709 -35.99 25.02 -36.40
N PRO B 710 -35.72 24.84 -37.69
CA PRO B 710 -34.88 23.73 -38.18
C PRO B 710 -35.03 22.45 -37.38
N PRO B 711 -35.41 21.36 -38.06
CA PRO B 711 -35.70 20.10 -37.34
C PRO B 711 -34.51 19.61 -36.52
N PHE B 712 -34.82 19.08 -35.35
CA PHE B 712 -33.81 18.62 -34.40
C PHE B 712 -33.41 17.19 -34.76
N ARG B 713 -32.10 16.94 -34.82
CA ARG B 713 -31.57 15.64 -35.22
C ARG B 713 -30.76 15.05 -34.08
N PHE B 714 -31.01 13.76 -33.79
CA PHE B 714 -30.25 13.01 -32.81
C PHE B 714 -30.25 11.55 -33.23
N GLY B 715 -29.33 10.78 -32.67
CA GLY B 715 -29.19 9.40 -33.08
C GLY B 715 -28.70 8.52 -31.95
N THR B 716 -28.88 7.21 -32.16
CA THR B 716 -28.48 6.20 -31.19
C THR B 716 -27.88 5.02 -31.94
N VAL B 717 -26.77 4.49 -31.44
CA VAL B 717 -26.22 3.26 -32.01
C VAL B 717 -27.15 2.10 -31.67
N PRO B 718 -27.54 1.28 -32.64
CA PRO B 718 -28.51 0.21 -32.37
C PRO B 718 -27.83 -1.01 -31.78
N ASN B 719 -28.64 -2.06 -31.58
CA ASN B 719 -28.20 -3.32 -30.99
C ASN B 719 -27.61 -3.10 -29.59
N GLY B 720 -28.45 -2.57 -28.71
CA GLY B 720 -28.03 -2.29 -27.36
C GLY B 720 -29.21 -2.19 -26.42
N SER B 721 -28.90 -1.92 -25.15
CA SER B 721 -29.93 -1.82 -24.12
C SER B 721 -30.71 -0.52 -24.22
N THR B 722 -30.04 0.57 -24.60
CA THR B 722 -30.71 1.86 -24.68
C THR B 722 -31.83 1.84 -25.72
N GLU B 723 -31.57 1.23 -26.89
CA GLU B 723 -32.61 1.14 -27.91
C GLU B 723 -33.79 0.31 -27.44
N ARG B 724 -33.53 -0.80 -26.75
CA ARG B 724 -34.60 -1.64 -26.25
C ARG B 724 -35.43 -0.91 -25.21
N ASN B 725 -34.77 -0.15 -24.33
CA ASN B 725 -35.50 0.63 -23.33
C ASN B 725 -36.32 1.73 -23.98
N ILE B 726 -35.78 2.38 -25.01
CA ILE B 726 -36.50 3.46 -25.68
C ILE B 726 -37.71 2.92 -26.42
N ARG B 727 -37.59 1.72 -27.00
CA ARG B 727 -38.68 1.16 -27.79
C ARG B 727 -39.93 0.96 -26.95
N ASN B 728 -39.77 0.48 -25.70
CA ASN B 728 -40.93 0.10 -24.90
C ASN B 728 -41.71 1.33 -24.41
N ASN B 729 -41.00 2.35 -23.94
CA ASN B 729 -41.65 3.47 -23.26
C ASN B 729 -41.96 4.65 -24.17
N TYR B 730 -41.23 4.81 -25.29
CA TYR B 730 -41.46 5.91 -26.22
C TYR B 730 -41.56 5.31 -27.63
N ALA B 731 -42.76 4.91 -28.02
CA ALA B 731 -42.97 4.31 -29.33
C ALA B 731 -42.98 5.33 -30.45
N GLU B 732 -43.48 6.54 -30.19
CA GLU B 732 -43.63 7.52 -31.26
C GLU B 732 -42.29 8.05 -31.73
N MET B 733 -41.39 8.38 -30.80
CA MET B 733 -40.12 9.02 -31.12
C MET B 733 -39.03 8.02 -31.51
N HIS B 734 -39.32 6.72 -31.50
CA HIS B 734 -38.34 5.74 -31.96
C HIS B 734 -38.19 5.76 -33.47
N ALA B 735 -39.30 5.92 -34.20
CA ALA B 735 -39.25 5.87 -35.66
C ALA B 735 -38.56 7.10 -36.24
N TYR B 736 -38.47 8.19 -35.47
CA TYR B 736 -37.89 9.42 -35.99
C TYR B 736 -36.36 9.35 -36.09
N MET B 737 -35.72 8.46 -35.35
CA MET B 737 -34.26 8.36 -35.34
C MET B 737 -33.75 7.23 -36.22
N GLY B 738 -34.61 6.63 -37.05
CA GLY B 738 -34.15 5.55 -37.91
C GLY B 738 -33.13 5.99 -38.92
N LYS B 739 -33.30 7.21 -39.46
CA LYS B 739 -32.39 7.69 -40.49
C LYS B 739 -31.06 8.15 -39.91
N PHE B 740 -30.99 8.39 -38.60
CA PHE B 740 -29.80 8.92 -37.96
C PHE B 740 -29.04 7.88 -37.16
N ASN B 741 -29.21 6.59 -37.47
CA ASN B 741 -28.45 5.55 -36.77
C ASN B 741 -26.98 5.64 -37.15
N GLN B 742 -26.12 5.65 -36.12
CA GLN B 742 -24.68 5.77 -36.33
C GLN B 742 -24.05 4.38 -36.44
N ARG B 743 -22.73 4.33 -36.44
CA ARG B 743 -21.98 3.09 -36.56
C ARG B 743 -21.19 2.76 -35.29
N GLY B 744 -20.42 3.71 -34.77
CA GLY B 744 -19.65 3.50 -33.57
C GLY B 744 -19.59 4.77 -32.75
N VAL B 745 -18.97 4.66 -31.57
CA VAL B 745 -18.84 5.81 -30.69
C VAL B 745 -17.91 6.86 -31.30
N ASP B 746 -16.81 6.43 -31.90
CA ASP B 746 -15.88 7.37 -32.52
C ASP B 746 -16.53 8.11 -33.69
N ASP B 747 -17.28 7.38 -34.53
CA ASP B 747 -17.97 8.02 -35.64
C ASP B 747 -19.03 9.00 -35.14
N ALA B 748 -19.74 8.63 -34.08
CA ALA B 748 -20.74 9.53 -33.51
C ALA B 748 -20.09 10.79 -32.96
N LEU B 749 -18.95 10.65 -32.29
CA LEU B 749 -18.24 11.82 -31.77
C LEU B 749 -17.75 12.71 -32.91
N LEU B 750 -17.21 12.11 -33.97
CA LEU B 750 -16.76 12.89 -35.11
C LEU B 750 -17.92 13.64 -35.76
N SER B 751 -19.06 12.96 -35.94
CA SER B 751 -20.23 13.62 -36.53
C SER B 751 -20.76 14.73 -35.62
N LEU B 752 -20.70 14.54 -34.31
CA LEU B 752 -21.14 15.58 -33.38
C LEU B 752 -20.22 16.79 -33.46
N LYS B 753 -18.92 16.55 -33.61
CA LYS B 753 -17.98 17.66 -33.76
C LYS B 753 -18.19 18.40 -35.07
N THR B 754 -18.42 17.66 -36.17
CA THR B 754 -18.63 18.30 -37.47
C THR B 754 -19.93 19.11 -37.48
N GLY B 755 -21.01 18.51 -36.99
CA GLY B 755 -22.29 19.20 -36.95
C GLY B 755 -23.43 18.41 -37.55
N LYS B 756 -23.19 17.14 -37.87
CA LYS B 756 -24.25 16.30 -38.43
C LYS B 756 -25.33 16.00 -37.38
N LEU B 757 -24.94 15.88 -36.12
CA LEU B 757 -25.87 15.57 -35.05
C LEU B 757 -25.91 16.72 -34.04
N ASP B 758 -26.92 16.67 -33.16
CA ASP B 758 -27.05 17.65 -32.09
C ASP B 758 -27.17 17.03 -30.71
N ALA B 759 -27.48 15.74 -30.61
CA ALA B 759 -27.60 15.08 -29.31
C ALA B 759 -27.27 13.61 -29.49
N PHE B 760 -26.73 13.01 -28.43
CA PHE B 760 -26.35 11.61 -28.41
C PHE B 760 -26.90 10.94 -27.16
N ILE B 761 -27.44 9.74 -27.33
CA ILE B 761 -28.02 8.96 -26.23
C ILE B 761 -27.25 7.65 -26.13
N TYR B 762 -26.64 7.42 -24.98
CA TYR B 762 -25.82 6.23 -24.76
C TYR B 762 -25.60 6.08 -23.26
N ASP B 763 -24.79 5.10 -22.87
CA ASP B 763 -24.55 4.82 -21.46
C ASP B 763 -23.83 5.98 -20.78
N ALA B 764 -24.22 6.26 -19.54
CA ALA B 764 -23.67 7.42 -18.83
C ALA B 764 -22.23 7.21 -18.41
N ALA B 765 -21.87 5.99 -17.98
CA ALA B 765 -20.53 5.76 -17.45
C ALA B 765 -19.46 5.99 -18.51
N VAL B 766 -19.69 5.48 -19.73
CA VAL B 766 -18.71 5.67 -20.79
C VAL B 766 -18.75 7.11 -21.32
N LEU B 767 -19.93 7.73 -21.37
CA LEU B 767 -20.03 9.10 -21.87
C LEU B 767 -19.32 10.07 -20.94
N ASN B 768 -19.39 9.84 -19.63
CA ASN B 768 -18.67 10.70 -18.69
C ASN B 768 -17.16 10.64 -18.93
N TYR B 769 -16.63 9.43 -19.12
CA TYR B 769 -15.22 9.28 -19.41
C TYR B 769 -14.84 9.95 -20.73
N MET B 770 -15.67 9.77 -21.76
CA MET B 770 -15.35 10.33 -23.06
C MET B 770 -15.43 11.84 -23.08
N ALA B 771 -16.33 12.43 -22.29
CA ALA B 771 -16.42 13.88 -22.18
C ALA B 771 -15.31 14.44 -21.31
N GLY B 772 -14.88 13.73 -20.28
CA GLY B 772 -13.83 14.20 -19.42
C GLY B 772 -12.42 14.07 -19.96
N ARG B 773 -12.25 13.40 -21.11
CA ARG B 773 -10.94 13.24 -21.75
C ARG B 773 -11.12 13.52 -23.25
N ASP B 774 -10.91 14.78 -23.62
CA ASP B 774 -11.10 15.20 -25.00
C ASP B 774 -10.09 16.29 -25.36
N GLU B 775 -9.80 16.41 -26.65
CA GLU B 775 -9.03 17.52 -27.16
C GLU B 775 -9.89 18.78 -27.11
N GLY B 776 -9.63 19.64 -26.12
CA GLY B 776 -10.49 20.78 -25.87
C GLY B 776 -11.63 20.42 -24.94
N CYS B 777 -12.53 21.38 -24.78
CA CYS B 777 -13.67 21.24 -23.86
C CYS B 777 -14.98 21.51 -24.56
N LYS B 778 -15.13 21.01 -25.80
CA LYS B 778 -16.31 21.34 -26.59
C LYS B 778 -17.54 20.56 -26.13
N LEU B 779 -17.35 19.34 -25.64
CA LEU B 779 -18.48 18.45 -25.39
C LEU B 779 -18.87 18.44 -23.92
N VAL B 780 -20.16 18.29 -23.66
CA VAL B 780 -20.73 18.33 -22.31
C VAL B 780 -21.67 17.14 -22.16
N THR B 781 -22.05 16.86 -20.91
CA THR B 781 -22.80 15.66 -20.57
C THR B 781 -24.24 15.95 -20.17
N ILE B 782 -24.68 17.21 -20.20
CA ILE B 782 -26.02 17.72 -19.92
C ILE B 782 -26.22 17.79 -18.41
N GLY B 783 -26.83 18.88 -17.95
CA GLY B 783 -27.16 19.02 -16.54
C GLY B 783 -25.95 18.83 -15.65
N SER B 784 -26.11 17.99 -14.63
CA SER B 784 -25.02 17.55 -13.78
C SER B 784 -24.82 16.05 -13.86
N GLY B 785 -25.40 15.39 -14.85
CA GLY B 785 -25.33 13.94 -14.97
C GLY B 785 -26.55 13.26 -14.39
N LYS B 786 -27.74 13.76 -14.74
CA LYS B 786 -28.99 13.21 -14.22
C LYS B 786 -29.38 11.99 -15.07
N VAL B 787 -29.00 10.81 -14.56
CA VAL B 787 -29.34 9.57 -15.25
C VAL B 787 -30.84 9.34 -15.15
N PHE B 788 -31.38 8.57 -16.10
CA PHE B 788 -32.82 8.36 -16.14
C PHE B 788 -33.19 6.92 -15.76
N ALA B 789 -32.44 5.95 -16.27
CA ALA B 789 -32.67 4.54 -15.97
C ALA B 789 -31.43 4.03 -15.23
N SER B 790 -31.44 4.16 -13.91
CA SER B 790 -30.28 3.82 -13.11
C SER B 790 -30.12 2.30 -13.02
N THR B 791 -29.05 1.79 -13.61
CA THR B 791 -28.68 0.38 -13.52
C THR B 791 -27.20 0.31 -13.18
N GLY B 792 -26.64 -0.90 -13.23
CA GLY B 792 -25.23 -1.08 -12.93
C GLY B 792 -24.65 -2.24 -13.71
N TYR B 793 -23.33 -2.21 -13.88
CA TYR B 793 -22.63 -3.27 -14.56
C TYR B 793 -22.37 -4.43 -13.60
N GLY B 794 -22.54 -5.65 -14.09
CA GLY B 794 -22.38 -6.83 -13.27
C GLY B 794 -21.69 -7.95 -14.03
N ILE B 795 -21.42 -9.03 -13.30
CA ILE B 795 -20.76 -10.21 -13.84
C ILE B 795 -21.83 -11.27 -14.08
N ALA B 796 -21.92 -11.73 -15.32
CA ALA B 796 -22.90 -12.76 -15.69
C ALA B 796 -22.34 -14.14 -15.38
N ILE B 797 -23.10 -14.94 -14.66
CA ILE B 797 -22.72 -16.29 -14.28
C ILE B 797 -23.83 -17.24 -14.68
N GLN B 798 -23.46 -18.48 -15.00
CA GLN B 798 -24.45 -19.48 -15.37
C GLN B 798 -25.42 -19.73 -14.23
N LYS B 799 -26.68 -19.98 -14.58
CA LYS B 799 -27.72 -20.17 -13.58
C LYS B 799 -27.47 -21.44 -12.77
N ASP B 800 -27.86 -21.40 -11.50
CA ASP B 800 -27.77 -22.54 -10.59
C ASP B 800 -26.32 -23.03 -10.46
N SER B 801 -25.47 -22.14 -9.98
CA SER B 801 -24.07 -22.45 -9.73
C SER B 801 -23.67 -21.97 -8.35
N GLY B 802 -22.73 -22.69 -7.73
CA GLY B 802 -22.32 -22.38 -6.38
C GLY B 802 -21.37 -21.20 -6.27
N TRP B 803 -20.66 -20.86 -7.34
CA TRP B 803 -19.66 -19.81 -7.31
C TRP B 803 -20.26 -18.42 -7.12
N LYS B 804 -21.57 -18.27 -7.25
CA LYS B 804 -22.19 -16.95 -7.22
C LYS B 804 -21.99 -16.27 -5.86
N ARG B 805 -22.21 -17.01 -4.77
CA ARG B 805 -22.07 -16.41 -3.44
C ARG B 805 -20.64 -15.97 -3.17
N GLN B 806 -19.66 -16.81 -3.52
CA GLN B 806 -18.27 -16.44 -3.30
C GLN B 806 -17.89 -15.23 -4.17
N VAL B 807 -18.35 -15.19 -5.41
CA VAL B 807 -18.04 -14.06 -6.27
C VAL B 807 -18.64 -12.77 -5.70
N ASP B 808 -19.89 -12.85 -5.25
CA ASP B 808 -20.54 -11.67 -4.68
C ASP B 808 -19.82 -11.20 -3.42
N LEU B 809 -19.42 -12.12 -2.55
CA LEU B 809 -18.71 -11.74 -1.33
C LEU B 809 -17.36 -11.13 -1.66
N ALA B 810 -16.64 -11.70 -2.63
CA ALA B 810 -15.35 -11.14 -3.03
C ALA B 810 -15.51 -9.73 -3.59
N ILE B 811 -16.54 -9.50 -4.41
CA ILE B 811 -16.78 -8.17 -4.95
C ILE B 811 -17.12 -7.20 -3.83
N LEU B 812 -17.99 -7.62 -2.89
CA LEU B 812 -18.36 -6.74 -1.80
C LEU B 812 -17.19 -6.43 -0.87
N GLN B 813 -16.21 -7.34 -0.80
CA GLN B 813 -15.03 -7.09 0.03
C GLN B 813 -14.22 -5.91 -0.46
N LEU B 814 -14.12 -5.72 -1.78
CA LEU B 814 -13.27 -4.67 -2.32
C LEU B 814 -13.75 -3.28 -1.92
N PHE B 815 -15.07 -3.08 -1.81
CA PHE B 815 -15.59 -1.77 -1.42
C PHE B 815 -15.15 -1.40 -0.01
N GLY B 816 -15.14 -2.37 0.91
CA GLY B 816 -14.81 -2.07 2.29
C GLY B 816 -13.38 -1.63 2.49
N ASP B 817 -12.45 -2.24 1.77
CA ASP B 817 -11.03 -1.95 1.94
C ASP B 817 -10.54 -0.80 1.05
N GLY B 818 -11.35 -0.35 0.09
CA GLY B 818 -11.08 0.88 -0.62
C GLY B 818 -10.27 0.77 -1.91
N GLU B 819 -10.03 -0.44 -2.42
CA GLU B 819 -9.32 -0.55 -3.69
C GLU B 819 -10.15 -0.01 -4.86
N MET B 820 -11.48 0.01 -4.71
CA MET B 820 -12.32 0.55 -5.76
C MET B 820 -12.04 2.03 -5.99
N GLU B 821 -11.81 2.78 -4.91
CA GLU B 821 -11.47 4.20 -5.05
C GLU B 821 -10.18 4.37 -5.83
N GLU B 822 -9.16 3.59 -5.50
CA GLU B 822 -7.88 3.70 -6.21
C GLU B 822 -8.03 3.34 -7.67
N LEU B 823 -8.76 2.26 -7.97
CA LEU B 823 -8.95 1.84 -9.35
C LEU B 823 -9.72 2.90 -10.15
N GLU B 824 -10.78 3.46 -9.56
CA GLU B 824 -11.54 4.50 -10.26
C GLU B 824 -10.71 5.75 -10.49
N ALA B 825 -9.89 6.14 -9.50
CA ALA B 825 -9.01 7.30 -9.69
C ALA B 825 -7.97 7.05 -10.75
N LEU B 826 -7.45 5.82 -10.84
CA LEU B 826 -6.41 5.52 -11.81
C LEU B 826 -6.97 5.42 -13.23
N TRP B 827 -8.17 4.85 -13.39
CA TRP B 827 -8.65 4.47 -14.71
C TRP B 827 -9.78 5.34 -15.24
N LEU B 828 -10.47 6.10 -14.40
CA LEU B 828 -11.67 6.80 -14.83
C LEU B 828 -11.60 8.32 -14.67
N THR B 829 -10.53 8.86 -14.11
CA THR B 829 -10.42 10.30 -13.96
C THR B 829 -10.15 10.97 -15.31
N GLY B 830 -10.58 12.23 -15.42
CA GLY B 830 -10.38 13.00 -16.63
C GLY B 830 -9.80 14.36 -16.32
N ILE B 831 -9.60 15.13 -17.39
CA ILE B 831 -9.01 16.46 -17.29
C ILE B 831 -10.06 17.50 -16.85
N CYS B 832 -11.18 17.57 -17.56
CA CYS B 832 -12.20 18.54 -17.23
C CYS B 832 -12.95 18.10 -15.98
N HIS B 833 -13.69 19.06 -15.39
CA HIS B 833 -14.51 18.79 -14.21
C HIS B 833 -15.92 19.34 -14.31
N ASN B 834 -16.21 20.22 -15.27
CA ASN B 834 -17.55 20.75 -15.50
C ASN B 834 -18.10 21.44 -14.25
N GLU B 835 -17.46 22.53 -13.85
CA GLU B 835 -17.87 23.30 -12.69
C GLU B 835 -18.52 24.63 -13.07
N LYS B 836 -19.11 24.71 -14.26
CA LYS B 836 -19.82 25.89 -14.74
C LYS B 836 -18.89 27.11 -14.77
N ASN B 837 -17.88 27.01 -15.63
CA ASN B 837 -16.90 28.06 -15.81
C ASN B 837 -17.41 29.12 -16.81
N GLU B 838 -16.84 30.31 -16.68
CA GLU B 838 -17.27 31.46 -17.48
C GLU B 838 -16.72 31.34 -18.89
N VAL B 839 -17.63 31.21 -19.87
CA VAL B 839 -17.23 31.13 -21.27
C VAL B 839 -16.75 32.49 -21.77
N MET B 840 -16.98 33.55 -20.97
CA MET B 840 -16.62 34.92 -21.32
C MET B 840 -17.35 35.37 -22.58
N SER B 841 -18.69 35.45 -22.48
CA SER B 841 -19.55 35.76 -23.60
C SER B 841 -19.18 37.10 -24.24
N SER B 842 -19.66 37.31 -25.46
CA SER B 842 -19.14 38.38 -26.29
C SER B 842 -20.24 38.98 -27.14
N GLN B 843 -20.18 40.31 -27.32
CA GLN B 843 -20.90 41.04 -28.36
C GLN B 843 -22.39 41.27 -28.10
N LEU B 844 -22.95 40.67 -27.06
CA LEU B 844 -24.31 40.96 -26.59
C LEU B 844 -25.34 40.93 -27.74
N ASP B 845 -25.55 39.72 -28.27
CA ASP B 845 -26.50 39.52 -29.36
C ASP B 845 -27.90 40.06 -29.05
N ILE B 846 -28.71 40.23 -30.09
CA ILE B 846 -30.02 40.87 -29.95
C ILE B 846 -30.93 40.10 -28.98
N ASP B 847 -30.71 38.80 -28.83
CA ASP B 847 -31.58 37.99 -27.97
C ASP B 847 -31.53 38.42 -26.51
N ASN B 848 -30.54 39.22 -26.12
CA ASN B 848 -30.41 39.68 -24.74
C ASN B 848 -31.25 40.93 -24.46
N MET B 849 -31.08 41.96 -25.28
CA MET B 849 -31.77 43.24 -25.10
C MET B 849 -33.19 43.24 -25.65
N ALA B 850 -33.72 42.06 -26.00
CA ALA B 850 -35.11 41.97 -26.40
C ALA B 850 -36.02 42.53 -25.32
N GLY B 851 -35.67 42.33 -24.05
CA GLY B 851 -36.47 42.87 -22.97
C GLY B 851 -36.53 44.39 -22.98
N VAL B 852 -35.37 45.05 -23.14
CA VAL B 852 -35.35 46.50 -23.08
C VAL B 852 -36.07 47.10 -24.28
N PHE B 853 -35.90 46.50 -25.47
CA PHE B 853 -36.65 47.00 -26.61
C PHE B 853 -38.15 46.73 -26.47
N TYR B 854 -38.52 45.63 -25.81
CA TYR B 854 -39.93 45.38 -25.52
C TYR B 854 -40.50 46.45 -24.59
N MET B 855 -39.74 46.83 -23.56
CA MET B 855 -40.19 47.90 -22.67
C MET B 855 -40.30 49.23 -23.40
N LEU B 856 -39.36 49.52 -24.30
CA LEU B 856 -39.45 50.74 -25.08
C LEU B 856 -40.70 50.74 -25.97
N GLY B 857 -41.00 49.60 -26.60
CA GLY B 857 -42.20 49.50 -27.40
C GLY B 857 -43.47 49.64 -26.58
N ALA B 858 -43.48 49.06 -25.37
CA ALA B 858 -44.62 49.21 -24.47
C ALA B 858 -44.80 50.67 -24.06
N ALA B 859 -43.70 51.36 -23.79
CA ALA B 859 -43.77 52.79 -23.49
C ALA B 859 -44.36 53.56 -24.66
N MET B 860 -43.93 53.23 -25.88
CA MET B 860 -44.50 53.91 -27.04
C MET B 860 -46.00 53.65 -27.16
N ALA B 861 -46.41 52.39 -26.95
CA ALA B 861 -47.82 52.03 -27.06
C ALA B 861 -48.65 52.82 -26.06
N LEU B 862 -48.21 52.84 -24.79
CA LEU B 862 -48.94 53.60 -23.78
C LEU B 862 -48.93 55.10 -24.10
N SER B 863 -47.85 55.59 -24.73
CA SER B 863 -47.78 57.01 -25.04
C SER B 863 -48.83 57.41 -26.05
N LEU B 864 -48.94 56.66 -27.16
CA LEU B 864 -49.93 57.07 -28.15
C LEU B 864 -51.35 56.75 -27.67
N ILE B 865 -51.52 55.71 -26.85
CA ILE B 865 -52.83 55.45 -26.25
C ILE B 865 -53.27 56.63 -25.40
N THR B 866 -52.38 57.08 -24.51
CA THR B 866 -52.70 58.22 -23.66
C THR B 866 -52.93 59.48 -24.47
N PHE B 867 -52.14 59.68 -25.53
CA PHE B 867 -52.34 60.86 -26.37
C PHE B 867 -53.71 60.85 -27.03
N ILE B 868 -54.12 59.70 -27.58
CA ILE B 868 -55.43 59.62 -28.22
C ILE B 868 -56.53 59.86 -27.20
N CYS B 869 -56.40 59.25 -26.02
CA CYS B 869 -57.43 59.43 -24.99
C CYS B 869 -57.53 60.89 -24.57
N GLU B 870 -56.39 61.54 -24.34
CA GLU B 870 -56.40 62.93 -23.91
C GLU B 870 -56.94 63.86 -24.99
N HIS B 871 -56.56 63.62 -26.25
CA HIS B 871 -57.05 64.44 -27.35
C HIS B 871 -58.56 64.31 -27.50
N LEU B 872 -59.08 63.08 -27.43
CA LEU B 872 -60.52 62.89 -27.55
C LEU B 872 -61.27 63.45 -26.35
N PHE B 873 -60.68 63.38 -25.16
CA PHE B 873 -61.31 64.01 -24.00
C PHE B 873 -61.34 65.53 -24.14
N TYR B 874 -60.26 66.12 -24.66
CA TYR B 874 -60.21 67.57 -24.84
C TYR B 874 -61.03 68.03 -26.04
N TRP B 875 -61.43 67.11 -26.90
CA TRP B 875 -62.26 67.50 -28.05
C TRP B 875 -63.60 68.09 -27.61
N GLN B 876 -64.18 67.56 -26.53
CA GLN B 876 -65.44 68.06 -26.02
C GLN B 876 -65.28 69.46 -25.41
N LYS C 25 2.20 -65.01 29.42
CA LYS C 25 1.87 -64.76 30.82
C LYS C 25 0.40 -65.05 31.10
N ILE C 26 -0.11 -64.51 32.21
CA ILE C 26 -1.50 -64.68 32.61
C ILE C 26 -2.13 -63.29 32.70
N VAL C 27 -3.23 -63.10 31.98
CA VAL C 27 -3.97 -61.84 31.99
C VAL C 27 -5.41 -62.15 32.36
N ASN C 28 -5.90 -61.51 33.43
CA ASN C 28 -7.26 -61.71 33.91
C ASN C 28 -8.07 -60.43 33.73
N ILE C 29 -9.38 -60.60 33.53
CA ILE C 29 -10.29 -59.50 33.24
C ILE C 29 -11.50 -59.62 34.14
N GLY C 30 -11.91 -58.49 34.73
CA GLY C 30 -13.07 -58.48 35.61
C GLY C 30 -14.28 -57.82 34.98
N ALA C 31 -15.45 -58.01 35.60
CA ALA C 31 -16.68 -57.43 35.08
C ALA C 31 -17.68 -57.27 36.22
N VAL C 32 -18.69 -56.45 35.97
CA VAL C 32 -19.78 -56.21 36.92
C VAL C 32 -21.08 -56.54 36.23
N LEU C 33 -21.83 -57.49 36.80
CA LEU C 33 -23.12 -57.88 36.23
C LEU C 33 -24.21 -57.78 37.28
N SER C 34 -25.40 -58.27 36.97
CA SER C 34 -26.56 -58.16 37.87
C SER C 34 -27.08 -59.49 38.38
N THR C 35 -26.74 -60.60 37.73
CA THR C 35 -27.28 -61.91 38.10
C THR C 35 -26.16 -62.93 38.09
N ARG C 36 -26.21 -63.88 39.03
CA ARG C 36 -25.24 -64.96 39.05
C ARG C 36 -25.31 -65.79 37.77
N LYS C 37 -26.49 -65.88 37.16
CA LYS C 37 -26.60 -66.52 35.85
C LYS C 37 -25.77 -65.78 34.81
N HIS C 38 -25.80 -64.45 34.85
CA HIS C 38 -24.96 -63.65 33.96
C HIS C 38 -23.48 -63.90 34.21
N GLU C 39 -23.10 -64.05 35.49
CA GLU C 39 -21.70 -64.35 35.80
C GLU C 39 -21.30 -65.71 35.24
N GLN C 40 -22.18 -66.71 35.38
CA GLN C 40 -21.88 -68.03 34.82
C GLN C 40 -21.78 -67.97 33.30
N MET C 41 -22.67 -67.21 32.65
CA MET C 41 -22.60 -67.07 31.20
C MET C 41 -21.30 -66.38 30.78
N PHE C 42 -20.88 -65.36 31.52
CA PHE C 42 -19.62 -64.69 31.21
C PHE C 42 -18.43 -65.64 31.39
N ARG C 43 -18.47 -66.45 32.44
CA ARG C 43 -17.40 -67.44 32.65
C ARG C 43 -17.36 -68.44 31.52
N GLU C 44 -18.51 -68.93 31.07
CA GLU C 44 -18.54 -69.85 29.94
C GLU C 44 -18.02 -69.18 28.67
N ALA C 45 -18.40 -67.92 28.44
CA ALA C 45 -17.94 -67.20 27.25
C ALA C 45 -16.44 -67.02 27.27
N VAL C 46 -15.86 -66.64 28.42
CA VAL C 46 -14.42 -66.44 28.49
C VAL C 46 -13.69 -67.78 28.39
N ASN C 47 -14.28 -68.85 28.93
CA ASN C 47 -13.68 -70.18 28.76
C ASN C 47 -13.65 -70.57 27.29
N GLN C 48 -14.73 -70.30 26.56
CA GLN C 48 -14.76 -70.59 25.13
C GLN C 48 -13.74 -69.73 24.38
N ALA C 49 -13.63 -68.45 24.74
CA ALA C 49 -12.71 -67.55 24.05
C ALA C 49 -11.26 -67.78 24.44
N ASN C 50 -11.01 -68.54 25.51
CA ASN C 50 -9.63 -68.83 25.90
C ASN C 50 -8.86 -69.52 24.79
N LYS C 51 -9.55 -70.32 23.98
CA LYS C 51 -8.91 -70.96 22.83
C LYS C 51 -8.47 -69.93 21.78
N ARG C 52 -9.08 -68.75 21.78
CA ARG C 52 -8.71 -67.71 20.82
C ARG C 52 -7.66 -66.77 21.39
N ILE C 58 -0.67 -67.32 26.79
CA ILE C 58 -1.44 -66.18 27.28
C ILE C 58 -2.82 -66.63 27.78
N GLN C 59 -2.83 -67.27 28.95
CA GLN C 59 -4.06 -67.76 29.55
C GLN C 59 -4.88 -66.60 30.10
N LEU C 60 -6.20 -66.75 30.02
CA LEU C 60 -7.14 -65.76 30.54
C LEU C 60 -7.90 -66.36 31.72
N GLN C 61 -8.24 -65.52 32.69
CA GLN C 61 -8.94 -65.95 33.89
C GLN C 61 -10.19 -65.10 34.07
N ALA C 62 -11.20 -65.67 34.73
CA ALA C 62 -12.50 -65.03 34.90
C ALA C 62 -12.65 -64.48 36.31
N THR C 63 -12.99 -63.20 36.41
CA THR C 63 -13.31 -62.56 37.68
C THR C 63 -14.53 -61.67 37.47
N SER C 64 -15.35 -61.56 38.52
CA SER C 64 -16.57 -60.77 38.42
C SER C 64 -17.05 -60.42 39.82
N VAL C 65 -18.00 -59.49 39.88
CA VAL C 65 -18.60 -59.07 41.14
C VAL C 65 -20.00 -58.52 40.84
N THR C 66 -20.93 -58.77 41.75
CA THR C 66 -22.30 -58.34 41.58
C THR C 66 -22.45 -56.86 41.96
N HIS C 67 -23.67 -56.36 41.89
CA HIS C 67 -23.98 -54.97 42.19
C HIS C 67 -24.60 -54.85 43.58
N LYS C 68 -24.59 -53.63 44.09
CA LYS C 68 -25.14 -53.31 45.40
C LYS C 68 -26.04 -52.08 45.29
N PRO C 69 -27.01 -51.93 46.20
CA PRO C 69 -27.91 -50.77 46.12
C PRO C 69 -27.30 -49.51 46.73
N ASN C 70 -26.04 -49.23 46.39
CA ASN C 70 -25.35 -48.03 46.83
C ASN C 70 -24.03 -47.93 46.09
N ALA C 71 -23.59 -46.70 45.82
CA ALA C 71 -22.36 -46.51 45.05
C ALA C 71 -21.11 -46.77 45.90
N ILE C 72 -21.19 -46.54 47.21
CA ILE C 72 -20.01 -46.69 48.06
C ILE C 72 -19.52 -48.13 48.08
N GLN C 73 -20.45 -49.09 48.08
CA GLN C 73 -20.05 -50.49 48.11
C GLN C 73 -19.26 -50.86 46.86
N MET C 74 -19.71 -50.43 45.69
CA MET C 74 -18.96 -50.67 44.47
C MET C 74 -17.63 -49.93 44.46
N ALA C 75 -17.63 -48.69 44.96
CA ALA C 75 -16.40 -47.91 45.00
C ALA C 75 -15.34 -48.56 45.87
N LEU C 76 -15.74 -49.18 46.99
CA LEU C 76 -14.79 -49.95 47.77
C LEU C 76 -14.42 -51.25 47.07
N SER C 77 -15.42 -51.96 46.54
CA SER C 77 -15.20 -53.31 46.02
C SER C 77 -14.31 -53.31 44.79
N VAL C 78 -14.26 -52.21 44.04
CA VAL C 78 -13.45 -52.20 42.82
C VAL C 78 -11.99 -52.48 43.16
N CYS C 79 -11.42 -51.75 44.12
CA CYS C 79 -10.07 -52.05 44.58
C CYS C 79 -10.01 -53.24 45.52
N GLU C 80 -11.08 -53.51 46.30
CA GLU C 80 -11.07 -54.70 47.15
C GLU C 80 -10.91 -55.98 46.33
N ASP C 81 -11.38 -55.98 45.09
CA ASP C 81 -11.17 -57.12 44.20
C ASP C 81 -10.00 -56.92 43.25
N LEU C 82 -9.66 -55.68 42.91
CA LEU C 82 -8.52 -55.43 42.05
C LEU C 82 -7.21 -55.82 42.72
N ILE C 83 -7.14 -55.66 44.04
CA ILE C 83 -5.93 -56.03 44.77
C ILE C 83 -5.65 -57.52 44.58
N SER C 84 -6.67 -58.36 44.70
CA SER C 84 -6.49 -59.79 44.51
C SER C 84 -6.44 -60.17 43.05
N SER C 85 -6.95 -59.33 42.14
CA SER C 85 -7.11 -59.73 40.76
C SER C 85 -6.03 -59.18 39.83
N GLN C 86 -5.65 -57.91 39.98
CA GLN C 86 -4.72 -57.25 39.07
C GLN C 86 -5.24 -57.30 37.62
N VAL C 87 -6.43 -56.72 37.45
CA VAL C 87 -7.12 -56.78 36.17
C VAL C 87 -6.43 -55.91 35.13
N TYR C 88 -6.68 -56.20 33.86
CA TYR C 88 -6.19 -55.37 32.76
C TYR C 88 -7.29 -54.58 32.06
N ALA C 89 -8.56 -54.90 32.32
CA ALA C 89 -9.69 -54.23 31.70
C ALA C 89 -10.95 -54.57 32.47
N ILE C 90 -11.83 -53.59 32.64
CA ILE C 90 -13.08 -53.76 33.38
C ILE C 90 -14.25 -53.66 32.42
N LEU C 91 -15.20 -54.58 32.57
CA LEU C 91 -16.49 -54.52 31.90
C LEU C 91 -17.56 -54.10 32.89
N VAL C 92 -18.52 -53.33 32.41
CA VAL C 92 -19.58 -52.79 33.26
C VAL C 92 -20.93 -52.97 32.56
N SER C 93 -21.93 -53.36 33.33
CA SER C 93 -23.29 -53.54 32.84
C SER C 93 -24.24 -52.76 33.74
N HIS C 94 -25.50 -52.67 33.30
CA HIS C 94 -26.43 -51.87 34.07
C HIS C 94 -27.27 -52.74 35.01
N PRO C 95 -27.70 -52.17 36.14
CA PRO C 95 -28.60 -52.90 37.03
C PRO C 95 -30.04 -52.71 36.59
N PRO C 96 -31.00 -53.45 37.19
CA PRO C 96 -32.41 -53.27 36.83
C PRO C 96 -32.99 -51.91 37.18
N THR C 97 -32.18 -50.96 37.64
CA THR C 97 -32.70 -49.64 37.94
C THR C 97 -33.21 -48.97 36.67
N PRO C 98 -34.28 -48.18 36.75
CA PRO C 98 -34.87 -47.60 35.53
C PRO C 98 -33.94 -46.65 34.80
N ASN C 99 -33.42 -45.64 35.50
CA ASN C 99 -32.63 -44.60 34.84
C ASN C 99 -31.15 -44.99 34.78
N ASP C 100 -30.57 -45.37 35.92
CA ASP C 100 -29.16 -45.77 36.02
C ASP C 100 -28.24 -44.65 35.53
N HIS C 101 -28.59 -43.40 35.85
CA HIS C 101 -27.73 -42.28 35.51
C HIS C 101 -26.52 -42.16 36.43
N PHE C 102 -26.48 -42.94 37.51
CA PHE C 102 -25.39 -42.90 38.48
C PHE C 102 -24.55 -44.16 38.53
N THR C 103 -25.11 -45.29 38.10
CA THR C 103 -24.44 -46.58 38.27
C THR C 103 -23.06 -46.67 37.60
N PRO C 104 -22.85 -46.21 36.37
CA PRO C 104 -21.53 -46.38 35.75
C PRO C 104 -20.52 -45.27 36.06
N THR C 105 -20.82 -44.36 36.99
CA THR C 105 -19.87 -43.31 37.33
C THR C 105 -18.74 -43.78 38.24
N PRO C 106 -19.01 -44.52 39.34
CA PRO C 106 -17.90 -44.85 40.25
C PRO C 106 -16.81 -45.69 39.60
N VAL C 107 -17.15 -46.52 38.61
CA VAL C 107 -16.17 -47.42 38.04
C VAL C 107 -15.24 -46.71 37.05
N SER C 108 -15.66 -45.58 36.51
CA SER C 108 -14.87 -44.96 35.44
C SER C 108 -13.65 -44.22 35.98
N TYR C 109 -13.86 -43.21 36.83
CA TYR C 109 -12.74 -42.43 37.34
C TYR C 109 -11.92 -43.17 38.39
N THR C 110 -12.52 -44.09 39.13
CA THR C 110 -11.72 -44.91 40.04
C THR C 110 -10.70 -45.74 39.27
N ALA C 111 -11.11 -46.30 38.14
CA ALA C 111 -10.17 -47.00 37.26
C ALA C 111 -9.21 -46.04 36.58
N GLY C 112 -9.68 -44.84 36.23
CA GLY C 112 -8.78 -43.85 35.62
C GLY C 112 -7.71 -43.38 36.57
N PHE C 113 -7.94 -43.51 37.88
CA PHE C 113 -6.90 -43.19 38.86
C PHE C 113 -5.62 -43.96 38.60
N TYR C 114 -5.72 -45.15 38.01
CA TYR C 114 -4.57 -45.90 37.53
C TYR C 114 -4.59 -46.06 36.02
N ARG C 115 -5.47 -45.34 35.32
CA ARG C 115 -5.57 -45.40 33.86
C ARG C 115 -5.85 -46.80 33.36
N ILE C 116 -6.80 -47.48 33.99
CA ILE C 116 -7.24 -48.81 33.58
C ILE C 116 -8.41 -48.62 32.61
N PRO C 117 -8.28 -49.00 31.34
CA PRO C 117 -9.40 -48.83 30.41
C PRO C 117 -10.62 -49.64 30.83
N VAL C 118 -11.79 -49.05 30.62
CA VAL C 118 -13.07 -49.66 30.97
C VAL C 118 -13.97 -49.67 29.75
N LEU C 119 -14.59 -50.81 29.48
CA LEU C 119 -15.51 -50.97 28.36
C LEU C 119 -16.94 -51.00 28.88
N GLY C 120 -17.81 -50.22 28.24
CA GLY C 120 -19.21 -50.15 28.61
C GLY C 120 -20.08 -50.87 27.60
N LEU C 121 -21.20 -51.41 28.08
CA LEU C 121 -22.09 -52.21 27.25
C LEU C 121 -23.45 -51.54 27.06
N THR C 122 -24.12 -51.18 28.15
CA THR C 122 -25.48 -50.64 28.09
C THR C 122 -25.55 -49.24 28.70
N THR C 123 -24.59 -48.39 28.33
CA THR C 123 -24.55 -46.99 28.77
C THR C 123 -24.89 -46.12 27.56
N ARG C 124 -26.10 -45.55 27.56
CA ARG C 124 -26.59 -44.77 26.44
C ARG C 124 -26.43 -43.27 26.62
N MET C 125 -26.29 -42.79 27.85
CA MET C 125 -26.16 -41.36 28.08
C MET C 125 -24.88 -40.82 27.45
N SER C 126 -24.95 -39.59 26.95
CA SER C 126 -23.86 -38.97 26.20
C SER C 126 -22.89 -38.21 27.09
N ILE C 127 -23.09 -38.20 28.41
CA ILE C 127 -22.16 -37.49 29.29
C ILE C 127 -20.79 -38.15 29.27
N TYR C 128 -20.74 -39.47 29.17
CA TYR C 128 -19.47 -40.20 29.15
C TYR C 128 -18.69 -40.01 27.86
N SER C 129 -19.31 -39.45 26.82
CA SER C 129 -18.62 -39.28 25.55
C SER C 129 -17.50 -38.23 25.64
N ASP C 130 -17.58 -37.34 26.63
CA ASP C 130 -16.57 -36.30 26.77
C ASP C 130 -15.23 -36.91 27.16
N LYS C 131 -14.17 -36.53 26.44
CA LYS C 131 -12.86 -37.10 26.67
C LYS C 131 -12.27 -36.63 27.99
N SER C 132 -12.34 -35.33 28.26
CA SER C 132 -11.60 -34.76 29.39
C SER C 132 -12.08 -35.29 30.73
N ILE C 133 -13.39 -35.47 30.88
CA ILE C 133 -13.95 -35.76 32.21
C ILE C 133 -13.47 -37.12 32.72
N HIS C 134 -13.54 -38.15 31.87
CA HIS C 134 -13.16 -39.49 32.31
C HIS C 134 -11.95 -40.02 31.55
N LEU C 135 -12.02 -40.13 30.22
CA LEU C 135 -10.96 -40.59 29.33
C LEU C 135 -10.62 -42.05 29.55
N SER C 136 -11.12 -42.65 30.64
CA SER C 136 -11.00 -44.09 30.84
C SER C 136 -12.34 -44.79 30.58
N PHE C 137 -12.85 -44.72 29.36
CA PHE C 137 -14.16 -45.31 29.08
C PHE C 137 -14.41 -45.45 27.59
N LEU C 138 -14.85 -46.64 27.17
CA LEU C 138 -15.26 -46.89 25.80
C LEU C 138 -16.60 -47.61 25.80
N ARG C 139 -17.33 -47.48 24.71
CA ARG C 139 -18.67 -48.04 24.59
C ARG C 139 -18.76 -48.96 23.40
N THR C 140 -19.55 -50.03 23.54
CA THR C 140 -19.83 -50.95 22.46
C THR C 140 -21.09 -50.60 21.69
N VAL C 141 -21.83 -49.58 22.13
CA VAL C 141 -23.03 -49.12 21.43
C VAL C 141 -22.92 -47.62 21.23
N PRO C 142 -23.56 -47.08 20.21
CA PRO C 142 -23.52 -45.63 19.99
C PRO C 142 -24.46 -44.91 20.96
N PRO C 143 -24.14 -43.67 21.32
CA PRO C 143 -24.96 -42.95 22.29
C PRO C 143 -26.23 -42.39 21.67
N TYR C 144 -27.08 -41.84 22.53
CA TYR C 144 -28.34 -41.24 22.10
C TYR C 144 -28.13 -40.08 21.14
N SER C 145 -26.96 -39.43 21.19
CA SER C 145 -26.74 -38.22 20.39
C SER C 145 -26.48 -38.50 18.92
N HIS C 146 -26.35 -39.76 18.52
CA HIS C 146 -26.00 -40.11 17.15
C HIS C 146 -27.22 -40.41 16.28
N GLN C 147 -28.44 -40.24 16.81
CA GLN C 147 -29.64 -40.38 16.00
C GLN C 147 -29.78 -39.26 14.97
N SER C 148 -28.99 -38.20 15.11
CA SER C 148 -29.06 -37.09 14.17
C SER C 148 -28.67 -37.51 12.76
N SER C 149 -27.71 -38.44 12.63
CA SER C 149 -27.33 -38.92 11.31
C SER C 149 -28.49 -39.63 10.63
N VAL C 150 -29.20 -40.49 11.36
CA VAL C 150 -30.35 -41.18 10.80
C VAL C 150 -31.45 -40.20 10.43
N TRP C 151 -31.70 -39.21 11.31
CA TRP C 151 -32.72 -38.22 11.03
C TRP C 151 -32.38 -37.43 9.77
N PHE C 152 -31.11 -37.03 9.63
CA PHE C 152 -30.67 -36.27 8.47
C PHE C 152 -30.78 -37.09 7.19
N GLU C 153 -30.40 -38.37 7.26
CA GLU C 153 -30.50 -39.21 6.07
C GLU C 153 -31.96 -39.38 5.66
N MET C 154 -32.85 -39.60 6.63
CA MET C 154 -34.27 -39.70 6.33
C MET C 154 -34.79 -38.41 5.70
N MET C 155 -34.41 -37.27 6.27
CA MET C 155 -34.87 -35.98 5.77
C MET C 155 -34.38 -35.72 4.36
N ARG C 156 -33.12 -36.07 4.07
CA ARG C 156 -32.58 -35.87 2.73
C ARG C 156 -33.27 -36.80 1.73
N VAL C 157 -33.51 -38.05 2.10
CA VAL C 157 -34.14 -38.99 1.17
C VAL C 157 -35.58 -38.59 0.88
N TYR C 158 -36.33 -38.21 1.90
CA TYR C 158 -37.73 -37.84 1.71
C TYR C 158 -37.91 -36.36 1.34
N ASN C 159 -36.82 -35.62 1.16
CA ASN C 159 -36.84 -34.27 0.63
C ASN C 159 -37.72 -33.34 1.48
N TRP C 160 -37.30 -33.19 2.72
CA TRP C 160 -37.86 -32.21 3.63
C TRP C 160 -36.80 -31.14 3.89
N ASN C 161 -37.21 -29.87 3.86
CA ASN C 161 -36.27 -28.76 3.98
C ASN C 161 -36.66 -27.73 5.02
N HIS C 162 -37.70 -27.99 5.81
CA HIS C 162 -38.11 -27.08 6.87
C HIS C 162 -38.50 -27.91 8.09
N ILE C 163 -37.75 -27.76 9.18
CA ILE C 163 -37.91 -28.58 10.36
C ILE C 163 -37.93 -27.68 11.59
N ILE C 164 -38.53 -28.20 12.66
CA ILE C 164 -38.54 -27.54 13.96
C ILE C 164 -37.81 -28.44 14.94
N LEU C 165 -36.76 -27.93 15.56
CA LEU C 165 -35.97 -28.67 16.54
C LEU C 165 -36.44 -28.29 17.94
N LEU C 166 -36.85 -29.31 18.72
CA LEU C 166 -37.37 -29.10 20.06
C LEU C 166 -36.59 -30.00 21.00
N VAL C 167 -35.60 -29.43 21.69
CA VAL C 167 -34.72 -30.18 22.57
C VAL C 167 -34.88 -29.67 23.98
N SER C 168 -34.36 -30.45 24.93
CA SER C 168 -34.38 -30.07 26.34
C SER C 168 -33.13 -29.28 26.70
N ASP C 169 -33.06 -28.86 27.96
CA ASP C 169 -31.94 -28.07 28.43
C ASP C 169 -30.80 -28.93 28.97
N ASP C 170 -30.97 -30.25 29.00
CA ASP C 170 -29.95 -31.13 29.53
C ASP C 170 -28.77 -31.24 28.56
N HIS C 171 -27.76 -32.00 28.96
CA HIS C 171 -26.57 -32.18 28.13
C HIS C 171 -26.91 -32.94 26.84
N GLU C 172 -27.82 -33.92 26.94
CA GLU C 172 -28.21 -34.69 25.77
C GLU C 172 -28.78 -33.78 24.69
N GLY C 173 -29.67 -32.86 25.08
CA GLY C 173 -30.25 -31.95 24.10
C GLY C 173 -29.21 -31.08 23.44
N ARG C 174 -28.27 -30.55 24.23
CA ARG C 174 -27.23 -29.70 23.67
C ARG C 174 -26.35 -30.46 22.68
N ALA C 175 -25.95 -31.68 23.04
CA ALA C 175 -25.10 -32.47 22.15
C ALA C 175 -25.84 -32.82 20.87
N ALA C 176 -27.10 -33.26 20.99
CA ALA C 176 -27.87 -33.60 19.80
C ALA C 176 -28.08 -32.39 18.92
N GLN C 177 -28.37 -31.24 19.52
CA GLN C 177 -28.56 -30.01 18.76
C GLN C 177 -27.29 -29.63 18.01
N LYS C 178 -26.14 -29.73 18.69
CA LYS C 178 -24.88 -29.37 18.04
C LYS C 178 -24.58 -30.29 16.86
N ARG C 179 -24.75 -31.60 17.05
CA ARG C 179 -24.50 -32.54 15.96
C ARG C 179 -25.45 -32.29 14.79
N LEU C 180 -26.74 -32.12 15.09
CA LEU C 180 -27.70 -31.89 14.03
C LEU C 180 -27.40 -30.60 13.28
N GLU C 181 -27.05 -29.52 13.99
CA GLU C 181 -26.82 -28.25 13.32
C GLU C 181 -25.57 -28.31 12.46
N THR C 182 -24.51 -28.98 12.93
CA THR C 182 -23.31 -29.04 12.10
C THR C 182 -23.53 -29.90 10.86
N LEU C 183 -24.19 -31.05 11.02
CA LEU C 183 -24.50 -31.86 9.83
C LEU C 183 -25.42 -31.12 8.87
N LEU C 184 -26.33 -30.29 9.40
CA LEU C 184 -27.25 -29.55 8.53
C LEU C 184 -26.53 -28.43 7.80
N GLU C 185 -25.66 -27.69 8.48
CA GLU C 185 -24.96 -26.58 7.82
C GLU C 185 -23.89 -27.10 6.87
N GLU C 186 -23.48 -28.36 7.02
CA GLU C 186 -22.61 -28.98 6.02
C GLU C 186 -23.24 -28.91 4.63
N ARG C 187 -24.56 -29.12 4.56
CA ARG C 187 -25.29 -29.05 3.30
C ARG C 187 -25.81 -27.64 3.02
N GLU C 188 -25.26 -26.62 3.68
CA GLU C 188 -25.65 -25.23 3.47
C GLU C 188 -27.14 -25.02 3.74
N SER C 189 -27.53 -25.27 4.98
CA SER C 189 -28.92 -25.11 5.40
C SER C 189 -28.95 -24.76 6.88
N LYS C 190 -30.09 -24.24 7.32
CA LYS C 190 -30.29 -23.85 8.71
C LYS C 190 -31.61 -24.43 9.22
N ALA C 191 -31.82 -24.28 10.52
CA ALA C 191 -33.07 -24.68 11.16
C ALA C 191 -33.93 -23.46 11.42
N GLU C 192 -35.25 -23.62 11.27
CA GLU C 192 -36.15 -22.49 11.42
C GLU C 192 -36.09 -21.92 12.83
N LYS C 193 -36.26 -22.78 13.83
CA LYS C 193 -36.22 -22.35 15.22
C LYS C 193 -35.78 -23.52 16.08
N VAL C 194 -35.27 -23.20 17.27
CA VAL C 194 -34.95 -24.17 18.30
C VAL C 194 -35.71 -23.76 19.56
N LEU C 195 -36.44 -24.70 20.15
CA LEU C 195 -37.29 -24.43 21.30
C LEU C 195 -36.74 -25.19 22.50
N GLN C 196 -36.20 -24.44 23.45
CA GLN C 196 -35.65 -25.01 24.68
C GLN C 196 -36.69 -24.95 25.79
N PHE C 197 -36.85 -26.05 26.51
CA PHE C 197 -37.79 -26.12 27.63
C PHE C 197 -37.09 -26.73 28.84
N ASP C 198 -37.51 -26.30 30.01
CA ASP C 198 -36.86 -26.70 31.26
C ASP C 198 -37.26 -28.13 31.61
N PRO C 199 -36.30 -29.04 31.79
CA PRO C 199 -36.65 -30.41 32.21
C PRO C 199 -37.31 -30.42 33.58
N GLY C 200 -38.22 -31.38 33.76
CA GLY C 200 -38.91 -31.55 35.03
C GLY C 200 -40.11 -30.67 35.26
N THR C 201 -40.50 -29.85 34.28
CA THR C 201 -41.67 -29.00 34.45
C THR C 201 -42.93 -29.75 34.03
N LYS C 202 -44.08 -29.13 34.29
CA LYS C 202 -45.37 -29.69 33.94
C LYS C 202 -46.24 -28.73 33.13
N ASN C 203 -45.71 -27.59 32.70
CA ASN C 203 -46.46 -26.59 31.96
C ASN C 203 -45.64 -26.15 30.76
N VAL C 204 -45.97 -26.67 29.58
CA VAL C 204 -45.23 -26.36 28.36
C VAL C 204 -46.20 -25.93 27.27
N THR C 205 -47.45 -25.70 27.65
CA THR C 205 -48.46 -25.30 26.66
C THR C 205 -48.13 -23.97 26.01
N ALA C 206 -47.63 -23.00 26.79
CA ALA C 206 -47.31 -21.70 26.22
C ALA C 206 -46.18 -21.78 25.20
N LEU C 207 -45.30 -22.77 25.33
CA LEU C 207 -44.20 -22.91 24.37
C LEU C 207 -44.73 -23.37 23.02
N LEU C 208 -45.75 -24.22 23.00
CA LEU C 208 -46.30 -24.72 21.75
C LEU C 208 -46.97 -23.63 20.93
N MET C 209 -47.32 -22.50 21.53
CA MET C 209 -48.03 -21.45 20.81
C MET C 209 -47.16 -20.83 19.72
N GLU C 210 -45.86 -20.69 19.96
CA GLU C 210 -44.98 -20.11 18.95
C GLU C 210 -44.91 -20.98 17.70
N ALA C 211 -44.78 -22.29 17.89
CA ALA C 211 -44.55 -23.20 16.75
C ALA C 211 -45.77 -23.30 15.84
N ARG C 212 -46.94 -22.86 16.31
CA ARG C 212 -48.13 -22.88 15.46
C ARG C 212 -47.98 -21.94 14.27
N GLU C 213 -47.34 -20.78 14.48
CA GLU C 213 -47.27 -19.76 13.45
C GLU C 213 -46.20 -20.06 12.39
N LEU C 214 -45.14 -20.78 12.76
CA LEU C 214 -44.06 -21.03 11.81
C LEU C 214 -44.56 -21.84 10.62
N GLU C 215 -43.96 -21.58 9.46
CA GLU C 215 -44.37 -22.27 8.23
C GLU C 215 -43.93 -23.73 8.25
N ALA C 216 -42.93 -24.06 9.06
CA ALA C 216 -42.44 -25.43 9.12
C ALA C 216 -43.52 -26.36 9.65
N ARG C 217 -43.53 -27.59 9.14
CA ARG C 217 -44.53 -28.59 9.51
C ARG C 217 -43.91 -29.92 9.89
N VAL C 218 -42.64 -29.93 10.26
CA VAL C 218 -41.93 -31.13 10.72
C VAL C 218 -41.41 -30.85 12.12
N ILE C 219 -41.75 -31.72 13.06
CA ILE C 219 -41.39 -31.54 14.46
C ILE C 219 -40.48 -32.69 14.87
N ILE C 220 -39.32 -32.36 15.42
CA ILE C 220 -38.35 -33.33 15.92
C ILE C 220 -38.33 -33.24 17.43
N LEU C 221 -38.56 -34.36 18.10
CA LEU C 221 -38.66 -34.42 19.56
C LEU C 221 -37.50 -35.23 20.12
N SER C 222 -36.90 -34.70 21.19
CA SER C 222 -35.80 -35.38 21.87
C SER C 222 -35.77 -34.91 23.31
N ALA C 223 -36.26 -35.75 24.23
CA ALA C 223 -36.32 -35.39 25.64
C ALA C 223 -36.46 -36.67 26.45
N SER C 224 -36.58 -36.52 27.76
CA SER C 224 -36.75 -37.66 28.65
C SER C 224 -38.13 -38.27 28.45
N GLU C 225 -38.25 -39.55 28.83
CA GLU C 225 -39.50 -40.27 28.65
C GLU C 225 -40.63 -39.66 29.47
N ASP C 226 -40.33 -39.24 30.70
CA ASP C 226 -41.35 -38.65 31.55
C ASP C 226 -41.79 -37.30 31.01
N ASP C 227 -40.84 -36.42 30.66
CA ASP C 227 -41.19 -35.10 30.15
C ASP C 227 -41.92 -35.20 28.82
N ALA C 228 -41.65 -36.24 28.03
CA ALA C 228 -42.34 -36.40 26.76
C ALA C 228 -43.83 -36.65 26.95
N ALA C 229 -44.22 -37.24 28.07
CA ALA C 229 -45.63 -37.50 28.31
C ALA C 229 -46.43 -36.21 28.44
N THR C 230 -45.83 -35.16 29.01
CA THR C 230 -46.51 -33.87 29.10
C THR C 230 -46.74 -33.28 27.72
N VAL C 231 -45.77 -33.42 26.81
CA VAL C 231 -45.90 -32.85 25.48
C VAL C 231 -47.07 -33.48 24.73
N TYR C 232 -47.20 -34.81 24.82
CA TYR C 232 -48.29 -35.50 24.11
C TYR C 232 -49.66 -35.11 24.67
N ARG C 233 -49.78 -34.91 25.98
CA ARG C 233 -51.03 -34.49 26.58
C ARG C 233 -51.36 -33.02 26.33
N ALA C 234 -50.41 -32.25 25.80
CA ALA C 234 -50.65 -30.86 25.44
C ALA C 234 -50.84 -30.64 23.95
N ALA C 235 -50.30 -31.53 23.11
CA ALA C 235 -50.47 -31.40 21.67
C ALA C 235 -51.92 -31.60 21.27
N ALA C 236 -52.61 -32.55 21.90
CA ALA C 236 -54.00 -32.84 21.53
C ALA C 236 -54.91 -31.66 21.84
N MET C 237 -54.65 -30.93 22.93
CA MET C 237 -55.48 -29.79 23.27
C MET C 237 -55.41 -28.70 22.21
N LEU C 238 -54.21 -28.46 21.66
CA LEU C 238 -54.02 -27.47 20.62
C LEU C 238 -54.25 -28.01 19.22
N ASP C 239 -54.72 -29.25 19.09
CA ASP C 239 -54.93 -29.91 17.80
C ASP C 239 -53.64 -29.93 16.99
N MET C 240 -52.58 -30.47 17.61
CA MET C 240 -51.28 -30.55 16.98
C MET C 240 -51.07 -31.87 16.25
N THR C 241 -52.07 -32.76 16.26
CA THR C 241 -51.96 -34.07 15.65
C THR C 241 -52.75 -34.18 14.35
N GLY C 242 -53.15 -33.06 13.77
CA GLY C 242 -53.93 -33.07 12.54
C GLY C 242 -53.09 -33.41 11.33
N SER C 243 -53.78 -33.51 10.19
CA SER C 243 -53.12 -33.84 8.94
C SER C 243 -52.17 -32.72 8.53
N GLY C 244 -51.16 -33.09 7.73
CA GLY C 244 -50.13 -32.16 7.33
C GLY C 244 -49.01 -31.97 8.33
N TYR C 245 -48.98 -32.76 9.40
CA TYR C 245 -47.97 -32.65 10.43
C TYR C 245 -47.18 -33.95 10.49
N VAL C 246 -45.91 -33.84 10.86
CA VAL C 246 -45.01 -34.99 10.91
C VAL C 246 -44.22 -34.95 12.21
N TRP C 247 -44.15 -36.09 12.90
CA TRP C 247 -43.40 -36.21 14.15
C TRP C 247 -42.27 -37.21 13.97
N LEU C 248 -41.08 -36.82 14.43
CA LEU C 248 -39.94 -37.72 14.51
C LEU C 248 -39.44 -37.69 15.95
N VAL C 249 -39.25 -38.87 16.54
CA VAL C 249 -38.91 -39.01 17.94
C VAL C 249 -37.68 -39.90 18.08
N GLY C 250 -37.30 -40.15 19.33
CA GLY C 250 -36.17 -41.00 19.63
C GLY C 250 -36.56 -42.25 20.40
N GLU C 251 -35.57 -42.96 20.93
CA GLU C 251 -35.84 -44.21 21.64
C GLU C 251 -36.65 -43.96 22.91
N ARG C 252 -36.31 -42.91 23.66
CA ARG C 252 -36.95 -42.68 24.96
C ARG C 252 -38.40 -42.26 24.83
N GLU C 253 -38.82 -41.77 23.66
CA GLU C 253 -40.17 -41.26 23.48
C GLU C 253 -41.17 -42.34 23.10
N ILE C 254 -40.72 -43.56 22.79
CA ILE C 254 -41.61 -44.63 22.39
C ILE C 254 -41.99 -45.47 23.60
N SER C 255 -41.00 -45.91 24.36
CA SER C 255 -41.24 -46.80 25.49
C SER C 255 -41.83 -46.01 26.67
N GLY C 256 -42.04 -46.71 27.77
CA GLY C 256 -42.61 -46.09 28.95
C GLY C 256 -44.09 -45.79 28.79
N ASN C 257 -44.57 -44.88 29.64
CA ASN C 257 -45.97 -44.47 29.61
C ASN C 257 -46.29 -43.57 28.44
N ALA C 258 -45.28 -43.11 27.68
CA ALA C 258 -45.54 -42.25 26.53
C ALA C 258 -46.29 -43.01 25.43
N LEU C 259 -46.13 -44.33 25.38
CA LEU C 259 -46.82 -45.12 24.36
C LEU C 259 -48.33 -45.03 24.52
N ARG C 260 -48.82 -44.98 25.76
CA ARG C 260 -50.25 -44.88 26.00
C ARG C 260 -50.82 -43.58 25.45
N TYR C 261 -50.09 -42.48 25.63
CA TYR C 261 -50.54 -41.16 25.19
C TYR C 261 -50.00 -40.77 23.82
N ALA C 262 -49.27 -41.65 23.15
CA ALA C 262 -48.67 -41.31 21.86
C ALA C 262 -49.74 -41.18 20.79
N PRO C 263 -49.80 -40.07 20.07
CA PRO C 263 -50.75 -39.96 18.94
C PRO C 263 -50.36 -40.91 17.81
N ASP C 264 -51.36 -41.28 17.03
CA ASP C 264 -51.15 -42.23 15.94
C ASP C 264 -50.31 -41.60 14.83
N GLY C 265 -49.49 -42.41 14.19
CA GLY C 265 -48.69 -41.98 13.06
C GLY C 265 -47.26 -41.58 13.37
N ILE C 266 -46.80 -41.79 14.59
CA ILE C 266 -45.44 -41.40 14.98
C ILE C 266 -44.43 -42.35 14.36
N ILE C 267 -43.37 -41.78 13.80
CA ILE C 267 -42.24 -42.55 13.28
C ILE C 267 -41.12 -42.51 14.31
N GLY C 268 -40.65 -43.67 14.73
CA GLY C 268 -39.60 -43.74 15.74
C GLY C 268 -38.40 -44.56 15.32
N LEU C 269 -37.46 -44.77 16.25
CA LEU C 269 -36.27 -45.55 15.99
C LEU C 269 -35.98 -46.44 17.18
N GLN C 270 -35.25 -47.52 16.93
CA GLN C 270 -34.89 -48.47 17.97
C GLN C 270 -33.53 -49.09 17.65
N LEU C 271 -32.90 -49.62 18.70
CA LEU C 271 -31.67 -50.39 18.56
C LEU C 271 -31.98 -51.86 18.80
N ILE C 272 -31.49 -52.73 17.91
CA ILE C 272 -31.88 -54.13 17.93
C ILE C 272 -31.23 -54.93 19.05
N ASN C 273 -30.18 -54.40 19.68
CA ASN C 273 -29.47 -55.08 20.75
C ASN C 273 -29.60 -54.33 22.07
N GLY C 274 -30.80 -53.83 22.36
CA GLY C 274 -31.01 -53.07 23.58
C GLY C 274 -30.86 -53.89 24.84
N LYS C 275 -31.45 -55.10 24.85
CA LYS C 275 -31.48 -55.95 26.03
C LYS C 275 -30.77 -57.28 25.80
N ASN C 276 -29.87 -57.32 24.82
CA ASN C 276 -29.14 -58.55 24.48
C ASN C 276 -27.77 -58.48 25.14
N GLU C 277 -27.75 -58.73 26.45
CA GLU C 277 -26.50 -58.66 27.20
C GLU C 277 -25.51 -59.72 26.76
N SER C 278 -25.98 -60.95 26.53
CA SER C 278 -25.08 -62.06 26.25
C SER C 278 -24.28 -61.84 24.98
N ALA C 279 -24.93 -61.31 23.94
CA ALA C 279 -24.21 -61.02 22.70
C ALA C 279 -23.12 -59.98 22.92
N HIS C 280 -23.43 -58.92 23.68
CA HIS C 280 -22.41 -57.93 24.00
C HIS C 280 -21.32 -58.51 24.89
N ILE C 281 -21.69 -59.39 25.82
CA ILE C 281 -20.69 -60.06 26.65
C ILE C 281 -19.74 -60.87 25.77
N SER C 282 -20.28 -61.62 24.82
CA SER C 282 -19.44 -62.34 23.86
C SER C 282 -18.65 -61.37 23.00
N ASP C 283 -19.27 -60.26 22.60
CA ASP C 283 -18.56 -59.25 21.81
C ASP C 283 -17.41 -58.65 22.61
N ALA C 284 -17.64 -58.38 23.90
CA ALA C 284 -16.62 -57.72 24.71
C ALA C 284 -15.38 -58.60 24.89
N VAL C 285 -15.58 -59.87 25.27
CA VAL C 285 -14.45 -60.75 25.51
C VAL C 285 -13.74 -61.08 24.20
N GLY C 286 -14.49 -61.13 23.10
CA GLY C 286 -13.89 -61.48 21.82
C GLY C 286 -12.91 -60.44 21.32
N VAL C 287 -13.28 -59.16 21.42
CA VAL C 287 -12.42 -58.10 20.88
C VAL C 287 -11.16 -57.94 21.72
N VAL C 288 -11.29 -58.03 23.04
CA VAL C 288 -10.12 -57.86 23.91
C VAL C 288 -9.17 -59.05 23.74
N ALA C 289 -9.71 -60.24 23.51
CA ALA C 289 -8.86 -61.41 23.28
C ALA C 289 -8.03 -61.25 22.01
N GLN C 290 -8.64 -60.72 20.95
CA GLN C 290 -7.90 -60.44 19.73
C GLN C 290 -6.94 -59.26 19.89
N ALA C 291 -7.11 -58.46 20.93
CA ALA C 291 -6.24 -57.32 21.17
C ALA C 291 -5.16 -57.61 22.20
N VAL C 292 -5.49 -58.39 23.23
CA VAL C 292 -4.51 -58.70 24.27
C VAL C 292 -3.34 -59.51 23.70
N HIS C 293 -3.58 -60.25 22.61
CA HIS C 293 -2.50 -61.00 21.98
C HIS C 293 -1.44 -60.07 21.42
N GLU C 294 -1.85 -58.96 20.80
CA GLU C 294 -0.91 -57.99 20.26
C GLU C 294 -0.26 -57.14 21.34
N LEU C 295 -0.74 -57.21 22.58
CA LEU C 295 -0.19 -56.39 23.65
C LEU C 295 1.08 -57.01 24.22
N LEU C 296 1.02 -58.29 24.60
CA LEU C 296 2.13 -58.94 25.28
C LEU C 296 3.32 -59.22 24.36
N GLU C 297 3.17 -59.02 23.06
CA GLU C 297 4.25 -59.23 22.11
C GLU C 297 4.97 -57.93 21.75
N LYS C 298 5.07 -57.01 22.71
CA LYS C 298 5.68 -55.71 22.51
C LYS C 298 6.84 -55.52 23.48
N GLU C 299 7.38 -54.31 23.52
CA GLU C 299 8.48 -53.96 24.40
C GLU C 299 8.02 -53.01 25.49
N ASN C 300 8.78 -52.98 26.59
CA ASN C 300 8.51 -52.11 27.72
C ASN C 300 7.11 -52.33 28.29
N ILE C 301 6.72 -53.60 28.39
CA ILE C 301 5.43 -53.95 28.99
C ILE C 301 5.60 -54.10 30.49
N THR C 302 4.85 -53.31 31.25
CA THR C 302 4.87 -53.38 32.71
C THR C 302 3.46 -53.74 33.19
N ASP C 303 3.37 -54.78 34.01
CA ASP C 303 2.08 -55.19 34.54
C ASP C 303 1.53 -54.10 35.45
N PRO C 304 0.31 -53.63 35.24
CA PRO C 304 -0.26 -52.59 36.10
C PRO C 304 -0.35 -53.06 37.54
N PRO C 305 0.00 -52.20 38.49
CA PRO C 305 -0.01 -52.63 39.89
C PRO C 305 -1.43 -52.94 40.38
N ARG C 306 -1.52 -53.95 41.23
CA ARG C 306 -2.78 -54.31 41.88
C ARG C 306 -2.93 -53.64 43.23
N GLY C 307 -1.89 -52.96 43.70
CA GLY C 307 -1.91 -52.31 44.99
C GLY C 307 -2.59 -50.97 44.96
N CYS C 308 -3.93 -50.99 44.88
CA CYS C 308 -4.70 -49.75 45.02
C CYS C 308 -4.26 -48.99 46.27
N VAL C 309 -4.15 -49.68 47.39
CA VAL C 309 -3.65 -49.06 48.60
C VAL C 309 -2.16 -48.75 48.48
N GLY C 310 -1.40 -49.67 47.88
CA GLY C 310 0.05 -49.54 47.81
C GLY C 310 0.57 -48.45 46.90
N ASN C 311 0.36 -48.60 45.59
CA ASN C 311 0.94 -47.70 44.61
C ASN C 311 0.00 -46.54 44.30
N THR C 312 0.58 -45.35 44.13
CA THR C 312 -0.17 -44.16 43.75
C THR C 312 0.34 -43.56 42.45
N ASN C 313 1.01 -44.35 41.62
CA ASN C 313 1.57 -43.89 40.36
C ASN C 313 0.69 -44.34 39.20
N ILE C 314 0.96 -43.77 38.02
CA ILE C 314 0.27 -44.15 36.79
C ILE C 314 1.09 -45.22 36.08
N TRP C 315 0.45 -46.33 35.74
CA TRP C 315 1.15 -47.41 35.07
C TRP C 315 1.61 -46.95 33.69
N LYS C 316 2.81 -47.40 33.29
CA LYS C 316 3.31 -47.09 31.96
C LYS C 316 2.41 -47.67 30.88
N THR C 317 1.69 -48.74 31.20
CA THR C 317 0.64 -49.25 30.32
C THR C 317 -0.66 -48.47 30.50
N GLY C 318 -0.61 -47.16 30.27
CA GLY C 318 -1.76 -46.30 30.44
C GLY C 318 -2.45 -46.05 29.12
N PRO C 319 -2.10 -44.93 28.48
CA PRO C 319 -2.60 -44.64 27.12
C PRO C 319 -2.20 -45.71 26.11
N LEU C 320 -1.27 -46.60 26.49
CA LEU C 320 -0.79 -47.62 25.57
C LEU C 320 -1.93 -48.52 25.10
N PHE C 321 -2.85 -48.87 26.00
CA PHE C 321 -4.06 -49.58 25.56
C PHE C 321 -4.87 -48.72 24.61
N LYS C 322 -5.07 -47.44 24.95
CA LYS C 322 -5.90 -46.57 24.11
C LYS C 322 -5.34 -46.43 22.70
N ARG C 323 -4.01 -46.51 22.56
CA ARG C 323 -3.41 -46.46 21.23
C ARG C 323 -3.68 -47.73 20.44
N VAL C 324 -3.68 -48.88 21.11
CA VAL C 324 -3.80 -50.15 20.41
C VAL C 324 -5.24 -50.68 20.41
N LEU C 325 -6.02 -50.37 21.44
CA LEU C 325 -7.41 -50.86 21.47
C LEU C 325 -8.24 -50.25 20.36
N MET C 326 -8.06 -48.95 20.09
CA MET C 326 -8.80 -48.28 19.04
C MET C 326 -8.34 -48.66 17.64
N SER C 327 -7.19 -49.30 17.50
CA SER C 327 -6.67 -49.71 16.20
C SER C 327 -7.12 -51.11 15.80
N SER C 328 -7.78 -51.84 16.68
CA SER C 328 -8.22 -53.20 16.37
C SER C 328 -9.38 -53.17 15.38
N LYS C 329 -9.48 -54.25 14.60
CA LYS C 329 -10.55 -54.43 13.62
C LYS C 329 -11.09 -55.84 13.79
N TYR C 330 -12.10 -56.00 14.64
CA TYR C 330 -12.69 -57.31 14.88
C TYR C 330 -13.35 -57.82 13.61
N ALA C 331 -13.12 -59.09 13.29
CA ALA C 331 -13.54 -59.63 12.00
C ALA C 331 -15.07 -59.73 11.91
N ASP C 332 -15.67 -60.56 12.77
CA ASP C 332 -17.11 -60.78 12.73
C ASP C 332 -17.57 -61.26 14.09
N GLY C 333 -18.71 -60.73 14.55
CA GLY C 333 -19.27 -61.12 15.83
C GLY C 333 -20.74 -61.46 15.69
N VAL C 334 -21.32 -61.90 16.80
CA VAL C 334 -22.74 -62.24 16.81
C VAL C 334 -23.59 -61.00 16.56
N THR C 335 -23.11 -59.82 16.98
CA THR C 335 -23.79 -58.56 16.73
C THR C 335 -23.35 -57.90 15.44
N GLY C 336 -22.87 -58.67 14.47
CA GLY C 336 -22.36 -58.11 13.24
C GLY C 336 -20.99 -57.49 13.40
N ARG C 337 -20.60 -56.72 12.39
CA ARG C 337 -19.30 -56.06 12.41
C ARG C 337 -19.31 -54.89 13.38
N VAL C 338 -18.27 -54.81 14.22
CA VAL C 338 -18.11 -53.74 15.19
C VAL C 338 -16.77 -53.06 14.92
N GLU C 339 -16.79 -51.73 14.86
CA GLU C 339 -15.58 -50.94 14.62
C GLU C 339 -15.56 -49.74 15.55
N PHE C 340 -14.37 -49.41 16.05
CA PHE C 340 -14.19 -48.29 16.95
C PHE C 340 -13.52 -47.13 16.22
N ASN C 341 -13.68 -45.94 16.80
CA ASN C 341 -13.15 -44.72 16.22
C ASN C 341 -12.50 -43.89 17.32
N GLU C 342 -12.03 -42.69 16.96
CA GLU C 342 -11.37 -41.82 17.92
C GLU C 342 -12.33 -41.38 19.02
N ASP C 343 -13.60 -41.19 18.67
CA ASP C 343 -14.59 -40.77 19.67
C ASP C 343 -14.83 -41.86 20.71
N GLY C 344 -14.65 -43.13 20.33
CA GLY C 344 -14.87 -44.23 21.23
C GLY C 344 -16.22 -44.90 21.14
N ASP C 345 -17.01 -44.58 20.12
CA ASP C 345 -18.32 -45.18 19.92
C ASP C 345 -18.25 -46.28 18.88
N ARG C 346 -19.29 -47.12 18.85
CA ARG C 346 -19.37 -48.24 17.91
C ARG C 346 -19.91 -47.71 16.58
N LYS C 347 -19.01 -47.48 15.63
CA LYS C 347 -19.40 -46.98 14.32
C LYS C 347 -19.92 -48.13 13.45
N PHE C 348 -20.71 -47.77 12.44
CA PHE C 348 -21.43 -48.73 11.59
C PHE C 348 -22.40 -49.58 12.43
N ALA C 349 -23.33 -48.88 13.07
CA ALA C 349 -24.42 -49.53 13.79
C ALA C 349 -25.57 -49.78 12.83
N GLN C 350 -26.69 -50.28 13.35
CA GLN C 350 -27.88 -50.51 12.56
C GLN C 350 -29.10 -50.07 13.35
N TYR C 351 -30.10 -49.54 12.64
CA TYR C 351 -31.35 -49.13 13.25
C TYR C 351 -32.51 -49.67 12.43
N SER C 352 -33.62 -49.94 13.10
CA SER C 352 -34.83 -50.44 12.46
C SER C 352 -35.87 -49.31 12.46
N ILE C 353 -36.20 -48.81 11.26
CA ILE C 353 -37.14 -47.71 11.15
C ILE C 353 -38.55 -48.27 11.27
N MET C 354 -39.08 -48.24 12.48
CA MET C 354 -40.40 -48.77 12.78
C MET C 354 -41.44 -47.65 12.78
N ASN C 355 -42.70 -48.01 13.01
CA ASN C 355 -43.80 -47.06 12.95
C ASN C 355 -44.84 -47.46 13.99
N LEU C 356 -45.90 -46.64 14.10
CA LEU C 356 -46.98 -46.89 15.06
C LEU C 356 -48.31 -46.78 14.31
N GLN C 357 -49.10 -47.84 14.35
CA GLN C 357 -50.41 -47.88 13.70
C GLN C 357 -51.38 -48.68 14.56
N ASN C 358 -52.48 -48.05 14.96
CA ASN C 358 -53.57 -48.70 15.69
C ASN C 358 -53.05 -49.41 16.94
N ARG C 359 -52.28 -48.67 17.74
CA ARG C 359 -51.68 -49.18 18.97
C ARG C 359 -50.82 -50.41 18.71
N LYS C 360 -50.29 -50.53 17.49
CA LYS C 360 -49.45 -51.66 17.12
C LYS C 360 -48.17 -51.12 16.49
N LEU C 361 -47.07 -51.80 16.78
CA LEU C 361 -45.74 -51.32 16.44
C LEU C 361 -45.09 -52.29 15.46
N VAL C 362 -44.82 -51.81 14.25
CA VAL C 362 -44.36 -52.66 13.15
C VAL C 362 -43.15 -52.01 12.48
N GLN C 363 -42.17 -52.82 12.13
CA GLN C 363 -40.98 -52.33 11.44
C GLN C 363 -41.32 -51.97 9.99
N VAL C 364 -40.55 -51.02 9.45
CA VAL C 364 -40.72 -50.60 8.06
C VAL C 364 -39.35 -50.71 7.38
N GLY C 365 -38.51 -51.60 7.90
CA GLY C 365 -37.20 -51.80 7.32
C GLY C 365 -36.05 -51.45 8.24
N ILE C 366 -34.85 -51.31 7.67
CA ILE C 366 -33.65 -51.11 8.46
C ILE C 366 -32.84 -49.96 7.89
N TYR C 367 -31.77 -49.61 8.59
CA TYR C 367 -30.85 -48.55 8.20
C TYR C 367 -29.45 -49.13 8.04
N ASN C 368 -28.79 -48.82 6.93
CA ASN C 368 -27.45 -49.31 6.66
C ASN C 368 -26.50 -48.16 6.35
N GLY C 369 -25.41 -48.09 7.10
CA GLY C 369 -24.31 -47.21 6.77
C GLY C 369 -24.71 -45.74 6.65
N THR C 370 -24.74 -45.23 5.41
CA THR C 370 -25.14 -43.86 5.15
C THR C 370 -26.37 -43.78 4.25
N HIS C 371 -27.10 -44.88 4.09
CA HIS C 371 -28.27 -44.92 3.23
C HIS C 371 -29.40 -45.66 3.92
N VAL C 372 -30.59 -45.55 3.32
CA VAL C 372 -31.80 -46.18 3.84
C VAL C 372 -32.53 -46.87 2.70
N ILE C 373 -33.05 -48.06 2.97
CA ILE C 373 -33.83 -48.83 2.01
C ILE C 373 -35.23 -49.02 2.58
N PRO C 374 -36.29 -48.72 1.83
CA PRO C 374 -37.64 -48.88 2.36
C PRO C 374 -38.10 -50.33 2.38
N ASN C 375 -39.35 -50.56 2.77
CA ASN C 375 -39.90 -51.90 2.88
C ASN C 375 -41.22 -51.97 2.12
N ASP C 376 -41.65 -53.19 1.84
CA ASP C 376 -42.91 -53.39 1.13
C ASP C 376 -44.10 -52.88 1.93
N ARG C 377 -43.96 -52.78 3.25
CA ARG C 377 -45.02 -52.27 4.09
C ARG C 377 -45.28 -50.79 3.78
N LYS C 378 -46.53 -50.37 3.93
CA LYS C 378 -46.94 -49.00 3.67
C LYS C 378 -47.19 -48.29 4.99
N ILE C 379 -46.59 -47.11 5.15
CA ILE C 379 -46.71 -46.34 6.38
C ILE C 379 -47.91 -45.42 6.28
N ILE C 380 -48.67 -45.33 7.37
CA ILE C 380 -49.76 -44.36 7.49
C ILE C 380 -49.25 -43.14 8.22
N TRP C 381 -49.36 -41.99 7.58
CA TRP C 381 -49.01 -40.74 8.23
C TRP C 381 -50.12 -40.31 9.18
N PRO C 382 -49.82 -39.50 10.19
CA PRO C 382 -50.85 -39.12 11.16
C PRO C 382 -51.99 -38.37 10.51
N GLY C 383 -53.19 -38.58 11.05
CA GLY C 383 -54.40 -38.04 10.48
C GLY C 383 -55.15 -38.97 9.55
N GLY C 384 -54.58 -40.14 9.25
CA GLY C 384 -55.23 -41.12 8.40
C GLY C 384 -54.91 -41.00 6.93
N GLU C 385 -54.23 -39.94 6.50
CA GLU C 385 -53.89 -39.79 5.09
C GLU C 385 -52.91 -40.85 4.65
N THR C 386 -53.15 -41.43 3.47
CA THR C 386 -52.31 -42.49 2.93
C THR C 386 -51.23 -41.96 1.99
N GLU C 387 -51.15 -40.65 1.80
CA GLU C 387 -50.17 -40.05 0.90
C GLU C 387 -49.15 -39.24 1.70
N LYS C 388 -47.96 -39.09 1.13
CA LYS C 388 -46.88 -38.38 1.81
C LYS C 388 -47.20 -36.89 1.89
N PRO C 389 -47.27 -36.32 3.09
CA PRO C 389 -47.62 -34.90 3.20
C PRO C 389 -46.52 -34.01 2.64
N ARG C 390 -46.91 -32.76 2.35
CA ARG C 390 -45.96 -31.80 1.79
C ARG C 390 -44.83 -31.50 2.76
N GLY C 391 -45.13 -31.39 4.05
CA GLY C 391 -44.14 -30.99 5.02
C GLY C 391 -43.88 -29.51 5.05
N TYR C 392 -44.71 -28.71 4.38
CA TYR C 392 -44.55 -27.26 4.36
C TYR C 392 -45.88 -26.64 3.95
N GLN C 393 -46.07 -25.38 4.33
CA GLN C 393 -47.26 -24.63 3.94
C GLN C 393 -46.83 -23.20 3.64
N MET C 394 -47.20 -22.71 2.46
CA MET C 394 -46.85 -21.35 2.08
C MET C 394 -47.56 -20.34 2.97
N SER C 395 -46.81 -19.36 3.45
CA SER C 395 -47.40 -18.28 4.24
C SER C 395 -48.10 -17.28 3.32
N THR C 396 -49.15 -16.66 3.86
CA THR C 396 -49.95 -15.70 3.11
C THR C 396 -49.65 -14.25 3.45
N ARG C 397 -49.38 -13.94 4.71
CA ARG C 397 -49.12 -12.58 5.15
C ARG C 397 -47.73 -12.49 5.73
N LEU C 398 -47.17 -11.27 5.70
CA LEU C 398 -45.82 -11.01 6.16
C LEU C 398 -45.84 -9.91 7.21
N LYS C 399 -44.71 -9.79 7.91
CA LYS C 399 -44.51 -8.74 8.90
C LYS C 399 -43.29 -7.91 8.51
N ILE C 400 -43.43 -6.59 8.58
CA ILE C 400 -42.39 -5.68 8.13
C ILE C 400 -41.89 -4.88 9.33
N VAL C 401 -40.62 -4.51 9.28
CA VAL C 401 -39.99 -3.68 10.31
C VAL C 401 -39.32 -2.50 9.62
N THR C 402 -39.55 -1.30 10.15
CA THR C 402 -39.04 -0.08 9.54
C THR C 402 -38.37 0.76 10.62
N ILE C 403 -38.02 2.00 10.26
CA ILE C 403 -37.31 2.89 11.18
C ILE C 403 -37.64 4.32 10.78
N HIS C 404 -37.72 5.20 11.77
CA HIS C 404 -37.99 6.62 11.52
C HIS C 404 -36.79 7.24 10.81
N GLN C 405 -37.02 7.73 9.59
CA GLN C 405 -35.99 8.41 8.81
C GLN C 405 -36.65 9.52 8.03
N GLU C 406 -36.13 10.74 8.17
CA GLU C 406 -36.87 11.93 7.74
C GLU C 406 -37.25 11.91 6.27
N PRO C 407 -36.35 11.66 5.31
CA PRO C 407 -36.77 11.70 3.90
C PRO C 407 -37.61 10.51 3.48
N PHE C 408 -37.47 9.37 4.14
CA PHE C 408 -38.06 8.12 3.66
C PHE C 408 -39.33 7.73 4.41
N VAL C 409 -39.29 7.70 5.73
CA VAL C 409 -40.42 7.24 6.54
C VAL C 409 -40.78 8.34 7.53
N TYR C 410 -41.92 8.98 7.30
CA TYR C 410 -42.45 9.96 8.23
C TYR C 410 -43.24 9.27 9.32
N VAL C 411 -43.25 9.86 10.51
CA VAL C 411 -44.02 9.36 11.64
C VAL C 411 -44.81 10.51 12.23
N LYS C 412 -46.14 10.34 12.30
CA LYS C 412 -47.03 11.35 12.85
C LYS C 412 -48.03 10.70 13.79
N PRO C 413 -48.43 11.39 14.86
CA PRO C 413 -49.47 10.85 15.74
C PRO C 413 -50.82 10.82 15.03
N THR C 414 -51.64 9.84 15.41
CA THR C 414 -52.95 9.67 14.80
C THR C 414 -53.98 10.58 15.49
N MET C 415 -55.13 10.71 14.84
CA MET C 415 -56.22 11.48 15.40
C MET C 415 -56.94 10.68 16.50
N SER C 416 -57.86 11.37 17.18
CA SER C 416 -58.54 10.76 18.33
C SER C 416 -59.37 9.55 17.92
N ASP C 417 -60.09 9.65 16.81
CA ASP C 417 -61.03 8.61 16.40
C ASP C 417 -60.36 7.30 16.00
N GLY C 418 -59.08 7.33 15.64
CA GLY C 418 -58.35 6.14 15.26
C GLY C 418 -57.88 6.11 13.82
N THR C 419 -58.30 7.07 13.00
CA THR C 419 -57.82 7.19 11.63
C THR C 419 -57.25 8.59 11.47
N CYS C 420 -56.00 8.68 11.01
CA CYS C 420 -55.32 9.96 11.00
C CYS C 420 -55.72 10.79 9.78
N LYS C 421 -55.06 11.95 9.63
CA LYS C 421 -55.54 13.02 8.78
C LYS C 421 -55.43 12.65 7.30
N GLU C 422 -56.32 13.25 6.51
CA GLU C 422 -56.29 13.17 5.05
C GLU C 422 -55.45 14.31 4.50
N GLU C 423 -54.64 14.01 3.49
CA GLU C 423 -53.72 14.99 2.95
C GLU C 423 -53.66 14.85 1.43
N PHE C 424 -53.45 15.99 0.76
CA PHE C 424 -53.28 16.03 -0.68
C PHE C 424 -51.96 16.72 -1.01
N THR C 425 -51.39 16.36 -2.15
CA THR C 425 -50.12 16.91 -2.59
C THR C 425 -50.34 18.28 -3.24
N VAL C 426 -49.30 18.78 -3.91
CA VAL C 426 -49.39 20.10 -4.55
C VAL C 426 -50.42 20.09 -5.68
N ASN C 427 -50.64 18.93 -6.31
CA ASN C 427 -51.58 18.80 -7.41
C ASN C 427 -52.81 17.99 -7.03
N GLY C 428 -53.10 17.91 -5.73
CA GLY C 428 -54.29 17.19 -5.27
C GLY C 428 -54.26 15.70 -5.53
N ASP C 429 -53.11 15.07 -5.31
CA ASP C 429 -52.99 13.62 -5.44
C ASP C 429 -53.02 13.01 -4.05
N PRO C 430 -54.00 12.14 -3.74
CA PRO C 430 -54.08 11.59 -2.38
C PRO C 430 -52.82 10.81 -2.01
N VAL C 431 -52.44 10.90 -0.74
CA VAL C 431 -51.25 10.26 -0.21
C VAL C 431 -51.67 9.04 0.59
N LYS C 432 -51.18 7.87 0.17
CA LYS C 432 -51.48 6.64 0.89
C LYS C 432 -50.81 6.63 2.25
N LYS C 433 -51.52 6.09 3.24
CA LYS C 433 -51.02 6.01 4.60
C LYS C 433 -51.27 4.60 5.13
N VAL C 434 -50.33 4.14 5.95
CA VAL C 434 -50.40 2.81 6.56
C VAL C 434 -50.30 2.96 8.07
N ILE C 435 -51.11 2.19 8.79
CA ILE C 435 -51.12 2.27 10.25
C ILE C 435 -49.89 1.56 10.79
N CYS C 436 -49.13 2.27 11.62
CA CYS C 436 -47.90 1.74 12.22
C CYS C 436 -48.10 1.60 13.73
N THR C 437 -47.61 0.49 14.27
CA THR C 437 -47.69 0.22 15.71
C THR C 437 -46.27 0.27 16.26
N GLY C 438 -45.83 1.46 16.64
CA GLY C 438 -44.52 1.66 17.19
C GLY C 438 -44.57 2.30 18.57
N PRO C 439 -43.54 2.06 19.38
CA PRO C 439 -43.52 2.65 20.73
C PRO C 439 -43.22 4.14 20.67
N ASN C 440 -43.99 4.91 21.44
CA ASN C 440 -43.73 6.33 21.60
C ASN C 440 -42.58 6.53 22.58
N ASP C 441 -42.33 7.79 22.96
CA ASP C 441 -41.24 8.13 23.87
C ASP C 441 -39.90 7.64 23.31
N THR C 442 -39.50 8.29 22.22
CA THR C 442 -38.37 7.88 21.39
C THR C 442 -37.15 7.42 22.18
N SER C 443 -36.96 7.97 23.37
CA SER C 443 -35.92 7.46 24.27
C SER C 443 -36.48 6.26 25.03
N PRO C 444 -35.96 5.05 24.83
CA PRO C 444 -36.56 3.86 25.43
C PRO C 444 -36.14 3.59 26.87
N GLY C 445 -35.51 4.55 27.55
CA GLY C 445 -35.15 4.33 28.94
C GLY C 445 -36.37 4.14 29.83
N SER C 446 -37.37 5.00 29.67
CA SER C 446 -38.62 4.81 30.39
C SER C 446 -39.39 3.63 29.79
N PRO C 447 -40.18 2.92 30.62
CA PRO C 447 -41.04 1.86 30.10
C PRO C 447 -41.77 2.26 28.83
N ARG C 448 -41.54 1.51 27.77
CA ARG C 448 -42.14 1.81 26.48
C ARG C 448 -43.47 1.10 26.33
N HIS C 449 -44.48 1.84 25.89
CA HIS C 449 -45.82 1.30 25.65
C HIS C 449 -46.17 1.52 24.19
N THR C 450 -46.60 0.45 23.52
CA THR C 450 -46.93 0.53 22.10
C THR C 450 -48.18 1.38 21.91
N VAL C 451 -48.15 2.24 20.89
CA VAL C 451 -49.28 3.11 20.57
C VAL C 451 -49.45 3.16 19.06
N PRO C 452 -50.67 3.02 18.54
CA PRO C 452 -50.86 3.06 17.08
C PRO C 452 -50.54 4.42 16.50
N GLN C 453 -49.88 4.42 15.34
CA GLN C 453 -49.60 5.63 14.59
C GLN C 453 -49.82 5.36 13.10
N CYS C 454 -49.58 6.36 12.25
CA CYS C 454 -49.68 6.16 10.82
C CYS C 454 -48.47 6.80 10.13
N CYS C 455 -47.95 6.10 9.13
CA CYS C 455 -46.74 6.52 8.43
C CYS C 455 -47.03 6.77 6.96
N TYR C 456 -46.19 7.61 6.36
CA TYR C 456 -46.28 7.90 4.93
C TYR C 456 -44.91 8.38 4.48
N GLY C 457 -44.53 8.02 3.26
CA GLY C 457 -43.25 8.48 2.75
C GLY C 457 -42.82 7.67 1.53
N PHE C 458 -41.52 7.74 1.27
CA PHE C 458 -40.95 7.14 0.05
C PHE C 458 -41.01 5.62 0.11
N CYS C 459 -40.56 5.02 1.22
CA CYS C 459 -40.38 3.58 1.27
C CYS C 459 -41.69 2.82 1.17
N ILE C 460 -42.68 3.19 2.01
CA ILE C 460 -43.89 2.39 2.07
C ILE C 460 -44.80 2.63 0.88
N ASP C 461 -44.68 3.77 0.21
CA ASP C 461 -45.40 3.96 -1.05
C ASP C 461 -44.89 2.96 -2.08
N LEU C 462 -43.57 2.76 -2.13
CA LEU C 462 -43.01 1.69 -2.95
C LEU C 462 -43.49 0.32 -2.48
N LEU C 463 -43.71 0.16 -1.17
CA LEU C 463 -44.16 -1.12 -0.63
C LEU C 463 -45.55 -1.48 -1.15
N ILE C 464 -46.45 -0.50 -1.22
CA ILE C 464 -47.83 -0.77 -1.61
C ILE C 464 -47.90 -1.29 -3.04
N LYS C 465 -47.18 -0.65 -3.96
CA LYS C 465 -47.16 -1.12 -5.34
C LYS C 465 -46.47 -2.48 -5.45
N LEU C 466 -45.41 -2.68 -4.66
CA LEU C 466 -44.73 -3.98 -4.66
C LEU C 466 -45.67 -5.08 -4.17
N ALA C 467 -46.44 -4.80 -3.12
CA ALA C 467 -47.42 -5.76 -2.63
C ALA C 467 -48.60 -5.92 -3.56
N ARG C 468 -48.83 -4.95 -4.45
CA ARG C 468 -49.96 -5.05 -5.38
C ARG C 468 -49.81 -6.25 -6.32
N THR C 469 -48.60 -6.45 -6.87
CA THR C 469 -48.41 -7.48 -7.87
C THR C 469 -48.35 -8.88 -7.27
N MET C 470 -47.74 -9.02 -6.08
CA MET C 470 -47.58 -10.32 -5.45
C MET C 470 -48.81 -10.79 -4.69
N GLN C 471 -49.77 -9.90 -4.43
CA GLN C 471 -51.03 -10.23 -3.76
C GLN C 471 -50.77 -10.86 -2.38
N PHE C 472 -50.14 -10.06 -1.52
CA PHE C 472 -49.93 -10.47 -0.13
C PHE C 472 -50.18 -9.28 0.77
N THR C 473 -50.85 -9.54 1.90
CA THR C 473 -51.15 -8.49 2.86
C THR C 473 -49.92 -8.21 3.74
N TYR C 474 -50.02 -7.20 4.57
CA TYR C 474 -48.89 -6.78 5.40
C TYR C 474 -49.39 -6.03 6.62
N GLU C 475 -48.51 -5.90 7.61
CA GLU C 475 -48.80 -5.15 8.82
C GLU C 475 -47.47 -4.68 9.39
N VAL C 476 -47.19 -3.38 9.27
CA VAL C 476 -45.88 -2.82 9.60
C VAL C 476 -45.87 -2.39 11.05
N HIS C 477 -44.73 -2.58 11.71
CA HIS C 477 -44.48 -2.06 13.05
C HIS C 477 -43.07 -1.47 13.09
N LEU C 478 -42.73 -0.80 14.20
CA LEU C 478 -41.48 -0.08 14.32
C LEU C 478 -40.50 -0.85 15.19
N VAL C 479 -39.21 -0.60 14.95
CA VAL C 479 -38.17 -1.29 15.70
C VAL C 479 -38.18 -0.83 17.16
N ALA C 480 -37.63 -1.69 18.03
CA ALA C 480 -37.76 -1.48 19.47
C ALA C 480 -36.96 -0.27 19.94
N ASP C 481 -35.69 -0.16 19.54
CA ASP C 481 -34.80 0.83 20.12
C ASP C 481 -34.16 1.75 19.09
N GLY C 482 -34.61 1.70 17.84
CA GLY C 482 -34.13 2.63 16.83
C GLY C 482 -32.66 2.54 16.50
N LYS C 483 -32.15 1.32 16.30
CA LYS C 483 -30.77 1.10 15.92
C LYS C 483 -30.73 0.28 14.64
N PHE C 484 -29.89 0.71 13.69
CA PHE C 484 -29.80 0.00 12.41
C PHE C 484 -29.26 -1.42 12.59
N GLY C 485 -28.28 -1.59 13.45
CA GLY C 485 -27.81 -2.93 13.76
C GLY C 485 -26.33 -3.16 13.61
N THR C 486 -25.68 -3.61 14.68
CA THR C 486 -24.28 -4.00 14.66
C THR C 486 -24.12 -5.28 15.48
N GLN C 487 -23.00 -5.95 15.28
CA GLN C 487 -22.72 -7.23 15.92
C GLN C 487 -21.80 -6.98 17.11
N GLU C 488 -22.27 -7.29 18.31
CA GLU C 488 -21.56 -7.05 19.55
C GLU C 488 -21.34 -8.36 20.31
N ARG C 489 -20.75 -8.24 21.49
CA ARG C 489 -20.53 -9.35 22.41
C ARG C 489 -21.23 -9.05 23.72
N VAL C 490 -21.90 -10.06 24.28
CA VAL C 490 -22.79 -9.87 25.43
C VAL C 490 -22.34 -10.78 26.57
N GLN C 491 -22.38 -10.25 27.79
CA GLN C 491 -22.24 -11.04 29.01
C GLN C 491 -20.90 -11.75 29.10
N ASN C 492 -19.92 -11.26 28.35
CA ASN C 492 -18.56 -11.80 28.36
C ASN C 492 -18.56 -13.31 28.16
N SER C 493 -19.07 -13.73 27.00
CA SER C 493 -19.18 -15.14 26.66
C SER C 493 -18.57 -15.36 25.28
N ASN C 494 -18.65 -16.60 24.80
CA ASN C 494 -18.10 -16.99 23.52
C ASN C 494 -19.10 -16.88 22.37
N LYS C 495 -20.31 -16.42 22.64
CA LYS C 495 -21.34 -16.27 21.63
C LYS C 495 -21.63 -14.78 21.42
N LYS C 496 -21.74 -14.38 20.16
CA LYS C 496 -21.99 -13.00 19.79
C LYS C 496 -23.28 -12.92 18.98
N GLU C 497 -24.06 -11.85 19.21
CA GLU C 497 -25.36 -11.71 18.60
C GLU C 497 -25.53 -10.29 18.07
N TRP C 498 -26.52 -10.12 17.19
CA TRP C 498 -26.80 -8.82 16.62
C TRP C 498 -27.64 -7.98 17.57
N ASN C 499 -27.54 -6.66 17.41
CA ASN C 499 -28.29 -5.73 18.23
C ASN C 499 -28.82 -4.61 17.34
N GLY C 500 -30.13 -4.56 17.16
CA GLY C 500 -30.75 -3.60 16.27
C GLY C 500 -31.90 -4.22 15.50
N MET C 501 -32.28 -3.62 14.37
CA MET C 501 -33.36 -4.18 13.57
C MET C 501 -32.95 -5.45 12.84
N MET C 502 -31.65 -5.77 12.81
CA MET C 502 -31.21 -7.04 12.27
C MET C 502 -31.53 -8.21 13.18
N GLY C 503 -31.66 -7.96 14.48
CA GLY C 503 -32.02 -9.03 15.41
C GLY C 503 -33.43 -9.54 15.18
N GLU C 504 -34.39 -8.62 14.97
CA GLU C 504 -35.77 -9.03 14.75
C GLU C 504 -35.92 -9.83 13.46
N LEU C 505 -35.17 -9.47 12.42
CA LEU C 505 -35.24 -10.21 11.17
C LEU C 505 -34.74 -11.63 11.33
N LEU C 506 -33.66 -11.81 12.10
CA LEU C 506 -33.11 -13.15 12.28
C LEU C 506 -33.95 -13.98 13.23
N SER C 507 -34.48 -13.38 14.29
CA SER C 507 -35.20 -14.13 15.31
C SER C 507 -36.71 -14.18 15.03
N GLY C 508 -37.07 -14.53 13.80
CA GLY C 508 -38.45 -14.81 13.43
C GLY C 508 -39.50 -13.76 13.73
N GLN C 509 -39.10 -12.57 14.15
CA GLN C 509 -40.04 -11.50 14.46
C GLN C 509 -40.31 -10.59 13.27
N ALA C 510 -39.75 -10.90 12.10
CA ALA C 510 -39.97 -10.09 10.91
C ALA C 510 -39.64 -10.94 9.69
N ASP C 511 -40.07 -10.45 8.53
CA ASP C 511 -39.77 -11.14 7.27
C ASP C 511 -39.14 -10.24 6.23
N MET C 512 -39.24 -8.91 6.35
CA MET C 512 -38.65 -7.99 5.40
C MET C 512 -38.20 -6.75 6.16
N ILE C 513 -37.28 -6.00 5.56
CA ILE C 513 -36.82 -4.72 6.09
C ILE C 513 -36.95 -3.70 4.96
N VAL C 514 -38.10 -3.03 4.91
CA VAL C 514 -38.30 -1.95 3.91
C VAL C 514 -37.85 -0.67 4.59
N ALA C 515 -36.55 -0.42 4.53
CA ALA C 515 -35.94 0.72 5.20
C ALA C 515 -34.58 0.96 4.56
N PRO C 516 -34.02 2.17 4.71
CA PRO C 516 -32.66 2.41 4.20
C PRO C 516 -31.63 1.62 4.99
N LEU C 517 -31.08 0.58 4.37
CA LEU C 517 -30.13 -0.31 5.02
C LEU C 517 -29.04 -0.64 4.00
N THR C 518 -27.86 -0.04 4.18
CA THR C 518 -26.79 -0.17 3.20
C THR C 518 -26.26 -1.59 3.13
N ILE C 519 -25.63 -1.91 2.01
CA ILE C 519 -25.07 -3.24 1.78
C ILE C 519 -23.57 -3.20 2.02
N ASN C 520 -23.09 -4.12 2.86
CA ASN C 520 -21.66 -4.25 3.12
C ASN C 520 -21.34 -5.72 3.33
N ASN C 521 -20.05 -6.01 3.53
CA ASN C 521 -19.61 -7.40 3.67
C ASN C 521 -20.13 -8.04 4.94
N GLU C 522 -20.19 -7.26 6.03
CA GLU C 522 -20.53 -7.84 7.33
C GLU C 522 -21.95 -8.40 7.34
N ARG C 523 -22.91 -7.67 6.77
CA ARG C 523 -24.30 -8.08 6.81
C ARG C 523 -24.66 -9.07 5.70
N ALA C 524 -23.79 -9.27 4.71
CA ALA C 524 -24.12 -10.12 3.58
C ALA C 524 -23.93 -11.61 3.87
N GLN C 525 -23.36 -11.97 5.01
CA GLN C 525 -23.13 -13.37 5.34
C GLN C 525 -24.28 -14.01 6.10
N TYR C 526 -25.29 -13.23 6.49
CA TYR C 526 -26.43 -13.75 7.26
C TYR C 526 -27.76 -13.50 6.57
N ILE C 527 -27.92 -12.36 5.91
CA ILE C 527 -29.13 -12.04 5.19
C ILE C 527 -28.79 -11.84 3.72
N GLU C 528 -29.81 -11.92 2.87
CA GLU C 528 -29.66 -11.79 1.43
C GLU C 528 -30.29 -10.47 0.98
N PHE C 529 -29.54 -9.70 0.19
CA PHE C 529 -30.00 -8.42 -0.29
C PHE C 529 -30.53 -8.53 -1.72
N SER C 530 -31.50 -7.68 -2.03
CA SER C 530 -32.01 -7.59 -3.39
C SER C 530 -31.21 -6.56 -4.17
N LYS C 531 -31.53 -6.41 -5.45
CA LYS C 531 -30.86 -5.41 -6.25
C LYS C 531 -31.20 -4.01 -5.72
N PRO C 532 -30.21 -3.14 -5.55
CA PRO C 532 -30.48 -1.84 -4.95
C PRO C 532 -31.41 -1.00 -5.80
N PHE C 533 -32.31 -0.27 -5.13
CA PHE C 533 -33.26 0.61 -5.78
C PHE C 533 -32.86 2.08 -5.70
N LYS C 534 -31.70 2.37 -5.11
CA LYS C 534 -31.21 3.74 -5.03
C LYS C 534 -29.72 3.75 -4.69
N TYR C 535 -28.93 4.44 -5.50
CA TYR C 535 -27.49 4.53 -5.28
C TYR C 535 -27.15 5.84 -4.58
N GLN C 536 -26.25 5.76 -3.61
CA GLN C 536 -25.87 6.93 -2.82
C GLN C 536 -24.46 6.72 -2.28
N GLY C 537 -24.04 7.58 -1.37
CA GLY C 537 -22.74 7.49 -0.78
C GLY C 537 -22.68 8.25 0.53
N LEU C 538 -21.47 8.39 1.06
CA LEU C 538 -21.24 9.14 2.28
C LEU C 538 -20.72 10.54 1.96
N THR C 539 -21.04 11.48 2.83
CA THR C 539 -20.65 12.88 2.64
C THR C 539 -20.58 13.56 3.99
N ILE C 540 -20.25 14.85 3.98
CA ILE C 540 -20.05 15.64 5.18
C ILE C 540 -20.97 16.86 5.14
N LEU C 541 -21.61 17.16 6.27
CA LEU C 541 -22.50 18.30 6.41
C LEU C 541 -21.87 19.30 7.37
N VAL C 542 -21.75 20.55 6.93
CA VAL C 542 -21.18 21.62 7.73
C VAL C 542 -22.05 22.86 7.61
N LYS C 543 -21.85 23.80 8.53
CA LYS C 543 -22.63 25.04 8.56
C LYS C 543 -22.05 26.04 7.56
N LYS C 544 -22.95 26.68 6.81
CA LYS C 544 -22.52 27.68 5.84
C LYS C 544 -21.96 28.91 6.54
N GLU C 545 -20.98 29.55 5.89
CA GLU C 545 -20.39 30.77 6.41
C GLU C 545 -21.38 31.93 6.33
N ILE C 546 -20.95 33.09 6.78
CA ILE C 546 -21.80 34.28 6.80
C ILE C 546 -21.57 35.06 5.50
N PRO C 547 -22.61 35.62 4.88
CA PRO C 547 -22.41 36.42 3.68
C PRO C 547 -21.73 37.75 4.01
N ARG C 548 -21.04 38.29 3.00
CA ARG C 548 -20.33 39.55 3.15
C ARG C 548 -21.31 40.72 3.03
N SER C 549 -21.27 41.61 4.03
CA SER C 549 -22.15 42.76 4.03
C SER C 549 -21.67 43.80 3.02
N THR C 550 -22.60 44.66 2.59
CA THR C 550 -22.29 45.71 1.64
C THR C 550 -21.69 46.94 2.29
N LEU C 551 -21.59 46.97 3.62
CA LEU C 551 -20.96 48.07 4.36
C LEU C 551 -21.72 49.37 4.17
N ASP C 552 -21.16 50.47 4.66
CA ASP C 552 -21.74 51.79 4.47
C ASP C 552 -21.25 52.34 3.14
N SER C 553 -22.19 52.78 2.30
CA SER C 553 -21.84 53.24 0.96
C SER C 553 -20.90 54.44 1.02
N PHE C 554 -21.14 55.36 1.94
CA PHE C 554 -20.32 56.56 2.03
C PHE C 554 -18.99 56.29 2.73
N MET C 555 -18.84 55.12 3.36
CA MET C 555 -17.63 54.82 4.12
C MET C 555 -16.84 53.63 3.57
N GLN C 556 -17.48 52.71 2.84
CA GLN C 556 -16.78 51.51 2.37
C GLN C 556 -15.62 51.82 1.44
N PRO C 557 -15.77 52.61 0.37
CA PRO C 557 -14.65 52.82 -0.56
C PRO C 557 -13.78 54.04 -0.28
N PHE C 558 -14.11 54.86 0.72
CA PHE C 558 -13.32 56.03 1.04
C PHE C 558 -13.15 56.16 2.55
N GLN C 559 -11.94 56.52 2.96
CA GLN C 559 -11.67 56.80 4.37
C GLN C 559 -12.23 58.18 4.74
N SER C 560 -12.73 58.29 5.98
CA SER C 560 -13.32 59.54 6.42
C SER C 560 -12.34 60.70 6.38
N THR C 561 -11.04 60.43 6.43
CA THR C 561 -10.06 61.50 6.33
C THR C 561 -10.09 62.17 4.96
N LEU C 562 -10.25 61.37 3.90
CA LEU C 562 -10.20 61.92 2.54
C LEU C 562 -11.34 62.89 2.28
N TRP C 563 -12.54 62.59 2.81
CA TRP C 563 -13.67 63.49 2.62
C TRP C 563 -13.37 64.89 3.15
N LEU C 564 -12.63 64.98 4.26
CA LEU C 564 -12.24 66.29 4.78
C LEU C 564 -11.28 66.99 3.83
N LEU C 565 -10.35 66.25 3.24
CA LEU C 565 -9.39 66.85 2.31
C LEU C 565 -10.07 67.36 1.06
N VAL C 566 -10.93 66.53 0.45
CA VAL C 566 -11.57 66.92 -0.80
C VAL C 566 -12.56 68.06 -0.57
N GLY C 567 -13.25 68.06 0.58
CA GLY C 567 -14.21 69.12 0.84
C GLY C 567 -13.56 70.48 0.97
N LEU C 568 -12.46 70.55 1.72
CA LEU C 568 -11.77 71.82 1.90
C LEU C 568 -11.05 72.25 0.62
N SER C 569 -10.58 71.28 -0.17
CA SER C 569 -9.92 71.61 -1.43
C SER C 569 -10.85 72.33 -2.39
N VAL C 570 -12.16 72.09 -2.26
CA VAL C 570 -13.14 72.82 -3.08
C VAL C 570 -13.04 74.32 -2.81
N HIS C 571 -12.87 74.69 -1.55
CA HIS C 571 -12.74 76.11 -1.22
C HIS C 571 -11.36 76.65 -1.60
N VAL C 572 -10.32 75.82 -1.51
CA VAL C 572 -8.97 76.28 -1.83
C VAL C 572 -8.89 76.71 -3.30
N VAL C 573 -9.43 75.89 -4.19
CA VAL C 573 -9.44 76.29 -5.60
C VAL C 573 -10.39 77.46 -5.82
N ALA C 574 -11.46 77.55 -5.03
CA ALA C 574 -12.44 78.62 -5.21
C ALA C 574 -11.82 79.99 -4.96
N VAL C 575 -11.07 80.13 -3.87
CA VAL C 575 -10.45 81.42 -3.57
C VAL C 575 -9.34 81.73 -4.58
N MET C 576 -8.72 80.70 -5.14
CA MET C 576 -7.71 80.92 -6.16
C MET C 576 -8.32 81.64 -7.38
N LEU C 577 -9.54 81.27 -7.75
CA LEU C 577 -10.27 82.04 -8.75
C LEU C 577 -10.55 83.45 -8.24
N TYR C 578 -10.95 83.57 -6.97
CA TYR C 578 -11.30 84.87 -6.41
C TYR C 578 -10.09 85.78 -6.34
N LEU C 579 -8.93 85.25 -5.96
CA LEU C 579 -7.73 86.09 -5.90
C LEU C 579 -7.33 86.59 -7.28
N LEU C 580 -7.35 85.70 -8.28
CA LEU C 580 -6.88 86.06 -9.61
C LEU C 580 -7.74 87.12 -10.26
N ASP C 581 -9.04 87.12 -9.95
CA ASP C 581 -9.94 88.12 -10.51
C ASP C 581 -9.63 89.52 -9.97
N ARG C 582 -9.18 89.59 -8.71
CA ARG C 582 -8.78 90.88 -8.16
C ARG C 582 -7.56 91.43 -8.87
N PHE C 583 -6.62 90.56 -9.23
CA PHE C 583 -5.39 91.01 -9.87
C PHE C 583 -5.65 91.56 -11.26
N SER C 584 -6.40 90.83 -12.08
CA SER C 584 -6.70 91.25 -13.44
C SER C 584 -7.87 90.47 -14.02
N THR C 602 -16.20 87.04 -10.20
CA THR C 602 -16.98 87.34 -9.01
C THR C 602 -16.77 86.27 -7.94
N LEU C 603 -16.63 86.71 -6.69
CA LEU C 603 -16.40 85.78 -5.60
C LEU C 603 -17.59 84.84 -5.40
N SER C 604 -18.81 85.34 -5.54
CA SER C 604 -19.99 84.48 -5.41
C SER C 604 -20.03 83.45 -6.53
N SER C 605 -19.66 83.85 -7.75
CA SER C 605 -19.67 82.91 -8.86
C SER C 605 -18.66 81.78 -8.65
N ALA C 606 -17.49 82.11 -8.12
CA ALA C 606 -16.46 81.10 -7.91
C ALA C 606 -16.93 80.02 -6.93
N MET C 607 -17.77 80.40 -5.97
CA MET C 607 -18.30 79.41 -5.04
C MET C 607 -19.16 78.38 -5.76
N TRP C 608 -20.00 78.84 -6.69
CA TRP C 608 -20.87 77.91 -7.41
C TRP C 608 -20.10 77.12 -8.46
N PHE C 609 -19.12 77.76 -9.12
CA PHE C 609 -18.39 77.11 -10.20
C PHE C 609 -17.63 75.89 -9.71
N SER C 610 -16.94 76.01 -8.58
CA SER C 610 -16.13 74.90 -8.08
C SER C 610 -17.01 73.73 -7.66
N TRP C 611 -18.13 74.01 -7.01
CA TRP C 611 -19.01 72.94 -6.55
C TRP C 611 -19.74 72.28 -7.72
N GLY C 612 -20.09 73.05 -8.74
CA GLY C 612 -20.88 72.51 -9.83
C GLY C 612 -20.13 71.48 -10.66
N VAL C 613 -18.87 71.73 -10.96
CA VAL C 613 -18.10 70.83 -11.82
C VAL C 613 -17.86 69.49 -11.12
N LEU C 614 -17.66 69.52 -9.80
CA LEU C 614 -17.40 68.28 -9.07
C LEU C 614 -18.66 67.44 -8.92
N LEU C 615 -19.82 68.08 -8.76
CA LEU C 615 -21.07 67.37 -8.56
C LEU C 615 -21.75 66.97 -9.87
N ASN C 616 -21.22 67.43 -11.02
CA ASN C 616 -21.80 67.15 -12.33
C ASN C 616 -23.26 67.61 -12.38
N SER C 617 -23.44 68.92 -12.22
CA SER C 617 -24.75 69.54 -12.22
C SER C 617 -24.75 70.74 -13.16
N GLY C 618 -25.89 70.98 -13.81
CA GLY C 618 -26.00 72.07 -14.76
C GLY C 618 -26.20 73.44 -14.16
N ILE C 619 -26.28 73.54 -12.83
CA ILE C 619 -26.51 74.83 -12.19
C ILE C 619 -25.28 75.71 -12.36
N GLY C 620 -25.49 77.02 -12.14
CA GLY C 620 -24.41 77.97 -12.24
C GLY C 620 -24.34 78.66 -13.59
N GLU C 621 -24.01 79.96 -13.58
CA GLU C 621 -23.89 80.73 -14.81
C GLU C 621 -22.55 81.44 -14.97
N GLY C 622 -21.83 81.72 -13.89
CA GLY C 622 -20.55 82.40 -13.96
C GLY C 622 -19.50 81.61 -14.72
N ALA C 623 -18.70 82.30 -15.54
CA ALA C 623 -17.63 81.68 -16.31
C ALA C 623 -16.33 82.44 -16.05
N PRO C 624 -15.20 81.75 -15.90
CA PRO C 624 -13.93 82.47 -15.68
C PRO C 624 -13.56 83.32 -16.88
N ARG C 625 -13.37 84.62 -16.63
CA ARG C 625 -13.11 85.56 -17.70
C ARG C 625 -11.63 85.82 -17.96
N SER C 626 -10.79 85.75 -16.93
CA SER C 626 -9.36 86.01 -17.12
C SER C 626 -8.68 84.82 -17.79
N PHE C 627 -7.57 85.10 -18.47
CA PHE C 627 -6.90 84.06 -19.24
C PHE C 627 -6.28 82.99 -18.34
N SER C 628 -5.57 83.40 -17.29
CA SER C 628 -4.94 82.44 -16.40
C SER C 628 -5.97 81.68 -15.55
N ALA C 629 -7.22 82.14 -15.50
CA ALA C 629 -8.27 81.34 -14.91
C ALA C 629 -8.60 80.14 -15.79
N ARG C 630 -8.42 80.29 -17.10
CA ARG C 630 -8.74 79.23 -18.05
C ARG C 630 -7.72 78.11 -18.04
N ILE C 631 -6.70 78.18 -17.18
CA ILE C 631 -5.74 77.10 -17.06
C ILE C 631 -5.79 76.44 -15.68
N LEU C 632 -6.27 77.15 -14.66
CA LEU C 632 -6.50 76.52 -13.36
C LEU C 632 -7.70 75.57 -13.42
N GLY C 633 -8.82 76.05 -13.96
CA GLY C 633 -9.97 75.18 -14.22
C GLY C 633 -9.74 74.22 -15.38
N MET C 634 -8.66 74.42 -16.14
CA MET C 634 -8.32 73.53 -17.24
C MET C 634 -8.08 72.12 -16.72
N VAL C 635 -7.47 72.00 -15.54
CA VAL C 635 -7.13 70.72 -14.94
C VAL C 635 -8.12 70.36 -13.83
N TRP C 636 -8.79 71.38 -13.28
CA TRP C 636 -9.70 71.14 -12.17
C TRP C 636 -10.86 70.22 -12.58
N ALA C 637 -11.36 70.39 -13.81
CA ALA C 637 -12.40 69.51 -14.31
C ALA C 637 -11.92 68.07 -14.39
N GLY C 638 -10.68 67.87 -14.85
CA GLY C 638 -10.15 66.52 -14.96
C GLY C 638 -10.02 65.82 -13.62
N PHE C 639 -9.67 66.58 -12.58
CA PHE C 639 -9.51 65.98 -11.25
C PHE C 639 -10.84 65.44 -10.73
N ALA C 640 -11.94 66.12 -11.04
CA ALA C 640 -13.25 65.65 -10.58
C ALA C 640 -13.61 64.30 -11.21
N MET C 641 -13.33 64.14 -12.51
CA MET C 641 -13.65 62.88 -13.17
C MET C 641 -12.79 61.74 -12.63
N ILE C 642 -11.54 62.04 -12.26
CA ILE C 642 -10.65 61.00 -11.75
C ILE C 642 -11.18 60.42 -10.45
N ILE C 643 -11.67 61.28 -9.56
CA ILE C 643 -12.18 60.81 -8.27
C ILE C 643 -13.39 59.90 -8.47
N VAL C 644 -14.34 60.34 -9.30
CA VAL C 644 -15.55 59.56 -9.53
C VAL C 644 -15.23 58.23 -10.21
N ALA C 645 -14.35 58.26 -11.22
CA ALA C 645 -14.02 57.04 -11.95
C ALA C 645 -13.35 56.03 -11.04
N SER C 646 -12.45 56.48 -10.21
CA SER C 646 -11.77 55.55 -9.34
C SER C 646 -12.69 54.95 -8.38
N TYR C 647 -13.44 55.80 -7.80
CA TYR C 647 -14.29 55.35 -6.82
C TYR C 647 -15.13 54.36 -7.43
N THR C 648 -15.53 54.45 -8.69
CA THR C 648 -16.38 53.37 -9.19
C THR C 648 -15.66 52.11 -9.25
N ALA C 649 -14.42 52.12 -9.68
CA ALA C 649 -13.74 50.88 -9.76
C ALA C 649 -13.60 50.26 -8.41
N ASN C 650 -13.18 51.00 -7.43
CA ASN C 650 -13.01 50.30 -6.19
C ASN C 650 -14.21 49.57 -5.75
N LEU C 651 -15.36 50.11 -6.02
CA LEU C 651 -16.58 49.46 -5.64
C LEU C 651 -16.72 48.13 -6.25
N ALA C 652 -16.41 48.02 -7.52
CA ALA C 652 -16.47 46.77 -8.17
C ALA C 652 -15.51 45.82 -7.57
N ALA C 653 -14.31 46.25 -7.21
CA ALA C 653 -13.40 45.31 -6.62
C ALA C 653 -13.90 44.76 -5.32
N PHE C 654 -14.52 45.58 -4.51
CA PHE C 654 -15.05 45.07 -3.29
C PHE C 654 -16.20 44.13 -3.51
N LEU C 655 -17.04 44.36 -4.50
CA LEU C 655 -18.12 43.42 -4.70
C LEU C 655 -17.81 42.05 -5.18
N VAL C 656 -16.98 41.96 -6.15
CA VAL C 656 -16.64 40.75 -6.90
C VAL C 656 -15.90 39.75 -6.01
N LEU C 657 -14.89 40.22 -5.29
CA LEU C 657 -14.00 39.31 -4.58
C LEU C 657 -14.54 38.95 -3.21
N ASP C 658 -14.28 37.72 -2.79
CA ASP C 658 -14.70 37.21 -1.50
C ASP C 658 -13.81 36.03 -1.13
N ARG C 659 -13.85 35.66 0.16
CA ARG C 659 -13.01 34.59 0.68
C ARG C 659 -13.85 33.38 1.06
N PRO C 660 -13.65 32.23 0.43
CA PRO C 660 -14.41 31.03 0.82
C PRO C 660 -13.98 30.45 2.16
N GLU C 661 -12.82 30.83 2.67
CA GLU C 661 -12.35 30.43 4.01
C GLU C 661 -12.15 28.92 4.12
N GLU C 662 -11.67 28.31 3.04
CA GLU C 662 -11.21 26.92 3.03
C GLU C 662 -12.29 25.97 3.53
N ARG C 663 -13.37 25.88 2.74
CA ARG C 663 -14.54 25.08 3.12
C ARG C 663 -14.27 23.62 2.76
N ILE C 664 -13.56 22.93 3.64
CA ILE C 664 -13.29 21.48 3.69
C ILE C 664 -13.30 20.78 2.33
N THR C 665 -12.15 20.20 1.96
CA THR C 665 -12.01 19.47 0.70
C THR C 665 -12.73 18.14 0.70
N GLY C 666 -12.59 17.34 1.76
CA GLY C 666 -13.23 16.04 1.82
C GLY C 666 -12.73 15.16 2.94
N ILE C 667 -12.53 13.87 2.64
CA ILE C 667 -12.05 12.93 3.65
C ILE C 667 -10.53 12.94 3.80
N ASN C 668 -9.81 13.51 2.85
CA ASN C 668 -8.36 13.60 2.91
C ASN C 668 -7.88 14.96 3.42
N ASP C 669 -8.81 15.79 3.90
CA ASP C 669 -8.44 17.10 4.41
C ASP C 669 -7.58 16.96 5.67
N PRO C 670 -6.56 17.81 5.82
CA PRO C 670 -5.71 17.73 7.02
C PRO C 670 -6.46 18.06 8.31
N ARG C 671 -7.60 18.74 8.21
CA ARG C 671 -8.34 19.07 9.43
C ARG C 671 -8.96 17.84 10.06
N LEU C 672 -9.21 16.79 9.26
CA LEU C 672 -9.87 15.59 9.75
C LEU C 672 -8.89 14.47 10.06
N ARG C 673 -7.82 14.34 9.28
CA ARG C 673 -6.91 13.21 9.38
C ARG C 673 -6.24 13.15 10.75
N ASN C 674 -5.68 14.26 11.22
CA ASN C 674 -5.12 14.39 12.56
C ASN C 674 -5.88 15.47 13.30
N PRO C 675 -6.85 15.08 14.14
CA PRO C 675 -7.75 16.09 14.73
C PRO C 675 -7.19 16.71 15.99
N SER C 676 -7.42 18.01 16.12
CA SER C 676 -7.12 18.73 17.35
C SER C 676 -8.36 18.76 18.23
N ASP C 677 -8.35 19.59 19.27
CA ASP C 677 -9.49 19.74 20.15
C ASP C 677 -10.43 20.87 19.72
N LYS C 678 -10.10 21.59 18.66
CA LYS C 678 -10.92 22.69 18.16
C LYS C 678 -11.86 22.27 17.04
N PHE C 679 -11.86 21.00 16.64
CA PHE C 679 -12.72 20.51 15.57
C PHE C 679 -13.38 19.22 16.03
N ILE C 680 -14.71 19.19 16.01
CA ILE C 680 -15.49 18.07 16.53
C ILE C 680 -16.36 17.54 15.40
N TYR C 681 -16.38 16.21 15.25
CA TYR C 681 -17.24 15.55 14.28
C TYR C 681 -17.62 14.18 14.82
N ALA C 682 -18.86 13.77 14.56
CA ALA C 682 -19.38 12.53 15.11
C ALA C 682 -20.51 12.01 14.23
N THR C 683 -20.86 10.75 14.43
CA THR C 683 -21.92 10.10 13.68
C THR C 683 -22.90 9.39 14.60
N VAL C 684 -23.80 8.60 14.03
CA VAL C 684 -24.81 7.88 14.80
C VAL C 684 -24.21 6.56 15.25
N LYS C 685 -24.44 6.22 16.53
CA LYS C 685 -23.91 4.98 17.08
C LYS C 685 -24.59 3.77 16.45
N GLN C 686 -23.81 2.70 16.28
CA GLN C 686 -24.30 1.43 15.76
C GLN C 686 -24.93 1.61 14.37
N SER C 687 -24.09 2.04 13.43
CA SER C 687 -24.51 2.25 12.05
C SER C 687 -23.44 1.69 11.12
N SER C 688 -23.71 1.74 9.82
CA SER C 688 -22.75 1.25 8.85
C SER C 688 -21.53 2.14 8.73
N VAL C 689 -21.63 3.39 9.16
CA VAL C 689 -20.47 4.27 9.16
C VAL C 689 -19.44 3.80 10.17
N ASP C 690 -19.90 3.31 11.33
CA ASP C 690 -18.98 2.79 12.33
C ASP C 690 -18.21 1.59 11.82
N ILE C 691 -18.87 0.73 11.04
CA ILE C 691 -18.21 -0.46 10.52
C ILE C 691 -17.09 -0.08 9.56
N TYR C 692 -17.30 0.96 8.75
CA TYR C 692 -16.31 1.35 7.76
C TYR C 692 -15.02 1.84 8.42
N PHE C 693 -15.13 2.67 9.45
CA PHE C 693 -13.95 3.24 10.08
C PHE C 693 -13.22 2.22 10.95
N ARG C 694 -13.97 1.37 11.66
CA ARG C 694 -13.35 0.46 12.62
C ARG C 694 -12.61 -0.69 11.92
N ARG C 695 -13.07 -1.10 10.74
CA ARG C 695 -12.56 -2.31 10.10
C ARG C 695 -11.13 -2.15 9.58
N GLN C 696 -10.76 -0.97 9.11
CA GLN C 696 -9.43 -0.74 8.56
C GLN C 696 -8.58 0.05 9.53
N VAL C 697 -7.29 -0.29 9.59
CA VAL C 697 -6.40 0.28 10.60
C VAL C 697 -5.87 1.66 10.20
N GLU C 698 -5.90 2.00 8.92
CA GLU C 698 -5.33 3.27 8.46
C GLU C 698 -6.12 4.48 8.95
N LEU C 699 -7.32 4.30 9.48
CA LEU C 699 -8.11 5.38 10.05
C LEU C 699 -8.33 5.21 11.55
N SER C 700 -7.40 4.55 12.24
CA SER C 700 -7.56 4.32 13.67
C SER C 700 -7.58 5.64 14.44
N THR C 701 -6.72 6.59 14.06
CA THR C 701 -6.66 7.86 14.76
C THR C 701 -7.96 8.64 14.62
N MET C 702 -8.70 8.44 13.53
CA MET C 702 -9.97 9.13 13.35
C MET C 702 -11.08 8.52 14.19
N TYR C 703 -11.04 7.21 14.42
CA TYR C 703 -12.12 6.53 15.14
C TYR C 703 -12.16 6.93 16.61
N ARG C 704 -11.01 7.13 17.24
CA ARG C 704 -10.99 7.49 18.65
C ARG C 704 -11.68 8.84 18.88
N HIS C 705 -11.42 9.80 18.00
CA HIS C 705 -12.10 11.10 18.10
C HIS C 705 -13.60 10.94 17.91
N MET C 706 -14.01 10.06 17.00
CA MET C 706 -15.42 9.89 16.68
C MET C 706 -16.17 9.19 17.81
N GLU C 707 -15.56 8.17 18.43
CA GLU C 707 -16.30 7.31 19.34
C GLU C 707 -16.68 8.03 20.64
N LYS C 708 -15.91 9.04 21.05
CA LYS C 708 -16.19 9.70 22.31
C LYS C 708 -17.37 10.66 22.20
N HIS C 709 -17.70 11.10 20.98
CA HIS C 709 -18.71 12.14 20.79
C HIS C 709 -19.89 11.69 19.95
N ASN C 710 -20.01 10.39 19.67
CA ASN C 710 -21.05 9.91 18.77
C ASN C 710 -22.44 10.14 19.34
N TYR C 711 -23.40 10.39 18.46
CA TYR C 711 -24.78 10.65 18.85
C TYR C 711 -25.62 9.38 18.76
N GLU C 712 -26.89 9.51 19.19
CA GLU C 712 -27.79 8.38 19.28
C GLU C 712 -28.88 8.38 18.21
N SER C 713 -29.03 9.46 17.45
CA SER C 713 -30.08 9.52 16.44
C SER C 713 -29.70 10.56 15.40
N ALA C 714 -30.05 10.26 14.14
CA ALA C 714 -29.72 11.17 13.05
C ALA C 714 -30.49 12.48 13.16
N ALA C 715 -31.75 12.42 13.62
CA ALA C 715 -32.55 13.63 13.73
C ALA C 715 -31.95 14.62 14.72
N GLU C 716 -31.46 14.12 15.86
CA GLU C 716 -30.89 14.99 16.87
C GLU C 716 -29.60 15.64 16.38
N ALA C 717 -28.78 14.89 15.64
CA ALA C 717 -27.47 15.40 15.23
C ALA C 717 -27.59 16.61 14.32
N ILE C 718 -28.54 16.59 13.39
CA ILE C 718 -28.73 17.71 12.48
C ILE C 718 -29.15 18.95 13.25
N GLN C 719 -30.02 18.78 14.24
CA GLN C 719 -30.40 19.91 15.08
C GLN C 719 -29.20 20.45 15.86
N ALA C 720 -28.34 19.56 16.35
CA ALA C 720 -27.14 20.00 17.07
C ALA C 720 -26.18 20.79 16.18
N VAL C 721 -26.28 20.63 14.87
CA VAL C 721 -25.43 21.40 13.96
C VAL C 721 -25.86 22.87 13.94
N ARG C 722 -27.16 23.14 14.09
CA ARG C 722 -27.68 24.49 13.98
C ARG C 722 -26.97 25.46 14.93
N ASP C 723 -26.90 25.11 16.20
CA ASP C 723 -26.08 25.85 17.14
C ASP C 723 -24.68 25.28 17.17
N ASN C 724 -23.72 26.12 17.58
CA ASN C 724 -22.32 25.78 17.42
C ASN C 724 -21.84 24.78 18.46
N LYS C 725 -22.47 23.60 18.49
CA LYS C 725 -21.98 22.50 19.31
C LYS C 725 -21.17 21.49 18.49
N LEU C 726 -21.58 21.22 17.27
CA LEU C 726 -20.91 20.27 16.39
C LEU C 726 -20.47 20.97 15.12
N HIS C 727 -19.31 20.57 14.61
CA HIS C 727 -18.73 21.20 13.44
C HIS C 727 -18.85 20.39 12.16
N ALA C 728 -19.21 19.11 12.25
CA ALA C 728 -19.35 18.27 11.06
C ALA C 728 -20.23 17.10 11.41
N PHE C 729 -20.70 16.41 10.36
CA PHE C 729 -21.58 15.27 10.51
C PHE C 729 -21.45 14.40 9.27
N ILE C 730 -21.16 13.12 9.46
CA ILE C 730 -20.96 12.17 8.37
C ILE C 730 -22.16 11.23 8.33
N TRP C 731 -22.82 11.15 7.18
CA TRP C 731 -24.01 10.34 7.02
C TRP C 731 -24.19 10.06 5.53
N ASP C 732 -25.31 9.41 5.20
CA ASP C 732 -25.60 9.09 3.81
C ASP C 732 -25.88 10.35 3.01
N SER C 733 -25.47 10.34 1.74
CA SER C 733 -25.63 11.51 0.90
C SER C 733 -27.11 11.77 0.57
N ALA C 734 -27.89 10.70 0.40
CA ALA C 734 -29.29 10.86 0.04
C ALA C 734 -30.06 11.59 1.13
N VAL C 735 -29.82 11.23 2.39
CA VAL C 735 -30.50 11.89 3.50
C VAL C 735 -29.98 13.32 3.68
N LEU C 736 -28.66 13.49 3.58
CA LEU C 736 -28.07 14.81 3.85
C LEU C 736 -28.43 15.82 2.76
N GLU C 737 -28.52 15.39 1.50
CA GLU C 737 -28.88 16.32 0.43
C GLU C 737 -30.29 16.87 0.62
N PHE C 738 -31.20 16.07 1.19
CA PHE C 738 -32.54 16.56 1.46
C PHE C 738 -32.54 17.68 2.48
N GLU C 739 -31.76 17.53 3.56
CA GLU C 739 -31.75 18.54 4.60
C GLU C 739 -31.13 19.85 4.13
N ALA C 740 -30.16 19.80 3.23
CA ALA C 740 -29.59 21.02 2.69
C ALA C 740 -30.58 21.77 1.82
N SER C 741 -31.42 21.04 1.09
CA SER C 741 -32.39 21.69 0.21
C SER C 741 -33.49 22.39 1.00
N GLN C 742 -34.04 21.72 2.01
CA GLN C 742 -35.17 22.26 2.76
C GLN C 742 -34.80 23.48 3.59
N LYS C 743 -33.58 23.54 4.12
CA LYS C 743 -33.20 24.58 5.06
C LYS C 743 -31.92 25.24 4.58
N CYS C 744 -31.95 26.57 4.47
CA CYS C 744 -30.88 27.32 3.82
C CYS C 744 -29.63 27.45 4.67
N ASP C 745 -29.69 27.14 5.96
CA ASP C 745 -28.54 27.40 6.82
C ASP C 745 -27.38 26.45 6.55
N LEU C 746 -27.66 25.20 6.21
CA LEU C 746 -26.64 24.17 6.06
C LEU C 746 -26.24 23.99 4.60
N VAL C 747 -25.11 23.30 4.41
CA VAL C 747 -24.59 23.01 3.08
C VAL C 747 -23.68 21.80 3.19
N THR C 748 -23.54 21.07 2.08
CA THR C 748 -22.72 19.87 2.03
C THR C 748 -21.43 20.15 1.25
N THR C 749 -20.37 19.43 1.61
CA THR C 749 -19.05 19.63 1.04
C THR C 749 -18.43 18.30 0.66
N GLY C 750 -17.49 18.36 -0.29
CA GLY C 750 -16.69 17.20 -0.66
C GLY C 750 -17.41 16.24 -1.58
N GLU C 751 -16.66 15.21 -1.96
CA GLU C 751 -17.16 14.14 -2.82
C GLU C 751 -17.60 12.96 -1.96
N LEU C 752 -17.90 11.84 -2.61
CA LEU C 752 -18.34 10.62 -1.93
C LEU C 752 -17.20 9.61 -1.95
N PHE C 753 -16.99 8.95 -0.80
CA PHE C 753 -15.88 8.01 -0.66
C PHE C 753 -16.31 6.57 -0.42
N PHE C 754 -17.49 6.33 0.15
CA PHE C 754 -18.00 4.98 0.37
C PHE C 754 -19.31 4.87 -0.40
N ARG C 755 -19.31 4.09 -1.48
CA ARG C 755 -20.42 4.06 -2.42
C ARG C 755 -21.11 2.70 -2.35
N SER C 756 -22.40 2.71 -1.99
CA SER C 756 -23.23 1.52 -1.98
C SER C 756 -24.67 1.91 -2.29
N GLY C 757 -25.61 1.01 -2.06
CA GLY C 757 -27.00 1.30 -2.33
C GLY C 757 -27.90 0.68 -1.30
N PHE C 758 -29.07 1.30 -1.13
CA PHE C 758 -30.09 0.77 -0.24
C PHE C 758 -30.74 -0.45 -0.87
N GLY C 759 -31.08 -1.43 -0.03
CA GLY C 759 -31.65 -2.67 -0.51
C GLY C 759 -32.74 -3.17 0.42
N ILE C 760 -33.52 -4.10 -0.11
CA ILE C 760 -34.61 -4.74 0.63
C ILE C 760 -34.05 -5.97 1.33
N GLY C 761 -33.98 -5.92 2.66
CA GLY C 761 -33.40 -7.01 3.42
C GLY C 761 -34.40 -8.13 3.64
N MET C 762 -33.98 -9.34 3.29
CA MET C 762 -34.79 -10.54 3.47
C MET C 762 -33.94 -11.67 4.01
N ARG C 763 -34.58 -12.58 4.74
CA ARG C 763 -33.89 -13.75 5.26
C ARG C 763 -33.51 -14.69 4.13
N LYS C 764 -32.50 -15.53 4.37
CA LYS C 764 -32.05 -16.47 3.37
C LYS C 764 -33.12 -17.53 3.10
N ASP C 765 -32.88 -18.32 2.05
CA ASP C 765 -33.75 -19.42 1.58
C ASP C 765 -35.24 -19.09 1.76
N SER C 766 -35.60 -17.81 1.44
CA SER C 766 -36.99 -17.36 1.49
C SER C 766 -37.66 -17.54 0.13
N PRO C 767 -38.95 -17.91 0.13
CA PRO C 767 -39.67 -18.05 -1.14
C PRO C 767 -39.82 -16.73 -1.90
N TRP C 768 -39.70 -15.59 -1.23
CA TRP C 768 -39.86 -14.30 -1.87
C TRP C 768 -38.56 -13.77 -2.48
N LYS C 769 -37.50 -14.59 -2.46
CA LYS C 769 -36.20 -14.15 -2.98
C LYS C 769 -36.27 -13.79 -4.45
N GLN C 770 -36.88 -14.65 -5.27
CA GLN C 770 -36.81 -14.47 -6.72
C GLN C 770 -37.75 -13.35 -7.18
N GLN C 771 -38.96 -13.29 -6.62
CA GLN C 771 -39.97 -12.38 -7.16
C GLN C 771 -39.66 -10.93 -6.84
N VAL C 772 -39.10 -10.66 -5.65
CA VAL C 772 -38.86 -9.28 -5.25
C VAL C 772 -37.80 -8.64 -6.12
N SER C 773 -36.74 -9.38 -6.46
CA SER C 773 -35.65 -8.81 -7.25
C SER C 773 -36.13 -8.41 -8.65
N LEU C 774 -36.97 -9.24 -9.27
CA LEU C 774 -37.48 -8.91 -10.60
C LEU C 774 -38.36 -7.66 -10.57
N SER C 775 -39.16 -7.50 -9.51
CA SER C 775 -40.07 -6.36 -9.43
C SER C 775 -39.31 -5.05 -9.39
N ILE C 776 -38.21 -4.99 -8.63
CA ILE C 776 -37.45 -3.75 -8.51
C ILE C 776 -36.85 -3.36 -9.86
N LEU C 777 -36.30 -4.34 -10.58
CA LEU C 777 -35.69 -4.04 -11.87
C LEU C 777 -36.73 -3.51 -12.87
N LYS C 778 -37.94 -4.05 -12.83
CA LYS C 778 -39.01 -3.55 -13.69
C LYS C 778 -39.35 -2.10 -13.38
N SER C 779 -39.32 -1.73 -12.10
CA SER C 779 -39.75 -0.39 -11.70
C SER C 779 -38.79 0.67 -12.22
N HIS C 780 -37.52 0.33 -12.44
CA HIS C 780 -36.55 1.32 -12.87
C HIS C 780 -36.77 1.71 -14.32
N GLU C 781 -36.99 0.74 -15.19
CA GLU C 781 -37.04 1.00 -16.63
C GLU C 781 -38.35 1.65 -17.07
N ASN C 782 -39.46 1.37 -16.39
CA ASN C 782 -40.75 1.89 -16.83
C ASN C 782 -41.03 3.30 -16.35
N GLY C 783 -40.12 3.92 -15.60
CA GLY C 783 -40.25 5.30 -15.19
C GLY C 783 -40.98 5.54 -13.88
N PHE C 784 -41.47 4.48 -13.23
CA PHE C 784 -42.17 4.68 -11.96
C PHE C 784 -41.23 5.17 -10.87
N MET C 785 -39.99 4.68 -10.87
CA MET C 785 -39.06 5.04 -9.79
C MET C 785 -38.72 6.53 -9.79
N GLU C 786 -38.50 7.12 -10.98
CA GLU C 786 -38.15 8.52 -11.02
C GLU C 786 -39.33 9.42 -10.66
N ASP C 787 -40.55 8.91 -10.80
CA ASP C 787 -41.72 9.68 -10.38
C ASP C 787 -41.71 9.92 -8.87
N LEU C 788 -41.29 8.91 -8.10
CA LEU C 788 -41.19 9.07 -6.65
C LEU C 788 -40.14 10.11 -6.27
N ASP C 789 -39.05 10.18 -7.02
CA ASP C 789 -37.99 11.14 -6.70
C ASP C 789 -38.49 12.58 -6.82
N LYS C 790 -39.28 12.86 -7.85
CA LYS C 790 -39.80 14.21 -8.05
C LYS C 790 -40.75 14.61 -6.92
N THR C 791 -41.58 13.67 -6.46
CA THR C 791 -42.61 14.01 -5.48
C THR C 791 -42.02 14.22 -4.08
N TRP C 792 -41.06 13.37 -3.69
CA TRP C 792 -40.63 13.32 -2.31
C TRP C 792 -39.23 13.85 -2.05
N VAL C 793 -38.36 13.87 -3.06
CA VAL C 793 -36.95 14.18 -2.82
C VAL C 793 -36.51 15.42 -3.59
N ARG C 794 -37.14 15.68 -4.73
CA ARG C 794 -36.65 16.67 -5.68
C ARG C 794 -37.58 17.89 -5.70
N TYR C 795 -37.29 18.85 -4.82
CA TYR C 795 -37.85 20.20 -4.94
C TYR C 795 -36.96 21.13 -4.13
N GLN C 796 -36.37 22.13 -4.79
CA GLN C 796 -35.39 23.02 -4.19
C GLN C 796 -36.00 24.41 -4.04
N GLU C 797 -35.93 24.95 -2.83
CA GLU C 797 -36.35 26.32 -2.56
C GLU C 797 -35.18 27.24 -2.17
N CYS C 798 -34.14 26.69 -1.57
CA CYS C 798 -32.98 27.50 -1.22
C CYS C 798 -32.16 27.85 -2.47
N ASP C 799 -31.43 28.96 -2.38
CA ASP C 799 -30.65 29.43 -3.51
C ASP C 799 -29.49 28.48 -3.79
N SER C 800 -29.23 28.26 -5.07
CA SER C 800 -28.11 27.43 -5.51
C SER C 800 -26.86 28.30 -5.64
N ARG C 801 -25.81 27.74 -6.25
CA ARG C 801 -24.53 28.41 -6.49
C ARG C 801 -23.77 28.66 -5.19
N SER C 802 -22.44 28.65 -5.26
CA SER C 802 -21.64 28.82 -4.05
C SER C 802 -21.53 30.29 -3.68
N ASN C 803 -20.97 31.11 -4.56
CA ASN C 803 -20.81 32.54 -4.29
C ASN C 803 -22.16 33.25 -4.18
N ALA C 804 -23.11 32.92 -5.05
CA ALA C 804 -24.44 33.52 -5.08
C ALA C 804 -24.36 35.03 -5.10
N PRO C 805 -23.95 35.64 -6.22
CA PRO C 805 -23.91 37.11 -6.28
C PRO C 805 -25.30 37.69 -6.18
N ALA C 806 -25.54 38.43 -5.09
CA ALA C 806 -26.87 38.93 -4.75
C ALA C 806 -26.92 40.43 -4.96
N THR C 807 -28.06 40.90 -5.46
CA THR C 807 -28.25 42.32 -5.72
C THR C 807 -28.42 43.09 -4.41
N LEU C 808 -28.10 44.38 -4.46
CA LEU C 808 -28.27 45.23 -3.29
C LEU C 808 -29.76 45.39 -2.97
N THR C 809 -30.03 45.62 -1.69
CA THR C 809 -31.41 45.71 -1.20
C THR C 809 -31.65 47.05 -0.51
N PHE C 810 -32.75 47.19 0.18
CA PHE C 810 -33.00 48.47 0.78
C PHE C 810 -31.98 48.88 1.78
N GLU C 811 -31.35 47.91 2.42
CA GLU C 811 -30.36 48.28 3.42
C GLU C 811 -29.44 49.39 2.91
N ASN C 812 -29.09 49.35 1.63
CA ASN C 812 -28.36 50.45 1.00
C ASN C 812 -29.22 51.70 0.91
N MET C 813 -30.53 51.54 0.69
CA MET C 813 -31.41 52.70 0.54
C MET C 813 -31.41 53.56 1.81
N ALA C 814 -31.46 52.93 2.98
CA ALA C 814 -31.51 53.68 4.22
C ALA C 814 -30.27 54.55 4.42
N GLY C 815 -29.11 54.08 3.95
CA GLY C 815 -27.89 54.84 4.15
C GLY C 815 -27.76 56.05 3.25
N VAL C 816 -28.54 56.10 2.16
CA VAL C 816 -28.40 57.16 1.18
C VAL C 816 -29.67 57.99 1.08
N PHE C 817 -30.83 57.34 1.12
CA PHE C 817 -32.09 58.09 0.99
C PHE C 817 -32.33 59.00 2.18
N MET C 818 -31.85 58.62 3.36
CA MET C 818 -32.04 59.47 4.53
C MET C 818 -31.21 60.74 4.43
N LEU C 819 -30.07 60.67 3.74
CA LEU C 819 -29.19 61.83 3.64
C LEU C 819 -29.87 62.96 2.88
N VAL C 820 -30.46 62.65 1.72
CA VAL C 820 -31.16 63.69 0.96
C VAL C 820 -32.39 64.16 1.70
N ALA C 821 -33.07 63.24 2.40
CA ALA C 821 -34.22 63.63 3.22
C ALA C 821 -33.81 64.57 4.34
N GLY C 822 -32.64 64.33 4.94
CA GLY C 822 -32.15 65.20 5.99
C GLY C 822 -31.90 66.62 5.50
N GLY C 823 -31.49 66.76 4.23
CA GLY C 823 -31.34 68.09 3.66
C GLY C 823 -32.64 68.84 3.57
N ILE C 824 -33.74 68.13 3.30
CA ILE C 824 -35.04 68.78 3.18
C ILE C 824 -35.47 69.39 4.51
N VAL C 825 -35.38 68.60 5.58
CA VAL C 825 -35.76 69.11 6.90
C VAL C 825 -34.78 70.15 7.41
N ALA C 826 -33.56 70.18 6.87
CA ALA C 826 -32.58 71.20 7.22
C ALA C 826 -32.57 72.37 6.24
N GLY C 827 -33.13 72.19 5.04
CA GLY C 827 -33.18 73.27 4.07
C GLY C 827 -34.27 74.27 4.35
N ILE C 828 -35.35 73.82 5.02
CA ILE C 828 -36.44 74.73 5.36
C ILE C 828 -35.97 75.77 6.38
N PHE C 829 -35.09 75.37 7.29
CA PHE C 829 -34.55 76.32 8.26
C PHE C 829 -33.70 77.39 7.58
N LEU C 830 -32.90 76.98 6.59
CA LEU C 830 -32.02 77.93 5.91
C LEU C 830 -32.82 78.95 5.11
N ILE C 831 -34.00 78.59 4.63
CA ILE C 831 -34.84 79.54 3.91
C ILE C 831 -35.23 80.70 4.83
N PHE C 832 -35.53 80.39 6.09
CA PHE C 832 -35.85 81.44 7.05
C PHE C 832 -34.65 82.36 7.28
N ILE C 833 -33.44 81.79 7.27
CA ILE C 833 -32.23 82.60 7.44
C ILE C 833 -32.08 83.56 6.27
N GLU C 834 -32.30 83.07 5.05
CA GLU C 834 -32.11 83.91 3.86
C GLU C 834 -33.11 85.08 3.83
N ILE C 835 -34.38 84.79 4.11
CA ILE C 835 -35.39 85.85 4.09
C ILE C 835 -35.17 86.82 5.23
N ALA C 836 -34.74 86.32 6.40
CA ALA C 836 -34.41 87.21 7.50
C ALA C 836 -33.21 88.08 7.17
N TYR C 837 -32.19 87.50 6.54
CA TYR C 837 -31.04 88.28 6.11
C TYR C 837 -31.37 89.22 4.96
N LYS C 838 -32.41 88.91 4.18
CA LYS C 838 -32.82 89.79 3.10
C LYS C 838 -33.31 91.13 3.65
N ARG C 839 -34.11 91.10 4.72
CA ARG C 839 -34.61 92.32 5.34
C ARG C 839 -33.66 92.89 6.38
N HIS C 840 -32.63 92.15 6.78
CA HIS C 840 -31.69 92.63 7.78
C HIS C 840 -30.52 93.41 7.18
N LYS C 841 -30.45 93.52 5.86
CA LYS C 841 -29.36 94.24 5.22
C LYS C 841 -29.78 94.73 3.83
N SER D 65 -23.12 -25.26 67.52
CA SER D 65 -22.84 -26.59 68.03
C SER D 65 -22.53 -27.57 66.90
N ILE D 66 -22.07 -27.04 65.77
CA ILE D 66 -21.73 -27.89 64.63
C ILE D 66 -20.37 -28.54 64.86
N GLY D 67 -20.10 -29.57 64.07
CA GLY D 67 -18.83 -30.29 64.12
C GLY D 67 -18.10 -30.17 62.79
N ILE D 68 -16.82 -29.81 62.87
CA ILE D 68 -15.98 -29.59 61.71
C ILE D 68 -14.72 -30.42 61.85
N ALA D 69 -14.29 -31.04 60.75
CA ALA D 69 -13.09 -31.87 60.73
C ALA D 69 -12.07 -31.30 59.75
N VAL D 70 -10.81 -31.40 60.13
CA VAL D 70 -9.69 -31.01 59.29
C VAL D 70 -8.82 -32.24 59.06
N ILE D 71 -8.46 -32.50 57.81
CA ILE D 71 -7.70 -33.68 57.43
C ILE D 71 -6.39 -33.23 56.80
N LEU D 72 -5.28 -33.75 57.32
CA LEU D 72 -3.95 -33.44 56.80
C LEU D 72 -3.26 -34.73 56.39
N VAL D 73 -2.58 -34.68 55.25
CA VAL D 73 -1.89 -35.84 54.68
C VAL D 73 -0.41 -35.50 54.56
N GLY D 74 0.43 -36.37 55.11
CA GLY D 74 1.87 -36.15 55.05
C GLY D 74 2.42 -35.49 56.30
N THR D 75 3.39 -34.60 56.13
CA THR D 75 3.99 -33.88 57.24
C THR D 75 3.52 -32.43 57.23
N SER D 76 3.13 -31.94 58.41
CA SER D 76 2.66 -30.57 58.57
C SER D 76 2.72 -30.21 60.04
N ASP D 77 2.59 -28.91 60.32
CA ASP D 77 2.67 -28.39 61.68
C ASP D 77 1.38 -28.74 62.41
N GLU D 78 1.44 -29.85 63.17
CA GLU D 78 0.26 -30.33 63.88
C GLU D 78 0.00 -29.55 65.15
N VAL D 79 0.99 -29.49 66.05
CA VAL D 79 0.82 -28.75 67.30
C VAL D 79 0.62 -27.27 67.01
N ALA D 80 1.35 -26.74 66.03
CA ALA D 80 1.19 -25.33 65.68
C ALA D 80 -0.22 -25.04 65.17
N ILE D 81 -0.78 -25.94 64.36
CA ILE D 81 -2.11 -25.67 63.83
C ILE D 81 -3.16 -25.84 64.92
N LYS D 82 -2.93 -26.79 65.85
CA LYS D 82 -3.82 -26.91 66.99
C LYS D 82 -3.83 -25.64 67.83
N ASP D 83 -2.64 -25.05 68.03
CA ASP D 83 -2.58 -23.76 68.73
C ASP D 83 -3.27 -22.66 67.94
N ALA D 84 -3.08 -22.64 66.62
CA ALA D 84 -3.66 -21.59 65.78
C ALA D 84 -5.15 -21.77 65.54
N HIS D 85 -5.74 -22.89 65.94
CA HIS D 85 -7.17 -23.08 65.76
C HIS D 85 -7.99 -22.07 66.56
N GLU D 86 -7.56 -21.77 67.78
CA GLU D 86 -8.30 -20.84 68.66
C GLU D 86 -7.73 -19.43 68.55
N LYS D 87 -7.95 -18.81 67.39
CA LYS D 87 -7.49 -17.45 67.15
C LYS D 87 -8.53 -16.57 66.49
N ASP D 88 -9.73 -17.07 66.22
CA ASP D 88 -10.78 -16.31 65.57
C ASP D 88 -11.67 -15.61 66.60
N ASP D 89 -12.32 -14.55 66.14
CA ASP D 89 -13.25 -13.77 66.97
C ASP D 89 -14.67 -14.20 66.59
N PHE D 90 -15.19 -15.18 67.31
CA PHE D 90 -16.51 -15.75 67.04
C PHE D 90 -17.41 -15.62 68.27
N HIS D 91 -17.24 -14.53 69.01
CA HIS D 91 -18.07 -14.25 70.18
C HIS D 91 -19.31 -13.45 69.86
N HIS D 92 -19.47 -12.98 68.62
CA HIS D 92 -20.62 -12.22 68.19
C HIS D 92 -21.70 -13.09 67.55
N LEU D 93 -21.48 -14.40 67.47
CA LEU D 93 -22.46 -15.33 66.93
C LEU D 93 -22.22 -16.70 67.54
N SER D 94 -23.30 -17.40 67.87
CA SER D 94 -23.22 -18.65 68.63
C SER D 94 -23.20 -19.83 67.66
N VAL D 95 -22.01 -20.38 67.44
CA VAL D 95 -21.83 -21.62 66.68
C VAL D 95 -21.00 -22.64 67.44
N VAL D 96 -20.14 -22.17 68.35
CA VAL D 96 -19.21 -22.96 69.16
C VAL D 96 -18.67 -24.16 68.38
N PRO D 97 -17.93 -23.93 67.30
CA PRO D 97 -17.47 -25.06 66.47
C PRO D 97 -16.44 -25.90 67.19
N ARG D 98 -16.39 -27.18 66.83
CA ARG D 98 -15.42 -28.12 67.34
C ARG D 98 -14.52 -28.61 66.22
N VAL D 99 -13.23 -28.73 66.52
CA VAL D 99 -12.22 -29.13 65.54
C VAL D 99 -11.50 -30.36 66.07
N GLU D 100 -11.39 -31.39 65.24
CA GLU D 100 -10.69 -32.63 65.58
C GLU D 100 -9.69 -32.93 64.47
N LEU D 101 -8.42 -32.67 64.72
CA LEU D 101 -7.39 -32.86 63.71
C LEU D 101 -7.20 -34.35 63.42
N VAL D 102 -6.95 -34.65 62.15
CA VAL D 102 -6.73 -36.02 61.69
C VAL D 102 -5.53 -36.04 60.77
N ALA D 103 -4.61 -36.96 61.00
CA ALA D 103 -3.43 -37.13 60.18
C ALA D 103 -3.36 -38.57 59.65
N MET D 104 -2.99 -38.70 58.38
CA MET D 104 -2.92 -39.99 57.72
C MET D 104 -2.07 -39.85 56.47
N ASN D 105 -2.02 -40.91 55.67
CA ASN D 105 -1.24 -40.95 54.46
C ASN D 105 -2.16 -40.85 53.23
N GLU D 106 -1.56 -40.94 52.05
CA GLU D 106 -2.26 -40.84 50.77
C GLU D 106 -2.40 -42.21 50.10
N THR D 107 -2.69 -43.24 50.91
CA THR D 107 -2.67 -44.62 50.44
C THR D 107 -3.56 -44.83 49.23
N ASP D 108 -4.88 -44.69 49.40
CA ASP D 108 -5.82 -44.96 48.33
C ASP D 108 -7.13 -44.23 48.62
N PRO D 109 -7.96 -44.01 47.61
CA PRO D 109 -9.27 -43.38 47.85
C PRO D 109 -10.16 -44.16 48.80
N LYS D 110 -10.02 -45.48 48.85
CA LYS D 110 -10.88 -46.27 49.74
C LYS D 110 -10.65 -45.90 51.20
N SER D 111 -9.39 -45.73 51.60
CA SER D 111 -9.10 -45.28 52.95
C SER D 111 -9.66 -43.88 53.19
N ILE D 112 -9.58 -43.01 52.18
CA ILE D 112 -10.08 -41.65 52.33
C ILE D 112 -11.59 -41.65 52.57
N ILE D 113 -12.33 -42.42 51.77
CA ILE D 113 -13.78 -42.45 51.94
C ILE D 113 -14.16 -43.14 53.25
N THR D 114 -13.44 -44.20 53.62
CA THR D 114 -13.68 -44.84 54.90
C THR D 114 -13.52 -43.84 56.05
N ARG D 115 -12.41 -43.10 56.05
CA ARG D 115 -12.16 -42.14 57.10
C ARG D 115 -13.21 -41.03 57.10
N ILE D 116 -13.60 -40.55 55.91
CA ILE D 116 -14.53 -39.43 55.88
C ILE D 116 -15.89 -39.83 56.41
N CYS D 117 -16.40 -41.02 56.04
CA CYS D 117 -17.72 -41.36 56.54
C CYS D 117 -17.67 -41.88 57.98
N ASP D 118 -16.51 -42.38 58.41
CA ASP D 118 -16.34 -42.69 59.82
C ASP D 118 -16.41 -41.42 60.65
N LEU D 119 -15.77 -40.35 60.17
CA LEU D 119 -15.89 -39.06 60.84
C LEU D 119 -17.34 -38.55 60.79
N MET D 120 -18.03 -38.78 59.67
CA MET D 120 -19.44 -38.42 59.57
C MET D 120 -20.25 -39.11 60.66
N SER D 121 -20.05 -40.41 60.84
CA SER D 121 -20.84 -41.16 61.81
C SER D 121 -20.41 -40.85 63.24
N ASP D 122 -19.16 -40.45 63.46
CA ASP D 122 -18.64 -40.25 64.80
C ASP D 122 -18.92 -38.83 65.32
N ARG D 123 -18.43 -37.82 64.61
CA ARG D 123 -18.43 -36.46 65.14
C ARG D 123 -19.65 -35.64 64.72
N LYS D 124 -20.55 -36.20 63.92
CA LYS D 124 -21.74 -35.49 63.45
C LYS D 124 -21.35 -34.19 62.75
N ILE D 125 -20.64 -34.34 61.65
CA ILE D 125 -19.94 -33.25 61.00
C ILE D 125 -20.82 -32.64 59.90
N GLN D 126 -20.80 -31.31 59.81
CA GLN D 126 -21.55 -30.57 58.79
C GLN D 126 -20.61 -29.81 57.85
N GLY D 127 -19.37 -30.26 57.75
CA GLY D 127 -18.41 -29.63 56.85
C GLY D 127 -16.98 -30.03 57.15
N VAL D 128 -16.21 -30.32 56.09
CA VAL D 128 -14.84 -30.82 56.22
C VAL D 128 -13.93 -30.02 55.31
N VAL D 129 -12.77 -29.62 55.84
CA VAL D 129 -11.72 -29.01 55.05
C VAL D 129 -10.61 -30.04 54.84
N PHE D 130 -9.86 -29.87 53.76
CA PHE D 130 -8.88 -30.87 53.35
C PHE D 130 -7.56 -30.18 53.01
N ALA D 131 -6.47 -30.92 53.20
CA ALA D 131 -5.14 -30.45 52.87
C ALA D 131 -4.32 -31.61 52.33
N ASP D 132 -3.31 -31.29 51.54
CA ASP D 132 -2.45 -32.28 50.91
C ASP D 132 -1.18 -31.61 50.43
N ASP D 133 -0.25 -32.41 49.92
CA ASP D 133 1.01 -31.89 49.39
C ASP D 133 1.44 -32.56 48.10
N THR D 134 0.62 -33.45 47.54
CA THR D 134 0.97 -34.17 46.33
C THR D 134 0.63 -33.34 45.09
N ASP D 135 0.80 -33.93 43.92
CA ASP D 135 0.55 -33.23 42.65
C ASP D 135 -0.45 -33.99 41.79
N GLN D 136 -1.54 -34.46 42.39
CA GLN D 136 -2.55 -35.23 41.68
C GLN D 136 -3.91 -34.52 41.75
N GLU D 137 -4.63 -34.52 40.63
CA GLU D 137 -5.98 -34.00 40.58
C GLU D 137 -7.06 -35.08 40.69
N ALA D 138 -6.68 -36.34 40.51
CA ALA D 138 -7.65 -37.43 40.71
C ALA D 138 -8.14 -37.50 42.14
N ILE D 139 -7.38 -36.95 43.10
CA ILE D 139 -7.91 -36.83 44.45
C ILE D 139 -9.06 -35.84 44.49
N ALA D 140 -8.95 -34.75 43.73
CA ALA D 140 -10.09 -33.85 43.56
C ALA D 140 -11.23 -34.57 42.86
N GLN D 141 -10.92 -35.41 41.87
CA GLN D 141 -11.96 -36.16 41.17
C GLN D 141 -12.73 -37.06 42.13
N ILE D 142 -12.02 -37.80 42.98
CA ILE D 142 -12.71 -38.68 43.91
C ILE D 142 -13.46 -37.88 44.97
N LEU D 143 -12.90 -36.76 45.44
CA LEU D 143 -13.60 -35.98 46.45
C LEU D 143 -14.87 -35.32 45.89
N ASP D 144 -14.87 -35.00 44.59
CA ASP D 144 -16.03 -34.36 43.98
C ASP D 144 -17.26 -35.26 44.06
N PHE D 145 -17.09 -36.56 43.80
CA PHE D 145 -18.21 -37.47 43.85
C PHE D 145 -18.74 -37.61 45.29
N ILE D 146 -17.84 -37.65 46.26
CA ILE D 146 -18.27 -37.69 47.66
C ILE D 146 -19.06 -36.44 48.01
N SER D 147 -18.58 -35.27 47.57
CA SER D 147 -19.30 -34.04 47.82
C SER D 147 -20.69 -34.06 47.17
N ALA D 148 -20.79 -34.60 45.96
CA ALA D 148 -22.08 -34.66 45.28
C ALA D 148 -23.03 -35.64 45.95
N GLN D 149 -22.53 -36.79 46.37
CA GLN D 149 -23.35 -37.84 46.97
C GLN D 149 -23.65 -37.60 48.43
N THR D 150 -22.98 -36.65 49.07
CA THR D 150 -23.26 -36.28 50.45
C THR D 150 -23.81 -34.87 50.50
N LEU D 151 -24.42 -34.52 51.62
CA LEU D 151 -24.99 -33.20 51.81
C LEU D 151 -24.08 -32.28 52.63
N THR D 152 -22.84 -32.68 52.87
CA THR D 152 -21.92 -31.83 53.61
C THR D 152 -20.93 -31.16 52.67
N PRO D 153 -20.68 -29.87 52.85
CA PRO D 153 -19.69 -29.18 52.01
C PRO D 153 -18.26 -29.59 52.34
N ILE D 154 -17.41 -29.50 51.32
CA ILE D 154 -15.99 -29.79 51.46
C ILE D 154 -15.20 -28.67 50.80
N LEU D 155 -14.11 -28.27 51.44
CA LEU D 155 -13.26 -27.18 50.97
C LEU D 155 -11.87 -27.70 50.70
N GLY D 156 -11.28 -27.24 49.59
CA GLY D 156 -9.90 -27.57 49.23
C GLY D 156 -9.02 -26.33 49.33
N ILE D 157 -7.93 -26.45 50.08
CA ILE D 157 -7.10 -25.30 50.42
C ILE D 157 -5.67 -25.41 49.93
N HIS D 158 -5.12 -26.62 49.76
CA HIS D 158 -3.69 -26.74 49.51
C HIS D 158 -3.41 -28.09 48.84
N GLY D 159 -2.24 -28.16 48.21
CA GLY D 159 -1.81 -29.42 47.61
C GLY D 159 -2.56 -29.75 46.34
N GLY D 160 -2.79 -31.05 46.12
CA GLY D 160 -3.43 -31.49 44.91
C GLY D 160 -4.87 -31.03 44.76
N SER D 161 -5.51 -30.63 45.86
CA SER D 161 -6.88 -30.13 45.80
C SER D 161 -6.96 -28.67 45.40
N SER D 162 -5.83 -27.99 45.22
CA SER D 162 -5.82 -26.59 44.81
C SER D 162 -5.99 -26.42 43.31
N MET D 163 -5.46 -27.34 42.51
CA MET D 163 -5.62 -27.26 41.06
C MET D 163 -7.08 -27.44 40.68
N ILE D 164 -7.57 -26.58 39.79
CA ILE D 164 -8.97 -26.61 39.39
C ILE D 164 -9.19 -27.70 38.36
N MET D 165 -10.33 -28.39 38.49
CA MET D 165 -10.69 -29.46 37.57
C MET D 165 -11.63 -28.90 36.48
N ALA D 166 -12.14 -29.79 35.64
CA ALA D 166 -12.92 -29.37 34.46
C ALA D 166 -14.18 -28.61 34.84
N ASP D 167 -15.13 -29.29 35.48
CA ASP D 167 -16.39 -28.67 35.87
C ASP D 167 -17.11 -29.59 36.84
N LYS D 168 -17.60 -29.00 37.93
CA LYS D 168 -18.29 -29.75 38.96
C LYS D 168 -19.73 -30.03 38.55
N ASP D 169 -20.35 -31.00 39.21
CA ASP D 169 -21.72 -31.37 38.90
C ASP D 169 -22.69 -30.34 39.46
N GLU D 170 -23.96 -30.47 39.06
CA GLU D 170 -24.96 -29.48 39.45
C GLU D 170 -25.20 -29.49 40.95
N SER D 171 -25.29 -30.66 41.57
CA SER D 171 -25.60 -30.79 42.99
C SER D 171 -24.35 -30.85 43.86
N SER D 172 -23.16 -30.73 43.27
CA SER D 172 -21.94 -30.78 44.05
C SER D 172 -21.76 -29.52 44.88
N MET D 173 -21.02 -29.64 45.99
CA MET D 173 -20.70 -28.51 46.85
C MET D 173 -19.21 -28.45 47.15
N PHE D 174 -18.38 -28.68 46.15
CA PHE D 174 -16.93 -28.64 46.30
C PHE D 174 -16.39 -27.29 45.85
N PHE D 175 -15.56 -26.68 46.69
CA PHE D 175 -14.98 -25.37 46.45
C PHE D 175 -13.49 -25.43 46.70
N GLN D 176 -12.73 -24.72 45.86
CA GLN D 176 -11.27 -24.76 45.92
C GLN D 176 -10.71 -23.37 46.18
N PHE D 177 -9.51 -23.35 46.75
CA PHE D 177 -8.75 -22.12 46.97
C PHE D 177 -7.76 -21.97 45.83
N GLY D 178 -8.10 -21.14 44.85
CA GLY D 178 -7.22 -20.88 43.73
C GLY D 178 -7.89 -20.15 42.59
N PRO D 179 -7.10 -19.64 41.66
CA PRO D 179 -7.66 -18.94 40.50
C PRO D 179 -7.87 -19.87 39.31
N SER D 180 -8.98 -19.64 38.60
CA SER D 180 -9.28 -20.42 37.42
C SER D 180 -8.43 -19.95 36.24
N ILE D 181 -8.58 -20.65 35.11
CA ILE D 181 -7.87 -20.24 33.89
C ILE D 181 -8.38 -18.88 33.42
N GLU D 182 -9.62 -18.54 33.75
CA GLU D 182 -10.17 -17.21 33.46
C GLU D 182 -9.23 -16.11 33.96
N GLN D 183 -9.01 -16.07 35.27
CA GLN D 183 -8.26 -14.98 35.87
C GLN D 183 -6.77 -15.06 35.53
N GLN D 184 -6.22 -16.27 35.41
CA GLN D 184 -4.81 -16.38 35.03
C GLN D 184 -4.59 -15.88 33.61
N ALA D 185 -5.49 -16.22 32.69
CA ALA D 185 -5.39 -15.71 31.33
C ALA D 185 -5.55 -14.20 31.30
N SER D 186 -6.46 -13.66 32.12
CA SER D 186 -6.60 -12.21 32.20
C SER D 186 -5.33 -11.55 32.74
N VAL D 187 -4.71 -12.18 33.74
CA VAL D 187 -3.54 -11.58 34.39
C VAL D 187 -2.33 -11.61 33.46
N MET D 188 -2.12 -12.72 32.76
CA MET D 188 -0.91 -12.84 31.95
C MET D 188 -0.90 -11.90 30.75
N LEU D 189 -1.94 -11.09 30.56
CA LEU D 189 -1.93 -10.04 29.55
C LEU D 189 -1.58 -8.67 30.13
N ASN D 190 -1.59 -8.52 31.46
CA ASN D 190 -1.18 -7.28 32.10
C ASN D 190 0.33 -7.13 32.13
N ILE D 191 1.07 -8.23 32.19
CA ILE D 191 2.53 -8.17 32.11
C ILE D 191 2.96 -7.62 30.76
N MET D 192 2.35 -8.12 29.69
CA MET D 192 2.68 -7.66 28.34
C MET D 192 2.17 -6.26 28.04
N GLU D 193 1.38 -5.67 28.95
CA GLU D 193 1.01 -4.27 28.86
C GLU D 193 1.92 -3.38 29.69
N GLU D 194 2.30 -3.83 30.89
CA GLU D 194 3.22 -3.05 31.72
C GLU D 194 4.60 -2.99 31.10
N TYR D 195 5.07 -4.11 30.53
CA TYR D 195 6.24 -4.12 29.67
C TYR D 195 5.77 -4.18 28.23
N ASP D 196 6.28 -3.27 27.40
CA ASP D 196 5.73 -3.04 26.05
C ASP D 196 6.10 -4.21 25.14
N TRP D 197 5.29 -5.26 25.22
CA TRP D 197 5.41 -6.45 24.38
C TRP D 197 4.07 -6.70 23.71
N TYR D 198 4.00 -6.47 22.40
CA TYR D 198 2.74 -6.50 21.68
C TYR D 198 2.65 -7.59 20.63
N ILE D 199 3.69 -8.42 20.47
CA ILE D 199 3.68 -9.54 19.55
C ILE D 199 3.88 -10.81 20.34
N PHE D 200 2.99 -11.77 20.16
CA PHE D 200 3.02 -13.01 20.94
C PHE D 200 2.33 -14.11 20.14
N SER D 201 2.60 -15.35 20.54
CA SER D 201 1.99 -16.52 19.91
C SER D 201 1.59 -17.50 21.01
N ILE D 202 0.73 -18.46 20.64
CA ILE D 202 0.16 -19.41 21.58
C ILE D 202 0.42 -20.82 21.09
N VAL D 203 0.95 -21.67 21.96
CA VAL D 203 1.11 -23.09 21.73
C VAL D 203 0.43 -23.83 22.87
N THR D 204 -0.42 -24.81 22.53
CA THR D 204 -1.21 -25.47 23.56
C THR D 204 -1.48 -26.91 23.16
N THR D 205 -1.49 -27.79 24.17
CA THR D 205 -1.98 -29.15 24.03
C THR D 205 -3.47 -29.16 24.32
N TYR D 206 -4.07 -30.34 24.17
CA TYR D 206 -5.52 -30.42 24.34
C TYR D 206 -5.94 -30.07 25.76
N PHE D 207 -5.61 -30.93 26.73
CA PHE D 207 -5.91 -30.76 28.15
C PHE D 207 -7.41 -30.62 28.39
N PRO D 208 -7.90 -30.85 29.63
CA PRO D 208 -9.30 -30.55 29.93
C PRO D 208 -9.72 -29.12 29.63
N GLY D 209 -9.05 -28.15 30.22
CA GLY D 209 -9.41 -26.75 30.07
C GLY D 209 -8.81 -26.08 28.85
N TYR D 210 -9.30 -26.42 27.66
CA TYR D 210 -8.70 -25.91 26.43
C TYR D 210 -9.45 -24.69 25.92
N GLN D 211 -10.77 -24.78 25.81
CA GLN D 211 -11.54 -23.80 25.05
C GLN D 211 -11.53 -22.42 25.69
N ASP D 212 -11.57 -22.33 27.01
CA ASP D 212 -11.74 -21.05 27.69
C ASP D 212 -10.53 -20.13 27.57
N PHE D 213 -9.35 -20.67 27.20
CA PHE D 213 -8.14 -19.87 27.20
C PHE D 213 -8.01 -19.03 25.93
N VAL D 214 -7.98 -19.69 24.77
CA VAL D 214 -7.82 -18.98 23.50
C VAL D 214 -9.02 -18.10 23.22
N ASN D 215 -10.22 -18.56 23.57
CA ASN D 215 -11.42 -17.76 23.36
C ASN D 215 -11.36 -16.47 24.16
N LYS D 216 -10.96 -16.56 25.44
CA LYS D 216 -10.79 -15.35 26.23
C LYS D 216 -9.73 -14.44 25.66
N ILE D 217 -8.61 -15.00 25.21
CA ILE D 217 -7.53 -14.17 24.68
C ILE D 217 -8.01 -13.42 23.43
N ARG D 218 -8.70 -14.12 22.53
CA ARG D 218 -9.24 -13.47 21.34
C ARG D 218 -10.26 -12.40 21.70
N SER D 219 -11.16 -12.71 22.64
CA SER D 219 -12.18 -11.74 23.03
C SER D 219 -11.55 -10.50 23.64
N THR D 220 -10.50 -10.67 24.44
CA THR D 220 -9.85 -9.53 25.07
C THR D 220 -9.11 -8.68 24.04
N ILE D 221 -8.38 -9.32 23.12
CA ILE D 221 -7.65 -8.55 22.12
C ILE D 221 -8.57 -7.92 21.09
N GLU D 222 -9.79 -8.43 20.91
CA GLU D 222 -10.70 -7.87 19.93
C GLU D 222 -11.12 -6.45 20.29
N ASN D 223 -11.63 -6.27 21.52
CA ASN D 223 -12.24 -5.00 21.93
C ASN D 223 -11.25 -4.15 22.72
N SER D 224 -10.20 -3.70 22.03
CA SER D 224 -9.21 -2.83 22.64
C SER D 224 -8.67 -1.87 21.59
N PHE D 225 -8.12 -0.75 22.07
CA PHE D 225 -7.54 0.25 21.19
C PHE D 225 -6.04 0.05 20.97
N VAL D 226 -5.36 -0.64 21.88
CA VAL D 226 -3.92 -0.85 21.77
C VAL D 226 -3.64 -1.80 20.61
N GLY D 227 -2.37 -1.88 20.20
CA GLY D 227 -2.01 -2.63 19.03
C GLY D 227 -1.63 -4.08 19.27
N TRP D 228 -2.59 -4.89 19.72
CA TRP D 228 -2.36 -6.31 19.83
C TRP D 228 -2.23 -6.94 18.46
N GLU D 229 -1.51 -8.06 18.38
CA GLU D 229 -1.33 -8.78 17.12
C GLU D 229 -1.10 -10.25 17.45
N LEU D 230 -2.15 -11.06 17.31
CA LEU D 230 -2.06 -12.50 17.45
C LEU D 230 -2.03 -13.12 16.06
N GLU D 231 -1.00 -13.91 15.79
CA GLU D 231 -0.78 -14.40 14.44
C GLU D 231 -0.48 -15.90 14.37
N GLU D 232 -0.35 -16.58 15.50
CA GLU D 232 0.03 -18.00 15.47
C GLU D 232 -0.68 -18.73 16.59
N VAL D 233 -1.56 -19.66 16.23
CA VAL D 233 -2.20 -20.57 17.17
C VAL D 233 -1.87 -21.99 16.73
N LEU D 234 -1.34 -22.79 17.66
CA LEU D 234 -0.84 -24.12 17.36
C LEU D 234 -1.65 -25.17 18.11
N LEU D 235 -1.96 -26.27 17.41
CA LEU D 235 -2.67 -27.40 17.99
C LEU D 235 -1.73 -28.60 17.97
N LEU D 236 -1.36 -29.08 19.15
CA LEU D 236 -0.43 -30.20 19.30
C LEU D 236 -1.15 -31.38 19.92
N ASP D 237 -0.94 -32.57 19.35
CA ASP D 237 -1.52 -33.80 19.86
C ASP D 237 -0.38 -34.69 20.34
N MET D 238 -0.13 -34.67 21.65
CA MET D 238 0.93 -35.46 22.26
C MET D 238 0.50 -36.87 22.61
N SER D 239 -0.78 -37.20 22.47
CA SER D 239 -1.25 -38.55 22.81
C SER D 239 -0.62 -39.59 21.89
N LEU D 240 -0.51 -39.30 20.60
CA LEU D 240 0.07 -40.22 19.65
C LEU D 240 1.59 -40.20 19.77
N ASP D 241 2.19 -41.40 19.83
CA ASP D 241 3.64 -41.52 19.96
C ASP D 241 4.32 -41.27 18.61
N ASP D 242 5.64 -41.18 18.65
CA ASP D 242 6.47 -40.96 17.47
C ASP D 242 6.13 -39.66 16.74
N GLY D 243 5.69 -38.65 17.48
CA GLY D 243 5.34 -37.36 16.92
C GLY D 243 6.44 -36.32 16.95
N ASP D 244 7.68 -36.73 17.24
CA ASP D 244 8.77 -35.76 17.36
C ASP D 244 9.03 -35.04 16.04
N SER D 245 9.01 -35.77 14.93
CA SER D 245 9.27 -35.14 13.63
C SER D 245 8.18 -34.14 13.28
N LYS D 246 6.91 -34.49 13.50
CA LYS D 246 5.82 -33.60 13.16
C LYS D 246 5.87 -32.31 13.98
N ILE D 247 6.11 -32.43 15.29
CA ILE D 247 6.17 -31.24 16.12
C ILE D 247 7.40 -30.42 15.80
N GLN D 248 8.54 -31.06 15.51
CA GLN D 248 9.73 -30.32 15.12
C GLN D 248 9.50 -29.54 13.83
N ASN D 249 8.79 -30.14 12.89
CA ASN D 249 8.46 -29.43 11.65
C ASN D 249 7.50 -28.28 11.88
N GLN D 250 6.45 -28.48 12.69
CA GLN D 250 5.41 -27.47 12.81
C GLN D 250 5.86 -26.30 13.70
N LEU D 251 6.75 -26.56 14.66
CA LEU D 251 7.24 -25.47 15.50
C LEU D 251 8.21 -24.56 14.77
N LYS D 252 8.65 -24.94 13.56
CA LYS D 252 9.56 -24.10 12.80
C LYS D 252 8.88 -22.85 12.24
N LYS D 253 7.55 -22.78 12.28
CA LYS D 253 6.84 -21.61 11.78
C LYS D 253 6.73 -20.48 12.80
N LEU D 254 7.22 -20.69 14.01
CA LEU D 254 7.16 -19.65 15.03
C LEU D 254 8.12 -18.52 14.71
N GLN D 255 7.63 -17.29 14.83
CA GLN D 255 8.46 -16.11 14.56
C GLN D 255 8.36 -15.03 15.63
N SER D 256 7.31 -15.00 16.45
CA SER D 256 7.17 -13.98 17.46
C SER D 256 8.22 -14.17 18.56
N PRO D 257 8.68 -13.08 19.17
CA PRO D 257 9.68 -13.20 20.24
C PRO D 257 9.12 -13.75 21.55
N ILE D 258 7.81 -13.93 21.67
CA ILE D 258 7.19 -14.40 22.90
C ILE D 258 6.25 -15.55 22.57
N ILE D 259 6.35 -16.64 23.34
CA ILE D 259 5.51 -17.82 23.16
C ILE D 259 4.84 -18.15 24.48
N LEU D 260 3.54 -18.41 24.43
CA LEU D 260 2.75 -18.80 25.60
C LEU D 260 2.36 -20.26 25.43
N LEU D 261 2.64 -21.08 26.45
CA LEU D 261 2.32 -22.49 26.41
C LEU D 261 1.43 -22.86 27.59
N TYR D 262 0.52 -23.80 27.35
CA TYR D 262 -0.41 -24.30 28.38
C TYR D 262 -0.33 -25.82 28.37
N CYS D 263 0.45 -26.38 29.29
CA CYS D 263 0.72 -27.82 29.30
C CYS D 263 0.91 -28.25 30.75
N THR D 264 1.24 -29.53 30.94
CA THR D 264 1.58 -30.07 32.26
C THR D 264 3.08 -30.31 32.31
N LYS D 265 3.56 -30.70 33.50
CA LYS D 265 4.99 -30.64 33.80
C LYS D 265 5.80 -31.54 32.87
N GLU D 266 5.42 -32.82 32.77
CA GLU D 266 6.20 -33.75 31.96
C GLU D 266 6.15 -33.38 30.48
N GLU D 267 4.97 -33.02 29.97
CA GLU D 267 4.88 -32.62 28.57
C GLU D 267 5.50 -31.25 28.35
N ALA D 268 5.52 -30.40 29.39
CA ALA D 268 6.28 -29.16 29.30
C ALA D 268 7.75 -29.43 29.10
N THR D 269 8.30 -30.38 29.86
CA THR D 269 9.70 -30.77 29.68
C THR D 269 9.93 -31.36 28.29
N TYR D 270 8.99 -32.18 27.82
CA TYR D 270 9.09 -32.75 26.48
C TYR D 270 9.15 -31.65 25.41
N ILE D 271 8.22 -30.70 25.47
CA ILE D 271 8.18 -29.63 24.48
C ILE D 271 9.41 -28.75 24.58
N PHE D 272 9.89 -28.50 25.80
CA PHE D 272 11.09 -27.68 25.97
C PHE D 272 12.31 -28.37 25.37
N GLU D 273 12.43 -29.68 25.57
CA GLU D 273 13.53 -30.43 24.96
C GLU D 273 13.44 -30.40 23.44
N VAL D 274 12.23 -30.56 22.90
CA VAL D 274 12.06 -30.51 21.45
C VAL D 274 12.45 -29.15 20.91
N ALA D 275 12.02 -28.07 21.58
CA ALA D 275 12.37 -26.74 21.15
C ALA D 275 13.86 -26.49 21.24
N ASN D 276 14.51 -26.99 22.30
CA ASN D 276 15.96 -26.84 22.42
C ASN D 276 16.67 -27.58 21.30
N SER D 277 16.14 -28.73 20.88
CA SER D 277 16.73 -29.44 19.76
C SER D 277 16.64 -28.63 18.47
N VAL D 278 15.50 -27.99 18.22
CA VAL D 278 15.34 -27.18 17.02
C VAL D 278 15.85 -25.75 17.21
N GLY D 279 15.96 -25.29 18.46
CA GLY D 279 16.56 -24.00 18.73
C GLY D 279 15.66 -22.78 18.59
N LEU D 280 14.61 -22.69 19.40
CA LEU D 280 13.78 -21.50 19.46
C LEU D 280 13.78 -20.86 20.85
N THR D 281 14.84 -21.07 21.63
CA THR D 281 14.93 -20.48 22.97
C THR D 281 16.33 -19.96 23.25
N GLY D 282 17.03 -19.49 22.23
CA GLY D 282 18.43 -19.14 22.38
C GLY D 282 18.72 -17.90 23.20
N TYR D 283 18.39 -16.72 22.69
CA TYR D 283 18.77 -15.48 23.35
C TYR D 283 17.58 -14.61 23.73
N GLY D 284 16.72 -14.27 22.77
CA GLY D 284 15.70 -13.27 23.01
C GLY D 284 14.31 -13.81 23.28
N TYR D 285 14.06 -15.07 22.92
CA TYR D 285 12.73 -15.63 23.07
C TYR D 285 12.38 -15.80 24.55
N THR D 286 11.11 -15.58 24.87
CA THR D 286 10.63 -15.61 26.25
C THR D 286 9.39 -16.50 26.34
N TRP D 287 9.30 -17.25 27.42
CA TRP D 287 8.18 -18.16 27.66
C TRP D 287 7.43 -17.75 28.91
N ILE D 288 6.10 -17.77 28.84
CA ILE D 288 5.23 -17.48 29.96
C ILE D 288 4.29 -18.67 30.14
N VAL D 289 4.23 -19.19 31.37
CA VAL D 289 3.49 -20.42 31.64
C VAL D 289 2.50 -20.20 32.77
N PRO D 290 1.40 -20.96 32.84
CA PRO D 290 0.44 -20.81 33.94
C PRO D 290 0.94 -21.44 35.24
N SER D 291 0.09 -21.41 36.27
CA SER D 291 0.50 -21.88 37.59
C SER D 291 0.76 -23.38 37.62
N LEU D 292 -0.11 -24.16 36.96
CA LEU D 292 -0.01 -25.62 37.08
C LEU D 292 1.20 -26.17 36.35
N VAL D 293 1.87 -25.37 35.53
CA VAL D 293 3.11 -25.82 34.89
C VAL D 293 4.19 -26.01 35.94
N ALA D 294 4.38 -25.01 36.81
CA ALA D 294 5.35 -25.12 37.89
C ALA D 294 4.94 -26.22 38.87
N GLY D 295 3.70 -26.16 39.34
CA GLY D 295 3.17 -27.18 40.23
C GLY D 295 3.71 -27.08 41.64
N ASP D 296 5.00 -27.38 41.81
CA ASP D 296 5.68 -27.32 43.09
C ASP D 296 6.93 -26.48 42.93
N THR D 297 7.01 -25.38 43.71
CA THR D 297 8.17 -24.50 43.66
C THR D 297 9.43 -25.16 44.21
N ASP D 298 9.30 -26.15 45.09
CA ASP D 298 10.46 -26.74 45.76
C ASP D 298 11.40 -27.40 44.75
N THR D 299 10.85 -28.14 43.79
CA THR D 299 11.65 -28.88 42.82
C THR D 299 11.68 -28.13 41.49
N VAL D 300 12.85 -28.15 40.85
CA VAL D 300 13.05 -27.47 39.57
C VAL D 300 13.68 -28.44 38.58
N PRO D 301 12.96 -28.87 37.55
CA PRO D 301 13.57 -29.71 36.52
C PRO D 301 14.66 -28.96 35.76
N SER D 302 15.66 -29.71 35.30
CA SER D 302 16.77 -29.11 34.58
C SER D 302 16.40 -28.73 33.15
N GLU D 303 15.31 -29.28 32.61
CA GLU D 303 14.94 -29.02 31.23
C GLU D 303 14.45 -27.59 31.00
N PHE D 304 14.11 -26.86 32.06
CA PHE D 304 13.57 -25.52 31.89
C PHE D 304 14.69 -24.54 31.55
N PRO D 305 14.56 -23.78 30.47
CA PRO D 305 15.55 -22.77 30.14
C PRO D 305 15.50 -21.59 31.09
N THR D 306 16.63 -20.89 31.17
CA THR D 306 16.75 -19.74 32.06
C THR D 306 15.84 -18.60 31.58
N GLY D 307 15.16 -17.97 32.52
CA GLY D 307 14.30 -16.84 32.23
C GLY D 307 12.83 -17.15 32.06
N LEU D 308 12.38 -18.35 32.42
CA LEU D 308 10.97 -18.69 32.30
C LEU D 308 10.16 -17.86 33.29
N ILE D 309 9.02 -17.36 32.82
CA ILE D 309 8.13 -16.50 33.61
C ILE D 309 6.86 -17.26 33.92
N SER D 310 6.43 -17.20 35.18
CA SER D 310 5.23 -17.89 35.61
C SER D 310 4.51 -17.07 36.67
N VAL D 311 3.23 -17.36 36.85
CA VAL D 311 2.40 -16.77 37.89
C VAL D 311 1.82 -17.91 38.73
N SER D 312 1.84 -17.74 40.05
CA SER D 312 1.40 -18.79 40.95
C SER D 312 0.85 -18.17 42.22
N TYR D 313 0.11 -18.97 42.98
CA TYR D 313 -0.49 -18.50 44.22
C TYR D 313 0.58 -18.23 45.26
N ASP D 314 0.30 -17.30 46.15
CA ASP D 314 1.29 -16.83 47.13
C ASP D 314 1.50 -17.90 48.19
N GLU D 315 2.57 -18.69 48.03
CA GLU D 315 2.95 -19.66 49.05
C GLU D 315 3.83 -19.03 50.12
N TRP D 316 4.63 -18.04 49.74
CA TRP D 316 5.58 -17.45 50.69
C TRP D 316 4.86 -16.61 51.75
N ASP D 317 4.15 -15.57 51.32
CA ASP D 317 3.52 -14.65 52.26
C ASP D 317 2.38 -15.33 53.02
N TYR D 318 1.53 -16.07 52.32
CA TYR D 318 0.32 -16.62 52.90
C TYR D 318 0.58 -18.05 53.37
N GLY D 319 0.19 -18.32 54.61
CA GLY D 319 0.54 -19.58 55.26
C GLY D 319 -0.60 -20.55 55.46
N LEU D 320 -0.24 -21.80 55.77
CA LEU D 320 -1.25 -22.84 55.98
C LEU D 320 -2.20 -22.53 57.14
N PRO D 321 -1.76 -22.10 58.32
CA PRO D 321 -2.73 -21.79 59.39
C PRO D 321 -3.76 -20.76 59.00
N ALA D 322 -3.37 -19.75 58.21
CA ALA D 322 -4.33 -18.75 57.76
C ALA D 322 -5.42 -19.39 56.91
N ARG D 323 -5.05 -20.35 56.06
CA ARG D 323 -6.03 -20.99 55.19
C ARG D 323 -7.10 -21.71 56.00
N VAL D 324 -6.70 -22.56 56.95
CA VAL D 324 -7.69 -23.29 57.74
C VAL D 324 -8.46 -22.35 58.65
N ARG D 325 -7.80 -21.30 59.16
CA ARG D 325 -8.52 -20.33 59.97
C ARG D 325 -9.63 -19.66 59.17
N ASP D 326 -9.32 -19.23 57.95
CA ASP D 326 -10.33 -18.61 57.11
C ASP D 326 -11.42 -19.60 56.74
N GLY D 327 -11.05 -20.84 56.45
CA GLY D 327 -12.06 -21.85 56.12
C GLY D 327 -13.00 -22.12 57.28
N ILE D 328 -12.46 -22.28 58.49
CA ILE D 328 -13.29 -22.47 59.67
C ILE D 328 -14.20 -21.28 59.87
N ALA D 329 -13.63 -20.07 59.75
CA ALA D 329 -14.43 -18.86 59.95
C ALA D 329 -15.59 -18.80 58.99
N ILE D 330 -15.33 -19.04 57.69
CA ILE D 330 -16.39 -18.95 56.70
C ILE D 330 -17.43 -20.05 56.90
N ILE D 331 -16.99 -21.26 57.28
CA ILE D 331 -17.95 -22.34 57.49
C ILE D 331 -18.88 -22.02 58.64
N THR D 332 -18.32 -21.62 59.79
CA THR D 332 -19.16 -21.32 60.94
C THR D 332 -20.06 -20.11 60.69
N THR D 333 -19.54 -19.06 60.03
CA THR D 333 -20.37 -17.89 59.81
C THR D 333 -21.45 -18.17 58.78
N ALA D 334 -21.19 -19.06 57.81
CA ALA D 334 -22.23 -19.47 56.88
C ALA D 334 -23.31 -20.28 57.60
N ALA D 335 -22.90 -21.15 58.52
CA ALA D 335 -23.88 -21.90 59.31
C ALA D 335 -24.72 -20.95 60.16
N SER D 336 -24.09 -19.93 60.75
CA SER D 336 -24.82 -18.96 61.55
C SER D 336 -25.80 -18.14 60.69
N ASP D 337 -25.34 -17.69 59.52
CA ASP D 337 -26.20 -16.87 58.66
C ASP D 337 -27.33 -17.68 58.07
N MET D 338 -27.13 -18.96 57.84
CA MET D 338 -28.19 -19.83 57.35
C MET D 338 -29.19 -20.20 58.43
N LEU D 339 -28.91 -19.87 59.69
CA LEU D 339 -29.80 -20.17 60.81
C LEU D 339 -30.34 -18.90 61.46
N SER D 340 -30.26 -17.76 60.76
CA SER D 340 -30.77 -16.50 61.27
C SER D 340 -31.90 -15.93 60.44
N GLU D 341 -31.71 -15.78 59.12
CA GLU D 341 -32.77 -15.27 58.27
C GLU D 341 -33.95 -16.23 58.21
N HIS D 342 -33.67 -17.54 58.13
CA HIS D 342 -34.70 -18.61 58.07
C HIS D 342 -34.78 -19.43 59.35
N SER D 343 -33.76 -19.38 60.16
CA SER D 343 -33.67 -20.08 61.44
C SER D 343 -33.53 -21.60 61.27
N PHE D 344 -33.53 -22.11 60.05
CA PHE D 344 -33.39 -23.55 59.83
C PHE D 344 -31.95 -23.99 60.09
N ILE D 345 -31.81 -25.23 60.55
CA ILE D 345 -30.49 -25.81 60.82
C ILE D 345 -30.42 -27.18 60.17
N PRO D 346 -29.48 -27.42 59.25
CA PRO D 346 -29.37 -28.73 58.61
C PRO D 346 -28.62 -29.71 59.49
N GLU D 347 -29.34 -30.67 60.06
CA GLU D 347 -28.76 -31.72 60.89
C GLU D 347 -29.37 -33.07 60.50
N PRO D 348 -29.07 -33.58 59.31
CA PRO D 348 -29.61 -34.88 58.90
C PRO D 348 -28.84 -36.02 59.55
N LYS D 349 -29.28 -37.24 59.23
CA LYS D 349 -28.62 -38.46 59.71
C LYS D 349 -27.36 -38.69 58.89
N SER D 350 -26.24 -38.16 59.37
CA SER D 350 -24.95 -38.26 58.66
C SER D 350 -24.38 -39.64 58.89
N SER D 351 -24.58 -40.53 57.93
CA SER D 351 -24.08 -41.90 57.99
C SER D 351 -23.21 -42.19 56.78
N CYS D 352 -22.45 -43.29 56.86
CA CYS D 352 -21.65 -43.78 55.74
C CYS D 352 -22.45 -44.71 54.84
N TYR D 353 -23.04 -45.76 55.41
CA TYR D 353 -23.94 -46.61 54.66
C TYR D 353 -25.38 -46.11 54.81
N ASN D 354 -26.26 -46.61 53.94
CA ASN D 354 -27.68 -46.24 53.93
C ASN D 354 -27.84 -44.73 53.76
N THR D 355 -27.31 -44.23 52.64
CA THR D 355 -27.33 -42.81 52.33
C THR D 355 -28.22 -42.48 51.14
N HIS D 356 -28.83 -43.47 50.50
CA HIS D 356 -29.68 -43.20 49.34
C HIS D 356 -30.95 -42.47 49.74
N GLU D 357 -31.42 -42.64 50.97
CA GLU D 357 -32.62 -41.99 51.46
C GLU D 357 -32.35 -40.65 52.14
N LYS D 358 -31.09 -40.22 52.20
CA LYS D 358 -30.73 -38.96 52.84
C LYS D 358 -31.10 -37.74 52.00
N ARG D 359 -31.53 -37.93 50.76
CA ARG D 359 -31.86 -36.84 49.86
C ARG D 359 -33.21 -36.18 50.18
N ILE D 360 -33.89 -36.62 51.26
CA ILE D 360 -35.17 -36.02 51.60
C ILE D 360 -35.01 -34.57 52.00
N TYR D 361 -33.91 -34.25 52.69
CA TYR D 361 -33.66 -32.87 53.13
C TYR D 361 -32.70 -32.19 52.16
N GLN D 362 -33.21 -31.94 50.95
CA GLN D 362 -32.45 -31.21 49.95
C GLN D 362 -32.18 -29.80 50.45
N SER D 363 -30.92 -29.38 50.42
CA SER D 363 -30.53 -28.09 50.98
C SER D 363 -31.21 -26.94 50.28
N ASN D 364 -30.87 -26.73 49.00
CA ASN D 364 -31.45 -25.74 48.09
C ASN D 364 -31.17 -24.31 48.53
N MET D 365 -30.55 -24.09 49.70
CA MET D 365 -30.24 -22.75 50.15
C MET D 365 -28.86 -22.60 50.77
N LEU D 366 -28.18 -23.70 51.12
CA LEU D 366 -26.85 -23.59 51.71
C LEU D 366 -25.86 -22.98 50.72
N ASN D 367 -25.94 -23.38 49.45
CA ASN D 367 -25.09 -22.77 48.42
C ASN D 367 -25.38 -21.29 48.27
N ARG D 368 -26.64 -20.88 48.46
CA ARG D 368 -26.99 -19.46 48.34
C ARG D 368 -26.32 -18.64 49.42
N TYR D 369 -26.22 -19.18 50.64
CA TYR D 369 -25.61 -18.46 51.75
C TYR D 369 -24.13 -18.78 51.93
N LEU D 370 -23.55 -19.59 51.05
CA LEU D 370 -22.14 -19.95 51.12
C LEU D 370 -21.29 -19.20 50.09
N ILE D 371 -21.91 -18.56 49.11
CA ILE D 371 -21.19 -17.86 48.06
C ILE D 371 -21.07 -16.37 48.35
N ASN D 372 -21.26 -15.97 49.60
CA ASN D 372 -21.11 -14.56 50.00
C ASN D 372 -20.72 -14.54 51.46
N VAL D 373 -19.54 -13.98 51.77
CA VAL D 373 -19.00 -14.01 53.12
C VAL D 373 -18.06 -12.82 53.30
N THR D 374 -17.92 -12.39 54.55
CA THR D 374 -17.01 -11.29 54.90
C THR D 374 -16.32 -11.63 56.22
N PHE D 375 -15.03 -11.35 56.28
CA PHE D 375 -14.21 -11.60 57.47
C PHE D 375 -13.36 -10.38 57.80
N GLU D 376 -13.99 -9.21 57.79
CA GLU D 376 -13.35 -7.95 58.19
C GLU D 376 -12.14 -7.64 57.31
N GLY D 377 -12.42 -7.41 56.02
CA GLY D 377 -11.40 -7.05 55.05
C GLY D 377 -11.04 -8.15 54.08
N ARG D 378 -11.29 -9.41 54.43
CA ARG D 378 -11.01 -10.53 53.54
C ARG D 378 -12.25 -10.80 52.70
N ASN D 379 -12.15 -10.52 51.40
CA ASN D 379 -13.24 -10.76 50.47
C ASN D 379 -13.11 -12.16 49.89
N LEU D 380 -14.06 -13.04 50.22
CA LEU D 380 -14.03 -14.44 49.81
C LEU D 380 -15.33 -14.80 49.10
N SER D 381 -15.75 -13.96 48.17
CA SER D 381 -16.98 -14.18 47.41
C SER D 381 -16.70 -15.21 46.32
N PHE D 382 -17.08 -16.45 46.57
CA PHE D 382 -16.87 -17.52 45.60
C PHE D 382 -17.82 -17.38 44.41
N SER D 383 -17.33 -17.79 43.24
CA SER D 383 -18.19 -17.86 42.07
C SER D 383 -19.05 -19.12 42.12
N GLU D 384 -20.06 -19.16 41.25
CA GLU D 384 -20.97 -20.30 41.22
C GLU D 384 -20.29 -21.56 40.71
N ASP D 385 -19.24 -21.42 39.91
CA ASP D 385 -18.56 -22.60 39.37
C ASP D 385 -17.82 -23.37 40.45
N GLY D 386 -17.15 -22.67 41.36
CA GLY D 386 -16.40 -23.31 42.41
C GLY D 386 -15.07 -22.66 42.71
N TYR D 387 -14.63 -21.77 41.84
CA TYR D 387 -13.36 -21.07 42.01
C TYR D 387 -13.57 -19.73 42.70
N GLN D 388 -12.47 -19.14 43.16
CA GLN D 388 -12.51 -17.89 43.89
C GLN D 388 -12.38 -16.71 42.94
N MET D 389 -12.84 -15.54 43.39
CA MET D 389 -12.91 -14.34 42.57
C MET D 389 -11.76 -13.37 42.82
N HIS D 390 -11.31 -13.22 44.07
CA HIS D 390 -10.31 -12.22 44.44
C HIS D 390 -9.16 -12.89 45.19
N PRO D 391 -8.24 -13.55 44.48
CA PRO D 391 -7.06 -14.11 45.14
C PRO D 391 -5.93 -13.09 45.25
N LYS D 392 -4.77 -13.53 45.73
CA LYS D 392 -3.57 -12.70 45.83
C LYS D 392 -2.42 -13.47 45.17
N LEU D 393 -2.26 -13.28 43.87
CA LEU D 393 -1.22 -13.99 43.13
C LEU D 393 0.10 -13.23 43.17
N VAL D 394 1.18 -13.95 42.89
CA VAL D 394 2.51 -13.38 42.75
C VAL D 394 3.12 -13.92 41.47
N ILE D 395 4.14 -13.21 40.98
CA ILE D 395 4.84 -13.56 39.75
C ILE D 395 6.25 -14.00 40.11
N ILE D 396 6.65 -15.15 39.58
CA ILE D 396 7.95 -15.73 39.89
C ILE D 396 8.79 -15.81 38.62
N LEU D 397 10.11 -15.80 38.79
CA LEU D 397 11.05 -15.85 37.69
C LEU D 397 12.14 -16.86 37.99
N LEU D 398 12.56 -17.60 36.97
CA LEU D 398 13.62 -18.58 37.09
C LEU D 398 14.90 -17.96 36.53
N ASN D 399 15.74 -17.44 37.43
CA ASN D 399 16.98 -16.79 37.03
C ASN D 399 18.05 -17.85 36.74
N LYS D 400 19.32 -17.41 36.64
CA LYS D 400 20.39 -18.30 36.19
C LYS D 400 20.50 -19.53 37.09
N GLU D 401 20.60 -19.33 38.40
CA GLU D 401 20.57 -20.44 39.34
C GLU D 401 19.15 -20.97 39.42
N ARG D 402 19.01 -22.29 39.55
CA ARG D 402 17.69 -22.91 39.50
C ARG D 402 16.97 -22.60 40.81
N LYS D 403 16.19 -21.52 40.81
CA LYS D 403 15.42 -21.06 41.95
C LYS D 403 14.45 -19.99 41.48
N TRP D 404 13.28 -19.96 42.12
CA TRP D 404 12.22 -19.02 41.75
C TRP D 404 12.28 -17.80 42.67
N GLU D 405 12.24 -16.61 42.07
CA GLU D 405 12.31 -15.37 42.81
C GLU D 405 10.90 -14.81 43.04
N ARG D 406 10.84 -13.64 43.67
CA ARG D 406 9.58 -12.95 43.97
C ARG D 406 9.61 -11.62 43.23
N VAL D 407 8.94 -11.58 42.07
CA VAL D 407 9.09 -10.46 41.16
C VAL D 407 8.07 -9.36 41.47
N GLY D 408 6.82 -9.72 41.69
CA GLY D 408 5.80 -8.71 41.90
C GLY D 408 4.51 -9.32 42.40
N LYS D 409 3.55 -8.45 42.69
CA LYS D 409 2.25 -8.83 43.21
C LYS D 409 1.15 -8.39 42.25
N TRP D 410 -0.03 -8.96 42.43
CA TRP D 410 -1.21 -8.63 41.65
C TRP D 410 -2.44 -8.64 42.55
N LYS D 411 -3.32 -7.64 42.37
CA LYS D 411 -4.53 -7.55 43.16
C LYS D 411 -5.52 -6.57 42.54
N ASP D 412 -6.78 -7.00 42.37
CA ASP D 412 -7.86 -6.14 41.90
C ASP D 412 -7.51 -5.46 40.58
N LYS D 413 -6.93 -6.23 39.66
CA LYS D 413 -6.56 -5.73 38.33
C LYS D 413 -5.61 -4.54 38.39
N SER D 414 -4.74 -4.53 39.41
CA SER D 414 -3.75 -3.47 39.60
C SER D 414 -2.39 -4.14 39.77
N LEU D 415 -1.70 -4.37 38.66
CA LEU D 415 -0.40 -5.05 38.67
C LEU D 415 0.67 -4.02 39.03
N GLN D 416 1.08 -4.02 40.29
CA GLN D 416 2.15 -3.15 40.77
C GLN D 416 3.46 -3.92 40.75
N MET D 417 4.43 -3.40 40.00
CA MET D 417 5.68 -4.10 39.73
C MET D 417 6.78 -3.58 40.65
N LYS D 418 7.87 -4.36 40.73
CA LYS D 418 9.05 -3.98 41.47
C LYS D 418 10.24 -3.61 40.59
N TYR D 419 10.22 -4.02 39.32
CA TYR D 419 11.26 -3.66 38.37
C TYR D 419 10.65 -2.77 37.30
N TYR D 420 11.22 -1.57 37.13
CA TYR D 420 10.68 -0.64 36.13
C TYR D 420 11.08 -1.05 34.73
N VAL D 421 12.28 -1.61 34.55
CA VAL D 421 12.78 -2.00 33.25
C VAL D 421 13.21 -3.46 33.31
N TRP D 422 12.77 -4.22 32.32
CA TRP D 422 13.07 -5.65 32.29
C TRP D 422 14.57 -5.88 32.17
N PRO D 423 15.16 -6.73 33.01
CA PRO D 423 16.60 -7.04 32.86
C PRO D 423 16.89 -7.79 31.58
N ARG D 424 17.67 -7.17 30.69
CA ARG D 424 17.97 -7.78 29.40
C ARG D 424 18.80 -9.04 29.57
N MET D 425 18.54 -10.02 28.71
CA MET D 425 19.25 -11.29 28.74
C MET D 425 20.68 -11.13 28.26
N ASP D 434 26.33 -6.27 20.11
CA ASP D 434 24.97 -5.96 20.54
C ASP D 434 24.27 -5.04 19.54
N ASP D 435 23.00 -5.33 19.27
CA ASP D 435 22.18 -4.54 18.35
C ASP D 435 20.95 -3.99 19.06
N HIS D 436 21.15 -3.49 20.28
CA HIS D 436 20.08 -2.88 21.07
C HIS D 436 20.52 -1.47 21.43
N LEU D 437 20.04 -0.48 20.70
CA LEU D 437 20.52 0.89 20.80
C LEU D 437 19.63 1.73 21.70
N SER D 438 20.15 2.89 22.08
CA SER D 438 19.41 3.90 22.82
C SER D 438 19.32 5.16 21.97
N ILE D 439 18.24 5.92 22.16
CA ILE D 439 17.97 7.10 21.36
C ILE D 439 17.43 8.20 22.26
N VAL D 440 17.96 9.42 22.09
CA VAL D 440 17.47 10.59 22.81
C VAL D 440 16.64 11.43 21.84
N THR D 441 15.63 12.10 22.39
CA THR D 441 14.67 12.81 21.55
C THR D 441 14.12 14.01 22.32
N LEU D 442 13.77 15.05 21.57
CA LEU D 442 13.12 16.23 22.12
C LEU D 442 11.90 16.56 21.26
N GLU D 443 10.86 17.08 21.90
CA GLU D 443 9.60 17.34 21.22
C GLU D 443 9.69 18.61 20.36
N GLU D 444 9.13 18.51 19.16
CA GLU D 444 8.94 19.65 18.27
C GLU D 444 7.59 19.47 17.59
N ALA D 445 6.85 20.57 17.43
CA ALA D 445 5.44 20.53 17.07
C ALA D 445 5.13 19.65 15.86
N PRO D 446 5.85 19.79 14.72
CA PRO D 446 5.51 18.92 13.58
C PRO D 446 6.31 17.63 13.52
N PHE D 447 7.39 17.54 14.29
CA PHE D 447 8.26 16.37 14.20
C PHE D 447 8.06 15.37 15.33
N VAL D 448 8.00 15.83 16.58
CA VAL D 448 7.84 14.95 17.73
C VAL D 448 6.72 15.49 18.60
N ILE D 449 5.64 14.72 18.73
CA ILE D 449 4.49 15.09 19.55
C ILE D 449 4.41 14.11 20.71
N VAL D 450 4.32 14.63 21.93
CA VAL D 450 4.29 13.82 23.14
C VAL D 450 2.92 13.94 23.77
N GLU D 451 2.36 12.78 24.16
CA GLU D 451 1.03 12.73 24.75
C GLU D 451 1.05 11.98 26.07
N SER D 452 -0.13 11.70 26.62
CA SER D 452 -0.28 10.92 27.83
C SER D 452 -1.00 9.61 27.50
N VAL D 453 -0.70 8.58 28.29
CA VAL D 453 -1.24 7.25 28.03
C VAL D 453 -2.75 7.25 28.19
N ASP D 454 -3.38 6.24 27.59
CA ASP D 454 -4.82 6.08 27.74
C ASP D 454 -5.08 5.60 29.17
N PRO D 455 -5.84 6.35 29.98
CA PRO D 455 -6.02 5.93 31.38
C PRO D 455 -6.85 4.67 31.55
N LEU D 456 -7.61 4.26 30.52
CA LEU D 456 -8.35 3.01 30.61
C LEU D 456 -7.42 1.81 30.77
N SER D 457 -6.33 1.78 29.99
CA SER D 457 -5.45 0.62 29.94
C SER D 457 -4.05 0.88 30.47
N GLY D 458 -3.66 2.13 30.69
CA GLY D 458 -2.34 2.46 31.15
C GLY D 458 -1.28 2.60 30.07
N THR D 459 -1.65 2.40 28.81
CA THR D 459 -0.75 2.60 27.68
C THR D 459 -1.55 3.22 26.55
N CYS D 460 -0.85 3.64 25.50
CA CYS D 460 -1.48 4.34 24.38
C CYS D 460 -1.55 3.44 23.16
N MET D 461 -2.38 3.85 22.19
CA MET D 461 -2.84 2.98 21.13
C MET D 461 -1.79 2.92 20.01
N ARG D 462 -2.19 2.37 18.86
CA ARG D 462 -1.26 1.96 17.81
C ARG D 462 -0.59 3.18 17.16
N ASN D 463 0.37 2.88 16.27
CA ASN D 463 1.13 3.88 15.53
C ASN D 463 1.85 4.85 16.48
N THR D 464 2.35 4.32 17.59
CA THR D 464 3.01 5.14 18.60
C THR D 464 3.98 4.26 19.37
N VAL D 465 5.14 4.82 19.71
CA VAL D 465 6.16 4.09 20.45
C VAL D 465 6.29 4.68 21.85
N PRO D 466 6.57 3.86 22.86
CA PRO D 466 6.70 4.40 24.22
C PRO D 466 8.00 5.19 24.37
N CYS D 467 7.90 6.34 25.04
CA CYS D 467 9.04 7.19 25.33
C CYS D 467 8.91 7.69 26.76
N GLN D 468 9.94 7.44 27.52
CA GLN D 468 9.91 7.77 28.90
C GLN D 468 10.81 8.75 29.46
N LYS D 469 10.19 9.80 29.90
CA LYS D 469 10.85 10.95 30.37
C LYS D 469 10.89 10.98 31.77
N ARG D 470 12.11 11.07 32.26
CA ARG D 470 12.48 11.04 33.65
C ARG D 470 12.42 12.32 34.38
N ILE D 471 11.87 12.25 35.59
CA ILE D 471 11.41 13.38 36.39
C ILE D 471 12.24 13.46 37.67
N ILE D 472 12.54 14.69 38.08
CA ILE D 472 13.28 14.96 39.30
C ILE D 472 12.48 15.94 40.14
N SER D 473 12.41 15.69 41.45
CA SER D 473 11.62 16.51 42.35
C SER D 473 12.39 17.78 42.70
N GLU D 474 11.93 18.50 43.72
CA GLU D 474 12.54 19.77 44.10
C GLU D 474 13.96 19.56 44.62
N ASN D 475 14.72 20.65 44.67
CA ASN D 475 16.11 20.59 45.12
C ASN D 475 16.25 20.37 46.62
N LYS D 476 15.18 20.58 47.40
CA LYS D 476 15.27 20.35 48.84
C LYS D 476 15.53 18.87 49.15
N THR D 477 14.84 17.99 48.44
CA THR D 477 15.07 16.55 48.56
C THR D 477 14.64 15.89 47.27
N ASP D 478 15.34 14.82 46.90
CA ASP D 478 15.15 14.17 45.61
C ASP D 478 14.79 12.71 45.82
N GLU D 479 14.19 12.11 44.80
CA GLU D 479 13.70 10.75 44.85
C GLU D 479 14.52 9.86 43.92
N GLU D 480 14.77 8.64 44.37
CA GLU D 480 15.55 7.64 43.64
C GLU D 480 14.64 6.98 42.60
N PRO D 481 15.20 6.30 41.54
CA PRO D 481 14.48 6.13 40.26
C PRO D 481 13.08 6.72 40.16
N GLY D 482 13.01 8.04 39.93
CA GLY D 482 11.74 8.68 39.63
C GLY D 482 11.50 8.75 38.15
N TYR D 483 10.58 7.91 37.64
CA TYR D 483 10.31 7.80 36.22
C TYR D 483 8.81 7.86 35.97
N ILE D 484 8.43 8.45 34.84
CA ILE D 484 7.05 8.41 34.36
C ILE D 484 7.09 7.97 32.90
N LYS D 485 6.02 7.33 32.45
CA LYS D 485 5.96 6.74 31.12
C LYS D 485 4.97 7.51 30.26
N LYS D 486 5.44 7.97 29.11
CA LYS D 486 4.61 8.56 28.06
C LYS D 486 4.92 7.85 26.75
N CYS D 487 4.37 8.36 25.66
CA CYS D 487 4.68 7.78 24.35
C CYS D 487 4.70 8.88 23.30
N CYS D 488 5.69 8.81 22.42
CA CYS D 488 5.96 9.83 21.43
C CYS D 488 5.48 9.39 20.05
N LYS D 489 5.11 10.38 19.23
CA LYS D 489 4.72 10.13 17.85
C LYS D 489 4.99 11.39 17.03
N GLY D 490 5.17 11.21 15.73
CA GLY D 490 5.42 12.35 14.87
C GLY D 490 6.02 11.91 13.54
N PHE D 491 6.60 12.88 12.84
CA PHE D 491 7.11 12.64 11.49
C PHE D 491 8.34 11.74 11.52
N CYS D 492 9.32 12.05 12.37
CA CYS D 492 10.55 11.29 12.39
C CYS D 492 10.39 9.92 13.01
N ILE D 493 9.34 9.71 13.80
CA ILE D 493 9.10 8.40 14.39
C ILE D 493 8.80 7.36 13.30
N ASP D 494 8.09 7.77 12.26
CA ASP D 494 7.83 6.87 11.13
C ASP D 494 9.13 6.48 10.44
N ILE D 495 10.02 7.44 10.22
CA ILE D 495 11.30 7.15 9.60
C ILE D 495 12.11 6.21 10.49
N LEU D 496 12.09 6.44 11.80
CA LEU D 496 12.79 5.56 12.73
C LEU D 496 12.25 4.15 12.67
N LYS D 497 10.92 4.01 12.64
CA LYS D 497 10.31 2.68 12.55
C LYS D 497 10.71 1.98 11.27
N LYS D 498 10.66 2.69 10.14
CA LYS D 498 11.02 2.08 8.86
C LYS D 498 12.49 1.67 8.83
N ILE D 499 13.37 2.52 9.37
CA ILE D 499 14.79 2.19 9.40
C ILE D 499 15.03 0.97 10.29
N SER D 500 14.38 0.92 11.45
CA SER D 500 14.55 -0.22 12.35
C SER D 500 14.06 -1.51 11.71
N LYS D 501 12.94 -1.45 11.01
CA LYS D 501 12.45 -2.63 10.31
C LYS D 501 13.39 -3.03 9.18
N SER D 502 13.99 -2.05 8.50
CA SER D 502 14.84 -2.36 7.35
C SER D 502 16.18 -2.97 7.77
N VAL D 503 16.83 -2.43 8.79
CA VAL D 503 18.19 -2.82 9.12
C VAL D 503 18.26 -3.62 10.43
N LYS D 504 17.11 -4.02 10.97
CA LYS D 504 17.02 -5.04 12.02
C LYS D 504 17.82 -4.66 13.27
N PHE D 505 17.37 -3.62 13.95
CA PHE D 505 17.86 -3.30 15.29
C PHE D 505 16.70 -2.85 16.16
N THR D 506 16.94 -2.81 17.46
CA THR D 506 15.94 -2.40 18.44
C THR D 506 16.35 -1.08 19.07
N TYR D 507 15.40 -0.44 19.74
CA TYR D 507 15.61 0.91 20.24
C TYR D 507 14.70 1.14 21.46
N ASP D 508 15.02 2.19 22.20
CA ASP D 508 14.21 2.61 23.34
C ASP D 508 14.41 4.11 23.59
N LEU D 509 13.45 4.92 23.16
CA LEU D 509 13.56 6.36 23.26
C LEU D 509 13.49 6.81 24.72
N TYR D 510 14.00 8.02 24.96
CA TYR D 510 13.84 8.67 26.25
C TYR D 510 14.13 10.16 26.07
N LEU D 511 13.26 11.00 26.60
CA LEU D 511 13.36 12.44 26.38
C LEU D 511 14.52 13.03 27.16
N VAL D 512 15.06 14.14 26.64
CA VAL D 512 16.14 14.85 27.30
C VAL D 512 15.57 15.83 28.32
N THR D 513 16.35 16.11 29.36
CA THR D 513 15.90 16.95 30.46
C THR D 513 16.67 18.25 30.59
N ASN D 514 17.95 18.27 30.25
CA ASN D 514 18.78 19.46 30.40
C ASN D 514 19.05 20.08 29.03
N GLY D 515 18.66 21.34 28.86
CA GLY D 515 18.82 22.01 27.59
C GLY D 515 17.76 21.57 26.59
N LYS D 516 17.85 22.14 25.39
CA LYS D 516 16.93 21.78 24.31
C LYS D 516 17.65 21.09 23.15
N HIS D 517 18.63 21.75 22.56
CA HIS D 517 19.32 21.18 21.40
C HIS D 517 20.83 21.13 21.58
N GLY D 518 21.43 22.15 22.16
CA GLY D 518 22.87 22.15 22.37
C GLY D 518 23.52 23.50 22.21
N LYS D 519 24.34 23.88 23.18
CA LYS D 519 25.09 25.13 23.13
C LYS D 519 26.42 24.93 23.84
N LYS D 520 27.50 25.26 23.16
CA LYS D 520 28.85 25.04 23.67
C LYS D 520 29.19 26.15 24.67
N ILE D 521 29.08 25.83 25.95
CA ILE D 521 29.36 26.77 27.03
C ILE D 521 30.54 26.25 27.85
N ASN D 522 31.60 27.05 27.95
CA ASN D 522 32.77 26.71 28.76
C ASN D 522 33.39 25.39 28.32
N GLY D 523 33.29 25.08 27.03
CA GLY D 523 33.83 23.84 26.52
C GLY D 523 33.04 22.60 26.87
N THR D 524 31.77 22.75 27.22
CA THR D 524 30.92 21.63 27.58
C THR D 524 29.57 21.76 26.89
N TRP D 525 29.04 20.63 26.44
CA TRP D 525 27.78 20.59 25.72
C TRP D 525 26.65 20.15 26.64
N ASN D 526 25.43 20.56 26.30
CA ASN D 526 24.24 20.21 27.06
C ASN D 526 23.08 20.02 26.11
N GLY D 527 22.39 18.88 26.22
CA GLY D 527 21.26 18.57 25.36
C GLY D 527 21.48 17.29 24.59
N MET D 528 20.94 17.25 23.37
CA MET D 528 21.16 16.11 22.49
C MET D 528 22.65 15.87 22.27
N ILE D 529 23.37 16.92 21.88
CA ILE D 529 24.80 16.80 21.68
C ILE D 529 25.51 16.43 22.98
N GLY D 530 25.08 17.03 24.09
CA GLY D 530 25.66 16.69 25.38
C GLY D 530 25.56 15.23 25.72
N GLU D 531 24.42 14.61 25.40
CA GLU D 531 24.25 13.18 25.67
C GLU D 531 25.05 12.34 24.69
N VAL D 532 25.07 12.73 23.41
CA VAL D 532 25.78 11.94 22.41
C VAL D 532 27.29 11.96 22.64
N VAL D 533 27.83 13.09 23.11
CA VAL D 533 29.29 13.23 23.24
C VAL D 533 29.84 12.21 24.23
N MET D 534 29.19 12.06 25.39
CA MET D 534 29.73 11.29 26.49
C MET D 534 29.20 9.87 26.54
N LYS D 535 28.95 9.26 25.38
CA LYS D 535 28.67 7.84 25.21
C LYS D 535 27.41 7.38 25.95
N ARG D 536 26.53 8.30 26.37
CA ARG D 536 25.36 7.91 27.12
C ARG D 536 24.13 7.69 26.25
N ALA D 537 24.13 8.17 25.01
CA ALA D 537 22.97 8.07 24.14
C ALA D 537 23.21 7.23 22.90
N TYR D 538 24.33 7.46 22.19
CA TYR D 538 24.78 6.77 21.00
C TYR D 538 23.97 7.17 19.76
N MET D 539 22.88 7.91 19.90
CA MET D 539 22.12 8.37 18.75
C MET D 539 21.22 9.52 19.19
N ALA D 540 20.79 10.31 18.21
CA ALA D 540 19.91 11.45 18.47
C ALA D 540 19.11 11.74 17.22
N VAL D 541 17.80 11.55 17.29
CA VAL D 541 16.89 11.79 16.17
C VAL D 541 15.95 12.93 16.57
N GLY D 542 15.69 13.83 15.63
CA GLY D 542 14.82 14.96 15.90
C GLY D 542 15.01 16.07 14.88
N SER D 543 15.17 17.30 15.35
CA SER D 543 15.41 18.46 14.49
C SER D 543 16.78 19.02 14.87
N LEU D 544 17.83 18.49 14.25
CA LEU D 544 19.20 18.94 14.48
C LEU D 544 19.76 19.45 13.16
N THR D 545 19.93 20.77 13.06
CA THR D 545 20.50 21.35 11.85
C THR D 545 21.97 20.97 11.73
N ILE D 546 22.44 20.87 10.49
CA ILE D 546 23.81 20.50 10.19
C ILE D 546 24.63 21.78 10.01
N ASN D 547 25.72 21.88 10.76
CA ASN D 547 26.60 23.04 10.67
C ASN D 547 28.01 22.62 11.07
N GLU D 548 28.97 23.51 10.80
CA GLU D 548 30.38 23.18 11.03
C GLU D 548 30.68 22.97 12.50
N GLU D 549 30.03 23.72 13.40
CA GLU D 549 30.36 23.64 14.82
C GLU D 549 30.04 22.27 15.39
N ARG D 550 28.92 21.68 15.00
CA ARG D 550 28.52 20.38 15.50
C ARG D 550 29.17 19.22 14.76
N SER D 551 29.51 19.39 13.49
CA SER D 551 30.05 18.32 12.67
C SER D 551 31.45 17.89 13.08
N GLU D 552 32.13 18.67 13.92
CA GLU D 552 33.49 18.35 14.34
C GLU D 552 33.53 17.46 15.58
N VAL D 553 32.38 17.12 16.15
CA VAL D 553 32.36 16.32 17.38
C VAL D 553 31.52 15.07 17.16
N VAL D 554 30.56 15.14 16.23
CA VAL D 554 29.67 14.04 15.92
C VAL D 554 29.70 13.78 14.42
N ASP D 555 29.00 12.73 14.01
CA ASP D 555 28.90 12.34 12.60
C ASP D 555 27.45 12.44 12.16
N PHE D 556 27.21 13.14 11.06
CA PHE D 556 25.87 13.34 10.54
C PHE D 556 25.65 12.46 9.31
N SER D 557 24.40 12.03 9.13
CA SER D 557 24.02 11.22 7.99
C SER D 557 23.54 12.12 6.85
N VAL D 558 22.96 11.53 5.82
CA VAL D 558 22.46 12.31 4.68
C VAL D 558 21.21 13.07 5.11
N PRO D 559 21.14 14.38 4.87
CA PRO D 559 19.93 15.11 5.25
C PRO D 559 18.74 14.72 4.38
N PHE D 560 17.58 14.62 5.03
CA PHE D 560 16.37 14.14 4.38
C PHE D 560 15.28 15.20 4.26
N ILE D 561 15.55 16.44 4.64
CA ILE D 561 14.59 17.52 4.49
C ILE D 561 15.35 18.84 4.41
N GLU D 562 14.94 19.70 3.48
CA GLU D 562 15.59 21.00 3.31
C GLU D 562 15.03 22.01 4.31
N THR D 563 15.93 22.80 4.89
CA THR D 563 15.53 23.82 5.85
C THR D 563 16.48 25.00 5.73
N GLY D 564 16.17 26.05 6.49
CA GLY D 564 16.99 27.24 6.50
C GLY D 564 16.53 28.27 7.52
N ILE D 565 16.74 29.54 7.22
CA ILE D 565 16.32 30.64 8.08
C ILE D 565 15.36 31.53 7.28
N SER D 566 14.20 31.81 7.85
CA SER D 566 13.16 32.56 7.17
C SER D 566 12.58 33.62 8.08
N VAL D 567 12.00 34.64 7.47
CA VAL D 567 11.38 35.75 8.18
C VAL D 567 9.89 35.70 7.93
N MET D 568 9.09 35.74 8.99
CA MET D 568 7.65 35.57 8.93
C MET D 568 6.99 36.83 9.50
N VAL D 569 6.15 37.48 8.68
CA VAL D 569 5.50 38.73 9.06
C VAL D 569 4.01 38.62 8.77
N SER D 570 3.25 39.46 9.47
CA SER D 570 1.80 39.46 9.30
C SER D 570 1.42 40.15 7.99
N ARG D 571 0.49 39.53 7.26
CA ARG D 571 -0.03 40.12 6.02
C ARG D 571 -0.90 41.33 6.37
N SER D 572 -0.45 42.52 5.99
CA SER D 572 -1.21 43.72 6.26
C SER D 572 -2.50 43.75 5.45
N ASN D 573 -3.51 44.41 6.01
CA ASN D 573 -4.81 44.52 5.36
C ASN D 573 -4.78 45.67 4.34
N GLY D 574 -4.83 45.31 3.07
CA GLY D 574 -4.81 46.28 1.99
C GLY D 574 -3.92 45.80 0.86
N THR D 575 -3.65 46.71 -0.08
CA THR D 575 -2.82 46.41 -1.22
C THR D 575 -2.06 47.67 -1.62
N VAL D 576 -0.79 47.49 -1.97
CA VAL D 576 0.07 48.60 -2.35
C VAL D 576 -0.29 49.04 -3.77
N SER D 577 -0.50 50.35 -3.94
CA SER D 577 -0.85 50.92 -5.24
C SER D 577 -0.59 52.42 -5.20
N PRO D 578 0.67 52.84 -5.31
CA PRO D 578 0.98 54.28 -5.16
C PRO D 578 0.58 55.12 -6.36
N SER D 579 0.54 54.55 -7.55
CA SER D 579 0.30 55.29 -8.79
C SER D 579 -0.79 54.63 -9.61
N ALA D 580 -1.91 54.29 -8.97
CA ALA D 580 -2.98 53.57 -9.64
C ALA D 580 -3.66 54.41 -10.71
N PHE D 581 -3.79 55.73 -10.47
CA PHE D 581 -4.57 56.56 -11.38
C PHE D 581 -3.95 56.64 -12.77
N LEU D 582 -2.62 56.73 -12.86
CA LEU D 582 -1.92 56.87 -14.12
C LEU D 582 -1.55 55.52 -14.72
N GLU D 583 -1.87 54.42 -14.04
CA GLU D 583 -1.54 53.09 -14.54
C GLU D 583 -2.10 52.79 -15.93
N PRO D 584 -3.37 53.04 -16.23
CA PRO D 584 -3.88 52.71 -17.57
C PRO D 584 -3.35 53.67 -18.62
N PHE D 585 -3.59 53.29 -19.88
CA PHE D 585 -3.20 54.07 -21.06
C PHE D 585 -1.68 54.25 -21.16
N SER D 586 -1.23 54.98 -22.17
CA SER D 586 0.18 55.17 -22.44
C SER D 586 0.54 56.64 -22.31
N ALA D 587 1.85 56.93 -22.39
CA ALA D 587 2.31 58.30 -22.30
C ALA D 587 2.04 59.06 -23.60
N ASP D 588 2.22 58.39 -24.75
CA ASP D 588 2.12 59.08 -26.03
C ASP D 588 0.68 59.38 -26.41
N VAL D 589 -0.26 58.54 -25.97
CA VAL D 589 -1.65 58.71 -26.39
C VAL D 589 -2.22 60.01 -25.87
N TRP D 590 -1.90 60.39 -24.64
CA TRP D 590 -2.42 61.63 -24.07
C TRP D 590 -1.90 62.85 -24.83
N VAL D 591 -0.59 62.86 -25.13
CA VAL D 591 -0.02 64.03 -25.80
C VAL D 591 -0.53 64.12 -27.24
N MET D 592 -0.67 62.98 -27.93
CA MET D 592 -1.22 63.07 -29.29
C MET D 592 -2.69 63.44 -29.25
N MET D 593 -3.42 63.04 -28.21
CA MET D 593 -4.79 63.49 -28.04
C MET D 593 -4.83 65.01 -27.88
N PHE D 594 -3.92 65.57 -27.09
CA PHE D 594 -3.87 67.02 -26.93
C PHE D 594 -3.57 67.73 -28.25
N VAL D 595 -2.59 67.23 -29.00
CA VAL D 595 -2.23 67.90 -30.24
C VAL D 595 -3.36 67.77 -31.26
N MET D 596 -4.05 66.62 -31.30
CA MET D 596 -5.17 66.50 -32.22
C MET D 596 -6.36 67.35 -31.75
N LEU D 597 -6.49 67.56 -30.44
CA LEU D 597 -7.48 68.50 -29.93
C LEU D 597 -7.21 69.90 -30.46
N LEU D 598 -5.94 70.32 -30.44
CA LEU D 598 -5.59 71.61 -31.02
C LEU D 598 -5.89 71.65 -32.52
N ILE D 599 -5.57 70.57 -33.23
CA ILE D 599 -5.82 70.51 -34.67
C ILE D 599 -7.32 70.64 -34.96
N VAL D 600 -8.13 69.89 -34.22
CA VAL D 600 -9.58 69.94 -34.39
C VAL D 600 -10.15 71.30 -34.00
N SER D 601 -9.56 71.95 -32.99
CA SER D 601 -9.98 73.30 -32.65
C SER D 601 -9.73 74.25 -33.81
N ALA D 602 -8.55 74.16 -34.43
CA ALA D 602 -8.29 74.99 -35.61
C ALA D 602 -9.22 74.65 -36.77
N VAL D 603 -9.54 73.37 -36.93
CA VAL D 603 -10.47 72.95 -37.97
C VAL D 603 -11.82 73.63 -37.76
N ALA D 604 -12.35 73.54 -36.54
CA ALA D 604 -13.59 74.23 -36.22
C ALA D 604 -13.47 75.73 -36.41
N VAL D 605 -12.28 76.28 -36.14
CA VAL D 605 -12.06 77.71 -36.35
C VAL D 605 -12.33 78.10 -37.80
N PHE D 606 -11.62 77.45 -38.74
CA PHE D 606 -11.84 77.92 -40.10
C PHE D 606 -13.12 77.38 -40.72
N VAL D 607 -13.77 76.37 -40.10
CA VAL D 607 -15.11 76.01 -40.53
C VAL D 607 -16.10 77.09 -40.12
N PHE D 608 -16.01 77.60 -38.90
CA PHE D 608 -16.85 78.70 -38.47
C PHE D 608 -16.51 79.99 -39.18
N GLU D 609 -15.29 80.11 -39.73
CA GLU D 609 -14.93 81.29 -40.50
C GLU D 609 -15.78 81.43 -41.75
N TYR D 610 -16.26 80.31 -42.30
CA TYR D 610 -17.10 80.33 -43.49
C TYR D 610 -18.58 80.26 -43.12
N SER D 630 -19.48 85.15 -31.85
CA SER D 630 -18.31 85.35 -30.99
C SER D 630 -17.70 84.02 -30.59
N PHE D 631 -17.17 83.29 -31.57
CA PHE D 631 -16.58 81.99 -31.37
C PHE D 631 -15.32 81.90 -32.22
N THR D 632 -14.19 82.35 -31.68
CA THR D 632 -12.98 82.38 -32.49
C THR D 632 -11.89 81.45 -32.00
N ILE D 633 -11.36 81.60 -30.80
CA ILE D 633 -10.41 80.58 -30.45
C ILE D 633 -10.41 80.00 -29.03
N GLY D 634 -10.21 80.86 -28.04
CA GLY D 634 -10.13 80.34 -26.70
C GLY D 634 -11.36 79.65 -26.20
N LYS D 635 -12.51 80.22 -26.49
CA LYS D 635 -13.74 79.64 -26.04
C LYS D 635 -13.88 78.26 -26.63
N ALA D 636 -13.61 78.10 -27.90
CA ALA D 636 -13.74 76.83 -28.52
C ALA D 636 -12.81 75.82 -27.92
N ILE D 637 -11.58 76.18 -27.62
CA ILE D 637 -10.73 75.16 -26.99
C ILE D 637 -11.25 74.69 -25.70
N TRP D 638 -11.70 75.63 -24.91
CA TRP D 638 -12.26 75.32 -23.64
C TRP D 638 -13.43 74.43 -23.81
N LEU D 639 -14.32 74.68 -24.75
CA LEU D 639 -15.45 73.81 -24.93
C LEU D 639 -15.08 72.44 -25.29
N LEU D 640 -14.15 72.26 -26.19
CA LEU D 640 -13.86 70.89 -26.56
C LEU D 640 -13.26 70.14 -25.43
N TRP D 641 -12.39 70.79 -24.69
CA TRP D 641 -11.77 70.13 -23.60
C TRP D 641 -12.76 69.79 -22.62
N GLY D 642 -13.68 70.65 -22.33
CA GLY D 642 -14.71 70.32 -21.40
C GLY D 642 -15.54 69.16 -21.86
N LEU D 643 -15.84 69.06 -23.12
CA LEU D 643 -16.58 67.96 -23.60
C LEU D 643 -15.98 66.65 -23.38
N VAL D 644 -14.68 66.47 -23.38
CA VAL D 644 -14.20 65.13 -23.01
C VAL D 644 -14.52 64.64 -21.63
N PHE D 645 -14.51 65.52 -20.68
CA PHE D 645 -14.56 65.14 -19.26
C PHE D 645 -15.99 65.25 -18.73
N ASN D 646 -16.84 64.38 -19.28
CA ASN D 646 -18.19 64.14 -18.74
C ASN D 646 -19.06 65.39 -18.80
N ASN D 647 -18.67 66.34 -19.67
CA ASN D 647 -19.45 67.55 -19.93
C ASN D 647 -19.76 68.29 -18.63
N SER D 648 -18.76 68.39 -17.75
CA SER D 648 -18.99 69.00 -16.44
C SER D 648 -19.10 70.52 -16.54
N VAL D 649 -18.22 71.14 -17.30
CA VAL D 649 -18.06 72.60 -17.31
C VAL D 649 -19.12 73.25 -18.20
N PRO D 650 -19.78 74.31 -17.73
CA PRO D 650 -20.70 75.04 -18.60
C PRO D 650 -19.97 75.66 -19.78
N VAL D 651 -20.68 75.73 -20.91
CA VAL D 651 -20.05 76.12 -22.17
C VAL D 651 -20.91 77.15 -22.91
N GLN D 652 -20.46 77.56 -24.09
CA GLN D 652 -21.22 78.42 -24.99
C GLN D 652 -21.19 77.75 -26.36
N ASN D 653 -22.25 77.01 -26.68
CA ASN D 653 -22.26 76.20 -27.88
C ASN D 653 -22.31 77.08 -29.13
N PRO D 654 -21.70 76.63 -30.23
CA PRO D 654 -21.80 77.36 -31.48
C PRO D 654 -23.17 77.17 -32.12
N LYS D 655 -23.44 77.97 -33.15
CA LYS D 655 -24.71 77.97 -33.84
C LYS D 655 -24.52 77.76 -35.34
N GLY D 656 -23.69 76.80 -35.71
CA GLY D 656 -23.49 76.43 -37.10
C GLY D 656 -23.69 74.94 -37.29
N THR D 657 -24.40 74.57 -38.38
CA THR D 657 -24.72 73.17 -38.62
C THR D 657 -23.45 72.33 -38.81
N THR D 658 -22.53 72.83 -39.62
CA THR D 658 -21.27 72.11 -39.85
C THR D 658 -20.47 71.98 -38.55
N SER D 659 -20.48 73.03 -37.72
CA SER D 659 -19.81 72.96 -36.43
C SER D 659 -20.44 71.90 -35.55
N LYS D 660 -21.78 71.82 -35.54
CA LYS D 660 -22.45 70.79 -34.75
C LYS D 660 -22.08 69.39 -35.24
N ILE D 661 -22.04 69.20 -36.56
CA ILE D 661 -21.66 67.90 -37.11
C ILE D 661 -20.23 67.56 -36.71
N MET D 662 -19.33 68.54 -36.73
CA MET D 662 -17.95 68.30 -36.31
C MET D 662 -17.87 67.93 -34.84
N VAL D 663 -18.67 68.59 -34.00
CA VAL D 663 -18.62 68.34 -32.56
C VAL D 663 -19.18 66.96 -32.22
N SER D 664 -20.15 66.48 -33.00
CA SER D 664 -20.81 65.20 -32.68
C SER D 664 -19.83 64.04 -32.68
N VAL D 665 -18.97 63.96 -33.70
CA VAL D 665 -18.02 62.85 -33.79
C VAL D 665 -17.00 62.93 -32.66
N TRP D 666 -16.59 64.14 -32.29
CA TRP D 666 -15.69 64.30 -31.15
C TRP D 666 -16.36 63.82 -29.86
N ALA D 667 -17.64 64.05 -29.87
CA ALA D 667 -18.42 63.61 -28.79
C ALA D 667 -18.33 62.20 -28.77
N PHE D 668 -18.41 61.57 -29.92
CA PHE D 668 -18.34 60.16 -29.94
C PHE D 668 -17.04 59.70 -29.49
N PHE D 669 -15.99 60.34 -29.87
CA PHE D 669 -14.70 59.95 -29.44
C PHE D 669 -14.60 60.08 -27.95
N ALA D 670 -15.12 61.14 -27.38
CA ALA D 670 -15.06 61.24 -25.98
C ALA D 670 -15.82 60.18 -25.32
N VAL D 671 -17.01 59.84 -25.77
CA VAL D 671 -17.67 58.78 -25.09
C VAL D 671 -17.04 57.51 -25.21
N ILE D 672 -16.40 57.17 -26.31
CA ILE D 672 -15.81 55.90 -26.27
C ILE D 672 -14.68 55.87 -25.37
N PHE D 673 -13.85 56.87 -25.35
CA PHE D 673 -12.68 56.74 -24.53
C PHE D 673 -12.95 56.71 -23.06
N LEU D 674 -13.72 57.60 -22.56
CA LEU D 674 -13.99 57.53 -21.13
C LEU D 674 -14.41 56.13 -20.71
N ALA D 675 -15.25 55.48 -21.50
CA ALA D 675 -15.65 54.11 -21.17
C ALA D 675 -14.46 53.17 -21.15
N SER D 676 -13.55 53.35 -22.03
CA SER D 676 -12.51 52.42 -21.95
C SER D 676 -11.80 52.54 -20.71
N TYR D 677 -11.49 53.75 -20.36
CA TYR D 677 -10.68 53.94 -19.23
C TYR D 677 -11.20 53.50 -17.98
N THR D 678 -12.46 53.65 -17.67
CA THR D 678 -12.93 53.13 -16.43
C THR D 678 -12.79 51.68 -16.41
N ALA D 679 -13.13 50.99 -17.47
CA ALA D 679 -13.05 49.58 -17.47
C ALA D 679 -11.70 49.10 -17.31
N ASN D 680 -10.80 49.72 -18.01
CA ASN D 680 -9.47 49.28 -17.94
C ASN D 680 -8.91 49.47 -16.59
N LEU D 681 -9.18 50.57 -15.96
CA LEU D 681 -8.70 50.78 -14.63
C LEU D 681 -9.32 49.85 -13.69
N ALA D 682 -10.46 49.27 -13.94
CA ALA D 682 -11.01 48.27 -13.01
C ALA D 682 -10.24 46.99 -13.00
N ALA D 683 -9.59 46.69 -14.10
CA ALA D 683 -8.82 45.49 -14.14
C ALA D 683 -7.73 45.48 -13.14
N PHE D 684 -7.07 46.58 -12.84
CA PHE D 684 -6.07 46.53 -11.83
C PHE D 684 -6.61 46.13 -10.53
N MET D 685 -7.78 46.59 -10.11
CA MET D 685 -8.29 46.09 -8.86
C MET D 685 -8.55 44.64 -8.89
N ILE D 686 -9.12 44.15 -9.96
CA ILE D 686 -9.35 42.73 -9.97
C ILE D 686 -8.15 41.85 -10.28
N GLN D 687 -7.01 42.38 -10.60
CA GLN D 687 -5.86 41.53 -10.74
C GLN D 687 -4.72 42.14 -9.97
N GLU D 688 -5.02 42.86 -8.90
CA GLU D 688 -3.90 43.49 -8.21
C GLU D 688 -2.84 42.48 -7.82
N GLU D 689 -1.77 42.94 -7.18
CA GLU D 689 -0.66 42.08 -6.79
C GLU D 689 -0.16 42.50 -5.42
N TYR D 690 0.43 41.55 -4.69
CA TYR D 690 0.95 41.80 -3.36
C TYR D 690 2.47 41.89 -3.39
N VAL D 691 3.01 42.81 -2.59
CA VAL D 691 4.44 43.06 -2.51
C VAL D 691 4.87 42.94 -1.04
N ASP D 692 5.95 42.20 -0.81
CA ASP D 692 6.44 42.00 0.54
C ASP D 692 6.99 43.31 1.13
N GLN D 693 6.82 43.47 2.44
CA GLN D 693 7.27 44.68 3.11
C GLN D 693 8.79 44.79 3.08
N VAL D 694 9.50 43.69 3.32
CA VAL D 694 10.95 43.67 3.34
C VAL D 694 11.44 42.79 2.19
N SER D 695 12.44 43.28 1.45
CA SER D 695 12.96 42.54 0.30
C SER D 695 13.68 41.27 0.75
N GLY D 696 14.55 41.38 1.73
CA GLY D 696 15.32 40.24 2.19
C GLY D 696 15.93 40.47 3.55
N LEU D 697 17.09 39.85 3.75
CA LEU D 697 17.80 39.93 5.02
C LEU D 697 18.81 41.07 5.06
N SER D 698 19.20 41.62 3.91
CA SER D 698 20.15 42.72 3.85
C SER D 698 19.46 44.06 3.65
N ASP D 699 18.15 44.13 3.83
CA ASP D 699 17.42 45.37 3.66
C ASP D 699 17.85 46.39 4.71
N LYS D 700 17.76 47.67 4.34
CA LYS D 700 18.20 48.74 5.23
C LYS D 700 17.40 48.81 6.53
N LYS D 701 16.18 48.28 6.54
CA LYS D 701 15.37 48.31 7.75
C LYS D 701 16.03 47.52 8.88
N PHE D 702 16.57 46.34 8.57
CA PHE D 702 17.26 45.56 9.59
C PHE D 702 18.61 46.18 9.94
N GLN D 703 19.35 46.62 8.93
CA GLN D 703 20.72 47.09 9.16
C GLN D 703 20.74 48.35 10.03
N ARG D 704 19.83 49.28 9.80
CA ARG D 704 19.77 50.55 10.53
C ARG D 704 18.36 50.72 11.08
N PRO D 705 18.02 50.04 12.17
CA PRO D 705 16.64 50.07 12.66
C PRO D 705 16.19 51.45 13.15
N ASN D 706 17.12 52.31 13.58
CA ASN D 706 16.73 53.57 14.21
C ASN D 706 16.22 54.61 13.22
N ASP D 707 16.56 54.48 11.94
CA ASP D 707 16.15 55.49 10.97
C ASP D 707 14.76 55.22 10.41
N PHE D 708 13.78 55.01 11.28
CA PHE D 708 12.41 54.77 10.85
C PHE D 708 11.46 55.22 11.94
N SER D 709 10.26 55.64 11.51
CA SER D 709 9.19 56.00 12.41
C SER D 709 8.68 54.75 13.14
N PRO D 710 8.30 54.89 14.42
CA PRO D 710 8.24 53.73 15.33
C PRO D 710 9.17 52.59 14.93
N PRO D 711 10.34 52.50 15.56
CA PRO D 711 11.39 51.62 15.06
C PRO D 711 10.94 50.18 14.90
N PHE D 712 11.40 49.54 13.83
CA PHE D 712 10.92 48.22 13.47
C PHE D 712 11.40 47.20 14.50
N ARG D 713 10.51 46.29 14.89
CA ARG D 713 10.75 45.39 16.03
C ARG D 713 10.73 43.93 15.58
N PHE D 714 11.69 43.16 16.08
CA PHE D 714 11.83 41.75 15.75
C PHE D 714 12.56 41.05 16.89
N GLY D 715 12.47 39.72 16.89
CA GLY D 715 13.17 38.94 17.91
C GLY D 715 13.16 37.47 17.58
N THR D 716 14.07 36.75 18.24
CA THR D 716 14.21 35.30 18.06
C THR D 716 14.21 34.58 19.40
N VAL D 717 14.51 33.28 19.39
CA VAL D 717 14.60 32.45 20.59
C VAL D 717 16.07 32.22 20.90
N PRO D 718 16.51 32.38 22.15
CA PRO D 718 17.95 32.26 22.46
C PRO D 718 18.36 30.81 22.66
N ASN D 719 19.69 30.61 22.61
CA ASN D 719 20.37 29.31 22.64
C ASN D 719 20.04 28.43 21.45
N GLY D 720 19.28 28.91 20.47
CA GLY D 720 19.03 28.16 19.26
C GLY D 720 20.20 28.27 18.29
N SER D 721 20.12 27.47 17.22
CA SER D 721 21.13 27.51 16.18
C SER D 721 21.01 28.75 15.30
N THR D 722 19.84 29.38 15.28
CA THR D 722 19.67 30.60 14.50
C THR D 722 20.53 31.73 15.06
N GLU D 723 20.61 31.84 16.39
CA GLU D 723 21.39 32.90 17.01
C GLU D 723 22.87 32.81 16.63
N ARG D 724 23.43 31.60 16.63
CA ARG D 724 24.83 31.44 16.30
C ARG D 724 25.13 31.85 14.87
N ASN D 725 24.17 31.70 13.95
CA ASN D 725 24.35 32.13 12.58
C ASN D 725 24.21 33.63 12.42
N ILE D 726 23.73 34.33 13.44
CA ILE D 726 23.57 35.77 13.38
C ILE D 726 24.71 36.52 14.07
N ARG D 727 25.22 36.01 15.20
CA ARG D 727 26.28 36.69 15.92
C ARG D 727 27.55 36.80 15.08
N ASN D 728 27.91 35.73 14.38
CA ASN D 728 29.16 35.69 13.63
C ASN D 728 29.15 36.55 12.37
N ASN D 729 28.00 37.09 11.97
CA ASN D 729 27.90 37.88 10.76
C ASN D 729 27.48 39.32 11.00
N TYR D 730 26.43 39.55 11.78
CA TYR D 730 25.88 40.89 12.00
C TYR D 730 25.86 41.18 13.49
N ALA D 731 26.85 41.94 13.95
CA ALA D 731 26.94 42.27 15.38
C ALA D 731 25.79 43.18 15.82
N GLU D 732 25.53 44.24 15.05
CA GLU D 732 24.48 45.17 15.41
C GLU D 732 23.11 44.50 15.41
N MET D 733 22.88 43.59 14.47
CA MET D 733 21.63 42.83 14.45
C MET D 733 21.39 42.11 15.77
N HIS D 734 22.39 41.37 16.24
CA HIS D 734 22.25 40.66 17.51
C HIS D 734 22.11 41.63 18.67
N ALA D 735 22.88 42.72 18.66
CA ALA D 735 22.82 43.67 19.76
C ALA D 735 21.43 44.27 19.90
N TYR D 736 20.80 44.63 18.77
CA TYR D 736 19.46 45.19 18.84
C TYR D 736 18.41 44.12 19.13
N MET D 737 18.59 42.92 18.57
CA MET D 737 17.61 41.85 18.73
C MET D 737 17.57 41.32 20.15
N GLY D 738 18.67 41.40 20.89
CA GLY D 738 18.71 40.82 22.23
C GLY D 738 17.67 41.36 23.19
N LYS D 739 17.06 42.51 22.86
CA LYS D 739 16.06 43.09 23.75
C LYS D 739 14.74 42.32 23.70
N PHE D 740 14.33 41.86 22.52
CA PHE D 740 13.02 41.24 22.32
C PHE D 740 13.11 39.72 22.25
N ASN D 741 13.95 39.09 23.07
CA ASN D 741 14.02 37.64 23.10
C ASN D 741 12.70 37.04 23.59
N GLN D 742 12.28 35.97 22.93
CA GLN D 742 11.02 35.30 23.26
C GLN D 742 11.30 34.10 24.17
N ARG D 743 10.25 33.32 24.45
CA ARG D 743 10.38 32.14 25.30
C ARG D 743 9.62 30.95 24.73
N GLY D 744 9.58 30.83 23.41
CA GLY D 744 8.91 29.72 22.75
C GLY D 744 8.31 30.15 21.44
N VAL D 745 8.02 29.15 20.60
CA VAL D 745 7.43 29.43 19.30
C VAL D 745 5.99 29.91 19.45
N ASP D 746 5.21 29.26 20.32
CA ASP D 746 3.81 29.63 20.48
C ASP D 746 3.67 31.03 21.08
N ASP D 747 4.53 31.38 22.04
CA ASP D 747 4.47 32.72 22.62
C ASP D 747 4.74 33.80 21.58
N ALA D 748 5.76 33.59 20.74
CA ALA D 748 6.06 34.56 19.69
C ALA D 748 4.94 34.61 18.66
N LEU D 749 4.36 33.46 18.32
CA LEU D 749 3.24 33.44 17.38
C LEU D 749 2.05 34.24 17.93
N LEU D 750 1.75 34.06 19.21
CA LEU D 750 0.65 34.81 19.82
C LEU D 750 0.96 36.30 19.87
N SER D 751 2.20 36.66 20.21
CA SER D 751 2.57 38.07 20.28
C SER D 751 2.63 38.73 18.90
N LEU D 752 2.81 37.95 17.83
CA LEU D 752 2.88 38.53 16.50
C LEU D 752 1.55 39.13 16.08
N LYS D 753 0.44 38.53 16.51
CA LYS D 753 -0.87 39.01 16.07
C LYS D 753 -1.26 40.31 16.75
N THR D 754 -0.96 40.45 18.04
CA THR D 754 -1.44 41.58 18.83
C THR D 754 -0.52 42.79 18.73
N GLY D 755 -0.08 43.11 17.51
CA GLY D 755 0.68 44.32 17.23
C GLY D 755 1.88 44.59 18.13
N LYS D 756 2.43 43.56 18.76
CA LYS D 756 3.58 43.74 19.63
C LYS D 756 4.90 43.41 18.96
N LEU D 757 4.92 42.51 17.98
CA LEU D 757 6.12 42.17 17.25
C LEU D 757 5.81 42.20 15.76
N ASP D 758 6.82 42.56 14.96
CA ASP D 758 6.63 42.75 13.53
C ASP D 758 7.39 41.76 12.66
N ALA D 759 8.36 41.03 13.21
CA ALA D 759 9.11 40.05 12.43
C ALA D 759 9.59 38.93 13.35
N PHE D 760 9.53 37.71 12.86
CA PHE D 760 9.99 36.54 13.57
C PHE D 760 11.00 35.79 12.70
N ILE D 761 12.16 35.48 13.27
CA ILE D 761 13.22 34.77 12.57
C ILE D 761 13.42 33.43 13.27
N TYR D 762 13.31 32.35 12.50
CA TYR D 762 13.36 31.00 13.03
C TYR D 762 13.60 30.05 11.87
N ASP D 763 13.52 28.75 12.14
CA ASP D 763 13.74 27.75 11.10
C ASP D 763 12.63 27.81 10.05
N ALA D 764 13.02 27.63 8.79
CA ALA D 764 12.06 27.69 7.70
C ALA D 764 11.26 26.40 7.56
N ALA D 765 11.72 25.30 8.16
CA ALA D 765 11.00 24.04 8.04
C ALA D 765 9.71 24.07 8.85
N VAL D 766 9.72 24.69 10.02
CA VAL D 766 8.55 24.72 10.88
C VAL D 766 7.67 25.95 10.65
N LEU D 767 8.25 27.05 10.16
CA LEU D 767 7.43 28.24 9.88
C LEU D 767 6.45 27.99 8.74
N ASN D 768 6.89 27.24 7.72
CA ASN D 768 5.98 26.89 6.63
C ASN D 768 4.82 26.04 7.16
N TYR D 769 5.11 25.10 8.04
CA TYR D 769 4.05 24.30 8.65
C TYR D 769 3.11 25.15 9.49
N MET D 770 3.66 26.08 10.26
CA MET D 770 2.84 26.88 11.17
C MET D 770 1.95 27.85 10.41
N ALA D 771 2.40 28.36 9.26
CA ALA D 771 1.60 29.30 8.50
C ALA D 771 0.37 28.64 7.90
N GLY D 772 0.40 27.32 7.74
CA GLY D 772 -0.70 26.63 7.07
C GLY D 772 -1.76 26.07 7.99
N ARG D 773 -1.49 25.98 9.30
CA ARG D 773 -2.42 25.36 10.24
C ARG D 773 -3.05 26.36 11.19
N ASP D 774 -2.64 27.62 11.15
CA ASP D 774 -3.24 28.63 12.00
C ASP D 774 -4.68 28.95 11.54
N GLU D 775 -5.49 29.42 12.48
CA GLU D 775 -6.88 29.73 12.17
C GLU D 775 -6.95 30.96 11.29
N GLY D 776 -7.21 30.75 10.00
CA GLY D 776 -6.92 31.75 9.00
C GLY D 776 -5.42 31.97 8.91
N CYS D 777 -4.99 32.49 7.77
CA CYS D 777 -3.56 32.60 7.47
C CYS D 777 -3.23 34.00 6.96
N LYS D 778 -3.68 35.00 7.72
CA LYS D 778 -3.17 36.36 7.54
C LYS D 778 -1.70 36.45 7.94
N LEU D 779 -1.12 35.34 8.39
CA LEU D 779 0.31 35.27 8.64
C LEU D 779 1.01 34.66 7.44
N VAL D 780 2.04 35.34 6.93
CA VAL D 780 2.66 35.00 5.66
C VAL D 780 4.18 35.06 5.81
N THR D 781 4.85 34.15 5.09
CA THR D 781 6.30 34.13 5.00
C THR D 781 6.71 35.04 3.85
N ILE D 782 7.75 35.86 4.08
CA ILE D 782 8.14 36.86 3.10
C ILE D 782 8.59 36.19 1.80
N GLY D 783 8.43 36.91 0.69
CA GLY D 783 8.83 36.40 -0.60
C GLY D 783 7.96 35.25 -1.07
N SER D 784 8.49 34.53 -2.06
CA SER D 784 7.84 33.33 -2.57
C SER D 784 8.22 32.08 -1.77
N GLY D 785 9.04 32.22 -0.74
CA GLY D 785 9.51 31.08 0.02
C GLY D 785 11.02 30.98 0.03
N LYS D 786 11.68 32.12 -0.20
CA LYS D 786 13.13 32.15 -0.23
C LYS D 786 13.71 31.84 1.14
N VAL D 787 14.80 31.08 1.15
CA VAL D 787 15.49 30.71 2.39
C VAL D 787 16.95 31.11 2.28
N PHE D 788 17.59 31.25 3.44
CA PHE D 788 18.98 31.65 3.52
C PHE D 788 19.74 30.66 4.39
N ALA D 789 21.00 30.40 4.01
CA ALA D 789 21.86 29.43 4.70
C ALA D 789 21.18 28.06 4.74
N SER D 790 20.91 27.52 3.55
CA SER D 790 20.16 26.28 3.43
C SER D 790 20.95 25.12 4.02
N THR D 791 20.32 24.41 4.96
CA THR D 791 20.89 23.20 5.56
C THR D 791 19.78 22.17 5.62
N GLY D 792 20.02 21.08 6.36
CA GLY D 792 19.03 20.03 6.49
C GLY D 792 19.07 19.39 7.85
N TYR D 793 18.02 18.61 8.13
CA TYR D 793 17.92 17.86 9.37
C TYR D 793 18.49 16.46 9.14
N GLY D 794 19.40 16.05 10.03
CA GLY D 794 20.01 14.74 9.93
C GLY D 794 19.92 13.98 11.23
N ILE D 795 20.39 12.75 11.20
CA ILE D 795 20.42 11.87 12.37
C ILE D 795 21.84 11.89 12.91
N ALA D 796 22.00 12.39 14.13
CA ALA D 796 23.33 12.48 14.74
C ALA D 796 23.72 11.14 15.33
N ILE D 797 24.72 10.50 14.73
CA ILE D 797 25.20 9.19 15.16
C ILE D 797 26.56 9.37 15.81
N GLN D 798 26.84 8.55 16.82
CA GLN D 798 28.13 8.58 17.50
C GLN D 798 29.27 8.44 16.49
N LYS D 799 30.39 9.09 16.80
CA LYS D 799 31.50 9.17 15.87
C LYS D 799 32.09 7.78 15.62
N ASP D 800 32.62 7.60 14.40
CA ASP D 800 33.35 6.42 13.93
C ASP D 800 32.68 5.10 14.31
N SER D 801 31.35 5.07 14.32
CA SER D 801 30.61 3.84 14.52
C SER D 801 30.32 3.17 13.18
N GLY D 802 30.09 1.86 13.24
CA GLY D 802 29.86 1.08 12.04
C GLY D 802 28.45 1.11 11.49
N TRP D 803 27.52 1.76 12.18
CA TRP D 803 26.12 1.79 11.74
C TRP D 803 25.83 2.92 10.76
N LYS D 804 26.78 3.85 10.57
CA LYS D 804 26.51 5.02 9.75
C LYS D 804 26.24 4.67 8.30
N ARG D 805 27.04 3.75 7.74
CA ARG D 805 26.84 3.36 6.34
C ARG D 805 25.48 2.70 6.14
N GLN D 806 25.12 1.79 7.04
CA GLN D 806 23.81 1.14 6.93
C GLN D 806 22.70 2.18 7.05
N VAL D 807 22.83 3.11 7.99
CA VAL D 807 21.77 4.09 8.23
C VAL D 807 21.57 4.99 7.01
N ASP D 808 22.67 5.53 6.48
CA ASP D 808 22.49 6.49 5.38
C ASP D 808 22.16 5.80 4.06
N LEU D 809 22.62 4.56 3.85
CA LEU D 809 22.14 3.80 2.70
C LEU D 809 20.65 3.52 2.81
N ALA D 810 20.16 3.18 4.00
CA ALA D 810 18.72 2.99 4.17
C ALA D 810 17.96 4.28 3.92
N ILE D 811 18.47 5.40 4.42
CA ILE D 811 17.81 6.68 4.22
C ILE D 811 17.75 7.04 2.74
N LEU D 812 18.87 6.83 2.02
CA LEU D 812 18.88 7.10 0.59
C LEU D 812 17.95 6.15 -0.17
N GLN D 813 17.84 4.91 0.28
CA GLN D 813 16.91 3.97 -0.34
C GLN D 813 15.47 4.42 -0.15
N LEU D 814 15.16 5.02 1.01
CA LEU D 814 13.80 5.46 1.27
C LEU D 814 13.32 6.50 0.26
N PHE D 815 14.23 7.33 -0.25
CA PHE D 815 13.85 8.31 -1.26
C PHE D 815 13.39 7.65 -2.56
N GLY D 816 14.09 6.59 -2.97
CA GLY D 816 13.83 6.00 -4.28
C GLY D 816 12.46 5.36 -4.40
N ASP D 817 11.97 4.73 -3.33
CA ASP D 817 10.72 3.99 -3.39
C ASP D 817 9.49 4.86 -3.17
N GLY D 818 9.66 6.10 -2.69
CA GLY D 818 8.56 7.05 -2.65
C GLY D 818 7.75 7.12 -1.38
N GLU D 819 8.16 6.46 -0.30
CA GLU D 819 7.44 6.59 0.96
C GLU D 819 7.59 7.97 1.57
N MET D 820 8.72 8.66 1.31
CA MET D 820 8.93 9.97 1.89
C MET D 820 7.92 10.99 1.38
N GLU D 821 7.56 10.92 0.10
CA GLU D 821 6.53 11.82 -0.42
C GLU D 821 5.19 11.58 0.27
N GLU D 822 4.87 10.31 0.53
CA GLU D 822 3.66 10.00 1.30
C GLU D 822 3.74 10.58 2.70
N LEU D 823 4.91 10.49 3.33
CA LEU D 823 5.06 11.06 4.67
C LEU D 823 4.87 12.58 4.67
N GLU D 824 5.47 13.26 3.69
CA GLU D 824 5.30 14.71 3.61
C GLU D 824 3.84 15.09 3.36
N ALA D 825 3.16 14.34 2.48
CA ALA D 825 1.75 14.62 2.23
C ALA D 825 0.91 14.38 3.46
N LEU D 826 1.26 13.37 4.26
CA LEU D 826 0.46 13.04 5.43
C LEU D 826 0.67 14.04 6.56
N TRP D 827 1.90 14.47 6.79
CA TRP D 827 2.23 15.24 7.99
C TRP D 827 2.42 16.72 7.76
N LEU D 828 3.07 17.12 6.67
CA LEU D 828 3.51 18.50 6.48
C LEU D 828 2.65 19.27 5.49
N THR D 829 1.39 18.87 5.30
CA THR D 829 0.52 19.59 4.38
C THR D 829 -0.09 20.81 5.06
N GLY D 830 -0.65 21.70 4.23
CA GLY D 830 -1.27 22.91 4.73
C GLY D 830 -2.67 23.08 4.17
N ILE D 831 -3.36 24.09 4.69
CA ILE D 831 -4.76 24.33 4.32
C ILE D 831 -4.85 25.37 3.21
N CYS D 832 -4.38 26.59 3.48
CA CYS D 832 -4.42 27.63 2.47
C CYS D 832 -3.12 27.65 1.67
N HIS D 833 -3.13 28.43 0.59
CA HIS D 833 -1.98 28.59 -0.28
C HIS D 833 -1.59 30.06 -0.36
N ASN D 834 -0.29 30.33 -0.52
CA ASN D 834 0.24 31.68 -0.56
C ASN D 834 0.46 32.18 -1.99
N GLU D 835 -0.42 31.78 -2.91
CA GLU D 835 -0.26 32.12 -4.32
C GLU D 835 -0.92 33.45 -4.65
N LYS D 836 -0.45 34.50 -3.96
CA LYS D 836 -0.83 35.89 -4.24
C LYS D 836 -2.36 36.07 -4.16
N ASN D 837 -2.87 35.89 -2.94
CA ASN D 837 -4.31 35.99 -2.73
C ASN D 837 -4.83 37.38 -3.07
N GLU D 838 -4.23 38.42 -2.50
CA GLU D 838 -4.59 39.82 -2.77
C GLU D 838 -6.09 40.03 -2.56
N VAL D 839 -6.51 39.85 -1.30
CA VAL D 839 -7.93 39.74 -0.99
C VAL D 839 -8.67 41.04 -1.32
N MET D 840 -8.33 42.15 -0.67
CA MET D 840 -9.07 43.39 -0.87
C MET D 840 -8.38 44.60 -0.25
N SER D 841 -8.38 45.73 -0.96
CA SER D 841 -8.03 47.02 -0.39
C SER D 841 -9.30 47.72 0.07
N SER D 842 -9.13 48.74 0.92
CA SER D 842 -10.30 49.39 1.50
C SER D 842 -9.99 50.83 1.88
N GLN D 843 -10.95 51.71 1.60
CA GLN D 843 -11.06 53.06 2.18
C GLN D 843 -10.05 54.05 1.64
N LEU D 844 -9.06 53.59 0.87
CA LEU D 844 -8.06 54.46 0.24
C LEU D 844 -7.53 55.51 1.22
N ASP D 845 -6.94 55.04 2.32
CA ASP D 845 -6.55 55.90 3.43
C ASP D 845 -5.29 56.69 3.05
N ILE D 846 -5.47 57.60 2.10
CA ILE D 846 -4.44 58.52 1.62
C ILE D 846 -3.23 57.69 1.21
N ASP D 847 -3.49 56.53 0.60
CA ASP D 847 -2.42 55.66 0.13
C ASP D 847 -1.80 56.17 -1.16
N ASN D 848 -2.60 56.76 -2.05
CA ASN D 848 -2.08 57.20 -3.35
C ASN D 848 -2.52 58.60 -3.78
N MET D 849 -3.43 59.26 -3.06
CA MET D 849 -3.90 60.58 -3.48
C MET D 849 -2.81 61.64 -3.43
N ALA D 850 -1.68 61.36 -2.77
CA ALA D 850 -0.58 62.31 -2.75
C ALA D 850 -0.19 62.73 -4.17
N GLY D 851 -0.24 61.81 -5.11
CA GLY D 851 0.10 62.14 -6.48
C GLY D 851 -0.84 63.16 -7.11
N VAL D 852 -2.15 62.94 -6.96
CA VAL D 852 -3.09 63.86 -7.60
C VAL D 852 -3.08 65.21 -6.91
N PHE D 853 -2.95 65.24 -5.58
CA PHE D 853 -2.83 66.53 -4.91
C PHE D 853 -1.54 67.24 -5.31
N TYR D 854 -0.45 66.50 -5.52
CA TYR D 854 0.79 67.11 -5.99
C TYR D 854 0.61 67.69 -7.39
N MET D 855 -0.10 66.96 -8.27
CA MET D 855 -0.36 67.49 -9.60
C MET D 855 -1.20 68.76 -9.53
N LEU D 856 -2.20 68.79 -8.66
CA LEU D 856 -3.02 70.00 -8.49
C LEU D 856 -2.17 71.16 -8.01
N GLY D 857 -1.30 70.92 -7.03
CA GLY D 857 -0.43 71.98 -6.54
C GLY D 857 0.52 72.49 -7.59
N ALA D 858 1.11 71.59 -8.38
CA ALA D 858 1.99 71.99 -9.46
C ALA D 858 1.24 72.80 -10.51
N ALA D 859 0.01 72.39 -10.83
CA ALA D 859 -0.80 73.15 -11.78
C ALA D 859 -1.08 74.54 -11.25
N MET D 860 -1.41 74.67 -9.96
CA MET D 860 -1.64 75.98 -9.38
C MET D 860 -0.38 76.84 -9.43
N ALA D 861 0.78 76.23 -9.13
CA ALA D 861 2.03 76.98 -9.13
C ALA D 861 2.37 77.48 -10.53
N LEU D 862 2.24 76.61 -11.54
CA LEU D 862 2.53 77.04 -12.90
C LEU D 862 1.53 78.09 -13.37
N SER D 863 0.26 77.95 -12.96
CA SER D 863 -0.74 78.95 -13.34
C SER D 863 -0.41 80.31 -12.77
N LEU D 864 -0.02 80.36 -11.49
CA LEU D 864 0.31 81.65 -10.88
C LEU D 864 1.59 82.23 -11.48
N ILE D 865 2.57 81.38 -11.79
CA ILE D 865 3.80 81.86 -12.41
C ILE D 865 3.50 82.47 -13.77
N THR D 866 2.69 81.76 -14.58
CA THR D 866 2.32 82.28 -15.89
C THR D 866 1.50 83.56 -15.79
N PHE D 867 0.61 83.65 -14.79
CA PHE D 867 -0.17 84.87 -14.61
C PHE D 867 0.73 86.05 -14.27
N ILE D 868 1.70 85.86 -13.37
CA ILE D 868 2.63 86.92 -13.03
C ILE D 868 3.45 87.33 -14.24
N CYS D 869 3.94 86.33 -15.00
CA CYS D 869 4.75 86.64 -16.18
C CYS D 869 3.95 87.43 -17.21
N GLU D 870 2.70 87.03 -17.45
CA GLU D 870 1.86 87.75 -18.41
C GLU D 870 1.54 89.15 -17.92
N HIS D 871 1.28 89.31 -16.62
CA HIS D 871 0.99 90.64 -16.08
C HIS D 871 2.18 91.57 -16.25
N LEU D 872 3.39 91.09 -15.94
CA LEU D 872 4.57 91.93 -16.08
C LEU D 872 4.91 92.18 -17.56
N PHE D 873 4.61 91.22 -18.43
CA PHE D 873 4.80 91.45 -19.86
C PHE D 873 3.86 92.52 -20.38
N TYR D 874 2.60 92.50 -19.93
CA TYR D 874 1.66 93.54 -20.34
C TYR D 874 2.01 94.88 -19.72
N TRP D 875 2.64 94.89 -18.54
CA TRP D 875 3.03 96.14 -17.91
C TRP D 875 4.17 96.84 -18.65
N GLN D 876 4.89 96.12 -19.52
CA GLN D 876 5.98 96.73 -20.27
C GLN D 876 5.45 97.49 -21.48
C1 NAG E . -27.30 -4.64 -35.63
C2 NAG E . -26.10 -4.43 -36.56
C3 NAG E . -26.48 -4.76 -38.00
C4 NAG E . -27.06 -6.16 -38.08
C5 NAG E . -28.24 -6.29 -37.12
C6 NAG E . -28.83 -7.68 -37.08
C7 NAG E . -24.59 -2.72 -35.66
C8 NAG E . -24.21 -1.27 -35.70
N2 NAG E . -25.60 -3.07 -36.47
O3 NAG E . -25.33 -4.67 -38.83
O4 NAG E . -27.50 -6.45 -39.41
O5 NAG E . -27.81 -5.98 -35.79
O6 NAG E . -29.98 -7.78 -37.91
O7 NAG E . -24.03 -3.52 -34.95
C1 NAG E . -26.60 -7.41 -40.00
C2 NAG E . -27.12 -7.78 -41.39
C3 NAG E . -26.16 -8.75 -42.08
C4 NAG E . -24.76 -8.18 -42.09
C5 NAG E . -24.32 -7.79 -40.67
C6 NAG E . -22.97 -7.12 -40.63
C7 NAG E . -29.52 -7.82 -41.93
C8 NAG E . -30.82 -8.54 -41.74
N2 NAG E . -28.46 -8.35 -41.32
O3 NAG E . -26.60 -8.99 -43.41
O4 NAG E . -23.84 -9.14 -42.61
O5 NAG E . -25.27 -6.87 -40.12
O6 NAG E . -22.98 -5.90 -41.38
O7 NAG E . -29.43 -6.80 -42.61
C1 NAG F . -26.56 -52.50 3.77
C2 NAG F . -27.41 -52.03 2.56
C3 NAG F . -26.54 -51.91 1.31
C4 NAG F . -25.33 -51.02 1.58
C5 NAG F . -24.54 -51.57 2.76
C6 NAG F . -23.37 -50.71 3.14
C7 NAG F . -28.44 -54.22 2.03
C8 NAG F . -29.74 -54.94 1.83
N2 NAG F . -28.54 -52.91 2.33
O3 NAG F . -27.32 -51.37 0.25
O4 NAG F . -24.49 -50.96 0.44
O5 NAG F . -25.39 -51.65 3.92
O6 NAG F . -22.44 -50.59 2.08
O7 NAG F . -27.36 -54.79 1.94
C1 NAG F . -24.61 -49.66 -0.18
C2 NAG F . -23.47 -49.49 -1.19
C3 NAG F . -23.61 -48.16 -1.91
C4 NAG F . -24.99 -48.01 -2.53
C5 NAG F . -26.06 -48.24 -1.47
C6 NAG F . -27.47 -48.23 -2.02
C7 NAG F . -21.23 -50.45 -0.95
C8 NAG F . -19.94 -50.44 -0.17
N2 NAG F . -22.17 -49.60 -0.55
O3 NAG F . -22.61 -48.05 -2.92
O4 NAG F . -25.15 -46.72 -3.09
O5 NAG F . -25.87 -49.52 -0.84
O6 NAG F . -27.46 -48.47 -3.43
O7 NAG F . -21.40 -51.21 -1.91
C1 NAG G . 18.85 30.13 27.11
C2 NAG G . 17.54 29.87 27.85
C3 NAG G . 17.54 30.56 29.21
C4 NAG G . 18.78 30.17 30.01
C5 NAG G . 20.03 30.47 29.20
C6 NAG G . 21.31 30.06 29.88
C7 NAG G . 15.21 29.71 27.09
C8 NAG G . 14.16 30.30 26.20
N2 NAG G . 16.40 30.31 27.05
O3 NAG G . 16.37 30.20 29.93
O4 NAG G . 18.83 30.88 31.24
O5 NAG G . 19.97 29.76 27.95
O6 NAG G . 22.27 31.11 29.86
O7 NAG G . 14.99 28.75 27.82
C1 NAG G . 18.65 29.94 32.32
C2 NAG G . 19.32 30.50 33.58
C3 NAG G . 19.10 29.56 34.76
C4 NAG G . 17.61 29.27 34.93
C5 NAG G . 17.02 28.75 33.62
C6 NAG G . 15.53 28.54 33.68
C7 NAG G . 21.30 31.90 33.20
C8 NAG G . 22.78 31.92 32.98
N2 NAG G . 20.74 30.69 33.35
O3 NAG G . 19.61 30.16 35.94
O4 NAG G . 17.41 28.29 35.94
O5 NAG G . 17.26 29.71 32.58
O6 NAG G . 14.91 29.42 34.61
O7 NAG G . 20.63 32.93 33.23
C1 NAG H . 58.82 -0.69 -24.29
C2 NAG H . 60.29 -0.32 -24.43
C3 NAG H . 60.51 1.14 -24.04
C4 NAG H . 59.59 2.04 -24.84
C5 NAG H . 58.14 1.57 -24.72
C6 NAG H . 57.18 2.34 -25.59
C7 NAG H . 61.51 -2.41 -24.00
C8 NAG H . 62.36 -3.17 -23.02
N2 NAG H . 61.13 -1.20 -23.60
O3 NAG H . 61.87 1.49 -24.28
O4 NAG H . 59.68 3.38 -24.39
O5 NAG H . 58.03 0.19 -25.09
O6 NAG H . 56.20 1.49 -26.16
O7 NAG H . 61.19 -2.88 -25.08
C1 NAG I . 49.84 -19.04 19.38
C2 NAG I . 50.69 -19.79 20.42
C3 NAG I . 49.83 -20.21 21.61
C4 NAG I . 49.07 -19.01 22.18
C5 NAG I . 48.29 -18.31 21.08
C6 NAG I . 47.61 -17.05 21.55
C7 NAG I . 50.73 -22.00 19.31
C8 NAG I . 51.62 -23.08 18.77
N2 NAG I . 51.36 -20.94 19.84
O3 NAG I . 50.66 -20.78 22.61
O4 NAG I . 48.18 -19.44 23.19
O5 NAG I . 49.18 -17.94 20.01
O6 NAG I . 46.20 -17.17 21.51
O7 NAG I . 49.50 -22.09 19.27
N GLY J . 21.14 15.22 -12.70
CA GLY J . 21.49 14.26 -13.72
C GLY J . 22.18 13.03 -13.17
O GLY J . 22.22 11.98 -13.82
OXT GLY J . 22.74 13.05 -12.08
C1 NAG K . -37.16 -17.79 -36.39
C2 NAG K . -36.67 -18.18 -37.79
C3 NAG K . -37.16 -19.57 -38.14
C4 NAG K . -36.49 -20.59 -37.24
C5 NAG K . -36.63 -20.19 -35.77
C6 NAG K . -35.30 -19.92 -35.11
C7 NAG K . -36.29 -16.54 -39.56
C8 NAG K . -36.92 -15.58 -40.52
N2 NAG K . -37.11 -17.21 -38.77
O3 NAG K . -36.86 -19.83 -39.50
O4 NAG K . -37.06 -21.89 -37.43
O5 NAG K . -37.44 -19.02 -35.59
O6 NAG K . -35.48 -19.36 -33.82
O7 NAG K . -35.07 -16.69 -39.52
N GLU L . -23.90 -1.52 -22.02
CA GLU L . -25.05 -1.88 -22.83
C GLU L . -25.57 -3.27 -22.47
O GLU L . -25.13 -3.88 -21.50
CB GLU L . -24.72 -1.80 -24.32
CG GLU L . -24.55 -0.39 -24.82
CD GLU L . -25.84 0.39 -24.80
OE1 GLU L . -26.92 -0.23 -24.94
OE2 GLU L . -25.79 1.63 -24.65
OXT GLU L . -26.43 -3.82 -23.17
CL1 JC9 M . -18.01 55.47 -17.55
CL1 JC9 M . -22.29 55.69 -17.09
CL1 JC9 M . -18.08 56.11 -15.38
O1 JC9 M . -17.73 58.00 -15.58
O1 JC9 M . -20.52 54.74 -15.06
O1 JC9 M . -18.78 57.05 -17.84
N1 JC9 M . -20.71 58.46 -15.20
N1 JC9 M . -18.32 55.21 -16.43
N1 JC9 M . -19.76 54.93 -16.27
C1 JC9 M . -20.05 57.24 -15.66
C1 JC9 M . -19.14 56.32 -16.09
C1 JC9 M . -20.53 56.09 -16.58
C2 JC9 M . -20.85 56.04 -15.18
C2 JC9 M . -18.25 57.38 -15.53
C2 JC9 M . -21.96 55.62 -16.77
C3 JC9 M . -20.11 54.76 -14.99
C3 JC9 M . -18.51 57.61 -14.11
C3 JC9 M . -22.70 56.16 -17.93
C4 JC9 M . -18.75 54.85 -14.39
C4 JC9 M . -19.87 58.12 -13.91
C4 JC9 M . -22.26 57.52 -18.27
C5 JC9 M . -18.56 57.28 -15.15
C5 JC9 M . -20.20 55.86 -15.12
C5 JC9 M . -19.91 56.88 -17.76
C6 JC9 M . -18.32 56.25 -13.99
C6 JC9 M . -20.82 57.03 -14.30
C6 JC9 M . -20.87 57.43 -18.83
C7 JC9 M . -20.13 57.29 -17.19
C7 JC9 M . -19.76 56.85 -17.35
C7 JC9 M . -20.47 57.02 -15.39
C8 JC9 M . -19.32 56.57 -18.07
C8 JC9 M . -21.02 56.63 -17.83
C8 JC9 M . -19.31 57.10 -14.73
C9 JC9 M . -21.12 58.12 -17.72
C9 JC9 M . -18.92 57.60 -18.07
C9 JC9 M . -21.50 57.79 -14.94
C10 JC9 M . -21.05 58.42 -13.78
C10 JC9 M . -19.05 54.33 -17.29
C10 JC9 M . -19.12 54.39 -17.44
C11 JC9 M . -19.50 56.70 -19.44
C11 JC9 M . -21.45 57.18 -18.99
C11 JC9 M . -19.10 57.89 -13.66
C12 JC9 M . -21.29 58.24 -19.08
C12 JC9 M . -19.34 58.16 -19.24
C12 JC9 M . -21.31 58.60 -13.84
C13 JC9 M . -20.47 57.53 -19.95
C13 JC9 M . -20.60 57.94 -19.72
C13 JC9 M . -20.11 58.66 -13.19
C1 NAG N . -50.46 -22.27 30.72
C2 NAG N . -51.68 -22.81 31.45
C3 NAG N . -52.93 -22.06 31.03
C4 NAG N . -52.74 -20.56 31.21
C5 NAG N . -51.47 -20.10 30.49
C6 NAG N . -51.15 -18.65 30.75
C7 NAG N . -51.48 -25.17 32.09
C8 NAG N . -51.71 -26.60 31.67
N2 NAG N . -51.83 -24.24 31.21
O3 NAG N . -54.04 -22.50 31.81
O4 NAG N . -53.85 -19.85 30.68
O5 NAG N . -50.34 -20.86 30.96
O6 NAG N . -49.74 -18.43 30.79
O7 NAG N . -51.00 -24.89 33.18
C1 NAG O . -31.06 -62.38 23.28
C2 NAG O . -32.36 -63.16 23.38
C3 NAG O . -32.20 -64.52 22.69
C4 NAG O . -31.68 -64.35 21.27
C5 NAG O . -30.41 -63.51 21.27
C6 NAG O . -29.91 -63.19 19.88
C7 NAG O . -33.83 -62.71 25.28
C8 NAG O . -34.12 -62.99 26.72
N2 NAG O . -32.77 -63.33 24.75
O3 NAG O . -33.45 -65.20 22.67
O4 NAG O . -31.40 -65.63 20.70
O5 NAG O . -30.66 -62.25 21.92
O6 NAG O . -28.84 -62.25 19.90
O7 NAG O . -34.53 -61.94 24.61
N GLY P . -27.17 4.09 6.54
CA GLY P . -27.36 3.43 7.83
C GLY P . -26.87 1.99 7.83
O GLY P . -26.57 1.43 8.87
OXT GLY P . -26.75 1.36 6.77
C1 NAG Q . 33.88 27.68 33.70
C2 NAG Q . 32.84 27.88 34.81
C3 NAG Q . 33.04 26.86 35.92
C4 NAG Q . 33.12 25.45 35.32
C5 NAG Q . 34.30 25.36 34.37
C6 NAG Q . 33.93 24.76 33.03
C7 NAG Q . 32.31 30.27 34.75
C8 NAG Q . 32.47 31.59 35.43
N2 NAG Q . 32.89 29.23 35.34
O3 NAG Q . 31.98 26.94 36.85
O4 NAG Q . 33.26 24.50 36.36
O5 NAG Q . 34.83 26.66 34.10
O6 NAG Q . 35.01 24.80 32.12
O7 NAG Q . 31.68 30.16 33.70
C1 NAG R . -24.59 -9.19 50.99
C2 NAG R . -25.66 -8.80 49.98
C3 NAG R . -26.09 -7.36 50.20
C4 NAG R . -26.52 -7.15 51.64
C5 NAG R . -25.41 -7.61 52.58
C6 NAG R . -25.82 -7.54 54.04
C7 NAG R . -25.57 -10.02 47.84
C8 NAG R . -24.97 -10.05 46.47
N2 NAG R . -25.17 -9.00 48.62
O3 NAG R . -27.17 -7.05 49.32
O4 NAG R . -26.78 -5.76 51.87
O5 NAG R . -25.08 -8.98 52.32
O6 NAG R . -24.70 -7.28 54.89
O7 NAG R . -26.36 -10.87 48.23
N GLU S . 16.45 23.52 14.49
CA GLU S . 17.48 24.19 15.27
C GLU S . 18.56 23.20 15.69
O GLU S . 18.63 22.09 15.17
CB GLU S . 16.86 24.86 16.50
CG GLU S . 15.97 26.06 16.18
CD GLU S . 16.76 27.34 16.01
OE1 GLU S . 17.99 27.30 16.18
OE2 GLU S . 16.15 28.39 15.70
OXT GLU S . 19.38 23.48 16.56
#